data_6KKM
#
_entry.id   6KKM
#
_cell.length_a   222.117
_cell.length_b   228.541
_cell.length_c   162.336
_cell.angle_alpha   90.000
_cell.angle_beta   90.000
_cell.angle_gamma   90.000
#
_symmetry.space_group_name_H-M   'C 2 2 21'
#
loop_
_entity.id
_entity.type
_entity.pdbx_description
1 polymer 'All5250 protein'
2 polymer 'Ribulose bisphosphate carboxylase large chain'
#
loop_
_entity_poly.entity_id
_entity_poly.type
_entity_poly.pdbx_seq_one_letter_code
_entity_poly.pdbx_strand_id
1 'polypeptide(L)'
;MTELPPNAPNPENATNELAQELLRKLRQKQGNWVEWGQAIASLQKSGYNPQDIFEATGFEPVQQNQVIVGSQVYNSLEKS
GASAATLAHYATRGSDVLYELRLLTHEERAAAGDLTFTHKVDADEAREIAKAIKDFSRFRILPEGFSNHPGDAVAYQAWK
LARQYSDLQERSRLIARGLRFAHSETARKQIEQLLVDFTVVSQRPAPIPPFFRFDTEDELPRIVPVVGQLPLKAEELKAV
PLVEEIEPFRLVKFSGEQAWVALPGWQVLLAAEDPVTILATSDRFPKQNQTEPGPVLVVVDRSQREWNDFSYFVVDHDGE
LDFQWFETKPEFPILGKVIILVRPRRILDENVTKDSWQIDE
;
E,F,G,H
2 'polypeptide(L)'
;MGHHHHHHHHHHSSGMSYAQTKTQTKSGYKAGVQDYRLTYYTPDYTPKDTDILAAFRVTPQPGVPFEEAAAAVAAESSTG
TWTTVWTDLLTDLDRYKGRCYDIEPVPGEDNQFIAYIAYPLDLFEEGSITNVLTSIVGNVFGFKALRALRLEDIRFPVAY
IKTFQGPPHGIQVERDKLNKYGRPLLGCTIKPKLGLSAKNYGRAVYECLRGGLDFTKDDENINSAPFQRWRDRFLFVADA
ITKAQAETGEIKGHYLNVTAPTCEEMLKRAEYAKELKQPIIMHDYLTAGFTANTTLARWCRDNGVLLHIHRAMHAVIDRQ
KNHGIHFRVLAKALRLSGGDHIHTGTVVGKLEGERGITMGFVDLLRENYVEQDKSRGIYFTQDWASLPGVMAVASGGIHV
WHMPALVEIFGDDSVLQFGGGTLGHPWGNAPGATANRVALEACVQARNEGRNLAREGNDVIREAAKWSPELAVACELWKE
IKFEFEAMDTV
;
A,B,C,D
#
# COMPACT_ATOMS: atom_id res chain seq x y z
N GLU A 17 -62.25 25.30 -17.94
CA GLU A 17 -61.64 26.47 -17.21
C GLU A 17 -62.08 26.68 -15.75
N LEU A 18 -63.28 26.20 -15.37
CA LEU A 18 -63.76 26.27 -14.00
C LEU A 18 -64.06 24.84 -13.44
N ALA A 19 -62.92 24.24 -13.02
CA ALA A 19 -62.90 23.08 -12.13
C ALA A 19 -62.78 23.54 -10.66
N GLN A 20 -62.60 24.84 -10.46
CA GLN A 20 -62.72 25.48 -9.12
C GLN A 20 -63.96 25.04 -8.32
N GLU A 21 -65.05 24.76 -9.03
CA GLU A 21 -66.23 24.18 -8.43
C GLU A 21 -65.94 22.79 -7.84
N LEU A 22 -65.21 21.96 -8.58
CA LEU A 22 -64.71 20.66 -8.06
C LEU A 22 -63.94 20.84 -6.75
N LEU A 23 -62.97 21.75 -6.77
CA LEU A 23 -62.14 22.07 -5.60
C LEU A 23 -62.96 22.57 -4.40
N ARG A 24 -64.02 23.32 -4.67
CA ARG A 24 -64.96 23.72 -3.62
C ARG A 24 -65.68 22.50 -3.03
N LYS A 25 -66.20 21.64 -3.91
CA LYS A 25 -66.89 20.41 -3.48
C LYS A 25 -65.95 19.45 -2.76
N LEU A 26 -64.72 19.35 -3.26
CA LEU A 26 -63.69 18.53 -2.62
C LEU A 26 -63.31 19.08 -1.24
N ARG A 27 -63.09 20.39 -1.16
CA ARG A 27 -62.78 21.04 0.14
C ARG A 27 -63.92 20.87 1.15
N GLN A 28 -65.16 20.88 0.72
CA GLN A 28 -66.31 20.75 1.63
C GLN A 28 -66.83 19.32 1.85
N LYS A 29 -66.17 18.32 1.26
CA LYS A 29 -66.58 16.91 1.33
C LYS A 29 -68.00 16.64 0.83
N GLN A 30 -68.42 17.38 -0.19
CA GLN A 30 -69.68 17.11 -0.85
C GLN A 30 -69.54 15.80 -1.63
N GLY A 31 -70.60 15.03 -1.64
CA GLY A 31 -70.66 13.80 -2.42
C GLY A 31 -69.86 12.68 -1.83
N ASN A 32 -69.94 11.53 -2.50
CA ASN A 32 -69.24 10.31 -2.08
C ASN A 32 -67.76 10.34 -2.48
N TRP A 33 -67.02 9.32 -2.05
CA TRP A 33 -65.60 9.19 -2.38
C TRP A 33 -65.35 8.80 -3.82
N VAL A 34 -66.29 8.09 -4.44
CA VAL A 34 -66.14 7.72 -5.84
C VAL A 34 -66.16 9.00 -6.68
N GLU A 35 -67.02 9.95 -6.31
CA GLU A 35 -67.05 11.27 -6.92
C GLU A 35 -65.72 11.99 -6.74
N TRP A 36 -65.22 11.97 -5.50
CA TRP A 36 -63.92 12.58 -5.16
C TRP A 36 -62.81 12.01 -6.04
N GLY A 37 -62.75 10.69 -6.14
CA GLY A 37 -61.82 10.01 -7.03
C GLY A 37 -61.87 10.53 -8.45
N GLN A 38 -63.08 10.61 -8.98
CA GLN A 38 -63.30 11.14 -10.31
C GLN A 38 -62.91 12.62 -10.41
N ALA A 39 -63.44 13.43 -9.49
CA ALA A 39 -63.11 14.86 -9.42
C ALA A 39 -61.60 15.10 -9.44
N ILE A 40 -60.88 14.46 -8.50
CA ILE A 40 -59.42 14.59 -8.39
C ILE A 40 -58.74 14.13 -9.69
N ALA A 41 -59.17 12.98 -10.20
CA ALA A 41 -58.66 12.46 -11.50
C ALA A 41 -58.84 13.44 -12.67
N SER A 42 -59.97 14.16 -12.65
CA SER A 42 -60.27 15.23 -13.60
C SER A 42 -59.27 16.38 -13.44
N LEU A 43 -59.15 16.88 -12.22
CA LEU A 43 -58.20 17.94 -11.87
C LEU A 43 -56.75 17.55 -12.18
N GLN A 44 -56.37 16.31 -11.85
CA GLN A 44 -55.05 15.76 -12.19
C GLN A 44 -54.80 15.78 -13.69
N LYS A 45 -55.72 15.16 -14.43
CA LYS A 45 -55.70 15.10 -15.90
C LYS A 45 -55.68 16.50 -16.55
N SER A 46 -56.27 17.47 -15.84
CA SER A 46 -56.40 18.88 -16.25
C SER A 46 -55.24 19.80 -15.79
N GLY A 47 -54.06 19.22 -15.52
CA GLY A 47 -52.84 20.00 -15.26
C GLY A 47 -52.61 20.54 -13.85
N TYR A 48 -53.35 20.02 -12.86
CA TYR A 48 -53.06 20.24 -11.44
C TYR A 48 -52.15 19.12 -10.98
N ASN A 49 -51.17 19.43 -10.11
CA ASN A 49 -50.35 18.39 -9.49
C ASN A 49 -50.90 18.09 -8.09
N PRO A 50 -50.52 16.96 -7.49
CA PRO A 50 -51.10 16.51 -6.21
C PRO A 50 -50.93 17.43 -5.00
N GLN A 51 -49.82 18.15 -4.90
CA GLN A 51 -49.62 19.11 -3.81
C GLN A 51 -50.64 20.25 -3.90
N ASP A 52 -50.86 20.75 -5.11
CA ASP A 52 -51.87 21.80 -5.39
C ASP A 52 -53.26 21.35 -4.97
N ILE A 53 -53.64 20.16 -5.41
CA ILE A 53 -54.91 19.57 -5.04
C ILE A 53 -54.99 19.50 -3.51
N PHE A 54 -53.91 19.06 -2.85
CA PHE A 54 -53.87 18.99 -1.37
C PHE A 54 -53.95 20.34 -0.66
N GLU A 55 -53.37 21.38 -1.24
CA GLU A 55 -53.45 22.72 -0.64
C GLU A 55 -54.89 23.26 -0.67
N ALA A 56 -55.51 23.19 -1.86
CA ALA A 56 -56.89 23.65 -2.10
C ALA A 56 -57.93 22.88 -1.31
N THR A 57 -57.82 21.56 -1.38
CA THR A 57 -58.73 20.64 -0.71
C THR A 57 -57.94 19.95 0.41
N GLY A 58 -58.57 19.07 1.18
CA GLY A 58 -57.86 18.35 2.25
C GLY A 58 -57.08 17.11 1.82
N PHE A 59 -57.16 16.75 0.53
CA PHE A 59 -56.80 15.41 0.08
C PHE A 59 -55.31 15.24 -0.15
N GLU A 60 -54.70 14.36 0.64
CA GLU A 60 -53.27 14.07 0.55
C GLU A 60 -52.96 13.30 -0.74
N PRO A 61 -51.75 13.43 -1.28
CA PRO A 61 -51.33 12.61 -2.42
C PRO A 61 -51.53 11.09 -2.26
N VAL A 62 -51.26 10.56 -1.06
CA VAL A 62 -51.55 9.14 -0.76
C VAL A 62 -53.06 8.84 -0.85
N GLN A 63 -53.85 9.80 -0.41
CA GLN A 63 -55.31 9.73 -0.49
C GLN A 63 -55.83 9.90 -1.93
N GLN A 64 -55.21 10.80 -2.68
CA GLN A 64 -55.58 11.03 -4.08
C GLN A 64 -55.42 9.79 -4.93
N ASN A 65 -54.29 9.11 -4.76
CA ASN A 65 -54.03 7.81 -5.41
C ASN A 65 -55.06 6.75 -5.01
N GLN A 66 -55.37 6.66 -3.72
CA GLN A 66 -56.35 5.69 -3.24
C GLN A 66 -57.71 5.81 -3.89
N VAL A 67 -58.25 7.03 -3.92
CA VAL A 67 -59.61 7.27 -4.47
C VAL A 67 -59.69 7.28 -6.00
N ILE A 68 -58.63 7.74 -6.67
CA ILE A 68 -58.57 7.62 -8.13
C ILE A 68 -58.64 6.16 -8.56
N VAL A 69 -57.79 5.32 -7.99
CA VAL A 69 -57.70 3.92 -8.39
C VAL A 69 -58.90 3.14 -7.88
N GLY A 70 -59.37 3.52 -6.69
CA GLY A 70 -60.59 2.95 -6.12
C GLY A 70 -61.82 3.23 -6.94
N SER A 71 -61.92 4.46 -7.48
CA SER A 71 -63.04 4.86 -8.35
C SER A 71 -62.96 4.15 -9.70
N GLN A 72 -61.74 3.96 -10.19
CA GLN A 72 -61.50 3.14 -11.37
C GLN A 72 -61.93 1.69 -11.14
N VAL A 73 -61.62 1.16 -9.97
CA VAL A 73 -62.07 -0.19 -9.58
C VAL A 73 -63.59 -0.23 -9.49
N TYR A 74 -64.18 0.82 -8.92
CA TYR A 74 -65.64 0.98 -8.89
C TYR A 74 -66.23 0.88 -10.30
N ASN A 75 -65.65 1.61 -11.25
CA ASN A 75 -66.11 1.53 -12.64
C ASN A 75 -66.15 0.08 -13.12
N SER A 76 -65.12 -0.71 -12.82
CA SER A 76 -65.10 -2.13 -13.19
C SER A 76 -66.20 -2.96 -12.49
N LEU A 77 -66.58 -2.55 -11.28
CA LEU A 77 -67.67 -3.21 -10.55
C LEU A 77 -69.01 -3.05 -11.24
N GLU A 78 -69.31 -1.83 -11.71
CA GLU A 78 -70.60 -1.57 -12.38
C GLU A 78 -70.65 -2.06 -13.83
N LYS A 79 -69.57 -1.85 -14.56
CA LYS A 79 -69.50 -2.23 -15.97
C LYS A 79 -69.47 -3.76 -16.17
N SER A 80 -68.98 -4.51 -15.18
CA SER A 80 -68.89 -5.98 -15.27
C SER A 80 -69.85 -6.75 -14.35
N GLY A 81 -70.85 -6.06 -13.79
CA GLY A 81 -72.03 -6.72 -13.23
C GLY A 81 -71.98 -7.09 -11.76
N ALA A 82 -71.52 -6.15 -10.94
CA ALA A 82 -71.58 -6.34 -9.49
C ALA A 82 -73.00 -6.12 -8.99
N SER A 83 -73.34 -6.78 -7.89
CA SER A 83 -74.68 -6.68 -7.33
C SER A 83 -75.00 -5.26 -6.91
N ALA A 84 -76.29 -4.96 -6.84
CA ALA A 84 -76.75 -3.64 -6.43
C ALA A 84 -76.37 -3.36 -5.00
N ALA A 85 -76.30 -4.40 -4.18
CA ALA A 85 -75.81 -4.30 -2.80
C ALA A 85 -74.33 -3.85 -2.73
N THR A 86 -73.49 -4.50 -3.52
CA THR A 86 -72.07 -4.20 -3.61
C THR A 86 -71.80 -2.75 -4.04
N LEU A 87 -72.44 -2.34 -5.14
CA LEU A 87 -72.31 -0.98 -5.67
C LEU A 87 -72.84 0.08 -4.71
N ALA A 88 -73.95 -0.23 -4.05
CA ALA A 88 -74.54 0.65 -3.04
C ALA A 88 -73.61 0.83 -1.84
N HIS A 89 -72.99 -0.27 -1.44
CA HIS A 89 -72.08 -0.25 -0.31
C HIS A 89 -70.79 0.49 -0.64
N TYR A 90 -70.11 0.06 -1.69
CA TYR A 90 -68.84 0.70 -2.10
C TYR A 90 -69.01 2.11 -2.65
N ALA A 91 -70.26 2.55 -2.87
CA ALA A 91 -70.53 3.93 -3.22
C ALA A 91 -69.93 4.92 -2.20
N THR A 92 -70.09 4.64 -0.91
CA THR A 92 -69.74 5.60 0.16
C THR A 92 -68.67 5.16 1.17
N ARG A 93 -68.26 3.90 1.11
CA ARG A 93 -67.23 3.33 1.99
C ARG A 93 -66.35 2.35 1.21
N GLY A 94 -65.10 2.18 1.63
CA GLY A 94 -64.29 1.03 1.20
C GLY A 94 -63.34 1.21 0.03
N SER A 95 -62.97 2.44 -0.26
CA SER A 95 -61.98 2.71 -1.30
C SER A 95 -60.66 1.99 -1.03
N ASP A 96 -60.37 1.75 0.26
CA ASP A 96 -59.19 0.96 0.71
C ASP A 96 -59.25 -0.52 0.31
N VAL A 97 -60.45 -1.09 0.38
CA VAL A 97 -60.72 -2.47 -0.03
C VAL A 97 -60.63 -2.59 -1.56
N LEU A 98 -61.22 -1.63 -2.27
CA LEU A 98 -61.18 -1.61 -3.72
C LEU A 98 -59.79 -1.31 -4.30
N TYR A 99 -59.04 -0.44 -3.63
CA TYR A 99 -57.63 -0.24 -4.01
C TYR A 99 -56.89 -1.57 -4.11
N GLU A 100 -57.10 -2.47 -3.14
CA GLU A 100 -56.46 -3.80 -3.15
C GLU A 100 -56.90 -4.70 -4.30
N LEU A 101 -58.07 -4.43 -4.88
CA LEU A 101 -58.55 -5.11 -6.09
C LEU A 101 -58.02 -4.58 -7.43
N ARG A 102 -57.29 -3.46 -7.41
CA ARG A 102 -56.72 -2.89 -8.64
C ARG A 102 -55.93 -3.90 -9.48
N LEU A 103 -55.27 -4.85 -8.80
CA LEU A 103 -54.48 -5.90 -9.49
C LEU A 103 -55.30 -6.75 -10.43
N LEU A 104 -56.57 -6.98 -10.09
CA LEU A 104 -57.45 -7.82 -10.89
C LEU A 104 -57.94 -7.09 -12.14
N THR A 105 -58.31 -7.90 -13.15
CA THR A 105 -58.82 -7.36 -14.41
C THR A 105 -60.19 -6.75 -14.25
N HIS A 106 -60.52 -5.92 -15.23
CA HIS A 106 -61.83 -5.26 -15.38
C HIS A 106 -62.99 -6.24 -15.19
N GLU A 107 -62.81 -7.44 -15.74
CA GLU A 107 -63.82 -8.47 -15.67
C GLU A 107 -63.81 -9.12 -14.29
N GLU A 108 -62.62 -9.51 -13.84
CA GLU A 108 -62.43 -10.18 -12.53
C GLU A 108 -62.96 -9.40 -11.32
N ARG A 109 -62.94 -8.07 -11.41
CA ARG A 109 -63.23 -7.19 -10.26
C ARG A 109 -64.64 -7.31 -9.69
N ALA A 110 -65.63 -7.43 -10.55
CA ALA A 110 -67.03 -7.32 -10.13
C ALA A 110 -67.44 -8.47 -9.21
N ALA A 111 -66.98 -9.67 -9.55
CA ALA A 111 -67.17 -10.84 -8.70
C ALA A 111 -66.39 -10.68 -7.38
N ALA A 112 -65.11 -10.30 -7.50
CA ALA A 112 -64.25 -10.07 -6.33
C ALA A 112 -64.88 -9.08 -5.36
N GLY A 113 -65.32 -7.95 -5.90
CA GLY A 113 -66.14 -6.95 -5.20
C GLY A 113 -67.37 -7.53 -4.49
N ASP A 114 -68.12 -8.40 -5.17
CA ASP A 114 -69.25 -9.10 -4.53
C ASP A 114 -68.72 -9.89 -3.36
N LEU A 115 -67.64 -10.64 -3.59
CA LEU A 115 -67.09 -11.53 -2.57
C LEU A 115 -66.56 -10.75 -1.35
N THR A 116 -65.83 -9.67 -1.60
CA THR A 116 -65.37 -8.79 -0.51
C THR A 116 -66.55 -8.20 0.26
N PHE A 117 -67.54 -7.70 -0.46
CA PHE A 117 -68.75 -7.14 0.18
C PHE A 117 -69.57 -8.17 0.97
N THR A 118 -69.75 -9.36 0.40
CA THR A 118 -70.50 -10.44 1.05
C THR A 118 -69.84 -10.86 2.36
N HIS A 119 -68.53 -11.07 2.32
CA HIS A 119 -67.75 -11.50 3.49
C HIS A 119 -67.35 -10.38 4.48
N LYS A 120 -67.81 -9.15 4.24
CA LYS A 120 -67.55 -8.01 5.15
C LYS A 120 -66.05 -7.88 5.45
N VAL A 121 -65.30 -7.81 4.36
CA VAL A 121 -63.84 -7.89 4.33
C VAL A 121 -63.20 -6.51 4.50
N ASP A 122 -62.24 -6.38 5.42
CA ASP A 122 -61.40 -5.17 5.52
C ASP A 122 -60.28 -5.17 4.46
N ALA A 123 -59.63 -4.03 4.28
CA ALA A 123 -58.61 -3.88 3.23
C ALA A 123 -57.54 -4.97 3.27
N ASP A 124 -57.10 -5.32 4.47
CA ASP A 124 -56.05 -6.31 4.63
C ASP A 124 -56.48 -7.69 4.12
N GLU A 125 -57.70 -8.09 4.48
CA GLU A 125 -58.31 -9.34 3.99
C GLU A 125 -58.61 -9.30 2.50
N ALA A 126 -58.88 -8.11 1.96
CA ALA A 126 -59.02 -7.92 0.51
C ALA A 126 -57.76 -8.23 -0.28
N ARG A 127 -56.61 -7.86 0.26
CA ARG A 127 -55.31 -8.13 -0.38
C ARG A 127 -55.04 -9.63 -0.50
N GLU A 128 -55.33 -10.38 0.56
CA GLU A 128 -55.18 -11.84 0.57
C GLU A 128 -56.06 -12.52 -0.48
N ILE A 129 -57.32 -12.10 -0.52
CA ILE A 129 -58.30 -12.58 -1.50
C ILE A 129 -57.84 -12.28 -2.94
N ALA A 130 -57.46 -11.03 -3.20
CA ALA A 130 -57.02 -10.64 -4.54
C ALA A 130 -55.76 -11.36 -5.02
N LYS A 131 -54.90 -11.81 -4.10
CA LYS A 131 -53.74 -12.63 -4.48
C LYS A 131 -54.21 -14.04 -4.87
N ALA A 132 -55.13 -14.61 -4.10
CA ALA A 132 -55.69 -15.93 -4.37
C ALA A 132 -56.41 -15.98 -5.70
N ILE A 133 -57.12 -14.90 -6.00
CA ILE A 133 -57.81 -14.76 -7.29
C ILE A 133 -56.80 -14.63 -8.40
N LYS A 134 -55.82 -13.76 -8.20
CA LYS A 134 -54.78 -13.54 -9.18
C LYS A 134 -53.98 -14.83 -9.44
N ASP A 135 -53.64 -15.54 -8.38
CA ASP A 135 -52.95 -16.84 -8.48
C ASP A 135 -53.72 -17.84 -9.33
N PHE A 136 -55.01 -17.95 -9.04
CA PHE A 136 -55.90 -18.89 -9.71
C PHE A 136 -56.04 -18.59 -11.19
N SER A 137 -56.11 -17.31 -11.53
CA SER A 137 -56.34 -16.86 -12.90
C SER A 137 -55.19 -17.14 -13.85
N ARG A 138 -54.00 -17.36 -13.32
CA ARG A 138 -52.84 -17.75 -14.12
C ARG A 138 -52.83 -19.22 -14.55
N PHE A 139 -53.72 -20.05 -14.00
CA PHE A 139 -53.88 -21.42 -14.47
C PHE A 139 -54.53 -21.40 -15.86
N ARG A 140 -53.97 -22.16 -16.79
CA ARG A 140 -54.55 -22.35 -18.10
C ARG A 140 -55.79 -23.24 -17.98
N ILE A 141 -55.60 -24.51 -17.63
CA ILE A 141 -56.71 -25.41 -17.32
C ILE A 141 -56.82 -25.49 -15.80
N LEU A 142 -58.05 -25.36 -15.31
CA LEU A 142 -58.28 -25.13 -13.88
C LEU A 142 -57.99 -26.37 -13.05
N PRO A 143 -57.72 -26.18 -11.75
CA PRO A 143 -57.73 -27.35 -10.88
C PRO A 143 -59.12 -27.98 -10.83
N GLU A 144 -59.13 -29.30 -10.82
CA GLU A 144 -60.35 -30.10 -10.88
C GLU A 144 -61.24 -29.77 -9.68
N GLY A 145 -62.54 -29.64 -9.94
CA GLY A 145 -63.53 -29.35 -8.89
C GLY A 145 -63.54 -27.95 -8.30
N PHE A 146 -62.94 -26.98 -9.01
CA PHE A 146 -62.97 -25.58 -8.62
C PHE A 146 -63.23 -24.77 -9.88
N SER A 147 -64.39 -24.10 -9.91
CA SER A 147 -64.73 -23.16 -10.99
C SER A 147 -63.87 -21.91 -10.86
N ASN A 148 -64.01 -21.02 -11.84
CA ASN A 148 -63.32 -19.73 -11.82
C ASN A 148 -64.04 -18.65 -11.00
N HIS A 149 -65.04 -19.05 -10.21
CA HIS A 149 -65.67 -18.16 -9.24
C HIS A 149 -64.67 -17.76 -8.14
N PRO A 150 -64.66 -16.46 -7.73
CA PRO A 150 -63.62 -16.06 -6.78
C PRO A 150 -63.64 -16.86 -5.47
N GLY A 151 -64.83 -17.10 -4.94
CA GLY A 151 -65.02 -18.07 -3.86
C GLY A 151 -64.25 -19.39 -4.01
N ASP A 152 -64.34 -19.99 -5.19
CA ASP A 152 -63.60 -21.21 -5.48
C ASP A 152 -62.10 -20.95 -5.48
N ALA A 153 -61.67 -19.82 -6.05
CA ALA A 153 -60.24 -19.44 -6.06
C ALA A 153 -59.64 -19.40 -4.66
N VAL A 154 -60.39 -18.86 -3.71
CA VAL A 154 -59.95 -18.78 -2.32
C VAL A 154 -60.04 -20.15 -1.66
N ALA A 155 -61.14 -20.86 -1.92
CA ALA A 155 -61.29 -22.23 -1.46
C ALA A 155 -60.13 -23.12 -1.95
N TYR A 156 -59.72 -22.94 -3.21
CA TYR A 156 -58.62 -23.72 -3.77
C TYR A 156 -57.32 -23.45 -3.03
N GLN A 157 -57.02 -22.18 -2.80
CA GLN A 157 -55.84 -21.80 -2.04
C GLN A 157 -55.84 -22.52 -0.69
N ALA A 158 -56.94 -22.39 0.04
CA ALA A 158 -57.07 -23.02 1.36
C ALA A 158 -56.94 -24.56 1.28
N TRP A 159 -57.58 -25.15 0.28
CA TRP A 159 -57.45 -26.58 0.01
C TRP A 159 -55.99 -26.94 -0.18
N LYS A 160 -55.33 -26.29 -1.13
CA LYS A 160 -53.94 -26.59 -1.50
C LYS A 160 -53.04 -26.51 -0.27
N LEU A 161 -53.22 -25.44 0.50
CA LEU A 161 -52.41 -25.18 1.68
C LEU A 161 -52.73 -26.15 2.81
N ALA A 162 -53.97 -26.58 2.91
CA ALA A 162 -54.35 -27.52 3.94
C ALA A 162 -53.71 -28.92 3.75
N ARG A 163 -53.45 -29.30 2.51
CA ARG A 163 -52.95 -30.64 2.20
C ARG A 163 -51.54 -30.94 2.75
N GLN A 164 -50.72 -29.91 2.90
CA GLN A 164 -49.36 -30.07 3.43
C GLN A 164 -49.33 -30.40 4.92
N TYR A 165 -50.37 -30.02 5.66
CA TYR A 165 -50.46 -30.33 7.09
C TYR A 165 -51.05 -31.73 7.31
N SER A 166 -50.26 -32.60 7.95
CA SER A 166 -50.62 -34.02 8.11
C SER A 166 -51.59 -34.32 9.26
N ASP A 167 -51.82 -33.35 10.15
CA ASP A 167 -52.60 -33.53 11.37
C ASP A 167 -53.86 -32.65 11.30
N LEU A 168 -55.01 -33.23 11.63
CA LEU A 168 -56.32 -32.57 11.45
C LEU A 168 -56.49 -31.22 12.19
N GLN A 169 -55.90 -31.08 13.37
CA GLN A 169 -56.06 -29.84 14.18
C GLN A 169 -55.38 -28.62 13.51
N GLU A 170 -54.23 -28.86 12.91
CA GLU A 170 -53.46 -27.81 12.20
C GLU A 170 -54.02 -27.51 10.80
N ARG A 171 -55.06 -28.24 10.40
CA ARG A 171 -55.71 -28.11 9.11
C ARG A 171 -57.05 -27.36 9.22
N SER A 172 -57.39 -26.89 10.42
CA SER A 172 -58.76 -26.48 10.75
C SER A 172 -59.11 -25.04 10.40
N ARG A 173 -58.20 -24.13 10.74
CA ARG A 173 -58.27 -22.74 10.27
C ARG A 173 -58.57 -22.75 8.75
N LEU A 174 -57.84 -23.58 8.00
CA LEU A 174 -57.94 -23.62 6.54
C LEU A 174 -59.17 -24.33 5.95
N ILE A 175 -59.66 -25.37 6.61
CA ILE A 175 -60.90 -26.02 6.18
C ILE A 175 -62.07 -25.05 6.36
N ALA A 176 -62.16 -24.52 7.58
CA ALA A 176 -63.14 -23.47 7.92
C ALA A 176 -63.24 -22.36 6.86
N ARG A 177 -62.08 -21.93 6.37
CA ARG A 177 -61.96 -20.94 5.31
C ARG A 177 -62.53 -21.45 4.00
N GLY A 178 -62.10 -22.65 3.61
CA GLY A 178 -62.58 -23.28 2.39
C GLY A 178 -64.09 -23.39 2.35
N LEU A 179 -64.68 -23.78 3.48
CA LEU A 179 -66.14 -23.88 3.62
C LEU A 179 -66.80 -22.50 3.56
N ARG A 180 -66.24 -21.57 4.32
CA ARG A 180 -66.66 -20.16 4.29
C ARG A 180 -66.66 -19.53 2.90
N PHE A 181 -65.73 -19.94 2.05
CA PHE A 181 -65.54 -19.31 0.74
C PHE A 181 -66.00 -20.12 -0.48
N ALA A 182 -66.09 -21.44 -0.38
CA ALA A 182 -66.39 -22.25 -1.58
C ALA A 182 -67.73 -21.85 -2.19
N HIS A 183 -67.80 -21.81 -3.52
CA HIS A 183 -69.03 -21.43 -4.23
C HIS A 183 -69.75 -22.65 -4.81
N SER A 184 -68.99 -23.50 -5.52
CA SER A 184 -69.55 -24.69 -6.14
C SER A 184 -69.57 -25.84 -5.17
N GLU A 185 -70.42 -26.82 -5.46
CA GLU A 185 -70.52 -28.02 -4.64
C GLU A 185 -69.30 -28.91 -4.82
N THR A 186 -68.75 -28.88 -6.04
CA THR A 186 -67.56 -29.65 -6.39
C THR A 186 -66.40 -29.24 -5.46
N ALA A 187 -66.28 -27.94 -5.24
CA ALA A 187 -65.26 -27.37 -4.36
C ALA A 187 -65.52 -27.75 -2.91
N ARG A 188 -66.70 -27.41 -2.42
CA ARG A 188 -67.09 -27.67 -1.03
C ARG A 188 -66.84 -29.12 -0.58
N LYS A 189 -67.00 -30.08 -1.50
CA LYS A 189 -66.68 -31.49 -1.25
C LYS A 189 -65.18 -31.70 -1.05
N GLN A 190 -64.40 -31.27 -2.04
CA GLN A 190 -62.92 -31.30 -1.96
C GLN A 190 -62.44 -30.83 -0.59
N ILE A 191 -62.99 -29.71 -0.14
CA ILE A 191 -62.73 -29.16 1.20
C ILE A 191 -63.19 -30.17 2.26
N GLU A 192 -64.45 -30.59 2.16
CA GLU A 192 -65.03 -31.57 3.11
C GLU A 192 -64.19 -32.84 3.30
N GLN A 193 -63.64 -33.36 2.20
CA GLN A 193 -62.75 -34.54 2.25
C GLN A 193 -61.57 -34.37 3.23
N LEU A 194 -61.11 -33.13 3.39
CA LEU A 194 -60.02 -32.83 4.34
C LEU A 194 -60.38 -33.08 5.82
N LEU A 195 -61.66 -33.30 6.12
CA LEU A 195 -62.12 -33.57 7.50
C LEU A 195 -61.84 -35.00 7.98
N VAL A 196 -61.80 -35.96 7.08
CA VAL A 196 -61.57 -37.36 7.52
C VAL A 196 -60.14 -37.44 8.06
N ASP A 197 -59.96 -38.04 9.23
CA ASP A 197 -58.58 -38.17 9.78
C ASP A 197 -58.14 -39.63 9.69
N PHE A 198 -56.86 -39.87 9.42
CA PHE A 198 -56.21 -41.19 9.23
C PHE A 198 -56.78 -41.86 7.99
N GLN A 203 -60.97 -44.31 6.77
CA GLN A 203 -59.78 -44.47 7.69
C GLN A 203 -58.40 -44.59 7.00
N ARG A 204 -58.35 -45.14 5.78
CA ARG A 204 -57.09 -45.18 5.00
C ARG A 204 -57.28 -44.68 3.57
N PRO A 205 -56.44 -43.73 3.13
CA PRO A 205 -56.40 -43.37 1.71
C PRO A 205 -55.37 -44.22 0.97
N ALA A 206 -55.46 -44.21 -0.36
CA ALA A 206 -54.52 -44.94 -1.20
C ALA A 206 -53.13 -44.33 -1.05
N PRO A 207 -52.10 -45.15 -0.76
CA PRO A 207 -50.74 -44.61 -0.55
C PRO A 207 -50.21 -43.87 -1.77
N ILE A 208 -49.37 -42.87 -1.52
CA ILE A 208 -48.76 -42.12 -2.61
C ILE A 208 -47.66 -43.02 -3.21
N PRO A 209 -47.76 -43.31 -4.53
CA PRO A 209 -46.83 -44.26 -5.15
C PRO A 209 -45.40 -43.72 -5.26
N PRO A 210 -44.40 -44.61 -5.19
CA PRO A 210 -43.02 -44.17 -5.02
C PRO A 210 -42.38 -43.65 -6.31
N PHE A 211 -42.89 -42.51 -6.77
CA PHE A 211 -42.35 -41.85 -7.95
C PHE A 211 -40.94 -41.38 -7.66
N PHE A 212 -40.15 -41.28 -8.71
CA PHE A 212 -38.87 -40.62 -8.65
C PHE A 212 -38.81 -39.57 -9.74
N ARG A 213 -38.33 -38.40 -9.34
CA ARG A 213 -37.90 -37.38 -10.28
C ARG A 213 -36.63 -37.88 -10.93
N PHE A 214 -36.66 -38.02 -12.26
CA PHE A 214 -35.49 -38.47 -13.02
C PHE A 214 -34.48 -37.30 -13.13
N ASP A 215 -34.03 -36.88 -11.94
CA ASP A 215 -32.95 -35.90 -11.69
C ASP A 215 -32.77 -34.64 -12.57
N THR A 216 -33.87 -33.92 -12.83
CA THR A 216 -33.92 -32.58 -13.52
C THR A 216 -33.09 -32.50 -14.79
N GLU A 217 -33.24 -33.52 -15.64
CA GLU A 217 -32.33 -33.73 -16.77
C GLU A 217 -30.87 -33.55 -16.33
N ASP A 218 -30.52 -34.21 -15.23
CA ASP A 218 -29.15 -34.39 -14.81
C ASP A 218 -28.71 -35.51 -15.73
N GLU A 219 -27.42 -35.70 -15.91
CA GLU A 219 -26.98 -36.70 -16.88
C GLU A 219 -27.36 -38.12 -16.47
N LEU A 220 -27.94 -38.83 -17.43
CA LEU A 220 -28.30 -40.25 -17.30
C LEU A 220 -27.06 -41.10 -17.48
N PRO A 221 -27.11 -42.37 -17.02
CA PRO A 221 -26.03 -43.29 -17.42
C PRO A 221 -26.31 -43.97 -18.75
N ARG A 222 -25.27 -44.53 -19.37
CA ARG A 222 -25.38 -45.20 -20.67
C ARG A 222 -24.89 -46.63 -20.59
N ILE A 223 -25.73 -47.55 -21.05
CA ILE A 223 -25.38 -48.96 -21.20
C ILE A 223 -24.46 -49.13 -22.42
N VAL A 224 -23.35 -49.84 -22.23
CA VAL A 224 -22.31 -50.02 -23.26
C VAL A 224 -22.02 -51.51 -23.43
N PRO A 225 -21.92 -52.00 -24.70
CA PRO A 225 -21.55 -53.41 -24.88
C PRO A 225 -20.12 -53.73 -24.49
N VAL A 226 -19.92 -54.96 -24.01
CA VAL A 226 -18.60 -55.47 -23.66
C VAL A 226 -18.21 -56.64 -24.58
N VAL A 227 -17.32 -56.37 -25.53
CA VAL A 227 -16.47 -57.42 -26.10
C VAL A 227 -15.50 -57.82 -24.96
N GLY A 228 -15.13 -59.09 -24.89
CA GLY A 228 -14.50 -59.69 -23.70
C GLY A 228 -13.18 -59.14 -23.16
N GLN A 229 -12.49 -59.96 -22.36
CA GLN A 229 -11.17 -59.61 -21.83
C GLN A 229 -10.09 -59.78 -22.90
N LEU A 230 -9.31 -58.72 -23.11
CA LEU A 230 -8.06 -58.79 -23.88
C LEU A 230 -7.15 -59.83 -23.19
N PRO A 231 -6.54 -60.78 -23.93
CA PRO A 231 -6.39 -60.79 -25.39
C PRO A 231 -7.65 -61.15 -26.20
N LEU A 232 -7.78 -60.53 -27.37
CA LEU A 232 -8.97 -60.65 -28.23
C LEU A 232 -8.58 -60.51 -29.69
N LYS A 233 -9.51 -60.90 -30.57
CA LYS A 233 -9.29 -60.95 -32.00
C LYS A 233 -10.09 -59.84 -32.69
N ALA A 234 -9.57 -59.35 -33.82
CA ALA A 234 -10.20 -58.26 -34.59
C ALA A 234 -11.68 -58.54 -34.94
N GLU A 235 -11.93 -59.77 -35.36
CA GLU A 235 -13.29 -60.27 -35.66
C GLU A 235 -14.28 -60.07 -34.50
N GLU A 236 -13.84 -60.39 -33.28
CA GLU A 236 -14.68 -60.31 -32.07
C GLU A 236 -15.29 -58.92 -31.86
N LEU A 237 -14.47 -57.88 -32.00
CA LEU A 237 -14.91 -56.49 -31.88
C LEU A 237 -15.87 -56.09 -32.99
N LYS A 238 -15.52 -56.45 -34.24
CA LYS A 238 -16.35 -56.10 -35.40
C LYS A 238 -17.69 -56.86 -35.46
N ALA A 239 -17.77 -57.99 -34.76
CA ALA A 239 -19.01 -58.77 -34.61
C ALA A 239 -20.04 -58.19 -33.62
N VAL A 240 -19.63 -57.21 -32.82
CA VAL A 240 -20.53 -56.53 -31.86
C VAL A 240 -21.35 -55.50 -32.65
N PRO A 241 -22.70 -55.64 -32.66
CA PRO A 241 -23.49 -54.65 -33.40
C PRO A 241 -23.54 -53.27 -32.75
N LEU A 242 -23.91 -52.27 -33.54
CA LEU A 242 -24.27 -50.95 -33.02
C LEU A 242 -25.53 -51.08 -32.17
N VAL A 243 -25.54 -50.42 -31.03
CA VAL A 243 -26.70 -50.44 -30.13
C VAL A 243 -27.69 -49.32 -30.45
N GLU A 244 -28.97 -49.68 -30.53
CA GLU A 244 -30.07 -48.75 -30.75
C GLU A 244 -30.84 -48.63 -29.43
N GLU A 245 -30.75 -47.46 -28.79
CA GLU A 245 -31.47 -47.20 -27.54
C GLU A 245 -32.93 -46.89 -27.85
N ILE A 246 -33.85 -47.69 -27.31
CA ILE A 246 -35.28 -47.57 -27.60
C ILE A 246 -35.93 -46.52 -26.68
N GLU A 247 -36.36 -45.41 -27.28
CA GLU A 247 -37.09 -44.35 -26.56
C GLU A 247 -38.44 -44.87 -26.06
N PRO A 248 -39.01 -44.28 -25.00
CA PRO A 248 -38.53 -43.06 -24.32
C PRO A 248 -37.59 -43.27 -23.12
N PHE A 249 -37.34 -44.52 -22.72
CA PHE A 249 -36.54 -44.83 -21.52
C PHE A 249 -35.13 -45.36 -21.79
N ARG A 250 -34.69 -45.32 -23.04
CA ARG A 250 -33.38 -45.83 -23.46
C ARG A 250 -33.17 -47.30 -23.08
N LEU A 251 -34.10 -48.15 -23.52
CA LEU A 251 -33.95 -49.60 -23.37
C LEU A 251 -32.99 -50.14 -24.40
N VAL A 252 -32.45 -51.33 -24.13
CA VAL A 252 -31.58 -52.04 -25.07
C VAL A 252 -32.01 -53.49 -25.12
N LYS A 253 -32.58 -53.90 -26.26
CA LYS A 253 -32.97 -55.28 -26.52
C LYS A 253 -31.98 -55.94 -27.48
N PHE A 254 -31.56 -57.14 -27.13
CA PHE A 254 -30.59 -57.90 -27.92
C PHE A 254 -30.80 -59.40 -27.70
N SER A 255 -30.68 -60.17 -28.78
CA SER A 255 -31.08 -61.57 -28.80
C SER A 255 -29.95 -62.56 -28.54
N GLY A 256 -28.79 -62.33 -29.13
CA GLY A 256 -27.65 -63.25 -29.04
C GLY A 256 -26.93 -63.25 -27.70
N GLU A 257 -25.70 -63.77 -27.72
CA GLU A 257 -24.80 -63.72 -26.55
C GLU A 257 -24.14 -62.34 -26.47
N GLN A 258 -24.16 -61.74 -25.28
CA GLN A 258 -23.58 -60.42 -25.04
C GLN A 258 -23.28 -60.19 -23.56
N ALA A 259 -22.28 -59.35 -23.31
CA ALA A 259 -22.03 -58.79 -21.97
C ALA A 259 -22.21 -57.27 -22.01
N TRP A 260 -22.63 -56.71 -20.88
CA TRP A 260 -22.98 -55.30 -20.76
C TRP A 260 -22.33 -54.64 -19.54
N VAL A 261 -22.23 -53.31 -19.59
CA VAL A 261 -21.96 -52.48 -18.40
C VAL A 261 -22.73 -51.17 -18.52
N ALA A 262 -23.24 -50.70 -17.37
CA ALA A 262 -23.77 -49.36 -17.22
C ALA A 262 -22.66 -48.46 -16.67
N LEU A 263 -22.28 -47.46 -17.45
CA LEU A 263 -21.31 -46.44 -17.03
C LEU A 263 -22.03 -45.13 -16.74
N PRO A 264 -21.37 -44.20 -16.02
CA PRO A 264 -21.98 -42.88 -15.80
C PRO A 264 -22.13 -42.09 -17.10
N GLY A 265 -22.79 -40.93 -17.03
CA GLY A 265 -23.06 -40.10 -18.22
C GLY A 265 -22.03 -39.06 -18.63
N TRP A 266 -20.74 -39.40 -18.49
CA TRP A 266 -19.64 -38.49 -18.83
C TRP A 266 -19.81 -37.94 -20.25
N GLN A 267 -19.69 -36.61 -20.43
CA GLN A 267 -19.97 -35.95 -21.72
C GLN A 267 -19.39 -36.69 -22.93
N VAL A 268 -18.14 -37.13 -22.81
CA VAL A 268 -17.45 -37.85 -23.90
C VAL A 268 -18.16 -39.17 -24.29
N LEU A 269 -18.74 -39.86 -23.31
CA LEU A 269 -19.48 -41.12 -23.55
C LEU A 269 -20.86 -40.89 -24.18
N LEU A 270 -21.53 -39.81 -23.78
CA LEU A 270 -22.83 -39.44 -24.38
C LEU A 270 -22.65 -38.97 -25.81
N ALA A 271 -21.55 -38.25 -26.03
CA ALA A 271 -21.12 -37.81 -27.36
C ALA A 271 -20.83 -38.97 -28.32
N ALA A 272 -20.22 -40.05 -27.82
CA ALA A 272 -19.80 -41.20 -28.65
C ALA A 272 -20.94 -41.84 -29.44
N GLU A 273 -20.81 -41.83 -30.77
CA GLU A 273 -21.84 -42.36 -31.67
C GLU A 273 -21.96 -43.88 -31.58
N ASP A 274 -20.82 -44.57 -31.46
CA ASP A 274 -20.77 -46.02 -31.31
C ASP A 274 -19.66 -46.42 -30.32
N PRO A 275 -20.00 -46.55 -29.01
CA PRO A 275 -19.04 -47.00 -28.00
C PRO A 275 -19.05 -48.51 -27.74
N VAL A 276 -17.87 -49.04 -27.35
CA VAL A 276 -17.67 -50.46 -27.02
C VAL A 276 -16.64 -50.57 -25.89
N THR A 277 -16.84 -51.53 -25.00
CA THR A 277 -15.99 -51.73 -23.81
C THR A 277 -15.04 -52.94 -23.96
N ILE A 278 -13.80 -52.78 -23.49
CA ILE A 278 -12.77 -53.84 -23.50
C ILE A 278 -12.08 -53.90 -22.14
N LEU A 279 -12.05 -55.08 -21.53
CA LEU A 279 -11.44 -55.26 -20.19
C LEU A 279 -9.97 -55.69 -20.30
N ALA A 280 -9.07 -54.80 -19.90
CA ALA A 280 -7.61 -55.06 -19.99
C ALA A 280 -6.91 -54.67 -18.69
N THR A 281 -5.57 -54.73 -18.68
CA THR A 281 -4.75 -54.23 -17.56
C THR A 281 -4.06 -52.90 -17.89
N SER A 282 -3.72 -52.15 -16.85
CA SER A 282 -3.11 -50.81 -16.98
C SER A 282 -1.75 -50.77 -17.68
N ASP A 283 -1.01 -51.89 -17.62
CA ASP A 283 0.28 -52.02 -18.31
C ASP A 283 0.19 -52.24 -19.85
N ARG A 284 -1.03 -52.27 -20.39
CA ARG A 284 -1.23 -52.15 -21.84
C ARG A 284 -0.97 -50.73 -22.38
N PHE A 285 -1.04 -49.75 -21.48
CA PHE A 285 -0.71 -48.36 -21.77
C PHE A 285 0.58 -47.99 -21.02
N PRO A 286 1.18 -46.82 -21.35
CA PRO A 286 2.30 -46.33 -20.56
C PRO A 286 2.00 -46.25 -19.05
N LYS A 287 3.01 -46.58 -18.25
CA LYS A 287 2.91 -46.54 -16.80
C LYS A 287 2.89 -45.08 -16.36
N GLN A 288 1.81 -44.68 -15.68
CA GLN A 288 1.53 -43.25 -15.43
C GLN A 288 2.13 -42.70 -14.14
N ASN A 289 1.89 -43.40 -13.05
CA ASN A 289 2.51 -43.10 -11.75
C ASN A 289 3.05 -44.40 -11.17
N GLN A 290 3.53 -44.35 -9.94
CA GLN A 290 4.12 -45.52 -9.25
C GLN A 290 3.24 -46.79 -9.13
N THR A 291 1.91 -46.62 -9.11
CA THR A 291 0.96 -47.72 -8.81
C THR A 291 1.11 -48.97 -9.70
N GLU A 292 0.86 -50.14 -9.11
CA GLU A 292 1.09 -51.44 -9.74
C GLU A 292 0.08 -51.73 -10.87
N PRO A 293 0.47 -52.56 -11.87
CA PRO A 293 -0.49 -52.89 -12.94
C PRO A 293 -1.78 -53.53 -12.43
N GLY A 294 -2.89 -52.81 -12.60
CA GLY A 294 -4.21 -53.27 -12.15
C GLY A 294 -5.16 -53.45 -13.32
N PRO A 295 -6.40 -53.90 -13.03
CA PRO A 295 -7.42 -53.98 -14.08
C PRO A 295 -7.86 -52.59 -14.55
N VAL A 296 -8.21 -52.47 -15.83
CA VAL A 296 -8.79 -51.24 -16.38
C VAL A 296 -9.95 -51.59 -17.30
N LEU A 297 -10.99 -50.76 -17.26
CA LEU A 297 -12.09 -50.83 -18.22
C LEU A 297 -11.83 -49.76 -19.27
N VAL A 298 -11.83 -50.15 -20.54
CA VAL A 298 -11.50 -49.27 -21.65
C VAL A 298 -12.73 -49.12 -22.52
N VAL A 299 -13.12 -47.87 -22.76
CA VAL A 299 -14.19 -47.55 -23.71
C VAL A 299 -13.54 -47.01 -24.98
N VAL A 300 -14.04 -47.49 -26.13
CA VAL A 300 -13.57 -47.03 -27.44
C VAL A 300 -14.77 -46.64 -28.31
N ASP A 301 -14.59 -45.59 -29.10
CA ASP A 301 -15.58 -45.18 -30.08
C ASP A 301 -15.14 -45.72 -31.45
N ARG A 302 -15.91 -46.67 -31.98
CA ARG A 302 -15.61 -47.28 -33.29
C ARG A 302 -15.81 -46.34 -34.48
N SER A 303 -16.68 -45.33 -34.31
CA SER A 303 -16.90 -44.31 -35.33
C SER A 303 -15.89 -43.13 -35.29
N GLN A 304 -14.83 -43.27 -34.48
CA GLN A 304 -13.70 -42.33 -34.47
C GLN A 304 -12.42 -43.07 -34.88
N ARG A 305 -12.10 -43.03 -36.17
CA ARG A 305 -10.95 -43.73 -36.75
C ARG A 305 -9.91 -42.83 -37.45
N GLU A 306 -10.10 -41.51 -37.38
CA GLU A 306 -9.16 -40.55 -37.96
C GLU A 306 -7.95 -40.41 -37.03
N TRP A 307 -6.75 -40.52 -37.58
CA TRP A 307 -5.51 -40.48 -36.79
C TRP A 307 -5.28 -39.14 -36.09
N ASN A 308 -4.62 -39.20 -34.93
CA ASN A 308 -3.89 -38.04 -34.35
C ASN A 308 -2.80 -38.49 -33.34
N ASP A 309 -1.86 -37.59 -33.07
CA ASP A 309 -0.67 -37.90 -32.23
C ASP A 309 -0.83 -37.73 -30.71
N PHE A 310 -2.01 -37.32 -30.26
CA PHE A 310 -2.29 -37.02 -28.83
C PHE A 310 -3.18 -38.04 -28.11
N SER A 311 -3.59 -39.11 -28.80
CA SER A 311 -4.51 -40.10 -28.23
C SER A 311 -4.17 -41.54 -28.65
N TYR A 312 -4.89 -42.49 -28.04
CA TYR A 312 -4.71 -43.93 -28.27
C TYR A 312 -5.84 -44.50 -29.11
N PHE A 313 -5.54 -45.62 -29.77
CA PHE A 313 -6.48 -46.27 -30.70
C PHE A 313 -6.39 -47.78 -30.60
N VAL A 314 -7.48 -48.45 -30.98
CA VAL A 314 -7.49 -49.90 -31.15
C VAL A 314 -7.10 -50.17 -32.60
N VAL A 315 -6.17 -51.10 -32.79
CA VAL A 315 -5.74 -51.51 -34.13
C VAL A 315 -5.87 -53.02 -34.30
N ASP A 316 -6.07 -53.45 -35.54
CA ASP A 316 -6.06 -54.87 -35.91
C ASP A 316 -4.61 -55.31 -36.16
N HIS A 317 -3.93 -55.72 -35.09
CA HIS A 317 -2.56 -56.18 -35.15
C HIS A 317 -2.52 -57.63 -35.67
N ASP A 318 -2.69 -57.76 -36.99
CA ASP A 318 -2.67 -59.05 -37.70
C ASP A 318 -3.60 -60.12 -37.09
N GLY A 319 -4.86 -59.72 -36.88
CA GLY A 319 -5.89 -60.61 -36.30
C GLY A 319 -5.92 -60.64 -34.78
N GLU A 320 -5.40 -59.57 -34.16
CA GLU A 320 -5.37 -59.42 -32.70
C GLU A 320 -5.60 -57.94 -32.37
N LEU A 321 -6.30 -57.68 -31.27
CA LEU A 321 -6.55 -56.30 -30.80
C LEU A 321 -5.39 -55.78 -29.95
N ASP A 322 -5.11 -54.49 -30.12
CA ASP A 322 -3.98 -53.85 -29.44
C ASP A 322 -4.19 -52.34 -29.33
N PHE A 323 -3.80 -51.78 -28.18
CA PHE A 323 -3.80 -50.34 -27.95
C PHE A 323 -2.41 -49.78 -28.13
N GLN A 324 -2.28 -48.79 -29.01
CA GLN A 324 -1.03 -48.04 -29.15
C GLN A 324 -1.31 -46.62 -29.66
N TRP A 325 -0.26 -45.81 -29.60
CA TRP A 325 -0.30 -44.40 -30.00
C TRP A 325 0.67 -44.22 -31.15
N PHE A 326 0.45 -43.18 -31.97
CA PHE A 326 1.21 -43.00 -33.20
C PHE A 326 1.66 -41.57 -33.48
N GLU A 327 2.98 -41.40 -33.61
CA GLU A 327 3.65 -40.18 -34.10
C GLU A 327 3.15 -39.75 -35.49
N THR A 328 2.89 -40.75 -36.34
CA THR A 328 2.50 -40.58 -37.74
C THR A 328 1.11 -41.15 -37.97
N LYS A 329 0.56 -40.92 -39.15
CA LYS A 329 -0.69 -41.55 -39.62
C LYS A 329 -0.34 -42.90 -40.30
N PRO A 330 -0.27 -44.02 -39.51
CA PRO A 330 0.18 -45.29 -40.07
C PRO A 330 -0.76 -45.94 -41.10
N GLU A 331 -0.21 -46.93 -41.79
CA GLU A 331 -0.92 -47.71 -42.80
C GLU A 331 -1.67 -48.90 -42.20
N PHE A 332 -1.42 -49.19 -40.91
CA PHE A 332 -2.26 -50.13 -40.14
C PHE A 332 -3.64 -49.51 -39.95
N PRO A 333 -4.72 -50.25 -40.31
CA PRO A 333 -6.04 -49.67 -40.17
C PRO A 333 -6.46 -49.60 -38.70
N ILE A 334 -7.17 -48.53 -38.36
CA ILE A 334 -7.67 -48.30 -37.01
C ILE A 334 -9.10 -48.81 -36.91
N LEU A 335 -9.42 -49.51 -35.82
CA LEU A 335 -10.78 -49.98 -35.55
C LEU A 335 -11.59 -49.00 -34.70
N GLY A 336 -10.93 -48.30 -33.78
CA GLY A 336 -11.59 -47.24 -32.99
C GLY A 336 -10.62 -46.35 -32.25
N LYS A 337 -11.16 -45.40 -31.51
CA LYS A 337 -10.39 -44.47 -30.67
C LYS A 337 -10.73 -44.69 -29.20
N VAL A 338 -9.68 -44.80 -28.37
CA VAL A 338 -9.83 -44.89 -26.91
C VAL A 338 -10.24 -43.54 -26.33
N ILE A 339 -11.43 -43.49 -25.72
CA ILE A 339 -11.98 -42.27 -25.09
C ILE A 339 -11.91 -42.26 -23.55
N ILE A 340 -12.08 -43.44 -22.94
CA ILE A 340 -12.09 -43.59 -21.47
C ILE A 340 -11.22 -44.76 -21.01
N LEU A 341 -10.36 -44.50 -20.03
CA LEU A 341 -9.72 -45.55 -19.21
C LEU A 341 -10.26 -45.38 -17.80
N VAL A 342 -10.58 -46.49 -17.14
CA VAL A 342 -11.07 -46.42 -15.77
C VAL A 342 -10.73 -47.64 -14.92
N ARG A 343 -10.11 -47.38 -13.76
CA ARG A 343 -9.72 -48.41 -12.80
C ARG A 343 -10.93 -48.77 -11.92
N PRO A 344 -10.86 -49.89 -11.18
CA PRO A 344 -12.01 -50.28 -10.35
C PRO A 344 -12.33 -49.32 -9.21
N ARG A 345 -13.60 -49.32 -8.80
CA ARG A 345 -14.08 -48.52 -7.67
C ARG A 345 -13.34 -48.90 -6.39
N ARG A 346 -13.05 -47.89 -5.58
CA ARG A 346 -12.23 -48.08 -4.37
C ARG A 346 -12.95 -48.86 -3.28
N LYS A 354 -16.60 -45.30 8.02
CA LYS A 354 -17.81 -44.48 8.41
C LYS A 354 -17.87 -44.05 9.92
N ASP A 355 -16.75 -43.59 10.43
CA ASP A 355 -16.59 -43.41 11.87
C ASP A 355 -16.43 -41.97 12.34
N SER A 356 -16.47 -41.02 11.39
CA SER A 356 -16.27 -39.63 11.73
C SER A 356 -17.50 -38.77 11.46
N TRP A 357 -18.11 -38.41 12.59
CA TRP A 357 -19.13 -37.40 12.68
C TRP A 357 -18.45 -36.18 13.28
N GLN A 358 -17.13 -36.17 13.22
CA GLN A 358 -16.35 -35.10 13.76
C GLN A 358 -16.49 -33.96 12.78
N ILE A 359 -16.65 -32.76 13.31
CA ILE A 359 -16.77 -31.58 12.49
C ILE A 359 -15.37 -31.10 12.10
N ASP A 360 -15.27 -30.51 10.91
CA ASP A 360 -14.08 -29.77 10.52
C ASP A 360 -14.25 -28.38 11.12
N GLU A 361 -13.62 -28.14 12.27
CA GLU A 361 -13.89 -26.92 13.05
C GLU A 361 -13.30 -25.67 12.42
N LEU B 18 29.43 -25.69 42.87
CA LEU B 18 30.00 -24.55 42.08
C LEU B 18 29.75 -24.76 40.58
N ALA B 19 28.65 -24.17 40.10
CA ALA B 19 28.39 -24.01 38.66
C ALA B 19 28.59 -22.55 38.24
N GLN B 20 29.11 -21.72 39.15
CA GLN B 20 29.29 -20.27 38.91
C GLN B 20 30.41 -19.96 37.91
N GLU B 21 31.27 -20.94 37.61
CA GLU B 21 32.25 -20.80 36.52
C GLU B 21 31.70 -21.21 35.13
N LEU B 22 30.47 -21.70 35.07
CA LEU B 22 29.81 -21.93 33.77
C LEU B 22 29.37 -20.58 33.19
N LEU B 23 28.67 -19.78 33.99
CA LEU B 23 28.19 -18.45 33.61
C LEU B 23 29.28 -17.45 33.22
N ARG B 24 30.41 -17.49 33.92
CA ARG B 24 31.53 -16.60 33.60
C ARG B 24 32.15 -16.95 32.25
N LYS B 25 32.23 -18.25 31.94
CA LYS B 25 32.60 -18.71 30.59
C LYS B 25 31.59 -18.23 29.54
N LEU B 26 30.32 -18.21 29.95
CA LEU B 26 29.21 -17.75 29.11
C LEU B 26 29.20 -16.23 28.83
N ARG B 27 29.31 -15.39 29.87
CA ARG B 27 29.36 -13.92 29.65
C ARG B 27 30.67 -13.45 29.03
N GLN B 28 31.79 -14.09 29.37
CA GLN B 28 33.09 -13.78 28.73
C GLN B 28 33.27 -14.39 27.34
N LYS B 29 32.29 -15.18 26.89
CA LYS B 29 32.29 -15.84 25.56
C LYS B 29 33.49 -16.77 25.38
N GLN B 30 33.77 -17.53 26.44
CA GLN B 30 34.92 -18.43 26.47
C GLN B 30 34.49 -19.83 26.00
N GLY B 31 34.75 -20.11 24.73
CA GLY B 31 34.43 -21.38 24.08
C GLY B 31 33.52 -21.22 22.88
N ASN B 32 33.21 -22.35 22.25
CA ASN B 32 32.31 -22.40 21.10
C ASN B 32 30.83 -22.45 21.53
N TRP B 33 29.92 -22.44 20.56
CA TRP B 33 28.48 -22.45 20.83
C TRP B 33 27.93 -23.83 21.28
N VAL B 34 28.57 -24.93 20.86
CA VAL B 34 28.14 -26.29 21.27
C VAL B 34 28.40 -26.51 22.76
N GLU B 35 29.53 -25.99 23.26
CA GLU B 35 29.79 -25.92 24.70
C GLU B 35 28.75 -25.07 25.43
N TRP B 36 28.43 -23.90 24.86
CA TRP B 36 27.40 -23.00 25.42
C TRP B 36 26.06 -23.71 25.55
N GLY B 37 25.63 -24.35 24.47
CA GLY B 37 24.43 -25.19 24.45
C GLY B 37 24.39 -26.24 25.54
N GLN B 38 25.49 -26.97 25.68
CA GLN B 38 25.64 -27.98 26.74
C GLN B 38 25.67 -27.36 28.13
N ALA B 39 26.35 -26.23 28.25
CA ALA B 39 26.45 -25.48 29.51
C ALA B 39 25.09 -24.96 29.97
N ILE B 40 24.37 -24.31 29.05
CA ILE B 40 23.04 -23.75 29.32
C ILE B 40 22.02 -24.88 29.62
N ALA B 41 22.11 -25.98 28.87
CA ALA B 41 21.26 -27.17 29.10
C ALA B 41 21.50 -27.79 30.47
N SER B 42 22.76 -27.86 30.87
CA SER B 42 23.15 -28.29 32.21
C SER B 42 22.54 -27.39 33.28
N LEU B 43 22.69 -26.07 33.09
CA LEU B 43 22.12 -25.07 34.00
C LEU B 43 20.59 -25.12 34.04
N GLN B 44 19.95 -25.17 32.86
CA GLN B 44 18.47 -25.28 32.76
C GLN B 44 17.96 -26.53 33.49
N LYS B 45 18.54 -27.68 33.16
CA LYS B 45 18.18 -28.96 33.79
C LYS B 45 18.51 -29.00 35.30
N SER B 46 19.43 -28.13 35.74
CA SER B 46 19.74 -27.92 37.16
C SER B 46 18.99 -26.72 37.82
N GLY B 47 17.74 -26.48 37.41
CA GLY B 47 16.83 -25.58 38.14
C GLY B 47 16.95 -24.08 37.94
N TYR B 48 17.66 -23.65 36.90
CA TYR B 48 17.71 -22.24 36.48
C TYR B 48 16.71 -21.99 35.36
N ASN B 49 15.94 -20.92 35.47
CA ASN B 49 15.01 -20.52 34.41
C ASN B 49 15.73 -19.55 33.45
N PRO B 50 15.19 -19.33 32.22
CA PRO B 50 15.89 -18.52 31.21
C PRO B 50 16.18 -17.06 31.57
N GLN B 51 15.34 -16.46 32.42
CA GLN B 51 15.60 -15.11 32.94
C GLN B 51 16.84 -15.08 33.84
N ASP B 52 16.95 -16.08 34.71
CA ASP B 52 18.13 -16.24 35.58
C ASP B 52 19.41 -16.34 34.75
N ILE B 53 19.39 -17.21 33.73
CA ILE B 53 20.52 -17.42 32.83
C ILE B 53 20.84 -16.12 32.04
N PHE B 54 19.82 -15.43 31.54
CA PHE B 54 20.00 -14.16 30.82
C PHE B 54 20.50 -12.99 31.70
N GLU B 55 20.25 -13.05 33.01
CA GLU B 55 20.81 -12.08 33.97
C GLU B 55 22.30 -12.28 34.15
N ALA B 56 22.68 -13.51 34.49
CA ALA B 56 24.08 -13.88 34.75
C ALA B 56 24.98 -13.84 33.51
N THR B 57 24.40 -14.21 32.37
CA THR B 57 25.12 -14.35 31.09
C THR B 57 24.36 -13.63 29.98
N GLY B 58 25.07 -13.18 28.94
CA GLY B 58 24.45 -12.42 27.84
C GLY B 58 23.38 -13.09 26.97
N PHE B 59 23.12 -14.39 27.18
CA PHE B 59 22.29 -15.19 26.28
C PHE B 59 20.78 -15.06 26.52
N GLU B 60 20.07 -14.68 25.45
CA GLU B 60 18.62 -14.44 25.48
C GLU B 60 17.87 -15.78 25.60
N PRO B 61 16.65 -15.78 26.17
CA PRO B 61 15.81 -16.98 26.18
C PRO B 61 15.65 -17.68 24.82
N VAL B 62 15.41 -16.89 23.77
CA VAL B 62 15.33 -17.42 22.40
C VAL B 62 16.68 -17.96 21.87
N GLN B 63 17.78 -17.33 22.29
CA GLN B 63 19.15 -17.80 22.01
C GLN B 63 19.51 -19.07 22.79
N GLN B 64 19.12 -19.11 24.07
CA GLN B 64 19.34 -20.29 24.92
C GLN B 64 18.68 -21.52 24.32
N ASN B 65 17.45 -21.34 23.84
CA ASN B 65 16.74 -22.39 23.12
C ASN B 65 17.52 -22.81 21.87
N GLN B 66 17.97 -21.83 21.08
CA GLN B 66 18.67 -22.09 19.81
C GLN B 66 19.90 -23.00 19.96
N VAL B 67 20.67 -22.76 21.02
CA VAL B 67 21.93 -23.50 21.26
C VAL B 67 21.75 -24.85 21.97
N ILE B 68 20.74 -24.96 22.84
CA ILE B 68 20.41 -26.22 23.50
C ILE B 68 19.94 -27.27 22.50
N VAL B 69 19.06 -26.85 21.59
CA VAL B 69 18.53 -27.74 20.54
C VAL B 69 19.59 -27.95 19.47
N GLY B 70 20.37 -26.91 19.19
CA GLY B 70 21.50 -27.01 18.25
C GLY B 70 22.56 -28.00 18.70
N SER B 71 22.93 -27.93 19.97
CA SER B 71 23.87 -28.89 20.57
C SER B 71 23.30 -30.33 20.61
N GLN B 72 22.00 -30.43 20.85
CA GLN B 72 21.29 -31.70 20.70
C GLN B 72 21.32 -32.23 19.26
N VAL B 73 21.14 -31.33 18.28
CA VAL B 73 21.28 -31.68 16.86
C VAL B 73 22.73 -32.07 16.55
N TYR B 74 23.68 -31.36 17.15
CA TYR B 74 25.12 -31.70 17.02
C TYR B 74 25.42 -33.11 17.51
N ASN B 75 24.83 -33.47 18.65
CA ASN B 75 24.95 -34.83 19.18
C ASN B 75 24.52 -35.87 18.14
N SER B 76 23.41 -35.62 17.46
CA SER B 76 22.91 -36.50 16.40
C SER B 76 23.82 -36.55 15.18
N LEU B 77 24.53 -35.46 14.91
CA LEU B 77 25.54 -35.45 13.85
C LEU B 77 26.68 -36.39 14.21
N GLU B 78 27.31 -36.14 15.36
CA GLU B 78 28.47 -36.92 15.80
C GLU B 78 28.18 -38.40 16.12
N LYS B 79 27.02 -38.68 16.73
CA LYS B 79 26.66 -40.05 17.11
C LYS B 79 26.18 -40.94 15.97
N SER B 80 25.70 -40.36 14.87
CA SER B 80 25.16 -41.15 13.74
C SER B 80 25.94 -40.99 12.42
N GLY B 81 27.21 -40.59 12.53
CA GLY B 81 28.13 -40.63 11.39
C GLY B 81 28.16 -39.39 10.51
N ALA B 82 28.12 -38.22 11.13
CA ALA B 82 28.55 -37.00 10.44
C ALA B 82 30.04 -37.16 10.24
N SER B 83 30.49 -36.97 8.99
CA SER B 83 31.93 -36.96 8.72
C SER B 83 32.57 -35.86 9.54
N ALA B 84 33.83 -36.07 9.91
CA ALA B 84 34.51 -35.18 10.86
C ALA B 84 34.84 -33.80 10.28
N ALA B 85 35.04 -33.74 8.96
CA ALA B 85 35.27 -32.46 8.26
C ALA B 85 34.01 -31.60 8.29
N THR B 86 32.90 -32.23 7.95
CA THR B 86 31.56 -31.59 7.99
C THR B 86 31.22 -31.14 9.41
N LEU B 87 31.38 -32.08 10.34
CA LEU B 87 31.21 -31.86 11.79
C LEU B 87 32.13 -30.79 12.42
N ALA B 88 33.33 -30.61 11.86
CA ALA B 88 34.33 -29.65 12.40
C ALA B 88 33.99 -28.17 12.22
N HIS B 89 33.11 -27.85 11.27
CA HIS B 89 32.68 -26.47 10.99
C HIS B 89 31.47 -26.07 11.84
N TYR B 90 30.52 -26.99 12.00
CA TYR B 90 29.37 -26.76 12.88
C TYR B 90 29.73 -26.76 14.39
N ALA B 91 31.00 -27.00 14.70
CA ALA B 91 31.55 -26.76 16.05
C ALA B 91 31.41 -25.29 16.50
N THR B 92 31.75 -24.35 15.61
CA THR B 92 31.84 -22.91 15.96
C THR B 92 30.98 -21.96 15.10
N ARG B 93 30.11 -22.51 14.25
CA ARG B 93 29.19 -21.73 13.43
C ARG B 93 27.92 -22.52 13.18
N GLY B 94 26.88 -21.82 12.70
CA GLY B 94 25.68 -22.46 12.18
C GLY B 94 24.77 -23.18 13.16
N SER B 95 24.62 -22.63 14.37
CA SER B 95 23.59 -23.10 15.32
C SER B 95 22.20 -22.80 14.78
N ASP B 96 22.08 -21.69 14.05
CA ASP B 96 20.85 -21.32 13.34
C ASP B 96 20.48 -22.28 12.18
N VAL B 97 21.50 -22.87 11.55
CA VAL B 97 21.30 -23.88 10.48
C VAL B 97 20.95 -25.24 11.08
N LEU B 98 21.60 -25.61 12.18
CA LEU B 98 21.29 -26.86 12.87
C LEU B 98 19.94 -26.83 13.58
N TYR B 99 19.52 -25.66 14.06
CA TYR B 99 18.20 -25.53 14.67
C TYR B 99 17.09 -25.99 13.71
N GLU B 100 17.21 -25.64 12.43
CA GLU B 100 16.19 -26.05 11.43
C GLU B 100 16.19 -27.55 11.14
N LEU B 101 17.27 -28.23 11.53
CA LEU B 101 17.35 -29.69 11.45
C LEU B 101 16.80 -30.41 12.68
N ARG B 102 16.37 -29.67 13.71
CA ARG B 102 15.72 -30.24 14.90
C ARG B 102 14.51 -31.14 14.58
N LEU B 103 13.76 -30.78 13.56
CA LEU B 103 12.57 -31.53 13.15
C LEU B 103 12.92 -32.95 12.63
N LEU B 104 14.11 -33.10 12.04
CA LEU B 104 14.56 -34.39 11.50
C LEU B 104 15.02 -35.38 12.58
N THR B 105 14.97 -36.65 12.23
CA THR B 105 15.29 -37.73 13.16
C THR B 105 16.78 -37.85 13.40
N HIS B 106 17.11 -38.50 14.52
CA HIS B 106 18.48 -38.73 14.99
C HIS B 106 19.45 -39.24 13.90
N GLU B 107 18.96 -40.14 13.06
CA GLU B 107 19.73 -40.70 11.95
C GLU B 107 19.81 -39.68 10.80
N GLU B 108 18.63 -39.22 10.35
CA GLU B 108 18.49 -38.25 9.24
C GLU B 108 19.27 -36.95 9.41
N ARG B 109 19.47 -36.52 10.66
CA ARG B 109 20.23 -35.31 10.98
C ARG B 109 21.67 -35.35 10.49
N ALA B 110 22.34 -36.47 10.75
CA ALA B 110 23.74 -36.71 10.37
C ALA B 110 23.99 -36.44 8.89
N ALA B 111 23.24 -37.14 8.05
CA ALA B 111 23.32 -36.98 6.60
C ALA B 111 22.94 -35.57 6.17
N ALA B 112 21.90 -35.01 6.81
CA ALA B 112 21.47 -33.64 6.56
C ALA B 112 22.56 -32.63 6.87
N GLY B 113 23.18 -32.79 8.04
CA GLY B 113 24.32 -31.97 8.48
C GLY B 113 25.48 -31.92 7.49
N ASP B 114 25.86 -33.08 6.97
CA ASP B 114 26.83 -33.17 5.86
C ASP B 114 26.34 -32.31 4.70
N LEU B 115 25.12 -32.62 4.23
CA LEU B 115 24.55 -31.97 3.06
C LEU B 115 24.45 -30.45 3.22
N THR B 116 24.02 -29.99 4.39
CA THR B 116 23.94 -28.57 4.66
C THR B 116 25.34 -27.95 4.60
N PHE B 117 26.26 -28.53 5.36
CA PHE B 117 27.68 -28.10 5.37
C PHE B 117 28.34 -28.09 4.00
N THR B 118 28.18 -29.20 3.28
CA THR B 118 28.69 -29.39 1.91
C THR B 118 28.38 -28.18 1.01
N HIS B 119 27.11 -27.78 0.99
CA HIS B 119 26.64 -26.63 0.20
C HIS B 119 26.66 -25.30 0.97
N LYS B 120 26.92 -25.37 2.29
CA LYS B 120 26.89 -24.24 3.25
C LYS B 120 25.65 -23.34 3.13
N VAL B 121 24.52 -24.02 2.97
CA VAL B 121 23.21 -23.40 2.91
C VAL B 121 22.88 -22.68 4.25
N ASP B 122 22.26 -21.51 4.15
CA ASP B 122 21.89 -20.71 5.33
C ASP B 122 20.63 -21.23 6.04
N ALA B 123 20.33 -20.66 7.21
CA ALA B 123 19.17 -21.07 8.02
C ALA B 123 17.85 -20.97 7.26
N ASP B 124 17.69 -19.93 6.45
CA ASP B 124 16.50 -19.70 5.60
C ASP B 124 16.24 -20.89 4.69
N GLU B 125 17.27 -21.27 3.93
CA GLU B 125 17.19 -22.36 2.97
C GLU B 125 17.31 -23.75 3.62
N ALA B 126 17.89 -23.81 4.83
CA ALA B 126 17.98 -25.07 5.60
C ALA B 126 16.63 -25.65 5.99
N ARG B 127 15.67 -24.77 6.26
CA ARG B 127 14.27 -25.15 6.48
C ARG B 127 13.65 -25.85 5.27
N GLU B 128 13.73 -25.18 4.12
CA GLU B 128 13.23 -25.72 2.85
C GLU B 128 13.78 -27.12 2.54
N ILE B 129 15.07 -27.30 2.80
CA ILE B 129 15.73 -28.61 2.67
C ILE B 129 15.14 -29.61 3.66
N ALA B 130 15.07 -29.23 4.93
CA ALA B 130 14.52 -30.08 5.98
C ALA B 130 13.03 -30.45 5.77
N LYS B 131 12.29 -29.58 5.10
CA LYS B 131 10.91 -29.88 4.67
C LYS B 131 10.93 -31.02 3.65
N ALA B 132 11.73 -30.85 2.60
CA ALA B 132 11.90 -31.85 1.53
C ALA B 132 12.39 -33.21 2.06
N ILE B 133 13.28 -33.17 3.05
CA ILE B 133 13.78 -34.38 3.71
C ILE B 133 12.68 -35.06 4.53
N LYS B 134 11.93 -34.25 5.27
CA LYS B 134 10.80 -34.76 6.05
C LYS B 134 9.68 -35.29 5.15
N ASP B 135 9.29 -34.50 4.14
CA ASP B 135 8.35 -34.91 3.08
C ASP B 135 8.69 -36.30 2.52
N PHE B 136 9.97 -36.52 2.23
CA PHE B 136 10.44 -37.75 1.58
C PHE B 136 10.33 -38.98 2.47
N SER B 137 10.69 -38.81 3.74
CA SER B 137 10.71 -39.91 4.71
C SER B 137 9.34 -40.56 4.99
N ARG B 138 8.25 -39.82 4.76
CA ARG B 138 6.88 -40.36 4.90
C ARG B 138 6.48 -41.38 3.83
N PHE B 139 7.14 -41.35 2.67
CA PHE B 139 6.86 -42.32 1.60
C PHE B 139 7.30 -43.71 2.07
N ARG B 140 6.38 -44.67 2.04
CA ARG B 140 6.66 -46.04 2.49
C ARG B 140 7.50 -46.74 1.41
N ILE B 141 6.92 -46.90 0.23
CA ILE B 141 7.68 -47.21 -0.99
C ILE B 141 8.34 -45.90 -1.40
N LEU B 142 9.56 -45.99 -1.93
CA LEU B 142 10.27 -44.82 -2.43
C LEU B 142 9.84 -44.55 -3.87
N PRO B 143 9.89 -43.28 -4.32
CA PRO B 143 9.66 -43.02 -5.75
C PRO B 143 10.84 -43.55 -6.57
N GLU B 144 10.57 -43.90 -7.83
CA GLU B 144 11.56 -44.59 -8.67
C GLU B 144 12.83 -43.78 -8.91
N GLY B 145 13.98 -44.41 -8.68
CA GLY B 145 15.28 -43.78 -8.91
C GLY B 145 15.70 -42.66 -7.96
N PHE B 146 15.06 -42.60 -6.79
CA PHE B 146 15.37 -41.56 -5.80
C PHE B 146 15.76 -42.20 -4.47
N SER B 147 17.00 -41.92 -4.06
CA SER B 147 17.58 -42.38 -2.79
C SER B 147 16.95 -41.78 -1.54
N ASN B 148 17.01 -42.55 -0.44
CA ASN B 148 16.67 -42.04 0.90
C ASN B 148 17.69 -41.02 1.46
N HIS B 149 18.83 -40.89 0.78
CA HIS B 149 19.82 -39.84 1.05
C HIS B 149 19.25 -38.43 0.84
N PRO B 150 19.59 -37.46 1.73
CA PRO B 150 19.18 -36.05 1.70
C PRO B 150 19.15 -35.36 0.34
N GLY B 151 20.18 -35.58 -0.46
CA GLY B 151 20.33 -34.91 -1.76
C GLY B 151 19.24 -35.26 -2.75
N ASP B 152 18.96 -36.55 -2.87
CA ASP B 152 17.90 -37.07 -3.74
C ASP B 152 16.51 -36.57 -3.34
N ALA B 153 16.27 -36.52 -2.03
CA ALA B 153 15.03 -35.97 -1.47
C ALA B 153 14.75 -34.53 -1.93
N VAL B 154 15.78 -33.69 -1.93
CA VAL B 154 15.69 -32.32 -2.42
C VAL B 154 15.55 -32.26 -3.94
N ALA B 155 16.29 -33.13 -4.64
CA ALA B 155 16.13 -33.27 -6.08
C ALA B 155 14.72 -33.73 -6.46
N TYR B 156 14.15 -34.62 -5.66
CA TYR B 156 12.78 -35.10 -5.88
C TYR B 156 11.76 -33.97 -5.79
N GLN B 157 11.88 -33.14 -4.75
CA GLN B 157 11.01 -31.98 -4.59
C GLN B 157 11.04 -31.14 -5.86
N ALA B 158 12.24 -30.68 -6.23
CA ALA B 158 12.44 -29.88 -7.44
C ALA B 158 11.94 -30.56 -8.72
N TRP B 159 12.11 -31.89 -8.79
CA TRP B 159 11.61 -32.71 -9.91
C TRP B 159 10.08 -32.57 -9.97
N LYS B 160 9.43 -32.90 -8.84
CA LYS B 160 7.96 -32.85 -8.74
C LYS B 160 7.39 -31.48 -9.08
N LEU B 161 8.03 -30.43 -8.54
CA LEU B 161 7.61 -29.06 -8.80
C LEU B 161 7.85 -28.59 -10.24
N ALA B 162 8.91 -29.10 -10.88
CA ALA B 162 9.22 -28.73 -12.28
C ALA B 162 8.29 -29.38 -13.30
N ARG B 163 7.77 -30.57 -12.98
CA ARG B 163 6.87 -31.34 -13.86
C ARG B 163 5.55 -30.63 -14.18
N GLN B 164 5.01 -29.92 -13.20
CA GLN B 164 3.71 -29.22 -13.35
C GLN B 164 3.77 -28.02 -14.30
N TYR B 165 4.95 -27.42 -14.47
CA TYR B 165 5.15 -26.39 -15.48
C TYR B 165 5.35 -27.04 -16.84
N SER B 166 4.59 -26.59 -17.84
CA SER B 166 4.62 -27.15 -19.19
C SER B 166 5.69 -26.50 -20.10
N ASP B 167 6.13 -25.29 -19.73
CA ASP B 167 7.12 -24.53 -20.52
C ASP B 167 8.51 -24.59 -19.87
N LEU B 168 9.55 -24.80 -20.68
CA LEU B 168 10.92 -25.01 -20.18
C LEU B 168 11.56 -23.78 -19.52
N GLN B 169 11.25 -22.59 -20.04
CA GLN B 169 11.70 -21.31 -19.45
C GLN B 169 11.44 -21.23 -17.93
N GLU B 170 10.28 -21.75 -17.50
CA GLU B 170 9.85 -21.72 -16.10
C GLU B 170 10.22 -22.97 -15.28
N ARG B 171 10.88 -23.95 -15.90
CA ARG B 171 11.43 -25.13 -15.20
C ARG B 171 12.86 -24.91 -14.69
N SER B 172 13.56 -23.96 -15.29
CA SER B 172 15.03 -23.89 -15.24
C SER B 172 15.68 -23.78 -13.87
N ARG B 173 15.08 -23.02 -12.94
CA ARG B 173 15.67 -22.85 -11.60
C ARG B 173 15.52 -24.10 -10.72
N LEU B 174 14.40 -24.81 -10.85
CA LEU B 174 14.18 -26.07 -10.13
C LEU B 174 15.08 -27.17 -10.66
N ILE B 175 15.32 -27.17 -11.98
CA ILE B 175 16.35 -28.02 -12.59
C ILE B 175 17.70 -27.74 -11.93
N ALA B 176 18.19 -26.51 -12.09
CA ALA B 176 19.49 -26.10 -11.55
C ALA B 176 19.67 -26.53 -10.09
N ARG B 177 18.65 -26.29 -9.28
CA ARG B 177 18.59 -26.78 -7.89
C ARG B 177 18.63 -28.32 -7.80
N GLY B 178 17.78 -28.96 -8.60
CA GLY B 178 17.73 -30.41 -8.72
C GLY B 178 19.08 -31.01 -9.06
N LEU B 179 19.77 -30.41 -10.02
CA LEU B 179 21.14 -30.78 -10.37
C LEU B 179 22.10 -30.49 -9.22
N ARG B 180 22.02 -29.26 -8.69
CA ARG B 180 22.84 -28.84 -7.54
C ARG B 180 22.78 -29.77 -6.32
N PHE B 181 21.62 -30.37 -6.07
CA PHE B 181 21.43 -31.19 -4.85
C PHE B 181 21.41 -32.73 -5.06
N ALA B 182 21.27 -33.19 -6.30
CA ALA B 182 21.12 -34.64 -6.57
C ALA B 182 22.39 -35.42 -6.27
N HIS B 183 22.24 -36.54 -5.57
CA HIS B 183 23.37 -37.40 -5.15
C HIS B 183 23.54 -38.63 -6.05
N SER B 184 22.45 -39.36 -6.27
CA SER B 184 22.48 -40.56 -7.12
C SER B 184 22.38 -40.18 -8.60
N GLU B 185 22.76 -41.11 -9.46
CA GLU B 185 22.80 -40.90 -10.90
C GLU B 185 21.44 -41.14 -11.56
N THR B 186 20.65 -42.05 -10.99
CA THR B 186 19.23 -42.21 -11.36
C THR B 186 18.48 -40.89 -11.20
N ALA B 187 18.65 -40.29 -10.03
CA ALA B 187 18.09 -38.97 -9.71
C ALA B 187 18.48 -37.92 -10.74
N ARG B 188 19.79 -37.75 -10.93
CA ARG B 188 20.35 -36.74 -11.84
C ARG B 188 19.75 -36.83 -13.26
N LYS B 189 19.62 -38.04 -13.79
CA LYS B 189 19.05 -38.23 -15.13
C LYS B 189 17.54 -38.03 -15.17
N GLN B 190 16.84 -38.36 -14.09
CA GLN B 190 15.41 -37.99 -13.92
C GLN B 190 15.23 -36.47 -14.03
N ILE B 191 16.13 -35.72 -13.36
CA ILE B 191 16.19 -34.25 -13.46
C ILE B 191 16.53 -33.83 -14.87
N GLU B 192 17.55 -34.47 -15.45
CA GLU B 192 18.00 -34.18 -16.81
C GLU B 192 16.93 -34.47 -17.86
N GLN B 193 16.18 -35.55 -17.67
CA GLN B 193 15.12 -35.99 -18.60
C GLN B 193 14.15 -34.87 -18.96
N LEU B 194 13.82 -34.04 -17.96
CA LEU B 194 13.03 -32.83 -18.17
C LEU B 194 13.93 -31.62 -18.54
N LEU B 195 14.51 -31.72 -19.73
CA LEU B 195 15.07 -30.56 -20.44
C LEU B 195 14.60 -30.48 -21.91
N VAL B 196 13.65 -31.34 -22.29
CA VAL B 196 13.21 -31.51 -23.68
C VAL B 196 11.90 -30.73 -23.92
N ASP B 197 11.68 -30.29 -25.16
CA ASP B 197 10.47 -29.55 -25.55
C ASP B 197 10.19 -29.61 -27.07
N GLN B 203 10.45 -36.52 -31.18
CA GLN B 203 9.80 -35.16 -31.20
C GLN B 203 8.54 -35.00 -30.34
N ARG B 204 7.83 -36.09 -30.06
CA ARG B 204 6.63 -36.10 -29.21
C ARG B 204 6.79 -36.97 -27.96
N PRO B 205 6.00 -36.71 -26.90
CA PRO B 205 6.05 -37.56 -25.71
C PRO B 205 4.95 -38.62 -25.72
N ALA B 206 5.05 -39.55 -24.78
CA ALA B 206 3.91 -40.39 -24.41
C ALA B 206 2.87 -39.42 -23.86
N PRO B 207 1.65 -39.39 -24.46
CA PRO B 207 0.59 -38.54 -23.92
C PRO B 207 -0.13 -39.28 -22.80
N ILE B 208 -0.46 -38.58 -21.71
CA ILE B 208 -1.13 -39.21 -20.59
C ILE B 208 -2.53 -39.63 -21.07
N PRO B 209 -2.83 -40.95 -21.03
CA PRO B 209 -4.05 -41.51 -21.60
C PRO B 209 -5.30 -41.03 -20.87
N PRO B 210 -6.45 -40.99 -21.56
CA PRO B 210 -7.63 -40.40 -20.96
C PRO B 210 -8.19 -41.29 -19.86
N PHE B 211 -7.66 -41.09 -18.64
CA PHE B 211 -8.13 -41.77 -17.44
C PHE B 211 -9.31 -40.98 -16.84
N PHE B 212 -10.30 -41.71 -16.33
CA PHE B 212 -11.47 -41.13 -15.63
C PHE B 212 -11.57 -41.68 -14.23
N ARG B 213 -12.15 -40.90 -13.32
CA ARG B 213 -12.14 -41.23 -11.89
C ARG B 213 -13.41 -41.97 -11.44
N PHE B 214 -13.21 -42.95 -10.56
CA PHE B 214 -14.30 -43.55 -9.77
C PHE B 214 -14.35 -42.90 -8.39
N ASP B 215 -15.00 -41.75 -8.36
CA ASP B 215 -15.43 -41.10 -7.12
C ASP B 215 -16.27 -42.06 -6.27
N THR B 216 -15.89 -42.25 -5.01
CA THR B 216 -16.74 -42.98 -4.06
C THR B 216 -17.98 -42.16 -3.71
N GLU B 217 -17.82 -40.83 -3.69
CA GLU B 217 -18.88 -39.91 -3.31
C GLU B 217 -20.17 -40.14 -4.07
N ASP B 218 -20.14 -40.04 -5.39
CA ASP B 218 -21.33 -40.43 -6.19
C ASP B 218 -21.32 -41.95 -6.41
N GLU B 219 -22.52 -42.51 -6.43
CA GLU B 219 -22.71 -43.95 -6.62
C GLU B 219 -22.78 -44.22 -8.11
N LEU B 220 -22.45 -45.45 -8.49
CA LEU B 220 -22.44 -45.86 -9.89
C LEU B 220 -23.84 -46.31 -10.32
N PRO B 221 -24.07 -46.43 -11.65
CA PRO B 221 -25.38 -46.84 -12.14
C PRO B 221 -25.57 -48.35 -12.11
N ARG B 222 -26.83 -48.78 -12.04
CA ARG B 222 -27.14 -50.20 -12.00
C ARG B 222 -27.95 -50.61 -13.23
N ILE B 223 -27.42 -51.57 -13.97
CA ILE B 223 -28.13 -52.21 -15.07
C ILE B 223 -29.25 -53.12 -14.52
N VAL B 224 -30.45 -53.01 -15.10
CA VAL B 224 -31.65 -53.70 -14.59
C VAL B 224 -32.36 -54.41 -15.75
N PRO B 225 -32.70 -55.72 -15.58
CA PRO B 225 -33.43 -56.41 -16.66
C PRO B 225 -34.84 -55.89 -16.87
N VAL B 226 -35.29 -55.99 -18.12
CA VAL B 226 -36.62 -55.57 -18.53
C VAL B 226 -37.40 -56.77 -19.08
N VAL B 227 -38.35 -57.27 -18.28
CA VAL B 227 -39.53 -57.97 -18.80
C VAL B 227 -40.39 -56.91 -19.52
N GLY B 228 -41.11 -57.31 -20.57
CA GLY B 228 -41.71 -56.37 -21.54
C GLY B 228 -42.75 -55.33 -21.12
N GLN B 229 -43.47 -54.79 -22.10
CA GLN B 229 -44.57 -53.84 -21.84
C GLN B 229 -45.79 -54.57 -21.29
N LEU B 230 -46.31 -54.07 -20.16
CA LEU B 230 -47.62 -54.48 -19.63
C LEU B 230 -48.67 -54.17 -20.72
N PRO B 231 -49.64 -55.06 -21.02
CA PRO B 231 -49.99 -56.28 -20.28
C PRO B 231 -48.99 -57.44 -20.41
N LEU B 232 -48.89 -58.25 -19.36
CA LEU B 232 -47.88 -59.32 -19.27
C LEU B 232 -48.36 -60.49 -18.42
N LYS B 233 -47.63 -61.61 -18.51
CA LYS B 233 -47.94 -62.85 -17.80
C LYS B 233 -47.03 -63.05 -16.61
N ALA B 234 -47.59 -63.69 -15.57
CA ALA B 234 -46.84 -64.13 -14.41
C ALA B 234 -45.60 -64.95 -14.78
N GLU B 235 -45.77 -65.85 -15.75
CA GLU B 235 -44.69 -66.69 -16.28
C GLU B 235 -43.51 -65.84 -16.81
N GLU B 236 -43.84 -64.83 -17.62
CA GLU B 236 -42.84 -63.95 -18.24
C GLU B 236 -41.87 -63.34 -17.21
N LEU B 237 -42.43 -62.83 -16.11
CA LEU B 237 -41.63 -62.26 -15.03
C LEU B 237 -40.76 -63.32 -14.35
N LYS B 238 -41.37 -64.46 -14.03
CA LYS B 238 -40.68 -65.56 -13.33
C LYS B 238 -39.57 -66.24 -14.16
N ALA B 239 -39.67 -66.12 -15.48
CA ALA B 239 -38.65 -66.61 -16.41
C ALA B 239 -37.36 -65.78 -16.46
N VAL B 240 -37.40 -64.54 -15.97
CA VAL B 240 -36.24 -63.64 -15.99
C VAL B 240 -35.29 -64.03 -14.85
N PRO B 241 -34.02 -64.41 -15.17
CA PRO B 241 -33.11 -64.81 -14.08
C PRO B 241 -32.66 -63.66 -13.17
N LEU B 242 -32.19 -64.02 -11.98
CA LEU B 242 -31.47 -63.11 -11.10
C LEU B 242 -30.17 -62.71 -11.80
N VAL B 243 -29.83 -61.43 -11.74
CA VAL B 243 -28.58 -60.93 -12.34
C VAL B 243 -27.41 -60.95 -11.36
N GLU B 244 -26.28 -61.50 -11.82
CA GLU B 244 -25.03 -61.51 -11.07
C GLU B 244 -24.09 -60.48 -11.70
N GLU B 245 -23.77 -59.44 -10.94
CA GLU B 245 -22.81 -58.43 -11.39
C GLU B 245 -21.38 -58.94 -11.20
N ILE B 246 -20.66 -59.08 -12.31
CA ILE B 246 -19.30 -59.66 -12.31
C ILE B 246 -18.27 -58.60 -11.96
N GLU B 247 -17.63 -58.76 -10.80
CA GLU B 247 -16.55 -57.88 -10.34
C GLU B 247 -15.32 -57.98 -11.26
N PRO B 248 -14.49 -56.94 -11.34
CA PRO B 248 -14.54 -55.72 -10.53
C PRO B 248 -15.36 -54.55 -11.09
N PHE B 249 -15.82 -54.64 -12.34
CA PHE B 249 -16.50 -53.54 -13.04
C PHE B 249 -18.03 -53.67 -13.14
N ARG B 250 -18.59 -54.61 -12.39
CA ARG B 250 -20.04 -54.87 -12.40
C ARG B 250 -20.60 -55.11 -13.81
N LEU B 251 -19.97 -56.06 -14.52
CA LEU B 251 -20.46 -56.51 -15.81
C LEU B 251 -21.68 -57.40 -15.64
N VAL B 252 -22.45 -57.54 -16.71
CA VAL B 252 -23.60 -58.46 -16.74
C VAL B 252 -23.57 -59.21 -18.06
N LYS B 253 -23.31 -60.52 -17.98
CA LYS B 253 -23.28 -61.40 -19.15
C LYS B 253 -24.52 -62.28 -19.17
N PHE B 254 -25.12 -62.40 -20.35
CA PHE B 254 -26.32 -63.20 -20.55
C PHE B 254 -26.39 -63.71 -21.98
N SER B 255 -26.92 -64.93 -22.15
CA SER B 255 -26.86 -65.65 -23.43
C SER B 255 -28.14 -65.57 -24.27
N GLY B 256 -29.31 -65.72 -23.64
CA GLY B 256 -30.60 -65.69 -24.34
C GLY B 256 -30.96 -64.29 -24.83
N GLU B 257 -32.19 -64.11 -25.29
CA GLU B 257 -32.71 -62.78 -25.63
C GLU B 257 -33.26 -62.11 -24.37
N GLN B 258 -32.88 -60.84 -24.20
CA GLN B 258 -33.23 -60.06 -23.00
C GLN B 258 -33.22 -58.58 -23.39
N ALA B 259 -33.97 -57.78 -22.63
CA ALA B 259 -33.87 -56.32 -22.69
C ALA B 259 -33.32 -55.75 -21.40
N TRP B 260 -32.60 -54.64 -21.52
CA TRP B 260 -31.90 -54.03 -20.38
C TRP B 260 -32.20 -52.52 -20.29
N VAL B 261 -31.90 -51.96 -19.11
CA VAL B 261 -31.80 -50.50 -18.92
C VAL B 261 -30.81 -50.20 -17.80
N ALA B 262 -30.00 -49.17 -18.00
CA ALA B 262 -29.14 -48.61 -16.98
C ALA B 262 -29.92 -47.49 -16.29
N LEU B 263 -30.15 -47.64 -14.99
CA LEU B 263 -30.76 -46.59 -14.19
C LEU B 263 -29.67 -45.93 -13.33
N PRO B 264 -29.97 -44.77 -12.71
CA PRO B 264 -29.00 -44.16 -11.80
C PRO B 264 -28.79 -45.01 -10.54
N GLY B 265 -27.84 -44.61 -9.71
CA GLY B 265 -27.48 -45.33 -8.50
C GLY B 265 -28.33 -45.08 -7.25
N TRP B 266 -29.62 -44.76 -7.45
CA TRP B 266 -30.55 -44.49 -6.35
C TRP B 266 -30.51 -45.56 -5.27
N GLN B 267 -30.30 -45.13 -4.03
CA GLN B 267 -30.14 -46.03 -2.87
C GLN B 267 -31.22 -47.12 -2.79
N VAL B 268 -32.44 -46.72 -3.11
CA VAL B 268 -33.57 -47.65 -3.15
C VAL B 268 -33.27 -48.83 -4.09
N LEU B 269 -32.63 -48.54 -5.23
CA LEU B 269 -32.29 -49.56 -6.25
C LEU B 269 -31.03 -50.36 -5.93
N LEU B 270 -30.00 -49.71 -5.38
CA LEU B 270 -28.76 -50.42 -4.97
C LEU B 270 -29.05 -51.43 -3.86
N ALA B 271 -29.94 -51.03 -2.94
CA ALA B 271 -30.44 -51.89 -1.88
C ALA B 271 -31.09 -53.17 -2.39
N ALA B 272 -31.85 -53.07 -3.48
CA ALA B 272 -32.66 -54.17 -4.01
C ALA B 272 -31.81 -55.40 -4.35
N GLU B 273 -32.12 -56.54 -3.72
CA GLU B 273 -31.39 -57.78 -3.95
C GLU B 273 -31.63 -58.38 -5.34
N ASP B 274 -32.89 -58.34 -5.77
CA ASP B 274 -33.29 -58.76 -7.11
C ASP B 274 -34.26 -57.64 -7.54
N PRO B 275 -33.83 -56.82 -8.53
CA PRO B 275 -34.72 -55.85 -9.20
C PRO B 275 -35.02 -56.20 -10.64
N VAL B 276 -36.21 -55.81 -11.11
CA VAL B 276 -36.70 -56.08 -12.46
C VAL B 276 -37.53 -54.88 -12.91
N THR B 277 -37.52 -54.59 -14.21
CA THR B 277 -38.26 -53.46 -14.80
C THR B 277 -39.48 -53.92 -15.60
N ILE B 278 -40.57 -53.14 -15.51
CA ILE B 278 -41.81 -53.36 -16.27
C ILE B 278 -42.27 -52.02 -16.84
N LEU B 279 -42.56 -51.97 -18.15
CA LEU B 279 -43.06 -50.74 -18.80
C LEU B 279 -44.59 -50.64 -18.93
N ALA B 280 -45.14 -49.61 -18.32
CA ALA B 280 -46.58 -49.47 -18.21
C ALA B 280 -46.97 -48.01 -18.43
N THR B 281 -48.23 -47.68 -18.15
CA THR B 281 -48.71 -46.29 -18.14
C THR B 281 -49.07 -45.85 -16.73
N SER B 282 -49.01 -44.55 -16.50
CA SER B 282 -49.24 -43.94 -15.18
C SER B 282 -50.66 -44.14 -14.62
N ASP B 283 -51.61 -44.39 -15.50
CA ASP B 283 -52.99 -44.70 -15.07
C ASP B 283 -53.18 -46.11 -14.49
N ARG B 284 -52.14 -46.95 -14.51
CA ARG B 284 -52.13 -48.20 -13.72
C ARG B 284 -52.05 -47.94 -12.22
N PHE B 285 -51.53 -46.77 -11.84
CA PHE B 285 -51.53 -46.31 -10.44
C PHE B 285 -52.49 -45.13 -10.27
N PRO B 286 -52.86 -44.80 -9.00
CA PRO B 286 -53.75 -43.66 -8.77
C PRO B 286 -53.26 -42.36 -9.38
N LYS B 287 -54.21 -41.57 -9.87
CA LYS B 287 -53.93 -40.28 -10.51
C LYS B 287 -53.43 -39.32 -9.44
N GLN B 288 -52.19 -38.86 -9.60
CA GLN B 288 -51.50 -38.13 -8.54
C GLN B 288 -51.76 -36.64 -8.60
N ASN B 289 -51.60 -36.06 -9.77
CA ASN B 289 -51.84 -34.63 -10.00
C ASN B 289 -52.62 -34.43 -11.31
N GLN B 290 -52.74 -33.16 -11.73
CA GLN B 290 -53.41 -32.77 -13.00
C GLN B 290 -52.98 -33.55 -14.28
N THR B 291 -51.71 -34.02 -14.33
CA THR B 291 -51.07 -34.60 -15.53
C THR B 291 -51.75 -35.81 -16.21
N GLU B 292 -51.81 -35.75 -17.54
CA GLU B 292 -52.43 -36.81 -18.37
C GLU B 292 -51.64 -38.13 -18.27
N PRO B 293 -52.33 -39.29 -18.48
CA PRO B 293 -51.62 -40.57 -18.42
C PRO B 293 -50.45 -40.64 -19.41
N GLY B 294 -49.25 -40.82 -18.87
CA GLY B 294 -48.04 -40.98 -19.68
C GLY B 294 -47.40 -42.33 -19.46
N PRO B 295 -46.31 -42.62 -20.20
CA PRO B 295 -45.55 -43.84 -19.93
C PRO B 295 -44.85 -43.77 -18.58
N VAL B 296 -44.75 -44.91 -17.89
CA VAL B 296 -43.93 -45.02 -16.67
C VAL B 296 -43.09 -46.30 -16.69
N LEU B 297 -41.84 -46.18 -16.29
CA LEU B 297 -40.96 -47.31 -16.07
C LEU B 297 -41.09 -47.67 -14.60
N VAL B 298 -41.34 -48.94 -14.32
CA VAL B 298 -41.61 -49.43 -12.96
C VAL B 298 -40.54 -50.44 -12.61
N VAL B 299 -39.86 -50.22 -11.47
CA VAL B 299 -38.89 -51.18 -10.94
C VAL B 299 -39.51 -51.92 -9.77
N VAL B 300 -39.35 -53.24 -9.75
CA VAL B 300 -39.85 -54.07 -8.66
C VAL B 300 -38.75 -54.97 -8.11
N ASP B 301 -38.72 -55.09 -6.79
CA ASP B 301 -37.84 -56.04 -6.13
C ASP B 301 -38.63 -57.32 -5.91
N ARG B 302 -38.20 -58.41 -6.58
CA ARG B 302 -38.85 -59.72 -6.44
C ARG B 302 -38.59 -60.37 -5.09
N SER B 303 -37.49 -60.00 -4.43
CA SER B 303 -37.14 -60.49 -3.07
C SER B 303 -37.83 -59.74 -1.92
N GLN B 304 -38.80 -58.88 -2.23
CA GLN B 304 -39.64 -58.20 -1.24
C GLN B 304 -41.10 -58.55 -1.51
N ARG B 305 -41.59 -59.59 -0.84
CA ARG B 305 -42.95 -60.12 -1.03
C ARG B 305 -43.83 -60.10 0.23
N GLU B 306 -43.32 -59.52 1.31
CA GLU B 306 -44.08 -59.38 2.57
C GLU B 306 -45.04 -58.20 2.42
N TRP B 307 -46.30 -58.40 2.79
CA TRP B 307 -47.34 -57.38 2.63
C TRP B 307 -47.13 -56.15 3.54
N ASN B 308 -47.59 -54.99 3.08
CA ASN B 308 -47.91 -53.84 3.96
C ASN B 308 -48.90 -52.86 3.31
N ASP B 309 -49.52 -52.02 4.15
CA ASP B 309 -50.62 -51.12 3.72
C ASP B 309 -50.18 -49.73 3.17
N PHE B 310 -48.87 -49.50 3.05
CA PHE B 310 -48.33 -48.22 2.60
C PHE B 310 -47.61 -48.24 1.23
N SER B 311 -47.61 -49.38 0.54
CA SER B 311 -46.91 -49.52 -0.75
C SER B 311 -47.64 -50.42 -1.76
N TYR B 312 -47.12 -50.44 -3.00
CA TYR B 312 -47.68 -51.22 -4.11
C TYR B 312 -46.88 -52.49 -4.39
N PHE B 313 -47.55 -53.46 -5.00
CA PHE B 313 -46.96 -54.77 -5.30
C PHE B 313 -47.40 -55.31 -6.66
N VAL B 314 -46.57 -56.19 -7.23
CA VAL B 314 -46.92 -56.95 -8.43
C VAL B 314 -47.56 -58.25 -7.96
N VAL B 315 -48.73 -58.56 -8.51
CA VAL B 315 -49.46 -59.78 -8.14
C VAL B 315 -49.78 -60.65 -9.36
N ASP B 316 -49.88 -61.96 -9.11
CA ASP B 316 -50.37 -62.92 -10.09
C ASP B 316 -51.90 -62.86 -10.08
N HIS B 317 -52.45 -62.08 -11.00
CA HIS B 317 -53.89 -61.92 -11.16
C HIS B 317 -54.43 -62.94 -12.17
N ASP B 318 -54.37 -64.22 -11.77
CA ASP B 318 -54.76 -65.39 -12.59
C ASP B 318 -54.00 -65.49 -13.92
N GLY B 319 -52.67 -65.45 -13.81
CA GLY B 319 -51.78 -65.52 -14.97
C GLY B 319 -51.60 -64.19 -15.70
N GLU B 320 -51.81 -63.08 -14.99
CA GLU B 320 -51.61 -61.72 -15.53
C GLU B 320 -50.99 -60.84 -14.46
N LEU B 321 -49.96 -60.08 -14.83
CA LEU B 321 -49.33 -59.14 -13.90
C LEU B 321 -50.20 -57.90 -13.69
N ASP B 322 -50.25 -57.44 -12.44
CA ASP B 322 -51.03 -56.26 -12.07
C ASP B 322 -50.40 -55.58 -10.85
N PHE B 323 -50.38 -54.24 -10.87
CA PHE B 323 -49.99 -53.44 -9.71
C PHE B 323 -51.23 -53.02 -8.95
N GLN B 324 -51.24 -53.29 -7.66
CA GLN B 324 -52.28 -52.78 -6.77
C GLN B 324 -51.75 -52.70 -5.36
N TRP B 325 -52.51 -52.02 -4.52
CA TRP B 325 -52.19 -51.85 -3.10
C TRP B 325 -53.30 -52.52 -2.30
N PHE B 326 -52.97 -52.88 -1.06
CA PHE B 326 -53.89 -53.64 -0.21
C PHE B 326 -53.95 -53.07 1.19
N GLU B 327 -55.16 -52.69 1.62
CA GLU B 327 -55.45 -52.36 3.01
C GLU B 327 -55.27 -53.59 3.90
N THR B 328 -55.81 -54.71 3.40
CA THR B 328 -55.72 -56.00 4.06
C THR B 328 -54.79 -56.90 3.25
N LYS B 329 -53.78 -57.49 3.91
CA LYS B 329 -52.93 -58.49 3.26
C LYS B 329 -53.82 -59.58 2.67
N PRO B 330 -53.79 -59.73 1.34
CA PRO B 330 -54.70 -60.66 0.73
C PRO B 330 -54.14 -62.07 0.62
N GLU B 331 -54.96 -62.96 0.09
CA GLU B 331 -54.57 -64.33 -0.27
C GLU B 331 -53.83 -64.42 -1.62
N PHE B 332 -53.83 -63.33 -2.39
CA PHE B 332 -53.14 -63.25 -3.68
C PHE B 332 -51.64 -63.38 -3.48
N PRO B 333 -50.99 -64.32 -4.18
CA PRO B 333 -49.54 -64.43 -4.02
C PRO B 333 -48.87 -63.21 -4.65
N ILE B 334 -47.96 -62.61 -3.90
CA ILE B 334 -47.21 -61.45 -4.37
C ILE B 334 -45.96 -61.95 -5.07
N LEU B 335 -45.65 -61.36 -6.22
CA LEU B 335 -44.42 -61.66 -6.95
C LEU B 335 -43.28 -60.69 -6.61
N GLY B 336 -43.62 -59.45 -6.29
CA GLY B 336 -42.63 -58.44 -5.88
C GLY B 336 -43.24 -57.14 -5.41
N LYS B 337 -42.36 -56.24 -4.97
CA LYS B 337 -42.76 -54.92 -4.45
C LYS B 337 -42.29 -53.78 -5.36
N VAL B 338 -43.18 -52.82 -5.60
CA VAL B 338 -42.87 -51.64 -6.40
C VAL B 338 -42.04 -50.65 -5.59
N ILE B 339 -40.80 -50.43 -6.03
CA ILE B 339 -39.84 -49.54 -5.35
C ILE B 339 -39.60 -48.19 -6.05
N ILE B 340 -39.69 -48.17 -7.38
CA ILE B 340 -39.49 -46.96 -8.19
C ILE B 340 -40.53 -46.88 -9.29
N LEU B 341 -41.11 -45.69 -9.45
CA LEU B 341 -41.82 -45.31 -10.67
C LEU B 341 -41.03 -44.16 -11.25
N VAL B 342 -40.89 -44.12 -12.57
CA VAL B 342 -40.23 -42.98 -13.22
C VAL B 342 -40.88 -42.68 -14.57
N ARG B 343 -41.07 -41.39 -14.84
CA ARG B 343 -41.61 -40.91 -16.10
C ARG B 343 -40.47 -40.60 -17.07
N PRO B 344 -40.80 -40.32 -18.35
CA PRO B 344 -39.72 -40.04 -19.30
C PRO B 344 -38.94 -38.79 -18.95
N ARG B 345 -37.69 -38.75 -19.37
CA ARG B 345 -36.76 -37.66 -19.04
C ARG B 345 -37.29 -36.28 -19.44
N ARG B 346 -36.78 -35.26 -18.74
CA ARG B 346 -37.08 -33.85 -18.98
C ARG B 346 -36.63 -33.34 -20.35
N ILE B 347 -37.22 -32.22 -20.76
CA ILE B 347 -36.71 -31.40 -21.86
C ILE B 347 -37.35 -30.01 -21.82
N LYS B 354 -31.76 -20.43 -25.49
CA LYS B 354 -31.29 -20.53 -24.07
C LYS B 354 -30.21 -19.51 -23.90
N ASP B 355 -30.61 -18.25 -23.74
CA ASP B 355 -29.63 -17.23 -23.41
C ASP B 355 -29.40 -17.39 -21.91
N SER B 356 -28.55 -18.37 -21.59
CA SER B 356 -28.31 -18.77 -20.22
C SER B 356 -27.21 -17.91 -19.54
N TRP B 357 -26.80 -16.86 -20.26
CA TRP B 357 -25.67 -16.03 -19.92
C TRP B 357 -26.03 -14.84 -19.06
N GLN B 358 -27.33 -14.61 -18.88
CA GLN B 358 -27.80 -13.56 -18.01
C GLN B 358 -27.57 -13.99 -16.57
N ILE B 359 -26.81 -13.19 -15.83
CA ILE B 359 -26.53 -13.45 -14.41
C ILE B 359 -27.77 -13.16 -13.56
N ASP B 360 -28.00 -14.01 -12.55
CA ASP B 360 -29.03 -13.74 -11.54
C ASP B 360 -28.50 -12.73 -10.53
N GLU B 361 -28.73 -11.45 -10.77
CA GLU B 361 -28.11 -10.37 -10.00
C GLU B 361 -28.74 -10.26 -8.63
N GLU C 17 -33.55 31.52 -37.25
CA GLU C 17 -32.28 30.89 -36.74
C GLU C 17 -32.55 29.50 -36.15
N LEU C 18 -32.81 28.54 -37.06
CA LEU C 18 -33.13 27.17 -36.68
C LEU C 18 -31.88 26.29 -36.60
N ALA C 19 -31.17 26.46 -35.48
CA ALA C 19 -30.14 25.52 -35.02
C ALA C 19 -30.71 24.54 -33.97
N GLN C 20 -32.03 24.51 -33.83
CA GLN C 20 -32.74 23.48 -33.07
C GLN C 20 -32.77 22.13 -33.79
N GLU C 21 -32.46 22.13 -35.09
CA GLU C 21 -32.26 20.90 -35.89
C GLU C 21 -30.86 20.34 -35.68
N LEU C 22 -29.86 21.21 -35.57
CA LEU C 22 -28.51 20.79 -35.16
C LEU C 22 -28.54 20.05 -33.83
N LEU C 23 -29.25 20.63 -32.86
CA LEU C 23 -29.49 20.00 -31.56
C LEU C 23 -30.22 18.65 -31.67
N ARG C 24 -31.25 18.59 -32.51
CA ARG C 24 -32.02 17.35 -32.72
C ARG C 24 -31.16 16.22 -33.31
N LYS C 25 -30.38 16.52 -34.36
CA LYS C 25 -29.43 15.57 -34.95
C LYS C 25 -28.39 15.10 -33.92
N LEU C 26 -27.95 16.03 -33.06
CA LEU C 26 -26.99 15.72 -31.98
C LEU C 26 -27.58 14.81 -30.91
N ARG C 27 -28.79 15.15 -30.44
CA ARG C 27 -29.53 14.31 -29.48
C ARG C 27 -29.81 12.89 -30.00
N GLN C 28 -30.10 12.76 -31.29
CA GLN C 28 -30.43 11.47 -31.90
C GLN C 28 -29.23 10.68 -32.46
N LYS C 29 -28.04 11.28 -32.40
CA LYS C 29 -26.79 10.69 -32.93
C LYS C 29 -26.80 10.42 -34.43
N GLN C 30 -27.42 11.33 -35.18
CA GLN C 30 -27.34 11.31 -36.64
C GLN C 30 -25.92 11.74 -37.03
N GLY C 31 -25.39 11.11 -38.06
CA GLY C 31 -24.07 11.45 -38.58
C GLY C 31 -22.91 10.95 -37.75
N ASN C 32 -21.72 11.30 -38.22
CA ASN C 32 -20.45 10.92 -37.59
C ASN C 32 -20.01 11.93 -36.51
N TRP C 33 -18.93 11.63 -35.81
CA TRP C 33 -18.42 12.53 -34.76
C TRP C 33 -17.84 13.84 -35.29
N VAL C 34 -17.30 13.81 -36.50
CA VAL C 34 -16.74 15.02 -37.11
C VAL C 34 -17.86 16.03 -37.35
N GLU C 35 -19.02 15.54 -37.78
CA GLU C 35 -20.24 16.36 -37.90
C GLU C 35 -20.73 16.89 -36.56
N TRP C 36 -20.69 16.04 -35.52
CA TRP C 36 -21.00 16.48 -34.14
C TRP C 36 -20.10 17.63 -33.70
N GLY C 37 -18.79 17.45 -33.89
CA GLY C 37 -17.78 18.48 -33.62
C GLY C 37 -17.99 19.82 -34.31
N GLN C 38 -18.37 19.76 -35.58
CA GLN C 38 -18.68 20.96 -36.37
C GLN C 38 -20.01 21.58 -35.93
N ALA C 39 -21.01 20.74 -35.69
CA ALA C 39 -22.33 21.16 -35.22
C ALA C 39 -22.25 21.83 -33.85
N ILE C 40 -21.54 21.19 -32.92
CA ILE C 40 -21.34 21.73 -31.57
C ILE C 40 -20.55 23.05 -31.60
N ALA C 41 -19.50 23.10 -32.42
CA ALA C 41 -18.72 24.34 -32.63
C ALA C 41 -19.58 25.48 -33.16
N SER C 42 -20.45 25.16 -34.12
CA SER C 42 -21.43 26.12 -34.66
C SER C 42 -22.36 26.63 -33.55
N LEU C 43 -22.94 25.70 -32.79
CA LEU C 43 -23.80 26.02 -31.65
C LEU C 43 -23.09 26.84 -30.56
N GLN C 44 -21.87 26.44 -30.19
CA GLN C 44 -21.06 27.17 -29.21
C GLN C 44 -20.73 28.58 -29.70
N LYS C 45 -20.23 28.67 -30.93
CA LYS C 45 -19.98 29.95 -31.60
C LYS C 45 -21.26 30.79 -31.80
N SER C 46 -22.41 30.14 -31.88
CA SER C 46 -23.72 30.82 -31.92
C SER C 46 -24.39 31.00 -30.54
N GLY C 47 -23.59 31.21 -29.49
CA GLY C 47 -24.10 31.66 -28.19
C GLY C 47 -24.70 30.66 -27.22
N TYR C 48 -24.46 29.36 -27.45
CA TYR C 48 -24.81 28.31 -26.48
C TYR C 48 -23.57 27.95 -25.65
N ASN C 49 -23.75 27.80 -24.34
CA ASN C 49 -22.67 27.32 -23.46
C ASN C 49 -22.73 25.79 -23.37
N PRO C 50 -21.67 25.13 -22.83
CA PRO C 50 -21.63 23.65 -22.80
C PRO C 50 -22.71 22.94 -21.98
N GLN C 51 -23.20 23.59 -20.92
CA GLN C 51 -24.31 23.05 -20.13
C GLN C 51 -25.61 23.01 -20.94
N ASP C 52 -25.89 24.09 -21.67
CA ASP C 52 -27.07 24.19 -22.55
C ASP C 52 -27.07 23.08 -23.58
N ILE C 53 -25.91 22.92 -24.24
CA ILE C 53 -25.71 21.85 -25.23
C ILE C 53 -25.90 20.47 -24.56
N PHE C 54 -25.37 20.29 -23.35
CA PHE C 54 -25.51 19.04 -22.59
C PHE C 54 -26.94 18.74 -22.07
N GLU C 55 -27.72 19.79 -21.78
CA GLU C 55 -29.14 19.63 -21.44
C GLU C 55 -29.95 19.15 -22.66
N ALA C 56 -29.81 19.89 -23.77
CA ALA C 56 -30.51 19.59 -25.02
C ALA C 56 -30.04 18.29 -25.68
N THR C 57 -28.74 18.01 -25.61
CA THR C 57 -28.12 16.84 -26.25
C THR C 57 -27.22 16.07 -25.29
N GLY C 58 -27.03 14.79 -25.54
CA GLY C 58 -26.23 13.92 -24.66
C GLY C 58 -24.73 14.21 -24.51
N PHE C 59 -24.22 15.22 -25.20
CA PHE C 59 -22.78 15.52 -25.23
C PHE C 59 -22.29 16.32 -24.04
N GLU C 60 -21.31 15.75 -23.34
CA GLU C 60 -20.70 16.36 -22.16
C GLU C 60 -19.79 17.51 -22.58
N PRO C 61 -19.52 18.47 -21.69
CA PRO C 61 -18.57 19.56 -22.04
C PRO C 61 -17.17 19.09 -22.38
N VAL C 62 -16.66 18.12 -21.64
CA VAL C 62 -15.40 17.42 -21.98
C VAL C 62 -15.45 16.75 -23.36
N GLN C 63 -16.60 16.14 -23.69
CA GLN C 63 -16.83 15.54 -25.00
C GLN C 63 -16.95 16.62 -26.07
N GLN C 64 -17.64 17.72 -25.74
CA GLN C 64 -17.78 18.88 -26.64
C GLN C 64 -16.42 19.50 -27.00
N ASN C 65 -15.54 19.63 -26.01
CA ASN C 65 -14.15 20.04 -26.25
C ASN C 65 -13.45 19.01 -27.15
N GLN C 66 -13.57 17.73 -26.82
CA GLN C 66 -12.93 16.63 -27.56
C GLN C 66 -13.28 16.62 -29.06
N VAL C 67 -14.55 16.80 -29.39
CA VAL C 67 -15.00 16.75 -30.80
C VAL C 67 -14.79 18.05 -31.58
N ILE C 68 -14.83 19.19 -30.90
CA ILE C 68 -14.50 20.48 -31.53
C ILE C 68 -13.03 20.49 -31.99
N VAL C 69 -12.12 20.09 -31.11
CA VAL C 69 -10.68 20.12 -31.39
C VAL C 69 -10.30 18.96 -32.30
N GLY C 70 -10.92 17.81 -32.09
CA GLY C 70 -10.82 16.69 -33.02
C GLY C 70 -11.17 17.14 -34.42
N SER C 71 -12.31 17.82 -34.56
CA SER C 71 -12.79 18.29 -35.87
C SER C 71 -11.86 19.33 -36.51
N GLN C 72 -11.22 20.14 -35.67
CA GLN C 72 -10.17 21.05 -36.12
C GLN C 72 -8.92 20.31 -36.59
N VAL C 73 -8.53 19.26 -35.89
CA VAL C 73 -7.44 18.40 -36.34
C VAL C 73 -7.83 17.70 -37.65
N TYR C 74 -9.10 17.27 -37.75
CA TYR C 74 -9.62 16.70 -39.00
C TYR C 74 -9.53 17.69 -40.15
N ASN C 75 -9.85 18.96 -39.89
CA ASN C 75 -9.69 20.02 -40.89
C ASN C 75 -8.24 20.11 -41.40
N SER C 76 -7.28 20.02 -40.50
CA SER C 76 -5.87 19.97 -40.88
C SER C 76 -5.50 18.71 -41.70
N LEU C 77 -6.10 17.57 -41.36
CA LEU C 77 -5.87 16.31 -42.12
C LEU C 77 -6.33 16.40 -43.59
N GLU C 78 -7.49 17.01 -43.83
CA GLU C 78 -8.02 17.15 -45.19
C GLU C 78 -7.38 18.31 -45.96
N LYS C 79 -7.17 19.44 -45.29
CA LYS C 79 -6.52 20.62 -45.91
C LYS C 79 -5.03 20.45 -46.20
N SER C 80 -4.38 19.46 -45.60
CA SER C 80 -2.94 19.23 -45.79
C SER C 80 -2.60 17.80 -46.23
N GLY C 81 -3.56 17.12 -46.85
CA GLY C 81 -3.30 15.90 -47.63
C GLY C 81 -3.03 14.63 -46.85
N ALA C 82 -3.98 14.23 -46.02
CA ALA C 82 -3.97 12.92 -45.41
C ALA C 82 -4.49 11.93 -46.44
N SER C 83 -4.05 10.67 -46.34
CA SER C 83 -4.49 9.63 -47.28
C SER C 83 -6.02 9.44 -47.18
N ALA C 84 -6.64 9.02 -48.27
CA ALA C 84 -8.10 8.83 -48.31
C ALA C 84 -8.56 7.73 -47.35
N ALA C 85 -7.71 6.73 -47.12
CA ALA C 85 -7.95 5.67 -46.13
C ALA C 85 -7.99 6.24 -44.69
N THR C 86 -7.08 7.17 -44.41
CA THR C 86 -7.01 7.91 -43.14
C THR C 86 -8.26 8.78 -42.91
N LEU C 87 -8.64 9.57 -43.91
CA LEU C 87 -9.82 10.45 -43.83
C LEU C 87 -11.11 9.65 -43.72
N ALA C 88 -11.13 8.48 -44.37
CA ALA C 88 -12.24 7.52 -44.25
C ALA C 88 -12.36 6.93 -42.85
N HIS C 89 -11.24 6.55 -42.26
CA HIS C 89 -11.23 5.95 -40.92
C HIS C 89 -11.56 6.95 -39.82
N TYR C 90 -10.84 8.08 -39.80
CA TYR C 90 -11.06 9.12 -38.78
C TYR C 90 -12.35 9.97 -38.96
N ALA C 91 -13.11 9.71 -40.03
CA ALA C 91 -14.46 10.24 -40.19
C ALA C 91 -15.39 9.75 -39.08
N THR C 92 -15.26 8.47 -38.73
CA THR C 92 -16.21 7.78 -37.84
C THR C 92 -15.65 7.30 -36.49
N ARG C 93 -14.33 7.16 -36.37
CA ARG C 93 -13.68 6.80 -35.11
C ARG C 93 -12.50 7.72 -34.81
N GLY C 94 -11.94 7.55 -33.61
CA GLY C 94 -10.64 8.13 -33.28
C GLY C 94 -10.55 9.62 -33.01
N SER C 95 -11.64 10.26 -32.61
CA SER C 95 -11.57 11.66 -32.13
C SER C 95 -10.67 11.83 -30.89
N ASP C 96 -10.60 10.78 -30.08
CA ASP C 96 -9.65 10.71 -28.96
C ASP C 96 -8.17 10.68 -29.41
N VAL C 97 -7.90 9.97 -30.51
CA VAL C 97 -6.57 9.92 -31.13
C VAL C 97 -6.20 11.29 -31.69
N LEU C 98 -7.09 11.84 -32.52
CA LEU C 98 -6.87 13.16 -33.13
C LEU C 98 -6.76 14.30 -32.11
N TYR C 99 -7.44 14.19 -30.97
CA TYR C 99 -7.29 15.19 -29.89
C TYR C 99 -5.83 15.32 -29.45
N GLU C 100 -5.13 14.20 -29.34
CA GLU C 100 -3.72 14.22 -28.94
C GLU C 100 -2.80 14.92 -29.95
N LEU C 101 -3.21 14.91 -31.22
CA LEU C 101 -2.49 15.60 -32.29
C LEU C 101 -2.74 17.12 -32.37
N ARG C 102 -3.62 17.66 -31.52
CA ARG C 102 -3.89 19.11 -31.45
C ARG C 102 -2.64 19.98 -31.21
N LEU C 103 -1.69 19.41 -30.48
CA LEU C 103 -0.42 20.08 -30.16
C LEU C 103 0.36 20.43 -31.43
N LEU C 104 0.36 19.53 -32.39
CA LEU C 104 1.12 19.68 -33.63
C LEU C 104 0.52 20.74 -34.55
N THR C 105 1.31 21.16 -35.51
CA THR C 105 0.93 22.19 -36.48
C THR C 105 0.04 21.64 -37.60
N HIS C 106 -0.60 22.58 -38.31
CA HIS C 106 -1.51 22.30 -39.43
C HIS C 106 -0.92 21.34 -40.47
N GLU C 107 0.38 21.47 -40.70
CA GLU C 107 1.11 20.67 -41.67
C GLU C 107 1.56 19.33 -41.07
N GLU C 108 2.08 19.37 -39.84
CA GLU C 108 2.53 18.17 -39.11
C GLU C 108 1.42 17.15 -38.86
N ARG C 109 0.19 17.65 -38.70
CA ARG C 109 -0.98 16.82 -38.42
C ARG C 109 -1.31 15.75 -39.48
N ALA C 110 -1.17 16.12 -40.75
CA ALA C 110 -1.59 15.26 -41.85
C ALA C 110 -0.71 14.00 -41.97
N ALA C 111 0.60 14.21 -41.87
CA ALA C 111 1.58 13.13 -41.86
C ALA C 111 1.41 12.25 -40.61
N ALA C 112 1.26 12.91 -39.46
CA ALA C 112 1.01 12.22 -38.19
C ALA C 112 -0.21 11.32 -38.27
N GLY C 113 -1.31 11.89 -38.74
CA GLY C 113 -2.58 11.17 -38.96
C GLY C 113 -2.44 9.90 -39.80
N ASP C 114 -1.66 9.99 -40.87
CA ASP C 114 -1.33 8.82 -41.68
C ASP C 114 -0.57 7.77 -40.86
N LEU C 115 0.39 8.23 -40.04
CA LEU C 115 1.18 7.33 -39.20
C LEU C 115 0.31 6.61 -38.19
N THR C 116 -0.51 7.37 -37.45
CA THR C 116 -1.44 6.82 -36.44
C THR C 116 -2.46 5.83 -37.00
N PHE C 117 -3.01 6.13 -38.18
CA PHE C 117 -3.98 5.24 -38.84
C PHE C 117 -3.34 3.93 -39.34
N THR C 118 -2.16 4.03 -39.96
CA THR C 118 -1.40 2.87 -40.42
C THR C 118 -1.03 1.96 -39.25
N HIS C 119 -0.54 2.57 -38.18
CA HIS C 119 -0.04 1.83 -37.00
C HIS C 119 -1.12 1.42 -35.98
N LYS C 120 -2.40 1.65 -36.30
CA LYS C 120 -3.54 1.25 -35.44
C LYS C 120 -3.27 1.66 -34.00
N VAL C 121 -3.07 2.96 -33.86
CA VAL C 121 -2.59 3.58 -32.63
C VAL C 121 -3.78 4.06 -31.81
N ASP C 122 -3.84 3.64 -30.54
CA ASP C 122 -4.84 4.17 -29.60
C ASP C 122 -4.40 5.54 -29.07
N ALA C 123 -5.35 6.27 -28.47
CA ALA C 123 -5.11 7.64 -27.97
C ALA C 123 -3.91 7.80 -27.03
N ASP C 124 -3.60 6.75 -26.27
CA ASP C 124 -2.44 6.75 -25.38
C ASP C 124 -1.09 6.66 -26.12
N GLU C 125 -1.01 5.76 -27.09
CA GLU C 125 0.13 5.69 -28.00
C GLU C 125 0.27 6.95 -28.88
N ALA C 126 -0.87 7.56 -29.24
CA ALA C 126 -0.90 8.80 -30.02
C ALA C 126 -0.24 9.98 -29.32
N ARG C 127 -0.46 10.07 -28.01
CA ARG C 127 0.17 11.08 -27.16
C ARG C 127 1.70 10.95 -27.18
N GLU C 128 2.21 9.73 -27.06
CA GLU C 128 3.65 9.44 -27.13
C GLU C 128 4.25 9.90 -28.47
N ILE C 129 3.58 9.52 -29.55
CA ILE C 129 4.00 9.84 -30.92
C ILE C 129 4.00 11.36 -31.16
N ALA C 130 2.94 12.05 -30.77
CA ALA C 130 2.87 13.51 -30.92
C ALA C 130 3.95 14.25 -30.12
N LYS C 131 4.40 13.67 -29.02
CA LYS C 131 5.56 14.20 -28.27
C LYS C 131 6.85 14.02 -29.08
N ALA C 132 7.04 12.82 -29.65
CA ALA C 132 8.20 12.49 -30.47
C ALA C 132 8.33 13.41 -31.69
N ILE C 133 7.20 13.64 -32.35
CA ILE C 133 7.11 14.56 -33.49
C ILE C 133 7.41 16.00 -33.04
N LYS C 134 6.82 16.41 -31.91
CA LYS C 134 7.04 17.78 -31.41
C LYS C 134 8.47 18.00 -30.92
N ASP C 135 9.04 17.02 -30.23
CA ASP C 135 10.47 17.04 -29.86
C ASP C 135 11.36 17.27 -31.07
N PHE C 136 11.11 16.47 -32.10
CA PHE C 136 11.91 16.48 -33.32
C PHE C 136 11.84 17.82 -34.05
N SER C 137 10.66 18.46 -34.05
CA SER C 137 10.43 19.68 -34.80
C SER C 137 11.16 20.92 -34.28
N ARG C 138 11.65 20.85 -33.05
CA ARG C 138 12.44 21.95 -32.48
C ARG C 138 13.85 22.02 -33.08
N PHE C 139 14.39 20.86 -33.51
CA PHE C 139 15.72 20.81 -34.13
C PHE C 139 15.77 21.53 -35.47
N ARG C 140 16.69 22.48 -35.58
CA ARG C 140 16.97 23.18 -36.82
C ARG C 140 17.76 22.31 -37.78
N ILE C 141 18.84 21.73 -37.26
CA ILE C 141 19.63 20.76 -38.02
C ILE C 141 19.28 19.37 -37.52
N LEU C 142 18.52 18.65 -38.35
CA LEU C 142 18.04 17.31 -38.01
C LEU C 142 19.24 16.38 -37.84
N PRO C 143 19.16 15.42 -36.91
CA PRO C 143 20.25 14.47 -36.78
C PRO C 143 20.41 13.59 -38.02
N GLU C 144 21.66 13.21 -38.30
CA GLU C 144 21.99 12.41 -39.47
C GLU C 144 21.34 11.03 -39.38
N GLY C 145 20.82 10.59 -40.53
CA GLY C 145 20.05 9.36 -40.61
C GLY C 145 18.55 9.55 -40.51
N PHE C 146 18.09 10.78 -40.28
CA PHE C 146 16.68 11.04 -39.97
C PHE C 146 16.13 12.24 -40.74
N SER C 147 14.85 12.15 -41.09
CA SER C 147 14.15 13.10 -41.95
C SER C 147 13.03 13.77 -41.15
N ASN C 148 12.28 14.65 -41.80
CA ASN C 148 11.10 15.30 -41.19
C ASN C 148 9.88 14.35 -41.04
N HIS C 149 9.88 13.23 -41.74
CA HIS C 149 8.74 12.30 -41.70
C HIS C 149 8.50 11.83 -40.26
N PRO C 150 7.24 11.88 -39.77
CA PRO C 150 6.97 11.54 -38.36
C PRO C 150 7.47 10.16 -37.94
N GLY C 151 7.27 9.16 -38.80
CA GLY C 151 7.85 7.82 -38.63
C GLY C 151 9.33 7.81 -38.25
N ASP C 152 10.12 8.66 -38.91
CA ASP C 152 11.53 8.86 -38.56
C ASP C 152 11.70 9.53 -37.18
N ALA C 153 10.87 10.54 -36.90
CA ALA C 153 10.87 11.24 -35.59
C ALA C 153 10.63 10.29 -34.42
N VAL C 154 9.77 9.31 -34.61
CA VAL C 154 9.54 8.27 -33.60
C VAL C 154 10.73 7.33 -33.52
N ALA C 155 11.24 6.92 -34.68
CA ALA C 155 12.42 6.04 -34.77
C ALA C 155 13.63 6.69 -34.11
N TYR C 156 13.75 8.01 -34.26
CA TYR C 156 14.85 8.75 -33.69
C TYR C 156 14.85 8.71 -32.17
N GLN C 157 13.71 9.03 -31.58
CA GLN C 157 13.57 9.01 -30.11
C GLN C 157 13.97 7.66 -29.55
N ALA C 158 13.43 6.59 -30.13
CA ALA C 158 13.84 5.23 -29.78
C ALA C 158 15.36 5.02 -29.87
N TRP C 159 15.97 5.55 -30.94
CA TRP C 159 17.44 5.52 -31.10
C TRP C 159 18.11 6.26 -29.95
N LYS C 160 17.74 7.53 -29.78
CA LYS C 160 18.22 8.38 -28.69
C LYS C 160 18.25 7.61 -27.37
N LEU C 161 17.09 7.08 -26.99
CA LEU C 161 16.92 6.37 -25.73
C LEU C 161 17.67 5.04 -25.66
N ALA C 162 17.71 4.30 -26.77
CA ALA C 162 18.33 2.97 -26.78
C ALA C 162 19.85 2.99 -26.76
N ARG C 163 20.45 4.10 -27.18
CA ARG C 163 21.91 4.32 -27.14
C ARG C 163 22.52 4.25 -25.75
N GLN C 164 21.76 4.68 -24.73
CA GLN C 164 22.26 4.76 -23.35
C GLN C 164 22.38 3.41 -22.65
N TYR C 165 21.67 2.39 -23.14
CA TYR C 165 21.74 1.05 -22.57
C TYR C 165 22.93 0.32 -23.16
N SER C 166 23.72 -0.34 -22.31
CA SER C 166 24.93 -1.06 -22.75
C SER C 166 24.76 -2.57 -22.89
N ASP C 167 23.52 -3.06 -22.72
CA ASP C 167 23.22 -4.48 -22.83
C ASP C 167 22.13 -4.70 -23.88
N LEU C 168 22.39 -5.65 -24.79
CA LEU C 168 21.54 -5.93 -25.95
C LEU C 168 20.08 -6.32 -25.62
N GLN C 169 19.87 -7.02 -24.50
CA GLN C 169 18.52 -7.47 -24.12
C GLN C 169 17.61 -6.33 -23.65
N GLU C 170 18.18 -5.37 -22.92
CA GLU C 170 17.48 -4.15 -22.46
C GLU C 170 17.30 -3.09 -23.55
N ARG C 171 17.79 -3.39 -24.76
CA ARG C 171 17.68 -2.52 -25.92
C ARG C 171 16.59 -3.00 -26.91
N SER C 172 15.85 -4.04 -26.53
CA SER C 172 15.06 -4.81 -27.50
C SER C 172 13.69 -4.19 -27.76
N ARG C 173 12.98 -3.81 -26.69
CA ARG C 173 11.75 -3.03 -26.79
C ARG C 173 11.93 -1.88 -27.80
N LEU C 174 13.03 -1.14 -27.64
CA LEU C 174 13.28 0.10 -28.39
C LEU C 174 13.75 -0.10 -29.82
N ILE C 175 14.55 -1.14 -30.08
CA ILE C 175 14.94 -1.48 -31.46
C ILE C 175 13.68 -1.84 -32.25
N ALA C 176 12.93 -2.81 -31.71
CA ALA C 176 11.66 -3.26 -32.27
C ALA C 176 10.73 -2.09 -32.64
N ARG C 177 10.68 -1.08 -31.78
CA ARG C 177 9.94 0.15 -32.05
C ARG C 177 10.53 0.89 -33.26
N GLY C 178 11.83 1.13 -33.20
CA GLY C 178 12.55 1.80 -34.29
C GLY C 178 12.33 1.18 -35.66
N LEU C 179 12.32 -0.16 -35.72
CA LEU C 179 12.09 -0.89 -36.96
C LEU C 179 10.64 -0.83 -37.43
N ARG C 180 9.71 -0.95 -36.47
CA ARG C 180 8.27 -0.82 -36.72
C ARG C 180 7.81 0.59 -37.16
N PHE C 181 8.63 1.62 -36.91
CA PHE C 181 8.28 3.02 -37.22
C PHE C 181 9.10 3.75 -38.29
N ALA C 182 10.34 3.32 -38.56
CA ALA C 182 11.28 4.08 -39.43
C ALA C 182 10.81 4.16 -40.89
N HIS C 183 10.79 5.37 -41.43
CA HIS C 183 10.35 5.63 -42.80
C HIS C 183 11.51 5.54 -43.80
N SER C 184 12.54 6.34 -43.54
CA SER C 184 13.71 6.44 -44.40
C SER C 184 14.66 5.27 -44.17
N GLU C 185 15.44 4.94 -45.20
CA GLU C 185 16.42 3.87 -45.13
C GLU C 185 17.64 4.26 -44.29
N THR C 186 17.97 5.53 -44.40
CA THR C 186 18.99 6.18 -43.58
C THR C 186 18.77 5.84 -42.09
N ALA C 187 17.50 5.89 -41.68
CA ALA C 187 17.06 5.63 -40.31
C ALA C 187 17.02 4.17 -39.94
N ARG C 188 16.37 3.35 -40.77
CA ARG C 188 16.26 1.89 -40.54
C ARG C 188 17.62 1.24 -40.27
N LYS C 189 18.67 1.72 -40.95
CA LYS C 189 20.05 1.27 -40.73
C LYS C 189 20.53 1.64 -39.33
N GLN C 190 20.45 2.93 -38.99
CA GLN C 190 20.78 3.46 -37.66
C GLN C 190 20.23 2.59 -36.53
N ILE C 191 18.96 2.23 -36.66
CA ILE C 191 18.29 1.31 -35.74
C ILE C 191 18.95 -0.07 -35.81
N GLU C 192 19.06 -0.60 -37.04
CA GLU C 192 19.70 -1.91 -37.28
C GLU C 192 21.10 -2.05 -36.67
N GLN C 193 21.91 -0.99 -36.78
CA GLN C 193 23.28 -0.99 -36.20
C GLN C 193 23.31 -1.35 -34.72
N LEU C 194 22.27 -0.95 -34.00
CA LEU C 194 22.13 -1.25 -32.57
C LEU C 194 22.07 -2.75 -32.23
N LEU C 195 21.77 -3.59 -33.22
CA LEU C 195 21.74 -5.06 -33.04
C LEU C 195 23.10 -5.71 -32.77
N VAL C 196 24.18 -5.13 -33.27
CA VAL C 196 25.53 -5.67 -33.00
C VAL C 196 25.89 -5.48 -31.52
N ASP C 197 26.80 -6.31 -31.02
CA ASP C 197 27.30 -6.19 -29.64
C ASP C 197 28.77 -6.58 -29.53
N ALA C 206 35.38 0.56 -31.20
CA ALA C 206 34.98 1.95 -31.59
C ALA C 206 34.90 2.88 -30.36
N PRO C 207 36.06 3.14 -29.69
CA PRO C 207 36.10 3.79 -28.36
C PRO C 207 35.64 5.25 -28.31
N ILE C 208 35.56 5.77 -27.08
CA ILE C 208 35.19 7.16 -26.80
C ILE C 208 36.47 7.97 -26.63
N PRO C 209 36.52 9.20 -27.19
CA PRO C 209 37.65 10.04 -26.86
C PRO C 209 37.42 10.74 -25.51
N PRO C 210 38.46 10.83 -24.66
CA PRO C 210 38.33 11.46 -23.34
C PRO C 210 38.15 12.98 -23.39
N PHE C 211 36.99 13.43 -23.88
CA PHE C 211 36.63 14.86 -23.87
C PHE C 211 36.32 15.34 -22.45
N PHE C 212 37.00 16.40 -22.01
CA PHE C 212 36.71 17.09 -20.75
C PHE C 212 35.98 18.38 -21.13
N ARG C 213 35.64 19.22 -20.16
CA ARG C 213 34.88 20.44 -20.42
C ARG C 213 35.45 21.65 -19.69
N PHE C 214 35.49 22.79 -20.37
CA PHE C 214 35.77 24.09 -19.74
C PHE C 214 34.45 24.78 -19.42
N ASP C 215 33.95 24.53 -18.22
CA ASP C 215 32.68 25.10 -17.76
C ASP C 215 32.86 26.54 -17.36
N THR C 216 31.87 27.36 -17.69
CA THR C 216 31.85 28.77 -17.29
C THR C 216 31.67 28.95 -15.77
N GLU C 217 31.04 27.96 -15.11
CA GLU C 217 30.78 28.01 -13.66
C GLU C 217 32.06 28.09 -12.83
N ASP C 218 33.03 27.22 -13.08
CA ASP C 218 34.34 27.30 -12.40
C ASP C 218 35.32 28.20 -13.19
N GLU C 219 36.53 28.40 -12.65
CA GLU C 219 37.48 29.40 -13.17
C GLU C 219 38.60 28.88 -14.08
N LEU C 220 39.13 29.80 -14.86
CA LEU C 220 40.29 29.59 -15.73
C LEU C 220 41.58 29.73 -14.94
N PRO C 221 42.45 28.68 -14.95
CA PRO C 221 43.76 28.90 -14.34
C PRO C 221 44.62 29.81 -15.22
N ARG C 222 45.58 30.52 -14.61
CA ARG C 222 46.41 31.49 -15.33
C ARG C 222 47.91 31.25 -15.16
N ILE C 223 48.60 31.30 -16.30
CA ILE C 223 50.05 31.27 -16.35
C ILE C 223 50.61 32.69 -16.11
N VAL C 224 51.56 32.81 -15.20
CA VAL C 224 52.12 34.12 -14.79
C VAL C 224 53.65 34.06 -14.86
N PRO C 225 54.31 35.10 -15.43
CA PRO C 225 55.78 35.12 -15.47
C PRO C 225 56.43 35.30 -14.10
N VAL C 226 57.56 34.62 -13.91
CA VAL C 226 58.35 34.71 -12.68
C VAL C 226 59.69 35.38 -12.98
N VAL C 227 59.81 36.64 -12.57
CA VAL C 227 61.13 37.23 -12.29
C VAL C 227 61.63 36.53 -11.01
N GLY C 228 62.95 36.33 -10.91
CA GLY C 228 63.56 35.38 -9.93
C GLY C 228 63.33 35.56 -8.43
N GLN C 229 64.18 34.92 -7.62
CA GLN C 229 64.12 35.04 -6.16
C GLN C 229 64.71 36.38 -5.71
N LEU C 230 63.92 37.14 -4.94
CA LEU C 230 64.42 38.33 -4.21
C LEU C 230 65.58 37.87 -3.30
N PRO C 231 66.73 38.55 -3.28
CA PRO C 231 66.96 39.90 -3.84
C PRO C 231 67.08 40.00 -5.37
N LEU C 232 66.59 41.11 -5.91
CA LEU C 232 66.48 41.32 -7.36
C LEU C 232 66.65 42.79 -7.68
N LYS C 233 66.91 43.06 -8.95
CA LYS C 233 67.22 44.41 -9.46
C LYS C 233 66.04 44.99 -10.25
N ALA C 234 65.97 46.31 -10.33
CA ALA C 234 64.81 47.03 -10.87
C ALA C 234 64.58 46.75 -12.35
N GLU C 235 65.67 46.69 -13.10
CA GLU C 235 65.63 46.32 -14.52
C GLU C 235 65.15 44.88 -14.77
N GLU C 236 65.59 43.92 -13.94
CA GLU C 236 65.20 42.50 -14.08
C GLU C 236 63.70 42.37 -14.27
N LEU C 237 62.94 43.07 -13.42
CA LEU C 237 61.48 43.11 -13.50
C LEU C 237 61.00 43.82 -14.76
N LYS C 238 61.59 44.98 -15.07
CA LYS C 238 61.24 45.75 -16.27
C LYS C 238 61.66 45.09 -17.60
N ALA C 239 62.59 44.13 -17.53
CA ALA C 239 62.98 43.31 -18.69
C ALA C 239 61.99 42.20 -19.06
N VAL C 240 61.06 41.88 -18.15
CA VAL C 240 60.04 40.85 -18.37
C VAL C 240 58.94 41.44 -19.26
N PRO C 241 58.69 40.84 -20.45
CA PRO C 241 57.62 41.40 -21.31
C PRO C 241 56.20 41.13 -20.81
N LEU C 242 55.26 41.93 -21.28
CA LEU C 242 53.83 41.67 -21.10
C LEU C 242 53.47 40.37 -21.84
N VAL C 243 52.70 39.50 -21.18
CA VAL C 243 52.25 38.25 -21.80
C VAL C 243 50.96 38.43 -22.63
N GLU C 244 51.03 37.95 -23.87
CA GLU C 244 49.88 37.89 -24.78
C GLU C 244 49.36 36.46 -24.74
N GLU C 245 48.16 36.27 -24.20
CA GLU C 245 47.52 34.96 -24.19
C GLU C 245 46.86 34.72 -25.56
N ILE C 246 47.28 33.66 -26.24
CA ILE C 246 46.78 33.35 -27.60
C ILE C 246 45.49 32.53 -27.51
N GLU C 247 44.38 33.13 -27.91
CA GLU C 247 43.09 32.44 -28.04
C GLU C 247 43.15 31.33 -29.10
N PRO C 248 42.32 30.29 -29.02
CA PRO C 248 41.24 30.13 -28.04
C PRO C 248 41.62 29.48 -26.70
N PHE C 249 42.80 28.86 -26.62
CA PHE C 249 43.20 28.07 -25.44
C PHE C 249 44.14 28.76 -24.45
N ARG C 250 44.30 30.09 -24.60
CA ARG C 250 45.14 30.91 -23.71
C ARG C 250 46.58 30.40 -23.60
N LEU C 251 47.19 30.15 -24.76
CA LEU C 251 48.60 29.75 -24.84
C LEU C 251 49.49 30.95 -24.57
N VAL C 252 50.74 30.67 -24.22
CA VAL C 252 51.77 31.70 -24.06
C VAL C 252 53.09 31.21 -24.66
N LYS C 253 53.43 31.77 -25.83
CA LYS C 253 54.68 31.48 -26.53
C LYS C 253 55.74 32.51 -26.13
N PHE C 254 56.97 32.05 -25.92
CA PHE C 254 58.07 32.93 -25.52
C PHE C 254 59.44 32.38 -25.93
N SER C 255 60.34 33.30 -26.28
CA SER C 255 61.62 32.98 -26.94
C SER C 255 62.86 32.95 -26.04
N GLY C 256 63.01 33.96 -25.16
CA GLY C 256 64.18 34.05 -24.28
C GLY C 256 64.19 33.02 -23.16
N GLU C 257 65.00 33.28 -22.13
CA GLU C 257 64.95 32.50 -20.90
C GLU C 257 63.88 33.11 -20.00
N GLN C 258 63.08 32.24 -19.38
CA GLN C 258 62.01 32.67 -18.49
C GLN C 258 61.70 31.57 -17.47
N ALA C 259 61.09 31.97 -16.36
CA ALA C 259 60.40 31.05 -15.44
C ALA C 259 58.91 31.35 -15.37
N TRP C 260 58.12 30.31 -15.18
CA TRP C 260 56.66 30.40 -15.21
C TRP C 260 56.07 29.72 -13.97
N VAL C 261 54.84 30.11 -13.64
CA VAL C 261 53.97 29.35 -12.73
C VAL C 261 52.53 29.44 -13.22
N ALA C 262 51.80 28.32 -13.07
CA ALA C 262 50.36 28.29 -13.24
C ALA C 262 49.71 28.46 -11.87
N LEU C 263 48.96 29.55 -11.69
CA LEU C 263 48.17 29.78 -10.47
C LEU C 263 46.69 29.45 -10.76
N PRO C 264 45.84 29.46 -9.69
CA PRO C 264 44.40 29.46 -9.94
C PRO C 264 43.98 30.78 -10.58
N GLY C 265 42.72 30.82 -11.02
CA GLY C 265 42.18 31.99 -11.69
C GLY C 265 41.51 32.99 -10.76
N TRP C 266 42.14 33.23 -9.60
CA TRP C 266 41.53 34.10 -8.59
C TRP C 266 41.14 35.40 -9.24
N GLN C 267 39.89 35.82 -9.03
CA GLN C 267 39.31 36.92 -9.80
C GLN C 267 40.17 38.18 -9.89
N VAL C 268 40.86 38.52 -8.79
CA VAL C 268 41.82 39.64 -8.79
C VAL C 268 42.97 39.45 -9.81
N LEU C 269 43.47 38.22 -9.92
CA LEU C 269 44.52 37.88 -10.87
C LEU C 269 43.98 38.03 -12.28
N LEU C 270 42.89 37.34 -12.60
CA LEU C 270 42.21 37.48 -13.92
C LEU C 270 42.01 38.95 -14.31
N ALA C 271 41.61 39.76 -13.33
CA ALA C 271 41.48 41.21 -13.49
C ALA C 271 42.77 41.92 -13.87
N ALA C 272 43.90 41.46 -13.32
CA ALA C 272 45.21 42.07 -13.55
C ALA C 272 45.61 42.11 -15.02
N GLU C 273 45.83 43.33 -15.53
CA GLU C 273 46.17 43.53 -16.94
C GLU C 273 47.59 43.05 -17.26
N ASP C 274 48.53 43.33 -16.35
CA ASP C 274 49.89 42.84 -16.46
C ASP C 274 50.26 42.38 -15.04
N PRO C 275 50.29 41.03 -14.82
CA PRO C 275 50.83 40.47 -13.58
C PRO C 275 52.22 39.85 -13.72
N VAL C 276 52.99 39.89 -12.62
CA VAL C 276 54.34 39.32 -12.55
C VAL C 276 54.57 38.74 -11.14
N THR C 277 55.28 37.62 -11.10
CA THR C 277 55.54 36.88 -9.85
C THR C 277 56.96 37.10 -9.33
N ILE C 278 57.10 37.16 -8.00
CA ILE C 278 58.40 37.33 -7.30
C ILE C 278 58.45 36.38 -6.08
N LEU C 279 59.51 35.57 -5.98
CA LEU C 279 59.67 34.60 -4.87
C LEU C 279 60.47 35.17 -3.69
N ALA C 280 59.79 35.45 -2.59
CA ALA C 280 60.40 36.03 -1.38
C ALA C 280 59.95 35.31 -0.10
N THR C 281 60.44 35.77 1.06
CA THR C 281 60.02 35.23 2.37
C THR C 281 58.96 36.12 3.05
N SER C 282 58.16 35.51 3.93
CA SER C 282 57.02 36.18 4.59
C SER C 282 57.41 37.37 5.48
N ASP C 283 58.63 37.35 5.99
CA ASP C 283 59.16 38.45 6.82
C ASP C 283 59.52 39.75 6.06
N ARG C 284 59.39 39.74 4.73
CA ARG C 284 59.45 40.99 3.93
C ARG C 284 58.23 41.90 4.15
N PHE C 285 57.15 41.32 4.65
CA PHE C 285 55.94 42.05 5.06
C PHE C 285 55.80 41.96 6.57
N PRO C 286 54.90 42.78 7.17
CA PRO C 286 54.63 42.68 8.60
C PRO C 286 54.21 41.28 9.08
N LYS C 287 54.65 40.93 10.28
CA LYS C 287 54.33 39.65 10.90
C LYS C 287 52.86 39.63 11.28
N GLN C 288 52.12 38.66 10.75
CA GLN C 288 50.66 38.65 10.83
C GLN C 288 50.15 37.88 12.03
N ASN C 289 50.57 36.63 12.12
CA ASN C 289 50.30 35.78 13.29
C ASN C 289 51.62 35.17 13.76
N GLN C 290 51.54 34.34 14.80
CA GLN C 290 52.72 33.69 15.42
C GLN C 290 53.68 32.92 14.49
N THR C 291 53.18 32.42 13.35
CA THR C 291 53.94 31.50 12.47
C THR C 291 55.31 32.03 12.03
N GLU C 292 56.25 31.10 11.84
CA GLU C 292 57.64 31.44 11.53
C GLU C 292 57.77 31.92 10.07
N PRO C 293 58.77 32.80 9.78
CA PRO C 293 58.97 33.23 8.40
C PRO C 293 59.22 32.06 7.45
N GLY C 294 58.37 31.92 6.44
CA GLY C 294 58.50 30.89 5.43
C GLY C 294 58.58 31.49 4.03
N PRO C 295 58.68 30.64 3.00
CA PRO C 295 58.62 31.13 1.62
C PRO C 295 57.22 31.69 1.27
N VAL C 296 57.19 32.74 0.45
CA VAL C 296 55.93 33.28 -0.10
C VAL C 296 56.08 33.57 -1.60
N LEU C 297 55.05 33.27 -2.37
CA LEU C 297 54.96 33.66 -3.77
C LEU C 297 54.14 34.95 -3.80
N VAL C 298 54.68 35.98 -4.46
CA VAL C 298 54.08 37.32 -4.46
C VAL C 298 53.76 37.71 -5.90
N VAL C 299 52.50 38.06 -6.16
CA VAL C 299 52.07 38.56 -7.46
C VAL C 299 51.88 40.07 -7.38
N VAL C 300 52.37 40.76 -8.41
CA VAL C 300 52.21 42.22 -8.55
C VAL C 300 51.66 42.57 -9.93
N ASP C 301 50.76 43.54 -9.97
CA ASP C 301 50.24 44.09 -11.21
C ASP C 301 51.05 45.32 -11.55
N ARG C 302 51.80 45.27 -12.64
CA ARG C 302 52.62 46.39 -13.12
C ARG C 302 51.78 47.57 -13.65
N SER C 303 50.55 47.29 -14.11
CA SER C 303 49.61 48.32 -14.57
C SER C 303 48.74 48.95 -13.48
N GLN C 304 49.11 48.75 -12.21
CA GLN C 304 48.50 49.45 -11.07
C GLN C 304 49.59 50.20 -10.31
N ARG C 305 49.79 51.46 -10.69
CA ARG C 305 50.86 52.31 -10.15
C ARG C 305 50.39 53.63 -9.53
N GLU C 306 49.11 53.69 -9.16
CA GLU C 306 48.57 54.83 -8.41
C GLU C 306 48.64 54.51 -6.93
N TRP C 307 49.04 55.50 -6.14
CA TRP C 307 49.19 55.30 -4.70
C TRP C 307 47.86 55.08 -3.94
N ASN C 308 47.90 54.29 -2.85
CA ASN C 308 46.89 54.31 -1.75
C ASN C 308 47.42 53.75 -0.42
N ASP C 309 46.76 54.15 0.69
CA ASP C 309 47.25 53.86 2.07
C ASP C 309 46.90 52.46 2.62
N PHE C 310 46.17 51.66 1.85
CA PHE C 310 45.65 50.35 2.31
C PHE C 310 46.32 49.12 1.67
N SER C 311 47.34 49.33 0.84
CA SER C 311 48.00 48.23 0.12
C SER C 311 49.52 48.40 0.05
N TYR C 312 50.18 47.34 -0.40
CA TYR C 312 51.62 47.30 -0.59
C TYR C 312 51.94 47.46 -2.08
N PHE C 313 53.11 48.02 -2.35
CA PHE C 313 53.57 48.23 -3.70
C PHE C 313 55.00 47.73 -3.83
N VAL C 314 55.46 47.69 -5.08
CA VAL C 314 56.88 47.55 -5.40
C VAL C 314 57.36 48.94 -5.81
N VAL C 315 58.53 49.33 -5.29
CA VAL C 315 59.03 50.70 -5.38
C VAL C 315 60.45 50.73 -5.96
N ASP C 316 61.08 51.92 -6.03
CA ASP C 316 62.47 52.08 -6.57
C ASP C 316 63.59 52.40 -5.54
N HIS C 317 64.21 51.33 -5.05
CA HIS C 317 65.13 51.37 -3.93
C HIS C 317 66.57 51.42 -4.49
N ASP C 318 66.95 52.60 -5.01
CA ASP C 318 68.36 52.93 -5.41
C ASP C 318 69.09 51.80 -6.17
N GLY C 319 68.51 51.39 -7.29
CA GLY C 319 69.07 50.31 -8.14
C GLY C 319 68.34 48.97 -8.05
N GLU C 320 67.38 48.87 -7.14
CA GLU C 320 66.43 47.76 -7.11
C GLU C 320 65.15 48.18 -6.41
N LEU C 321 64.28 47.21 -6.11
CA LEU C 321 63.01 47.45 -5.42
C LEU C 321 62.88 46.67 -4.11
N ASP C 322 61.90 47.07 -3.29
CA ASP C 322 61.45 46.31 -2.10
C ASP C 322 59.96 46.60 -1.82
N PHE C 323 59.37 45.86 -0.89
CA PHE C 323 57.93 45.94 -0.58
C PHE C 323 57.65 46.80 0.66
N GLN C 324 56.88 47.88 0.47
CA GLN C 324 56.71 48.92 1.49
C GLN C 324 55.29 49.55 1.54
N TRP C 325 54.94 50.05 2.73
CA TRP C 325 53.54 50.37 3.15
C TRP C 325 53.21 51.88 3.39
N PHE C 326 54.15 52.73 2.98
CA PHE C 326 53.93 54.19 2.90
C PHE C 326 52.79 54.69 2.02
N GLU C 327 52.13 55.69 2.62
CA GLU C 327 50.90 56.21 2.11
C GLU C 327 51.17 57.42 1.13
N THR C 328 52.17 58.27 1.35
CA THR C 328 52.42 59.34 0.33
C THR C 328 53.82 59.26 -0.30
N LYS C 329 53.96 58.48 -1.38
CA LYS C 329 55.28 58.25 -2.00
C LYS C 329 55.31 58.21 -3.54
N PRO C 330 55.41 59.39 -4.19
CA PRO C 330 55.73 59.46 -5.62
C PRO C 330 57.24 59.42 -5.94
N GLU C 331 58.06 59.98 -5.04
CA GLU C 331 59.54 60.07 -5.17
C GLU C 331 60.16 58.77 -5.61
N PHE C 332 59.84 57.70 -4.87
CA PHE C 332 60.10 56.35 -5.33
C PHE C 332 58.94 56.03 -6.31
N PRO C 333 59.25 55.48 -7.51
CA PRO C 333 58.21 55.06 -8.44
C PRO C 333 57.48 53.82 -7.97
N ILE C 334 56.17 53.82 -8.17
CA ILE C 334 55.39 52.61 -8.03
C ILE C 334 55.60 51.86 -9.34
N LEU C 335 56.41 50.80 -9.30
CA LEU C 335 56.56 49.88 -10.43
C LEU C 335 55.29 49.04 -10.61
N GLY C 336 54.68 48.68 -9.49
CA GLY C 336 53.51 47.81 -9.46
C GLY C 336 52.89 47.75 -8.08
N LYS C 337 51.73 47.08 -8.01
CA LYS C 337 50.98 46.89 -6.76
C LYS C 337 50.88 45.41 -6.39
N VAL C 338 51.15 45.09 -5.13
CA VAL C 338 51.01 43.72 -4.61
C VAL C 338 49.53 43.35 -4.52
N ILE C 339 49.14 42.34 -5.28
CA ILE C 339 47.75 41.84 -5.30
C ILE C 339 47.55 40.50 -4.56
N ILE C 340 48.55 39.62 -4.61
CA ILE C 340 48.48 38.27 -4.02
C ILE C 340 49.76 37.96 -3.24
N LEU C 341 49.58 37.40 -2.04
CA LEU C 341 50.63 36.67 -1.31
C LEU C 341 50.12 35.27 -1.08
N VAL C 342 50.96 34.26 -1.33
CA VAL C 342 50.58 32.85 -1.07
C VAL C 342 51.76 32.00 -0.57
N ARG C 343 51.53 31.30 0.54
CA ARG C 343 52.51 30.36 1.12
C ARG C 343 52.41 29.01 0.40
N PRO C 344 53.41 28.11 0.59
CA PRO C 344 53.38 26.83 -0.14
C PRO C 344 52.28 25.86 0.31
N ARG C 345 51.96 24.91 -0.57
CA ARG C 345 50.85 23.96 -0.36
C ARG C 345 51.04 23.05 0.85
N LYS C 354 43.26 11.29 5.95
CA LYS C 354 43.60 10.12 5.06
C LYS C 354 43.26 8.70 5.57
N ASP C 355 42.62 8.59 6.75
CA ASP C 355 42.39 7.31 7.44
C ASP C 355 40.96 7.15 8.00
N SER C 356 40.02 7.99 7.54
CA SER C 356 38.70 8.08 8.17
C SER C 356 37.52 8.06 7.19
N TRP C 357 36.74 7.00 7.28
CA TRP C 357 35.40 6.91 6.70
C TRP C 357 34.34 7.15 7.77
N GLN C 358 34.77 7.58 8.97
CA GLN C 358 33.84 7.89 10.05
C GLN C 358 32.98 9.09 9.65
N ILE C 359 31.73 9.08 10.09
CA ILE C 359 30.75 10.07 9.66
C ILE C 359 30.53 11.15 10.71
N ASP C 360 30.22 12.36 10.21
CA ASP C 360 29.76 13.46 11.05
C ASP C 360 28.29 13.17 11.35
N GLU C 361 28.00 12.72 12.57
CA GLU C 361 26.67 12.21 12.92
C GLU C 361 25.83 13.30 13.57
N GLU D 17 30.81 2.91 64.12
CA GLU D 17 31.39 4.20 63.63
C GLU D 17 30.40 5.33 63.91
N LEU D 18 30.74 6.15 64.91
CA LEU D 18 30.20 7.48 64.95
C LEU D 18 30.72 8.04 63.60
N ALA D 19 29.76 8.14 62.68
CA ALA D 19 29.82 9.02 61.51
C ALA D 19 28.54 9.88 61.53
N GLN D 20 27.86 9.84 62.67
CA GLN D 20 26.60 10.52 62.89
C GLN D 20 26.94 11.95 63.30
N GLU D 21 28.14 12.12 63.81
CA GLU D 21 28.72 13.42 64.13
C GLU D 21 28.78 14.30 62.87
N LEU D 22 29.26 13.72 61.77
CA LEU D 22 29.18 14.39 60.46
C LEU D 22 27.74 14.77 60.10
N LEU D 23 26.82 13.82 60.22
CA LEU D 23 25.39 14.06 59.93
C LEU D 23 24.78 15.08 60.89
N ARG D 24 24.97 14.89 62.19
CA ARG D 24 24.50 15.82 63.21
C ARG D 24 25.02 17.25 62.96
N LYS D 25 26.33 17.36 62.71
CA LYS D 25 26.94 18.64 62.36
C LYS D 25 26.40 19.20 61.04
N LEU D 26 26.25 18.33 60.03
CA LEU D 26 25.64 18.72 58.75
C LEU D 26 24.19 19.20 58.91
N ARG D 27 23.39 18.45 59.67
CA ARG D 27 22.01 18.85 59.94
C ARG D 27 21.94 20.20 60.66
N GLN D 28 22.77 20.37 61.69
CA GLN D 28 22.75 21.57 62.54
C GLN D 28 23.52 22.77 61.97
N LYS D 29 24.12 22.61 60.80
CA LYS D 29 24.91 23.66 60.12
C LYS D 29 26.10 24.14 60.95
N GLN D 30 26.76 23.19 61.60
CA GLN D 30 27.99 23.45 62.34
C GLN D 30 29.12 23.62 61.33
N GLY D 31 29.92 24.66 61.52
CA GLY D 31 31.07 24.94 60.68
C GLY D 31 30.73 25.54 59.33
N ASN D 32 31.75 25.61 58.48
CA ASN D 32 31.65 26.24 57.15
C ASN D 32 31.27 25.21 56.08
N TRP D 33 31.13 25.67 54.83
CA TRP D 33 30.74 24.80 53.72
C TRP D 33 31.84 23.84 53.23
N VAL D 34 33.10 24.21 53.37
CA VAL D 34 34.22 23.33 52.99
C VAL D 34 34.24 22.10 53.90
N GLU D 35 34.00 22.33 55.20
CA GLU D 35 33.78 21.24 56.15
C GLU D 35 32.68 20.31 55.66
N TRP D 36 31.55 20.91 55.30
CA TRP D 36 30.39 20.16 54.77
C TRP D 36 30.76 19.32 53.55
N GLY D 37 31.41 19.95 52.58
CA GLY D 37 31.93 19.25 51.39
C GLY D 37 32.78 18.02 51.68
N GLN D 38 33.66 18.16 52.67
CA GLN D 38 34.54 17.08 53.13
C GLN D 38 33.77 16.02 53.90
N ALA D 39 32.93 16.48 54.82
CA ALA D 39 32.01 15.60 55.57
C ALA D 39 31.19 14.72 54.62
N ILE D 40 30.52 15.36 53.66
CA ILE D 40 29.65 14.66 52.72
C ILE D 40 30.45 13.65 51.87
N ALA D 41 31.59 14.07 51.33
CA ALA D 41 32.49 13.16 50.58
C ALA D 41 32.98 11.96 51.40
N SER D 42 33.22 12.18 52.70
CA SER D 42 33.57 11.09 53.63
C SER D 42 32.40 10.13 53.79
N LEU D 43 31.23 10.68 54.05
CA LEU D 43 29.97 9.91 54.09
C LEU D 43 29.71 9.16 52.77
N GLN D 44 29.85 9.86 51.64
CA GLN D 44 29.67 9.26 50.31
C GLN D 44 30.61 8.07 50.09
N LYS D 45 31.90 8.29 50.28
CA LYS D 45 32.90 7.22 50.17
C LYS D 45 32.70 6.10 51.21
N SER D 46 32.04 6.41 52.32
CA SER D 46 31.71 5.43 53.38
C SER D 46 30.34 4.72 53.22
N GLY D 47 29.85 4.55 51.99
CA GLY D 47 28.67 3.71 51.71
C GLY D 47 27.28 4.35 51.84
N TYR D 48 27.23 5.68 51.92
CA TYR D 48 25.97 6.43 51.85
C TYR D 48 25.72 6.87 50.42
N ASN D 49 24.45 6.84 49.99
CA ASN D 49 24.04 7.47 48.73
C ASN D 49 23.52 8.88 49.05
N PRO D 50 23.39 9.75 48.02
CA PRO D 50 22.97 11.13 48.27
C PRO D 50 21.55 11.35 48.82
N GLN D 51 20.61 10.44 48.52
CA GLN D 51 19.26 10.52 49.08
C GLN D 51 19.29 10.29 50.59
N ASP D 52 20.04 9.26 51.02
CA ASP D 52 20.28 8.99 52.45
C ASP D 52 20.78 10.22 53.21
N ILE D 53 21.80 10.86 52.61
CA ILE D 53 22.40 12.09 53.16
C ILE D 53 21.36 13.23 53.25
N PHE D 54 20.49 13.34 52.25
CA PHE D 54 19.42 14.35 52.24
C PHE D 54 18.31 14.11 53.27
N GLU D 55 17.93 12.84 53.46
CA GLU D 55 16.92 12.50 54.48
C GLU D 55 17.41 12.89 55.87
N ALA D 56 18.63 12.47 56.18
CA ALA D 56 19.28 12.77 57.47
C ALA D 56 19.62 14.26 57.67
N THR D 57 20.15 14.90 56.63
CA THR D 57 20.59 16.31 56.69
C THR D 57 19.97 17.10 55.55
N GLY D 58 19.81 18.40 55.72
CA GLY D 58 19.10 19.24 54.72
C GLY D 58 19.70 19.41 53.33
N PHE D 59 20.83 18.77 53.03
CA PHE D 59 21.56 18.96 51.77
C PHE D 59 21.04 18.11 50.61
N GLU D 60 20.59 18.80 49.56
CA GLU D 60 20.11 18.17 48.33
C GLU D 60 21.30 17.53 47.59
N PRO D 61 21.06 16.46 46.80
CA PRO D 61 22.14 15.88 45.98
C PRO D 61 22.85 16.88 45.05
N VAL D 62 22.10 17.84 44.48
CA VAL D 62 22.71 18.93 43.69
C VAL D 62 23.63 19.85 44.54
N GLN D 63 23.22 20.11 45.79
CA GLN D 63 24.04 20.85 46.76
C GLN D 63 25.21 20.03 47.30
N GLN D 64 25.01 18.74 47.49
CA GLN D 64 26.08 17.80 47.83
C GLN D 64 27.20 17.79 46.78
N ASN D 65 26.84 17.76 45.50
CA ASN D 65 27.80 17.85 44.40
C ASN D 65 28.52 19.20 44.38
N GLN D 66 27.80 20.28 44.64
CA GLN D 66 28.38 21.63 44.66
C GLN D 66 29.50 21.78 45.71
N VAL D 67 29.28 21.22 46.89
CA VAL D 67 30.23 21.34 48.03
C VAL D 67 31.35 20.29 48.02
N ILE D 68 31.09 19.09 47.49
CA ILE D 68 32.15 18.07 47.33
C ILE D 68 33.20 18.54 46.32
N VAL D 69 32.75 19.03 45.17
CA VAL D 69 33.64 19.50 44.10
C VAL D 69 34.19 20.87 44.48
N GLY D 70 33.39 21.67 45.17
CA GLY D 70 33.84 22.96 45.70
C GLY D 70 34.99 22.82 46.70
N SER D 71 34.87 21.86 47.62
CA SER D 71 35.91 21.59 48.61
C SER D 71 37.19 21.01 47.96
N GLN D 72 37.01 20.14 46.96
CA GLN D 72 38.12 19.65 46.14
C GLN D 72 38.89 20.79 45.47
N VAL D 73 38.14 21.73 44.90
CA VAL D 73 38.71 22.96 44.35
C VAL D 73 39.43 23.76 45.45
N TYR D 74 38.82 23.84 46.62
CA TYR D 74 39.42 24.55 47.79
C TYR D 74 40.72 23.91 48.27
N ASN D 75 40.79 22.59 48.20
CA ASN D 75 42.03 21.87 48.48
C ASN D 75 43.13 22.31 47.52
N SER D 76 42.80 22.42 46.23
CA SER D 76 43.75 22.93 45.21
C SER D 76 44.17 24.38 45.42
N LEU D 77 43.27 25.21 45.98
CA LEU D 77 43.61 26.60 46.31
C LEU D 77 44.73 26.68 47.36
N GLU D 78 44.57 25.94 48.46
CA GLU D 78 45.57 25.96 49.55
C GLU D 78 46.85 25.15 49.26
N LYS D 79 46.74 24.08 48.46
CA LYS D 79 47.92 23.26 48.09
C LYS D 79 48.75 23.85 46.93
N SER D 80 48.24 24.89 46.25
CA SER D 80 48.96 25.55 45.13
C SER D 80 49.16 27.08 45.29
N GLY D 81 49.01 27.58 46.51
CA GLY D 81 49.46 28.93 46.85
C GLY D 81 48.51 30.05 46.55
N ALA D 82 47.28 29.93 47.01
CA ALA D 82 46.35 31.05 47.02
C ALA D 82 46.74 31.98 48.18
N SER D 83 46.41 33.26 48.04
CA SER D 83 46.62 34.22 49.14
C SER D 83 45.70 33.89 50.31
N ALA D 84 46.11 34.29 51.50
CA ALA D 84 45.33 34.03 52.72
C ALA D 84 44.01 34.82 52.80
N ALA D 85 43.90 35.90 52.03
CA ALA D 85 42.63 36.63 51.88
C ALA D 85 41.62 35.82 51.09
N THR D 86 42.09 35.17 50.02
CA THR D 86 41.27 34.30 49.17
C THR D 86 40.75 33.07 49.93
N LEU D 87 41.65 32.34 50.59
CA LEU D 87 41.28 31.14 51.36
C LEU D 87 40.35 31.45 52.54
N ALA D 88 40.52 32.64 53.13
CA ALA D 88 39.67 33.13 54.22
C ALA D 88 38.25 33.42 53.74
N HIS D 89 38.14 34.07 52.58
CA HIS D 89 36.83 34.42 52.00
C HIS D 89 36.08 33.18 51.52
N TYR D 90 36.74 32.38 50.69
CA TYR D 90 36.15 31.13 50.17
C TYR D 90 36.00 30.00 51.21
N ALA D 91 36.49 30.20 52.42
CA ALA D 91 36.16 29.33 53.55
C ALA D 91 34.65 29.25 53.80
N THR D 92 33.96 30.39 53.75
CA THR D 92 32.54 30.50 54.16
C THR D 92 31.51 31.02 53.12
N ARG D 93 31.97 31.33 51.91
CA ARG D 93 31.09 31.66 50.77
C ARG D 93 31.73 31.19 49.46
N GLY D 94 30.99 31.36 48.36
CA GLY D 94 31.54 31.19 47.01
C GLY D 94 31.82 29.77 46.53
N SER D 95 31.16 28.77 47.12
CA SER D 95 31.22 27.39 46.63
C SER D 95 30.78 27.29 45.16
N ASP D 96 29.74 28.07 44.83
CA ASP D 96 29.25 28.22 43.45
C ASP D 96 30.31 28.73 42.47
N VAL D 97 31.08 29.71 42.93
CA VAL D 97 32.17 30.32 42.17
C VAL D 97 33.30 29.30 41.99
N LEU D 98 33.67 28.61 43.06
CA LEU D 98 34.69 27.58 43.01
C LEU D 98 34.29 26.36 42.19
N TYR D 99 33.01 26.04 42.17
CA TYR D 99 32.51 24.97 41.30
C TYR D 99 32.80 25.27 39.82
N GLU D 100 32.70 26.53 39.41
CA GLU D 100 33.01 26.93 38.00
C GLU D 100 34.49 26.77 37.62
N LEU D 101 35.36 26.79 38.62
CA LEU D 101 36.80 26.57 38.45
C LEU D 101 37.24 25.09 38.48
N ARG D 102 36.29 24.18 38.71
CA ARG D 102 36.56 22.73 38.71
C ARG D 102 37.22 22.24 37.41
N LEU D 103 36.88 22.90 36.30
CA LEU D 103 37.44 22.61 34.97
C LEU D 103 38.97 22.79 34.92
N LEU D 104 39.49 23.74 35.69
CA LEU D 104 40.92 24.08 35.73
C LEU D 104 41.73 23.11 36.59
N THR D 105 43.02 22.99 36.27
CA THR D 105 43.91 22.05 36.94
C THR D 105 44.24 22.46 38.37
N HIS D 106 44.77 21.50 39.11
CA HIS D 106 45.22 21.66 40.51
C HIS D 106 46.09 22.91 40.68
N GLU D 107 46.95 23.14 39.69
CA GLU D 107 47.89 24.25 39.67
C GLU D 107 47.18 25.56 39.27
N GLU D 108 46.45 25.51 38.15
CA GLU D 108 45.70 26.66 37.61
C GLU D 108 44.71 27.30 38.61
N ARG D 109 44.11 26.47 39.45
CA ARG D 109 43.04 26.90 40.37
C ARG D 109 43.43 28.01 41.36
N ALA D 110 44.67 28.00 41.82
CA ALA D 110 45.09 28.90 42.91
C ALA D 110 45.15 30.36 42.48
N ALA D 111 45.70 30.59 41.29
CA ALA D 111 45.75 31.93 40.68
C ALA D 111 44.34 32.41 40.29
N ALA D 112 43.60 31.52 39.62
CA ALA D 112 42.20 31.77 39.23
C ALA D 112 41.33 32.17 40.43
N GLY D 113 41.46 31.40 41.51
CA GLY D 113 40.83 31.71 42.78
C GLY D 113 41.15 33.11 43.29
N ASP D 114 42.44 33.47 43.25
CA ASP D 114 42.88 34.83 43.62
C ASP D 114 42.17 35.87 42.76
N LEU D 115 42.21 35.66 41.45
CA LEU D 115 41.60 36.58 40.48
C LEU D 115 40.08 36.75 40.70
N THR D 116 39.36 35.64 40.84
CA THR D 116 37.91 35.66 41.10
C THR D 116 37.58 36.39 42.40
N PHE D 117 38.37 36.12 43.44
CA PHE D 117 38.21 36.79 44.75
C PHE D 117 38.50 38.28 44.69
N THR D 118 39.54 38.66 43.96
CA THR D 118 39.92 40.08 43.79
C THR D 118 38.84 40.88 43.10
N HIS D 119 38.32 40.33 42.00
CA HIS D 119 37.32 41.02 41.17
C HIS D 119 35.85 40.90 41.64
N LYS D 120 35.60 40.27 42.79
CA LYS D 120 34.25 40.09 43.35
C LYS D 120 33.31 39.44 42.34
N VAL D 121 33.80 38.34 41.79
CA VAL D 121 33.19 37.66 40.66
C VAL D 121 32.06 36.75 41.13
N ASP D 122 30.87 36.91 40.55
CA ASP D 122 29.76 35.96 40.77
C ASP D 122 29.96 34.71 39.90
N ALA D 123 29.22 33.65 40.21
CA ALA D 123 29.41 32.34 39.53
C ALA D 123 29.35 32.43 38.00
N ASP D 124 28.45 33.27 37.49
CA ASP D 124 28.35 33.49 36.04
C ASP D 124 29.65 34.07 35.44
N GLU D 125 30.20 35.10 36.09
CA GLU D 125 31.46 35.71 35.66
C GLU D 125 32.67 34.78 35.83
N ALA D 126 32.61 33.90 36.84
CA ALA D 126 33.66 32.92 37.11
C ALA D 126 33.79 31.89 36.00
N ARG D 127 32.64 31.41 35.53
CA ARG D 127 32.55 30.51 34.37
C ARG D 127 33.24 31.09 33.14
N GLU D 128 32.99 32.38 32.88
CA GLU D 128 33.64 33.14 31.79
C GLU D 128 35.17 33.22 31.90
N ILE D 129 35.66 33.47 33.12
CA ILE D 129 37.09 33.51 33.43
C ILE D 129 37.73 32.13 33.27
N ALA D 130 37.09 31.11 33.85
CA ALA D 130 37.56 29.73 33.72
C ALA D 130 37.70 29.29 32.25
N LYS D 131 36.77 29.73 31.39
CA LYS D 131 36.82 29.47 29.95
C LYS D 131 38.05 30.13 29.31
N ALA D 132 38.23 31.43 29.59
CA ALA D 132 39.38 32.20 29.12
C ALA D 132 40.74 31.61 29.54
N ILE D 133 40.82 31.13 30.78
CA ILE D 133 42.03 30.45 31.30
C ILE D 133 42.23 29.10 30.63
N LYS D 134 41.16 28.32 30.50
CA LYS D 134 41.21 27.01 29.84
C LYS D 134 41.54 27.15 28.35
N ASP D 135 40.95 28.17 27.70
CA ASP D 135 41.28 28.53 26.31
C ASP D 135 42.78 28.78 26.15
N PHE D 136 43.32 29.60 27.04
CA PHE D 136 44.71 30.03 27.01
C PHE D 136 45.70 28.87 27.22
N SER D 137 45.37 27.97 28.14
CA SER D 137 46.26 26.87 28.52
C SER D 137 46.53 25.86 27.40
N ARG D 138 45.68 25.82 26.37
CA ARG D 138 45.91 24.98 25.19
C ARG D 138 46.99 25.52 24.22
N PHE D 139 47.36 26.79 24.36
CA PHE D 139 48.47 27.38 23.57
C PHE D 139 49.81 26.82 24.05
N ARG D 140 50.56 26.24 23.11
CA ARG D 140 51.88 25.70 23.40
C ARG D 140 52.90 26.84 23.46
N ILE D 141 52.93 27.64 22.41
CA ILE D 141 53.75 28.86 22.33
C ILE D 141 52.84 30.06 22.57
N LEU D 142 53.05 30.74 23.69
CA LEU D 142 52.10 31.73 24.20
C LEU D 142 51.97 32.95 23.28
N PRO D 143 50.76 33.56 23.21
CA PRO D 143 50.62 34.79 22.43
C PRO D 143 51.54 35.91 22.93
N GLU D 144 52.06 36.69 22.00
CA GLU D 144 53.16 37.61 22.26
C GLU D 144 52.72 38.82 23.10
N GLY D 145 53.42 39.05 24.22
CA GLY D 145 53.06 40.07 25.18
C GLY D 145 51.99 39.68 26.19
N PHE D 146 51.78 38.37 26.35
CA PHE D 146 50.81 37.82 27.32
C PHE D 146 51.44 36.64 28.05
N SER D 147 51.51 36.73 29.38
CA SER D 147 51.96 35.62 30.22
C SER D 147 50.84 34.62 30.46
N ASN D 148 51.18 33.51 31.10
CA ASN D 148 50.19 32.51 31.55
C ASN D 148 49.59 32.80 32.95
N HIS D 149 49.60 34.07 33.35
CA HIS D 149 48.83 34.54 34.52
C HIS D 149 47.36 34.60 34.08
N PRO D 150 46.41 34.18 34.96
CA PRO D 150 45.01 34.18 34.55
C PRO D 150 44.49 35.54 34.06
N GLY D 151 44.82 36.61 34.77
CA GLY D 151 44.58 38.00 34.33
C GLY D 151 45.01 38.32 32.90
N ASP D 152 46.17 37.81 32.49
CA ASP D 152 46.66 37.95 31.12
C ASP D 152 45.76 37.17 30.14
N ALA D 153 45.46 35.92 30.50
CA ALA D 153 44.57 35.06 29.70
C ALA D 153 43.20 35.70 29.41
N VAL D 154 42.66 36.40 30.41
CA VAL D 154 41.38 37.09 30.27
C VAL D 154 41.54 38.34 29.39
N ALA D 155 42.62 39.09 29.62
CA ALA D 155 42.97 40.23 28.78
C ALA D 155 43.24 39.82 27.33
N TYR D 156 43.80 38.62 27.13
CA TYR D 156 44.04 38.10 25.78
C TYR D 156 42.73 37.80 25.03
N GLN D 157 41.80 37.14 25.73
CA GLN D 157 40.45 36.92 25.19
C GLN D 157 39.87 38.24 24.73
N ALA D 158 39.81 39.22 25.65
CA ALA D 158 39.24 40.54 25.38
C ALA D 158 39.95 41.25 24.22
N TRP D 159 41.27 41.11 24.17
CA TRP D 159 42.08 41.59 23.06
C TRP D 159 41.59 40.98 21.74
N LYS D 160 41.67 39.64 21.64
CA LYS D 160 41.32 38.89 20.43
C LYS D 160 39.93 39.25 19.91
N LEU D 161 38.97 39.34 20.84
CA LEU D 161 37.59 39.68 20.50
C LEU D 161 37.40 41.15 20.11
N ALA D 162 38.19 42.05 20.67
CA ALA D 162 38.11 43.48 20.32
C ALA D 162 38.62 43.82 18.91
N ARG D 163 39.52 42.98 18.39
CA ARG D 163 40.13 43.22 17.06
C ARG D 163 39.19 43.04 15.87
N GLN D 164 38.16 42.21 16.02
CA GLN D 164 37.17 42.01 14.95
C GLN D 164 36.24 43.22 14.78
N TYR D 165 36.00 43.97 15.85
CA TYR D 165 35.19 45.20 15.78
C TYR D 165 36.05 46.31 15.21
N SER D 166 35.57 46.96 14.15
CA SER D 166 36.31 48.01 13.43
C SER D 166 35.89 49.44 13.79
N ASP D 167 34.94 49.60 14.69
CA ASP D 167 34.50 50.92 15.16
C ASP D 167 34.74 51.01 16.66
N LEU D 168 35.31 52.15 17.08
CA LEU D 168 35.81 52.32 18.44
C LEU D 168 34.75 52.28 19.55
N GLN D 169 33.50 52.65 19.25
CA GLN D 169 32.41 52.60 20.26
C GLN D 169 32.04 51.16 20.62
N GLU D 170 32.01 50.29 19.61
CA GLU D 170 31.77 48.85 19.79
C GLU D 170 32.90 48.11 20.52
N ARG D 171 34.04 48.77 20.66
CA ARG D 171 35.25 48.22 21.27
C ARG D 171 35.43 48.60 22.75
N SER D 172 34.42 49.19 23.36
CA SER D 172 34.57 49.86 24.67
C SER D 172 34.40 48.90 25.84
N ARG D 173 33.35 48.07 25.78
CA ARG D 173 33.14 46.97 26.74
C ARG D 173 34.43 46.14 26.86
N LEU D 174 35.00 45.76 25.73
CA LEU D 174 36.13 44.82 25.68
C LEU D 174 37.47 45.40 26.13
N ILE D 175 37.71 46.67 25.84
CA ILE D 175 38.92 47.37 26.31
C ILE D 175 38.85 47.51 27.83
N ALA D 176 37.76 48.11 28.31
CA ALA D 176 37.49 48.26 29.75
C ALA D 176 37.71 46.97 30.57
N ARG D 177 37.34 45.82 30.00
CA ARG D 177 37.64 44.52 30.57
C ARG D 177 39.14 44.22 30.56
N GLY D 178 39.76 44.34 29.39
CA GLY D 178 41.20 44.10 29.23
C GLY D 178 42.07 44.84 30.24
N LEU D 179 41.70 46.11 30.50
CA LEU D 179 42.37 46.96 31.47
C LEU D 179 42.14 46.50 32.91
N ARG D 180 40.87 46.26 33.26
CA ARG D 180 40.50 45.68 34.55
C ARG D 180 41.27 44.39 34.91
N PHE D 181 41.58 43.58 33.89
CA PHE D 181 42.13 42.22 34.10
C PHE D 181 43.63 42.01 33.81
N ALA D 182 44.25 42.86 32.99
CA ALA D 182 45.66 42.64 32.56
C ALA D 182 46.66 42.75 33.72
N HIS D 183 47.52 41.73 33.85
CA HIS D 183 48.44 41.62 34.99
C HIS D 183 49.86 42.08 34.66
N SER D 184 50.41 41.62 33.53
CA SER D 184 51.70 42.12 33.02
C SER D 184 51.52 43.48 32.31
N GLU D 185 52.62 44.23 32.21
CA GLU D 185 52.62 45.53 31.53
C GLU D 185 52.71 45.35 30.00
N THR D 186 53.29 44.22 29.58
CA THR D 186 53.37 43.83 28.16
C THR D 186 51.96 43.64 27.57
N ALA D 187 51.08 43.02 28.34
CA ALA D 187 49.68 42.82 27.97
C ALA D 187 48.89 44.13 27.94
N ARG D 188 48.99 44.88 29.03
CA ARG D 188 48.27 46.16 29.17
C ARG D 188 48.51 47.15 28.02
N LYS D 189 49.70 47.09 27.42
CA LYS D 189 49.98 47.85 26.19
C LYS D 189 49.14 47.37 25.02
N GLN D 190 49.20 46.06 24.75
CA GLN D 190 48.39 45.42 23.69
C GLN D 190 46.93 45.88 23.75
N ILE D 191 46.38 45.93 24.97
CA ILE D 191 45.03 46.45 25.21
C ILE D 191 44.97 47.93 24.84
N GLU D 192 45.91 48.72 25.37
CA GLU D 192 45.97 50.17 25.13
C GLU D 192 46.08 50.57 23.65
N GLN D 193 46.80 49.78 22.85
CA GLN D 193 46.88 49.97 21.38
C GLN D 193 45.50 50.12 20.73
N LEU D 194 44.57 49.30 21.19
CA LEU D 194 43.21 49.24 20.63
C LEU D 194 42.41 50.57 20.74
N LEU D 195 42.87 51.49 21.58
CA LEU D 195 42.22 52.81 21.75
C LEU D 195 42.33 53.80 20.58
N VAL D 196 43.35 53.65 19.73
CA VAL D 196 43.50 54.52 18.54
C VAL D 196 42.51 54.13 17.43
N ASP D 197 42.21 55.09 16.56
CA ASP D 197 41.30 54.88 15.43
C ASP D 197 41.79 55.66 14.20
N GLN D 203 46.87 58.81 12.07
CA GLN D 203 48.02 57.85 11.98
C GLN D 203 47.57 56.40 11.67
N ARG D 204 47.66 56.01 10.39
CA ARG D 204 47.08 54.73 9.93
C ARG D 204 48.03 53.55 10.13
N PRO D 205 47.45 52.33 10.32
CA PRO D 205 48.22 51.20 10.79
C PRO D 205 48.89 50.47 9.64
N ALA D 206 49.50 49.33 9.93
CA ALA D 206 50.01 48.42 8.91
C ALA D 206 48.83 47.67 8.29
N PRO D 207 48.47 48.01 7.03
CA PRO D 207 47.35 47.29 6.41
C PRO D 207 47.63 45.80 6.30
N ILE D 208 46.65 44.98 6.68
CA ILE D 208 46.78 43.52 6.62
C ILE D 208 47.00 43.15 5.14
N PRO D 209 48.15 42.52 4.81
CA PRO D 209 48.48 42.26 3.40
C PRO D 209 47.56 41.22 2.75
N PRO D 210 47.42 41.27 1.41
CA PRO D 210 46.48 40.39 0.73
C PRO D 210 47.00 38.95 0.64
N PHE D 211 46.84 38.22 1.74
CA PHE D 211 47.18 36.80 1.82
C PHE D 211 46.05 35.97 1.24
N PHE D 212 46.42 35.00 0.40
CA PHE D 212 45.53 33.96 -0.11
C PHE D 212 46.09 32.65 0.40
N ARG D 213 45.23 31.65 0.52
CA ARG D 213 45.67 30.40 1.14
C ARG D 213 46.09 29.33 0.14
N PHE D 214 47.28 28.79 0.41
CA PHE D 214 47.76 27.55 -0.19
C PHE D 214 46.51 26.71 -0.05
N ASP D 215 45.94 26.23 -1.14
CA ASP D 215 44.72 25.43 -0.98
C ASP D 215 45.03 23.96 -1.13
N THR D 216 44.91 23.20 -0.04
CA THR D 216 44.99 21.73 -0.13
C THR D 216 43.60 21.12 -0.36
N GLU D 217 42.57 21.97 -0.35
CA GLU D 217 41.21 21.53 -0.61
C GLU D 217 41.03 21.18 -2.07
N ASP D 218 41.37 22.13 -2.93
CA ASP D 218 41.35 21.90 -4.37
C ASP D 218 42.75 21.56 -4.82
N GLU D 219 42.85 20.93 -5.98
CA GLU D 219 44.14 20.65 -6.60
C GLU D 219 44.66 21.89 -7.31
N LEU D 220 45.97 21.94 -7.50
CA LEU D 220 46.62 23.06 -8.16
C LEU D 220 46.71 22.82 -9.65
N PRO D 221 46.86 23.90 -10.43
CA PRO D 221 47.05 23.72 -11.87
C PRO D 221 48.41 23.11 -12.21
N ARG D 222 48.50 22.57 -13.42
CA ARG D 222 49.76 22.11 -13.97
C ARG D 222 50.02 22.91 -15.24
N ILE D 223 51.26 23.38 -15.36
CA ILE D 223 51.74 24.03 -16.57
C ILE D 223 52.22 22.93 -17.51
N VAL D 224 51.77 22.97 -18.76
CA VAL D 224 52.06 21.91 -19.74
C VAL D 224 52.75 22.55 -20.96
N PRO D 225 53.81 21.89 -21.48
CA PRO D 225 54.42 22.37 -22.72
C PRO D 225 53.56 22.14 -23.95
N VAL D 226 53.63 23.08 -24.88
CA VAL D 226 52.91 23.01 -26.16
C VAL D 226 53.92 22.84 -27.29
N VAL D 227 54.00 21.64 -27.83
CA VAL D 227 54.44 21.46 -29.22
C VAL D 227 53.29 22.03 -30.07
N GLY D 228 53.59 22.62 -31.21
CA GLY D 228 52.64 23.51 -31.93
C GLY D 228 51.32 22.95 -32.47
N GLN D 229 50.77 23.66 -33.46
CA GLN D 229 49.54 23.20 -34.12
C GLN D 229 49.85 22.08 -35.11
N LEU D 230 49.12 20.98 -34.98
CA LEU D 230 49.08 19.93 -36.00
C LEU D 230 48.68 20.61 -37.35
N PRO D 231 49.30 20.27 -38.49
CA PRO D 231 50.24 19.17 -38.68
C PRO D 231 51.61 19.41 -38.06
N LEU D 232 52.25 18.33 -37.64
CA LEU D 232 53.54 18.38 -36.92
C LEU D 232 54.40 17.18 -37.25
N LYS D 233 55.69 17.31 -36.95
CA LYS D 233 56.67 16.25 -37.16
C LYS D 233 56.91 15.52 -35.84
N ALA D 234 57.17 14.22 -35.92
CA ALA D 234 57.60 13.41 -34.77
C ALA D 234 58.73 14.11 -34.02
N GLU D 235 59.64 14.66 -34.79
CA GLU D 235 60.81 15.40 -34.33
C GLU D 235 60.56 16.59 -33.37
N GLU D 236 59.46 17.32 -33.60
CA GLU D 236 59.14 18.51 -32.79
C GLU D 236 58.57 18.13 -31.42
N LEU D 237 57.84 17.03 -31.39
CA LEU D 237 57.33 16.47 -30.12
C LEU D 237 58.44 15.81 -29.31
N LYS D 238 59.36 15.14 -29.99
CA LYS D 238 60.54 14.53 -29.34
C LYS D 238 61.45 15.58 -28.69
N ALA D 239 61.48 16.77 -29.27
CA ALA D 239 62.38 17.84 -28.87
C ALA D 239 62.01 18.55 -27.56
N VAL D 240 60.72 18.69 -27.28
CA VAL D 240 60.29 19.33 -26.03
C VAL D 240 60.74 18.47 -24.83
N PRO D 241 61.59 19.03 -23.93
CA PRO D 241 62.11 18.24 -22.80
C PRO D 241 61.06 17.92 -21.75
N LEU D 242 61.37 16.94 -20.90
CA LEU D 242 60.58 16.66 -19.70
C LEU D 242 60.66 17.85 -18.76
N VAL D 243 59.50 18.30 -18.26
CA VAL D 243 59.43 19.45 -17.34
C VAL D 243 59.66 19.03 -15.89
N GLU D 244 60.53 19.80 -15.22
CA GLU D 244 60.83 19.62 -13.81
C GLU D 244 60.20 20.78 -13.04
N GLU D 245 59.17 20.47 -12.24
CA GLU D 245 58.49 21.48 -11.43
C GLU D 245 59.31 21.75 -10.17
N ILE D 246 59.76 23.00 -10.01
CA ILE D 246 60.63 23.40 -8.89
C ILE D 246 59.81 23.77 -7.65
N GLU D 247 59.88 22.91 -6.64
CA GLU D 247 59.27 23.16 -5.31
C GLU D 247 59.86 24.44 -4.67
N PRO D 248 59.13 25.14 -3.80
CA PRO D 248 57.83 24.73 -3.25
C PRO D 248 56.59 25.22 -4.01
N PHE D 249 56.77 26.05 -5.04
CA PHE D 249 55.64 26.67 -5.77
C PHE D 249 55.37 26.09 -7.15
N ARG D 250 55.97 24.94 -7.45
CA ARG D 250 55.86 24.30 -8.76
C ARG D 250 56.17 25.30 -9.89
N LEU D 251 57.35 25.92 -9.82
CA LEU D 251 57.84 26.76 -10.91
C LEU D 251 58.34 25.91 -12.07
N VAL D 252 58.42 26.51 -13.26
CA VAL D 252 59.02 25.87 -14.42
C VAL D 252 59.90 26.90 -15.10
N LYS D 253 61.19 26.60 -15.17
CA LYS D 253 62.18 27.44 -15.85
C LYS D 253 62.64 26.74 -17.13
N PHE D 254 62.82 27.53 -18.19
CA PHE D 254 63.24 27.00 -19.49
C PHE D 254 63.94 28.09 -20.30
N SER D 255 64.95 27.69 -21.07
CA SER D 255 65.88 28.62 -21.74
C SER D 255 65.61 28.86 -23.22
N GLY D 256 65.28 27.80 -23.97
CA GLY D 256 65.00 27.90 -25.41
C GLY D 256 63.67 28.55 -25.73
N GLU D 257 63.17 28.33 -26.96
CA GLU D 257 61.82 28.78 -27.32
C GLU D 257 60.82 27.68 -27.00
N GLN D 258 59.70 28.09 -26.40
CA GLN D 258 58.64 27.18 -25.98
C GLN D 258 57.31 27.94 -25.88
N ALA D 259 56.22 27.19 -26.05
CA ALA D 259 54.87 27.65 -25.74
C ALA D 259 54.27 26.86 -24.57
N TRP D 260 53.44 27.53 -23.77
CA TRP D 260 52.92 26.98 -22.51
C TRP D 260 51.41 27.18 -22.39
N VAL D 261 50.77 26.32 -21.58
CA VAL D 261 49.39 26.51 -21.14
C VAL D 261 49.24 26.06 -19.69
N ALA D 262 48.43 26.79 -18.95
CA ALA D 262 47.96 26.38 -17.62
C ALA D 262 46.63 25.67 -17.78
N LEU D 263 46.60 24.39 -17.44
CA LEU D 263 45.36 23.60 -17.40
C LEU D 263 44.95 23.36 -15.94
N PRO D 264 43.64 23.08 -15.69
CA PRO D 264 43.24 22.74 -14.33
C PRO D 264 43.92 21.45 -13.83
N GLY D 265 43.86 21.22 -12.53
CA GLY D 265 44.59 20.12 -11.89
C GLY D 265 44.09 18.68 -12.03
N TRP D 266 43.34 18.38 -13.09
CA TRP D 266 42.57 17.12 -13.19
C TRP D 266 43.40 15.90 -12.81
N GLN D 267 42.81 15.01 -12.02
CA GLN D 267 43.52 13.81 -11.48
C GLN D 267 44.33 13.06 -12.53
N VAL D 268 43.78 12.93 -13.73
CA VAL D 268 44.47 12.31 -14.85
C VAL D 268 45.74 13.08 -15.20
N LEU D 269 45.58 14.39 -15.39
CA LEU D 269 46.68 15.28 -15.73
C LEU D 269 47.78 15.29 -14.65
N LEU D 270 47.38 15.30 -13.38
CA LEU D 270 48.35 15.18 -12.28
C LEU D 270 49.04 13.82 -12.30
N ALA D 271 48.26 12.78 -12.60
CA ALA D 271 48.77 11.40 -12.72
C ALA D 271 49.83 11.22 -13.82
N ALA D 272 49.74 12.02 -14.88
CA ALA D 272 50.67 11.94 -16.01
C ALA D 272 52.11 12.23 -15.59
N GLU D 273 53.03 11.29 -15.87
CA GLU D 273 54.46 11.47 -15.58
C GLU D 273 55.13 12.49 -16.51
N ASP D 274 54.77 12.46 -17.80
CA ASP D 274 55.27 13.40 -18.80
C ASP D 274 54.08 13.76 -19.70
N PRO D 275 53.52 14.98 -19.53
CA PRO D 275 52.47 15.49 -20.42
C PRO D 275 52.93 16.56 -21.40
N VAL D 276 52.29 16.59 -22.57
CA VAL D 276 52.58 17.55 -23.64
C VAL D 276 51.28 17.89 -24.37
N THR D 277 51.17 19.14 -24.83
CA THR D 277 49.97 19.64 -25.51
C THR D 277 50.17 19.74 -27.02
N ILE D 278 49.12 19.39 -27.78
CA ILE D 278 49.08 19.49 -29.24
C ILE D 278 47.74 20.15 -29.60
N LEU D 279 47.79 21.19 -30.43
CA LEU D 279 46.59 21.91 -30.86
C LEU D 279 46.09 21.39 -32.21
N ALA D 280 44.94 20.73 -32.20
CA ALA D 280 44.36 20.12 -33.41
C ALA D 280 42.87 20.47 -33.55
N THR D 281 42.21 19.88 -34.55
CA THR D 281 40.76 20.01 -34.75
C THR D 281 40.04 18.72 -34.35
N SER D 282 38.76 18.86 -33.98
CA SER D 282 37.94 17.74 -33.51
C SER D 282 37.71 16.62 -34.54
N ASP D 283 37.80 16.96 -35.82
CA ASP D 283 37.70 15.98 -36.91
C ASP D 283 38.94 15.07 -37.11
N ARG D 284 39.98 15.27 -36.29
CA ARG D 284 41.08 14.30 -36.16
C ARG D 284 40.67 13.03 -35.44
N PHE D 285 39.61 13.10 -34.64
CA PHE D 285 39.02 11.93 -33.99
C PHE D 285 37.64 11.66 -34.58
N PRO D 286 37.05 10.48 -34.27
CA PRO D 286 35.68 10.23 -34.72
C PRO D 286 34.68 11.32 -34.33
N LYS D 287 33.68 11.52 -35.19
CA LYS D 287 32.60 12.47 -34.94
C LYS D 287 31.70 11.92 -33.84
N GLN D 288 31.55 12.68 -32.76
CA GLN D 288 30.90 12.16 -31.54
C GLN D 288 29.40 12.41 -31.51
N ASN D 289 29.02 13.67 -31.72
CA ASN D 289 27.63 14.08 -31.90
C ASN D 289 27.56 15.00 -33.12
N GLN D 290 26.38 15.57 -33.37
CA GLN D 290 26.13 16.45 -34.54
C GLN D 290 27.03 17.69 -34.71
N THR D 291 27.68 18.14 -33.63
CA THR D 291 28.44 19.41 -33.61
C THR D 291 29.53 19.49 -34.69
N GLU D 292 29.73 20.70 -35.21
CA GLU D 292 30.63 20.93 -36.34
C GLU D 292 32.10 20.89 -35.89
N PRO D 293 33.02 20.48 -36.80
CA PRO D 293 34.42 20.43 -36.40
C PRO D 293 34.94 21.77 -35.87
N GLY D 294 35.50 21.74 -34.66
CA GLY D 294 36.08 22.94 -34.02
C GLY D 294 37.51 22.72 -33.57
N PRO D 295 38.16 23.76 -33.00
CA PRO D 295 39.51 23.58 -32.42
C PRO D 295 39.46 22.69 -31.18
N VAL D 296 40.49 21.86 -30.99
CA VAL D 296 40.65 21.07 -29.76
C VAL D 296 42.08 21.17 -29.23
N LEU D 297 42.20 21.23 -27.92
CA LEU D 297 43.47 21.09 -27.23
C LEU D 297 43.58 19.62 -26.79
N VAL D 298 44.70 19.00 -27.15
CA VAL D 298 44.93 17.59 -26.88
C VAL D 298 46.12 17.50 -25.95
N VAL D 299 45.98 16.76 -24.86
CA VAL D 299 47.09 16.46 -23.95
C VAL D 299 47.45 14.98 -24.08
N VAL D 300 48.74 14.71 -24.17
CA VAL D 300 49.24 13.35 -24.30
C VAL D 300 50.27 13.09 -23.23
N ASP D 301 50.28 11.85 -22.73
CA ASP D 301 51.34 11.39 -21.86
C ASP D 301 52.33 10.60 -22.71
N ARG D 302 53.56 11.10 -22.83
CA ARG D 302 54.62 10.44 -23.59
C ARG D 302 55.17 9.18 -22.92
N SER D 303 55.03 9.09 -21.60
CA SER D 303 55.43 7.91 -20.83
C SER D 303 54.36 6.80 -20.75
N GLN D 304 53.29 6.92 -21.55
CA GLN D 304 52.28 5.86 -21.70
C GLN D 304 52.22 5.44 -23.16
N ARG D 305 52.97 4.41 -23.50
CA ARG D 305 53.10 3.91 -24.88
C ARG D 305 52.67 2.45 -25.09
N GLU D 306 52.15 1.80 -24.04
CA GLU D 306 51.65 0.42 -24.12
C GLU D 306 50.27 0.41 -24.75
N TRP D 307 50.07 -0.52 -25.69
CA TRP D 307 48.84 -0.59 -26.47
C TRP D 307 47.62 -1.01 -25.67
N ASN D 308 46.45 -0.50 -26.08
CA ASN D 308 45.15 -1.10 -25.75
C ASN D 308 44.06 -0.66 -26.74
N ASP D 309 42.97 -1.44 -26.77
CA ASP D 309 41.89 -1.25 -27.75
C ASP D 309 40.82 -0.21 -27.38
N PHE D 310 40.95 0.42 -26.22
CA PHE D 310 39.93 1.36 -25.70
C PHE D 310 40.33 2.84 -25.68
N SER D 311 41.53 3.16 -26.20
CA SER D 311 42.05 4.54 -26.18
C SER D 311 42.78 4.93 -27.47
N TYR D 312 43.09 6.22 -27.57
CA TYR D 312 43.80 6.81 -28.70
C TYR D 312 45.26 7.10 -28.36
N PHE D 313 46.09 7.16 -29.40
CA PHE D 313 47.53 7.33 -29.26
C PHE D 313 48.10 8.26 -30.34
N VAL D 314 49.18 8.96 -30.00
CA VAL D 314 49.95 9.72 -30.97
C VAL D 314 50.97 8.78 -31.58
N VAL D 315 51.07 8.80 -32.91
CA VAL D 315 51.93 7.88 -33.64
C VAL D 315 52.84 8.63 -34.65
N ASP D 316 54.05 8.10 -34.88
CA ASP D 316 55.01 8.63 -35.88
C ASP D 316 54.63 8.08 -37.27
N HIS D 317 53.72 8.79 -37.94
CA HIS D 317 53.26 8.42 -39.29
C HIS D 317 54.31 8.85 -40.31
N ASP D 318 55.36 8.03 -40.39
CA ASP D 318 56.50 8.20 -41.31
C ASP D 318 57.02 9.64 -41.33
N GLY D 319 57.30 10.16 -40.13
CA GLY D 319 57.79 11.53 -39.92
C GLY D 319 56.72 12.59 -39.69
N GLU D 320 55.51 12.15 -39.35
CA GLU D 320 54.34 13.03 -39.16
C GLU D 320 53.57 12.54 -37.94
N LEU D 321 52.98 13.47 -37.18
CA LEU D 321 52.14 13.10 -36.04
C LEU D 321 50.70 12.85 -36.49
N ASP D 322 50.07 11.87 -35.83
CA ASP D 322 48.71 11.44 -36.17
C ASP D 322 48.08 10.79 -34.94
N PHE D 323 46.77 11.00 -34.77
CA PHE D 323 45.99 10.30 -33.74
C PHE D 323 45.15 9.21 -34.37
N GLN D 324 45.32 7.97 -33.90
CA GLN D 324 44.47 6.87 -34.30
C GLN D 324 44.29 5.87 -33.17
N TRP D 325 43.34 4.98 -33.36
CA TRP D 325 43.04 3.92 -32.41
C TRP D 325 43.31 2.59 -33.09
N PHE D 326 43.45 1.54 -32.30
CA PHE D 326 43.90 0.24 -32.80
C PHE D 326 43.03 -0.91 -32.28
N GLU D 327 42.50 -1.69 -33.22
CA GLU D 327 41.85 -2.97 -32.88
C GLU D 327 42.90 -4.01 -32.49
N THR D 328 44.00 -4.03 -33.24
CA THR D 328 45.09 -4.99 -33.05
C THR D 328 46.39 -4.21 -32.81
N LYS D 329 47.19 -4.68 -31.85
CA LYS D 329 48.41 -3.95 -31.43
C LYS D 329 49.47 -3.80 -32.55
N PRO D 330 49.86 -2.53 -32.84
CA PRO D 330 50.65 -2.11 -34.00
C PRO D 330 52.18 -2.24 -33.89
N GLU D 331 52.83 -2.15 -35.04
CA GLU D 331 54.29 -1.99 -35.16
C GLU D 331 54.69 -0.55 -35.48
N PHE D 332 53.71 0.26 -35.85
CA PHE D 332 53.88 1.69 -36.05
C PHE D 332 54.31 2.35 -34.76
N PRO D 333 55.25 3.32 -34.81
CA PRO D 333 55.67 3.91 -33.53
C PRO D 333 54.55 4.69 -32.84
N ILE D 334 54.41 4.49 -31.54
CA ILE D 334 53.51 5.29 -30.70
C ILE D 334 54.38 6.19 -29.82
N LEU D 335 54.15 7.49 -29.92
CA LEU D 335 54.94 8.46 -29.15
C LEU D 335 54.30 8.80 -27.81
N GLY D 336 52.99 8.59 -27.69
CA GLY D 336 52.30 8.76 -26.42
C GLY D 336 50.85 8.30 -26.44
N LYS D 337 50.15 8.54 -25.33
CA LYS D 337 48.73 8.20 -25.18
C LYS D 337 47.92 9.47 -24.94
N VAL D 338 46.83 9.60 -25.67
CA VAL D 338 45.91 10.72 -25.51
C VAL D 338 45.14 10.52 -24.20
N ILE D 339 45.27 11.49 -23.30
CA ILE D 339 44.60 11.47 -21.99
C ILE D 339 43.45 12.49 -21.83
N ILE D 340 43.58 13.64 -22.51
CA ILE D 340 42.59 14.72 -22.46
C ILE D 340 42.38 15.31 -23.85
N LEU D 341 41.10 15.49 -24.20
CA LEU D 341 40.67 16.35 -25.30
C LEU D 341 39.86 17.46 -24.64
N VAL D 342 39.94 18.67 -25.16
CA VAL D 342 39.10 19.75 -24.67
C VAL D 342 38.86 20.81 -25.73
N ARG D 343 37.58 21.14 -25.96
CA ARG D 343 37.18 22.20 -26.88
C ARG D 343 37.35 23.52 -26.16
N PRO D 344 37.21 24.65 -26.88
CA PRO D 344 37.29 25.93 -26.19
C PRO D 344 36.12 26.17 -25.21
N ARG D 345 36.38 26.98 -24.20
CA ARG D 345 35.43 27.32 -23.15
C ARG D 345 34.12 27.92 -23.67
N LYS D 354 22.21 37.47 -20.02
CA LYS D 354 22.68 37.73 -18.62
C LYS D 354 21.94 38.92 -18.00
N ASP D 355 20.63 38.77 -17.89
CA ASP D 355 19.73 39.73 -17.22
C ASP D 355 19.11 39.08 -15.94
N SER D 356 19.76 38.00 -15.46
CA SER D 356 19.18 37.09 -14.47
C SER D 356 19.56 37.37 -13.02
N TRP D 357 18.92 38.42 -12.49
CA TRP D 357 18.62 38.56 -11.07
C TRP D 357 17.22 37.98 -10.75
N GLN D 358 16.70 37.18 -11.67
CA GLN D 358 15.40 36.54 -11.57
C GLN D 358 15.60 35.26 -10.75
N ILE D 359 14.80 35.10 -9.70
CA ILE D 359 14.91 33.90 -8.86
C ILE D 359 14.31 32.69 -9.58
N ASP D 360 14.95 31.54 -9.39
CA ASP D 360 14.40 30.25 -9.80
C ASP D 360 13.41 29.85 -8.70
N GLU D 361 12.18 30.34 -8.81
CA GLU D 361 11.15 30.14 -7.77
C GLU D 361 10.63 28.71 -7.77
N LEU E 38 -29.59 -39.71 18.89
CA LEU E 38 -29.85 -40.25 20.27
C LEU E 38 -30.99 -39.50 20.96
N THR E 39 -30.67 -38.33 21.52
CA THR E 39 -31.51 -37.57 22.46
C THR E 39 -31.82 -36.17 21.90
N TYR E 40 -31.36 -35.92 20.66
CA TYR E 40 -31.60 -34.70 19.92
C TYR E 40 -32.69 -34.88 18.86
N TYR E 41 -33.06 -36.13 18.60
CA TYR E 41 -34.26 -36.44 17.85
C TYR E 41 -35.36 -36.67 18.87
N THR E 42 -36.30 -35.74 18.92
CA THR E 42 -37.42 -35.76 19.84
C THR E 42 -38.69 -35.45 19.05
N PRO E 43 -39.28 -36.45 18.37
CA PRO E 43 -40.47 -36.21 17.51
C PRO E 43 -41.75 -35.86 18.26
N ASP E 44 -41.84 -36.26 19.53
CA ASP E 44 -42.95 -35.87 20.42
C ASP E 44 -43.02 -34.37 20.72
N TYR E 45 -41.86 -33.70 20.68
CA TYR E 45 -41.73 -32.28 21.02
C TYR E 45 -42.53 -31.38 20.12
N THR E 46 -43.36 -30.54 20.74
CA THR E 46 -44.13 -29.52 20.05
C THR E 46 -43.37 -28.22 20.23
N PRO E 47 -42.92 -27.60 19.13
CA PRO E 47 -42.11 -26.39 19.31
C PRO E 47 -42.92 -25.20 19.87
N LYS E 48 -42.22 -24.32 20.58
CA LYS E 48 -42.81 -23.12 21.23
C LYS E 48 -42.80 -21.88 20.34
N ASP E 49 -43.72 -20.97 20.61
CA ASP E 49 -43.85 -19.71 19.86
C ASP E 49 -42.64 -18.79 19.97
N THR E 50 -41.74 -19.10 20.89
CA THR E 50 -40.48 -18.39 21.09
C THR E 50 -39.23 -19.11 20.55
N ASP E 51 -39.37 -20.37 20.11
CA ASP E 51 -38.22 -21.08 19.54
C ASP E 51 -37.86 -20.51 18.18
N ILE E 52 -36.57 -20.51 17.85
CA ILE E 52 -36.14 -20.36 16.46
C ILE E 52 -36.19 -21.76 15.87
N LEU E 53 -36.83 -21.88 14.70
CA LEU E 53 -36.92 -23.14 13.99
C LEU E 53 -36.05 -23.04 12.75
N ALA E 54 -35.39 -24.14 12.39
CA ALA E 54 -34.64 -24.26 11.15
C ALA E 54 -35.17 -25.44 10.35
N ALA E 55 -35.15 -25.30 9.03
CA ALA E 55 -35.45 -26.38 8.10
C ALA E 55 -34.20 -26.68 7.29
N PHE E 56 -33.49 -27.75 7.68
CA PHE E 56 -32.38 -28.30 6.89
C PHE E 56 -32.85 -29.39 5.92
N ARG E 57 -32.34 -29.34 4.68
CA ARG E 57 -32.50 -30.40 3.69
C ARG E 57 -31.26 -31.29 3.80
N VAL E 58 -31.41 -32.39 4.51
CA VAL E 58 -30.31 -33.30 4.81
C VAL E 58 -30.16 -34.34 3.70
N THR E 59 -28.92 -34.62 3.32
CA THR E 59 -28.58 -35.65 2.35
C THR E 59 -27.48 -36.48 3.03
N PRO E 60 -27.88 -37.55 3.74
CA PRO E 60 -26.91 -38.32 4.49
C PRO E 60 -26.08 -39.23 3.58
N GLN E 61 -24.98 -39.76 4.12
CA GLN E 61 -24.20 -40.78 3.44
C GLN E 61 -25.03 -42.07 3.46
N PRO E 62 -24.89 -42.91 2.41
CA PRO E 62 -25.55 -44.21 2.34
C PRO E 62 -25.30 -45.05 3.58
N GLY E 63 -26.37 -45.64 4.11
CA GLY E 63 -26.27 -46.49 5.30
C GLY E 63 -26.53 -45.74 6.59
N VAL E 64 -26.32 -44.42 6.57
CA VAL E 64 -26.54 -43.58 7.75
C VAL E 64 -28.05 -43.40 7.89
N PRO E 65 -28.62 -43.87 9.03
CA PRO E 65 -30.06 -43.70 9.21
C PRO E 65 -30.42 -42.22 9.35
N PHE E 66 -31.60 -41.87 8.87
CA PHE E 66 -32.12 -40.50 8.94
C PHE E 66 -32.17 -39.98 10.38
N GLU E 67 -32.58 -40.85 11.31
CA GLU E 67 -32.69 -40.49 12.74
C GLU E 67 -31.36 -39.98 13.30
N GLU E 68 -30.26 -40.68 13.01
CA GLU E 68 -28.93 -40.29 13.49
C GLU E 68 -28.49 -38.96 12.91
N ALA E 69 -28.61 -38.84 11.59
CA ALA E 69 -28.24 -37.63 10.85
C ALA E 69 -29.02 -36.40 11.34
N ALA E 70 -30.33 -36.55 11.41
CA ALA E 70 -31.24 -35.51 11.89
C ALA E 70 -30.88 -35.04 13.31
N ALA E 71 -30.47 -36.00 14.15
CA ALA E 71 -30.07 -35.72 15.53
C ALA E 71 -28.69 -35.11 15.58
N ALA E 72 -27.81 -35.48 14.65
CA ALA E 72 -26.48 -34.91 14.57
C ALA E 72 -26.50 -33.44 14.11
N VAL E 73 -27.40 -33.10 13.19
CA VAL E 73 -27.58 -31.71 12.75
C VAL E 73 -28.06 -30.86 13.91
N ALA E 74 -29.03 -31.37 14.68
CA ALA E 74 -29.51 -30.68 15.86
C ALA E 74 -28.41 -30.44 16.88
N ALA E 75 -27.66 -31.50 17.20
CA ALA E 75 -26.58 -31.41 18.17
C ALA E 75 -25.50 -30.47 17.68
N GLU E 76 -24.98 -30.70 16.49
CA GLU E 76 -23.92 -29.81 15.99
C GLU E 76 -24.38 -28.39 15.68
N SER E 77 -25.69 -28.20 15.52
CA SER E 77 -26.25 -26.86 15.39
C SER E 77 -26.22 -26.09 16.71
N SER E 78 -26.32 -26.81 17.83
CA SER E 78 -26.37 -26.21 19.16
C SER E 78 -25.76 -27.14 20.19
N THR E 79 -24.83 -26.68 21.01
CA THR E 79 -24.28 -27.49 22.12
C THR E 79 -23.77 -28.86 21.69
N GLY E 80 -23.03 -28.90 20.60
CA GLY E 80 -22.62 -30.15 19.97
C GLY E 80 -21.70 -31.08 20.76
N THR E 81 -21.98 -32.37 20.60
CA THR E 81 -21.24 -33.48 21.21
C THR E 81 -21.01 -33.44 22.71
N TRP E 82 -22.11 -33.48 23.46
CA TRP E 82 -22.02 -33.31 24.90
C TRP E 82 -20.78 -34.09 25.29
N THR E 83 -19.73 -33.34 25.65
CA THR E 83 -18.61 -33.97 26.28
C THR E 83 -19.23 -34.28 27.65
N THR E 84 -19.17 -35.56 28.03
CA THR E 84 -19.57 -35.96 29.38
C THR E 84 -18.45 -35.54 30.32
N VAL E 85 -18.73 -34.54 31.14
CA VAL E 85 -17.81 -34.09 32.19
C VAL E 85 -18.46 -34.38 33.55
N TRP E 86 -17.66 -34.29 34.61
CA TRP E 86 -18.13 -34.54 35.98
C TRP E 86 -19.24 -33.57 36.43
N THR E 87 -19.24 -32.37 35.84
CA THR E 87 -20.22 -31.31 36.10
C THR E 87 -21.68 -31.76 35.85
N ASP E 88 -21.86 -32.68 34.90
CA ASP E 88 -23.19 -33.25 34.56
C ASP E 88 -23.96 -33.86 35.73
N LEU E 89 -23.24 -34.37 36.73
CA LEU E 89 -23.84 -34.97 37.93
C LEU E 89 -24.41 -33.94 38.93
N LEU E 90 -24.04 -32.67 38.76
CA LEU E 90 -24.54 -31.58 39.61
C LEU E 90 -25.66 -30.75 38.98
N THR E 91 -25.50 -30.36 37.71
CA THR E 91 -26.46 -29.49 37.02
C THR E 91 -26.87 -29.97 35.65
N ASP E 92 -28.04 -29.51 35.20
CA ASP E 92 -28.71 -29.98 33.99
C ASP E 92 -28.89 -28.86 32.98
N LEU E 93 -28.12 -28.88 31.89
CA LEU E 93 -28.27 -27.90 30.81
C LEU E 93 -28.80 -28.50 29.49
N ASP E 94 -29.67 -29.52 29.60
CA ASP E 94 -30.42 -30.08 28.46
C ASP E 94 -31.40 -29.06 27.90
N ARG E 95 -31.87 -28.18 28.80
CA ARG E 95 -32.70 -27.03 28.45
C ARG E 95 -32.30 -26.31 27.14
N TYR E 96 -30.99 -26.12 26.94
CA TYR E 96 -30.44 -25.37 25.79
C TYR E 96 -30.18 -26.20 24.53
N LYS E 97 -30.47 -27.50 24.56
CA LYS E 97 -30.25 -28.37 23.42
C LYS E 97 -31.19 -28.01 22.29
N GLY E 98 -30.64 -27.89 21.09
CA GLY E 98 -31.45 -27.83 19.88
C GLY E 98 -32.02 -29.20 19.72
N ARG E 99 -33.05 -29.34 18.91
CA ARG E 99 -33.62 -30.67 18.68
C ARG E 99 -34.48 -30.80 17.46
N CYS E 100 -34.28 -31.93 16.78
CA CYS E 100 -35.08 -32.26 15.63
C CYS E 100 -36.42 -32.76 16.15
N TYR E 101 -37.49 -32.07 15.75
CA TYR E 101 -38.85 -32.40 16.18
C TYR E 101 -39.71 -33.05 15.08
N ASP E 102 -39.23 -33.00 13.83
CA ASP E 102 -39.88 -33.67 12.72
C ASP E 102 -38.84 -34.02 11.67
N ILE E 103 -39.09 -35.11 10.96
CA ILE E 103 -38.18 -35.66 9.95
C ILE E 103 -39.09 -36.03 8.75
N GLU E 104 -38.87 -35.39 7.60
CA GLU E 104 -39.83 -35.46 6.48
C GLU E 104 -39.10 -35.78 5.17
N PRO E 105 -39.20 -37.05 4.70
CA PRO E 105 -38.44 -37.37 3.50
C PRO E 105 -38.95 -36.63 2.28
N VAL E 106 -38.03 -36.20 1.43
CA VAL E 106 -38.36 -35.39 0.29
C VAL E 106 -38.94 -36.32 -0.78
N PRO E 107 -40.23 -36.12 -1.15
CA PRO E 107 -40.73 -36.95 -2.24
C PRO E 107 -40.07 -36.61 -3.57
N GLY E 108 -39.81 -37.64 -4.37
CA GLY E 108 -39.16 -37.49 -5.66
C GLY E 108 -37.65 -37.61 -5.67
N GLU E 109 -37.01 -37.79 -4.51
CA GLU E 109 -35.55 -37.58 -4.39
C GLU E 109 -34.74 -38.71 -3.76
N ASP E 110 -33.44 -38.69 -4.04
CA ASP E 110 -32.53 -39.78 -3.66
C ASP E 110 -32.03 -39.63 -2.20
N ASN E 111 -32.60 -40.46 -1.32
CA ASN E 111 -32.15 -40.62 0.06
C ASN E 111 -31.87 -39.25 0.70
N GLN E 112 -32.94 -38.49 0.82
CA GLN E 112 -32.87 -37.08 1.24
C GLN E 112 -34.13 -36.76 2.02
N PHE E 113 -33.99 -35.91 3.04
CA PHE E 113 -35.11 -35.55 3.91
C PHE E 113 -34.96 -34.16 4.52
N ILE E 114 -36.10 -33.57 4.87
CA ILE E 114 -36.13 -32.32 5.60
C ILE E 114 -36.12 -32.61 7.10
N ALA E 115 -35.11 -32.08 7.79
CA ALA E 115 -35.06 -32.11 9.25
C ALA E 115 -35.54 -30.77 9.79
N TYR E 116 -36.57 -30.82 10.63
CA TYR E 116 -37.12 -29.64 11.29
C TYR E 116 -36.55 -29.57 12.71
N ILE E 117 -35.75 -28.54 12.97
CA ILE E 117 -35.00 -28.39 14.23
C ILE E 117 -35.50 -27.17 14.99
N ALA E 118 -35.54 -27.27 16.31
CA ALA E 118 -36.02 -26.19 17.17
C ALA E 118 -35.00 -25.82 18.25
N TYR E 119 -34.60 -24.55 18.27
CA TYR E 119 -33.67 -24.02 19.26
C TYR E 119 -34.44 -23.09 20.19
N PRO E 120 -34.08 -23.08 21.49
CA PRO E 120 -34.69 -22.11 22.38
C PRO E 120 -34.15 -20.69 22.20
N LEU E 121 -34.97 -19.71 22.54
CA LEU E 121 -34.69 -18.27 22.39
C LEU E 121 -33.44 -17.76 23.11
N ASP E 122 -33.05 -18.42 24.20
CA ASP E 122 -31.89 -18.01 25.00
C ASP E 122 -30.51 -18.28 24.39
N LEU E 123 -30.43 -19.14 23.37
CA LEU E 123 -29.16 -19.36 22.66
C LEU E 123 -28.61 -18.10 22.01
N PHE E 124 -29.52 -17.22 21.58
CA PHE E 124 -29.23 -16.21 20.59
C PHE E 124 -29.13 -14.82 21.18
N GLU E 125 -28.12 -14.08 20.73
CA GLU E 125 -27.97 -12.69 21.10
C GLU E 125 -29.03 -11.85 20.39
N GLU E 126 -29.74 -11.10 21.20
CA GLU E 126 -30.74 -10.14 20.75
C GLU E 126 -30.18 -9.26 19.62
N GLY E 127 -30.90 -9.19 18.50
CA GLY E 127 -30.57 -8.30 17.39
C GLY E 127 -29.29 -8.56 16.60
N SER E 128 -28.86 -9.83 16.54
CA SER E 128 -27.56 -10.22 15.95
C SER E 128 -27.70 -11.36 14.97
N ILE E 129 -27.87 -11.04 13.68
CA ILE E 129 -27.87 -12.10 12.63
C ILE E 129 -26.56 -12.89 12.65
N THR E 130 -25.46 -12.20 12.92
CA THR E 130 -24.15 -12.80 13.04
C THR E 130 -24.16 -13.98 14.01
N ASN E 131 -24.76 -13.80 15.17
CA ASN E 131 -24.91 -14.90 16.13
C ASN E 131 -25.85 -16.02 15.59
N VAL E 132 -26.97 -15.61 15.00
CA VAL E 132 -27.93 -16.57 14.47
C VAL E 132 -27.25 -17.51 13.50
N LEU E 133 -26.52 -16.95 12.54
CA LEU E 133 -25.77 -17.75 11.59
C LEU E 133 -24.70 -18.57 12.28
N THR E 134 -23.84 -17.92 13.05
CA THR E 134 -22.77 -18.62 13.77
C THR E 134 -23.29 -19.89 14.47
N SER E 135 -24.45 -19.80 15.12
CA SER E 135 -25.01 -20.96 15.82
C SER E 135 -25.66 -21.98 14.87
N ILE E 136 -26.50 -21.52 13.95
CA ILE E 136 -27.29 -22.44 13.11
C ILE E 136 -26.49 -23.09 11.98
N VAL E 137 -25.74 -22.28 11.23
CA VAL E 137 -24.94 -22.74 10.07
C VAL E 137 -23.43 -22.78 10.35
N GLY E 138 -23.05 -22.56 11.61
CA GLY E 138 -21.65 -22.37 11.98
C GLY E 138 -20.74 -23.52 11.62
N ASN E 139 -20.95 -24.68 12.24
CA ASN E 139 -20.12 -25.86 12.01
C ASN E 139 -20.79 -27.04 11.30
N VAL E 140 -22.12 -27.07 11.29
CA VAL E 140 -22.87 -28.28 10.90
C VAL E 140 -22.67 -28.78 9.46
N PHE E 141 -22.29 -27.88 8.56
CA PHE E 141 -22.06 -28.20 7.15
C PHE E 141 -20.75 -28.94 6.89
N GLY E 142 -19.91 -29.11 7.93
CA GLY E 142 -18.65 -29.86 7.85
C GLY E 142 -18.65 -31.25 8.50
N PHE E 143 -19.76 -31.97 8.38
CA PHE E 143 -19.78 -33.40 8.65
C PHE E 143 -19.16 -34.12 7.47
N LYS E 144 -18.71 -35.36 7.68
CA LYS E 144 -18.47 -36.31 6.59
C LYS E 144 -19.65 -37.25 6.47
N ALA E 145 -20.25 -37.58 7.62
CA ALA E 145 -21.49 -38.37 7.73
C ALA E 145 -22.66 -37.91 6.87
N LEU E 146 -22.68 -36.63 6.46
CA LEU E 146 -23.65 -36.10 5.50
C LEU E 146 -23.00 -35.91 4.14
N ARG E 147 -23.64 -36.38 3.07
CA ARG E 147 -23.15 -36.15 1.70
C ARG E 147 -23.18 -34.67 1.40
N ALA E 148 -24.29 -34.05 1.75
CA ALA E 148 -24.50 -32.63 1.56
C ALA E 148 -25.57 -32.14 2.53
N LEU E 149 -25.77 -30.83 2.58
CA LEU E 149 -26.66 -30.19 3.53
C LEU E 149 -27.03 -28.82 2.92
N ARG E 150 -28.26 -28.38 3.16
CA ARG E 150 -28.70 -27.05 2.76
C ARG E 150 -29.75 -26.60 3.74
N LEU E 151 -29.61 -25.37 4.22
CA LEU E 151 -30.60 -24.74 5.07
C LEU E 151 -31.66 -24.07 4.18
N GLU E 152 -32.89 -24.55 4.26
CA GLU E 152 -33.97 -24.01 3.42
C GLU E 152 -34.70 -22.80 4.05
N ASP E 153 -34.93 -22.83 5.37
CA ASP E 153 -35.71 -21.79 6.02
C ASP E 153 -35.44 -21.67 7.52
N ILE E 154 -35.68 -20.48 8.05
CA ILE E 154 -35.63 -20.21 9.49
C ILE E 154 -36.89 -19.46 9.89
N ARG E 155 -37.55 -19.96 10.92
CA ARG E 155 -38.70 -19.32 11.53
C ARG E 155 -38.18 -18.45 12.64
N PHE E 156 -38.16 -17.15 12.41
CA PHE E 156 -37.83 -16.20 13.46
C PHE E 156 -39.13 -15.88 14.21
N PRO E 157 -39.16 -16.16 15.54
CA PRO E 157 -40.35 -15.87 16.31
C PRO E 157 -40.47 -14.38 16.58
N VAL E 158 -41.71 -13.94 16.77
CA VAL E 158 -42.04 -12.54 17.02
C VAL E 158 -41.14 -11.95 18.12
N ALA E 159 -41.02 -12.70 19.23
CA ALA E 159 -40.26 -12.27 20.42
C ALA E 159 -38.78 -12.01 20.16
N TYR E 160 -38.19 -12.71 19.19
CA TYR E 160 -36.82 -12.41 18.75
C TYR E 160 -36.78 -11.21 17.79
N ILE E 161 -37.73 -11.16 16.86
CA ILE E 161 -37.82 -10.06 15.86
C ILE E 161 -37.91 -8.68 16.51
N LYS E 162 -38.63 -8.59 17.63
CA LYS E 162 -38.76 -7.32 18.33
C LYS E 162 -37.45 -6.81 18.94
N THR E 163 -36.38 -7.61 18.87
CA THR E 163 -35.03 -7.13 19.21
C THR E 163 -34.20 -6.59 18.02
N PHE E 164 -34.74 -6.55 16.81
CA PHE E 164 -34.05 -5.95 15.66
C PHE E 164 -34.77 -4.72 15.21
N GLN E 165 -34.04 -3.69 14.83
CA GLN E 165 -34.64 -2.49 14.20
C GLN E 165 -35.46 -2.87 12.94
N GLY E 166 -34.91 -3.77 12.13
CA GLY E 166 -35.44 -4.08 10.82
C GLY E 166 -34.99 -3.01 9.84
N PRO E 167 -35.64 -2.91 8.68
CA PRO E 167 -35.34 -1.81 7.75
C PRO E 167 -35.33 -0.43 8.41
N PRO E 168 -34.38 0.45 8.02
CA PRO E 168 -34.35 1.83 8.55
C PRO E 168 -35.72 2.51 8.40
N HIS E 169 -36.27 2.45 7.20
CA HIS E 169 -37.57 3.02 6.89
C HIS E 169 -38.35 2.00 6.10
N GLY E 170 -39.63 1.89 6.34
CA GLY E 170 -40.39 0.91 5.58
C GLY E 170 -40.54 1.17 4.08
N ILE E 171 -41.09 0.18 3.39
CA ILE E 171 -41.73 0.35 2.07
C ILE E 171 -42.64 1.60 2.07
N GLN E 172 -43.45 1.73 3.11
CA GLN E 172 -44.40 2.84 3.22
C GLN E 172 -43.69 4.16 3.49
N VAL E 173 -42.89 4.22 4.56
CA VAL E 173 -42.17 5.44 4.92
C VAL E 173 -41.37 5.99 3.74
N GLU E 174 -40.76 5.09 2.97
CA GLU E 174 -40.02 5.49 1.79
C GLU E 174 -40.87 6.24 0.76
N ARG E 175 -42.02 5.67 0.42
CA ARG E 175 -42.95 6.35 -0.47
C ARG E 175 -43.34 7.74 0.03
N ASP E 176 -43.52 7.86 1.34
CA ASP E 176 -43.84 9.14 1.96
C ASP E 176 -42.69 10.15 1.87
N LYS E 177 -41.47 9.69 2.04
CA LYS E 177 -40.27 10.56 1.91
C LYS E 177 -40.01 11.01 0.48
N LEU E 178 -40.29 10.12 -0.48
CA LEU E 178 -40.04 10.42 -1.89
C LEU E 178 -41.23 11.07 -2.58
N ASN E 179 -42.41 11.03 -1.96
CA ASN E 179 -43.66 11.48 -2.59
C ASN E 179 -43.93 10.69 -3.87
N LYS E 180 -43.87 9.36 -3.76
CA LYS E 180 -44.02 8.44 -4.89
C LYS E 180 -44.97 7.30 -4.50
N TYR E 181 -46.22 7.38 -4.95
CA TYR E 181 -47.25 6.37 -4.62
C TYR E 181 -47.86 5.70 -5.85
N GLY E 182 -48.36 4.48 -5.65
CA GLY E 182 -49.16 3.78 -6.65
C GLY E 182 -48.48 3.21 -7.89
N ARG E 183 -47.16 3.15 -7.91
CA ARG E 183 -46.41 2.55 -9.01
C ARG E 183 -45.10 1.95 -8.52
N PRO E 184 -44.48 1.08 -9.33
CA PRO E 184 -43.09 0.74 -9.09
C PRO E 184 -42.18 1.95 -9.24
N LEU E 185 -41.03 1.90 -8.59
CA LEU E 185 -40.00 2.92 -8.75
C LEU E 185 -39.03 2.41 -9.79
N LEU E 186 -38.36 3.35 -10.46
CA LEU E 186 -37.47 3.02 -11.58
C LEU E 186 -36.04 3.41 -11.29
N GLY E 187 -35.14 2.45 -11.48
CA GLY E 187 -33.72 2.68 -11.32
C GLY E 187 -33.00 2.59 -12.64
N CYS E 188 -31.80 3.18 -12.66
CA CYS E 188 -30.92 3.19 -13.82
C CYS E 188 -29.57 2.58 -13.45
N THR E 189 -29.03 1.76 -14.35
CA THR E 189 -27.67 1.24 -14.22
C THR E 189 -26.75 2.08 -15.10
N ILE E 190 -25.72 2.65 -14.49
CA ILE E 190 -24.68 3.39 -15.21
C ILE E 190 -23.74 2.41 -15.91
N LYS E 191 -23.40 2.71 -17.16
CA LYS E 191 -22.44 1.91 -17.93
C LYS E 191 -21.35 2.78 -18.55
N PRO E 192 -20.12 2.27 -18.68
CA PRO E 192 -19.73 0.91 -18.27
C PRO E 192 -19.57 0.73 -16.77
N LYS E 193 -19.58 -0.54 -16.36
CA LYS E 193 -19.36 -0.97 -14.96
C LYS E 193 -18.26 -0.18 -14.27
N LEU E 194 -17.09 -0.19 -14.91
CA LEU E 194 -15.84 0.27 -14.35
C LEU E 194 -15.06 1.11 -15.34
N GLY E 195 -14.16 1.92 -14.80
CA GLY E 195 -13.26 2.76 -15.59
C GLY E 195 -13.63 4.22 -15.68
N LEU E 196 -14.87 4.57 -15.36
CA LEU E 196 -15.35 5.94 -15.51
C LEU E 196 -14.78 6.88 -14.45
N SER E 197 -14.48 8.10 -14.87
CA SER E 197 -14.13 9.18 -13.95
C SER E 197 -15.36 9.53 -13.09
N ALA E 198 -15.09 10.04 -11.89
CA ALA E 198 -16.16 10.48 -11.00
C ALA E 198 -17.09 11.47 -11.72
N LYS E 199 -16.50 12.50 -12.30
CA LYS E 199 -17.28 13.52 -13.02
C LYS E 199 -18.08 12.92 -14.17
N ASN E 200 -17.49 11.94 -14.88
CA ASN E 200 -18.21 11.22 -15.93
C ASN E 200 -19.36 10.41 -15.35
N TYR E 201 -19.13 9.81 -14.19
CA TYR E 201 -20.16 9.04 -13.47
C TYR E 201 -21.37 9.92 -13.15
N GLY E 202 -21.09 11.07 -12.55
CA GLY E 202 -22.12 12.07 -12.25
C GLY E 202 -22.90 12.57 -13.46
N ARG E 203 -22.21 12.74 -14.60
CA ARG E 203 -22.86 13.22 -15.82
C ARG E 203 -23.83 12.18 -16.39
N ALA E 204 -23.40 10.92 -16.41
CA ALA E 204 -24.28 9.81 -16.79
C ALA E 204 -25.49 9.69 -15.85
N VAL E 205 -25.26 9.93 -14.56
CA VAL E 205 -26.34 9.96 -13.57
C VAL E 205 -27.32 11.08 -13.86
N TYR E 206 -26.80 12.26 -14.17
CA TYR E 206 -27.65 13.41 -14.50
C TYR E 206 -28.62 13.08 -15.62
N GLU E 207 -28.08 12.56 -16.72
CA GLU E 207 -28.88 12.18 -17.89
C GLU E 207 -30.02 11.24 -17.54
N CYS E 208 -29.65 10.15 -16.90
CA CYS E 208 -30.54 9.04 -16.63
C CYS E 208 -31.64 9.41 -15.62
N LEU E 209 -31.30 10.26 -14.66
CA LEU E 209 -32.29 10.84 -13.75
C LEU E 209 -33.16 11.85 -14.47
N ARG E 210 -32.53 12.79 -15.17
CA ARG E 210 -33.23 13.81 -15.96
C ARG E 210 -34.24 13.22 -16.93
N GLY E 211 -33.87 12.12 -17.57
CA GLY E 211 -34.75 11.42 -18.51
C GLY E 211 -35.92 10.65 -17.95
N GLY E 212 -36.14 10.72 -16.63
CA GLY E 212 -37.38 10.23 -16.02
C GLY E 212 -37.31 9.12 -14.99
N LEU E 213 -36.15 8.51 -14.80
CA LEU E 213 -36.02 7.48 -13.77
C LEU E 213 -35.86 8.10 -12.39
N ASP E 214 -36.26 7.34 -11.36
CA ASP E 214 -36.25 7.81 -9.96
C ASP E 214 -34.87 7.72 -9.33
N PHE E 215 -34.18 6.63 -9.62
CA PHE E 215 -32.91 6.31 -9.00
C PHE E 215 -31.83 6.02 -10.03
N THR E 216 -30.57 6.16 -9.60
CA THR E 216 -29.39 5.69 -10.34
C THR E 216 -28.50 4.92 -9.38
N LYS E 217 -27.75 3.96 -9.90
CA LYS E 217 -27.05 2.98 -9.07
C LYS E 217 -25.51 3.03 -9.22
N ASP E 218 -24.80 3.04 -8.09
CA ASP E 218 -23.36 2.68 -8.10
C ASP E 218 -23.22 1.20 -8.34
N ASP E 219 -22.16 0.81 -9.02
CA ASP E 219 -21.89 -0.60 -9.21
C ASP E 219 -21.48 -1.24 -7.88
N GLU E 220 -21.81 -2.52 -7.72
CA GLU E 220 -21.36 -3.31 -6.57
C GLU E 220 -19.87 -3.09 -6.30
N ASN E 221 -19.07 -3.22 -7.35
CA ASN E 221 -17.61 -3.18 -7.27
C ASN E 221 -17.10 -1.75 -7.01
N ILE E 222 -17.90 -0.76 -7.37
CA ILE E 222 -17.53 0.65 -7.29
C ILE E 222 -17.51 1.14 -5.83
N ASN E 223 -16.39 0.89 -5.17
CA ASN E 223 -15.99 1.58 -3.96
C ASN E 223 -14.84 2.44 -4.44
N SER E 224 -14.21 3.17 -3.53
CA SER E 224 -13.02 3.97 -3.88
C SER E 224 -11.91 3.17 -4.58
N ALA E 225 -11.39 3.69 -5.68
CA ALA E 225 -10.32 3.02 -6.45
C ALA E 225 -9.43 3.98 -7.26
N PRO E 226 -8.27 3.53 -7.69
CA PRO E 226 -7.39 4.41 -8.46
C PRO E 226 -8.06 5.15 -9.61
N PHE E 227 -8.85 4.43 -10.41
CA PHE E 227 -9.58 5.06 -11.52
C PHE E 227 -10.65 6.07 -11.08
N GLN E 228 -11.21 5.86 -9.90
CA GLN E 228 -12.25 6.74 -9.38
C GLN E 228 -12.12 6.68 -7.84
N ARG E 229 -12.16 7.85 -7.19
CA ARG E 229 -12.11 7.94 -5.73
C ARG E 229 -13.47 8.35 -5.20
N TRP E 230 -13.86 7.76 -4.07
CA TRP E 230 -15.24 7.80 -3.59
C TRP E 230 -15.78 9.22 -3.32
N ARG E 231 -14.99 10.06 -2.65
CA ARG E 231 -15.44 11.43 -2.33
C ARG E 231 -15.84 12.22 -3.57
N ASP E 232 -15.03 12.09 -4.62
CA ASP E 232 -15.24 12.80 -5.89
C ASP E 232 -16.53 12.31 -6.50
N ARG E 233 -16.70 10.99 -6.53
CA ARG E 233 -17.94 10.38 -7.02
C ARG E 233 -19.15 10.97 -6.30
N PHE E 234 -19.13 10.86 -4.97
CA PHE E 234 -20.23 11.29 -4.12
C PHE E 234 -20.61 12.75 -4.38
N LEU E 235 -19.57 13.58 -4.52
CA LEU E 235 -19.74 15.02 -4.76
C LEU E 235 -20.40 15.34 -6.11
N PHE E 236 -19.90 14.75 -7.18
CA PHE E 236 -20.44 15.01 -8.51
C PHE E 236 -21.82 14.40 -8.67
N VAL E 237 -22.03 13.21 -8.10
CA VAL E 237 -23.35 12.58 -8.07
C VAL E 237 -24.36 13.52 -7.43
N ALA E 238 -23.95 14.15 -6.34
CA ALA E 238 -24.80 15.09 -5.64
C ALA E 238 -25.16 16.26 -6.54
N ASP E 239 -24.17 16.82 -7.24
CA ASP E 239 -24.42 17.89 -8.25
C ASP E 239 -25.51 17.49 -9.24
N ALA E 240 -25.43 16.25 -9.75
CA ALA E 240 -26.40 15.76 -10.72
C ALA E 240 -27.79 15.66 -10.14
N ILE E 241 -27.90 15.05 -8.96
CA ILE E 241 -29.20 14.87 -8.32
C ILE E 241 -29.85 16.22 -8.11
N THR E 242 -29.09 17.18 -7.61
CA THR E 242 -29.59 18.52 -7.36
C THR E 242 -30.29 19.07 -8.60
N LYS E 243 -29.57 19.04 -9.71
CA LYS E 243 -30.04 19.66 -10.94
C LYS E 243 -31.18 18.90 -11.61
N ALA E 244 -31.06 17.59 -11.70
CA ALA E 244 -32.12 16.75 -12.23
C ALA E 244 -33.42 16.97 -11.44
N GLN E 245 -33.29 16.95 -10.12
CA GLN E 245 -34.42 17.19 -9.22
C GLN E 245 -35.02 18.56 -9.43
N ALA E 246 -34.15 19.57 -9.51
CA ALA E 246 -34.58 20.94 -9.78
C ALA E 246 -35.32 21.10 -11.11
N GLU E 247 -34.79 20.48 -12.15
CA GLU E 247 -35.35 20.59 -13.51
C GLU E 247 -36.62 19.78 -13.74
N THR E 248 -36.82 18.71 -12.99
CA THR E 248 -37.99 17.83 -13.18
C THR E 248 -39.13 18.14 -12.19
N GLY E 249 -38.78 18.51 -10.97
CA GLY E 249 -39.76 18.64 -9.88
C GLY E 249 -40.21 17.31 -9.32
N GLU E 250 -39.32 16.32 -9.37
CA GLU E 250 -39.51 15.00 -8.78
C GLU E 250 -38.26 14.69 -7.97
N ILE E 251 -38.44 14.15 -6.76
CA ILE E 251 -37.31 13.77 -5.92
C ILE E 251 -36.52 12.65 -6.60
N LYS E 252 -35.23 12.89 -6.75
CA LYS E 252 -34.31 11.94 -7.34
C LYS E 252 -33.31 11.49 -6.28
N GLY E 253 -32.73 10.32 -6.48
CA GLY E 253 -31.66 9.81 -5.62
C GLY E 253 -30.71 8.88 -6.35
N HIS E 254 -29.54 8.66 -5.78
CA HIS E 254 -28.53 7.75 -6.34
C HIS E 254 -27.97 6.85 -5.24
N TYR E 255 -27.91 5.54 -5.49
CA TYR E 255 -27.43 4.58 -4.48
C TYR E 255 -25.92 4.70 -4.37
N LEU E 256 -25.48 5.61 -3.53
CA LEU E 256 -24.06 5.81 -3.26
C LEU E 256 -23.47 4.66 -2.44
N ASN E 257 -22.49 3.96 -2.99
CA ASN E 257 -21.96 2.75 -2.37
C ASN E 257 -21.01 3.12 -1.25
N VAL E 258 -21.52 2.98 -0.03
CA VAL E 258 -20.71 3.12 1.17
C VAL E 258 -19.94 1.85 1.53
N THR E 259 -20.15 0.75 0.79
CA THR E 259 -19.38 -0.48 1.01
C THR E 259 -17.92 -0.09 1.01
N ALA E 260 -17.21 -0.62 2.01
CA ALA E 260 -15.86 -0.18 2.36
C ALA E 260 -15.04 -1.29 3.00
N PRO E 261 -13.72 -1.08 3.16
CA PRO E 261 -12.88 -2.07 3.86
C PRO E 261 -13.09 -2.18 5.33
N THR E 262 -13.51 -1.10 5.97
CA THR E 262 -13.61 -1.00 7.42
C THR E 262 -14.88 -0.26 7.83
N CYS E 263 -15.35 -0.51 9.05
CA CYS E 263 -16.51 0.20 9.58
C CYS E 263 -16.26 1.69 9.65
N GLU E 264 -15.02 2.06 9.97
CA GLU E 264 -14.61 3.46 10.04
C GLU E 264 -14.79 4.18 8.69
N GLU E 265 -14.44 3.46 7.63
CA GLU E 265 -14.51 3.99 6.30
C GLU E 265 -15.95 3.95 5.80
N MET E 266 -16.64 2.84 6.00
CA MET E 266 -18.09 2.74 5.68
C MET E 266 -18.84 3.94 6.24
N LEU E 267 -18.75 4.12 7.56
CA LEU E 267 -19.44 5.20 8.24
C LEU E 267 -18.99 6.58 7.79
N LYS E 268 -17.72 6.72 7.48
CA LYS E 268 -17.21 7.99 6.96
C LYS E 268 -17.89 8.37 5.66
N ARG E 269 -18.19 7.38 4.83
CA ARG E 269 -18.79 7.59 3.51
C ARG E 269 -20.27 7.84 3.66
N ALA E 270 -20.94 7.01 4.48
CA ALA E 270 -22.32 7.28 4.87
C ALA E 270 -22.46 8.71 5.37
N GLU E 271 -21.50 9.13 6.19
CA GLU E 271 -21.54 10.45 6.79
C GLU E 271 -21.40 11.58 5.75
N TYR E 272 -20.56 11.40 4.73
CA TYR E 272 -20.43 12.42 3.67
C TYR E 272 -21.66 12.45 2.79
N ALA E 273 -22.29 11.31 2.56
CA ALA E 273 -23.58 11.29 1.88
C ALA E 273 -24.62 12.06 2.70
N LYS E 274 -24.66 11.85 4.01
CA LYS E 274 -25.54 12.62 4.90
C LYS E 274 -25.31 14.13 4.75
N GLU E 275 -24.04 14.51 4.67
CA GLU E 275 -23.61 15.91 4.57
C GLU E 275 -24.07 16.56 3.28
N LEU E 276 -24.09 15.78 2.20
CA LEU E 276 -24.60 16.22 0.90
C LEU E 276 -26.13 16.00 0.77
N LYS E 277 -26.79 15.71 1.89
CA LYS E 277 -28.24 15.68 2.01
C LYS E 277 -28.83 14.72 1.00
N GLN E 278 -28.37 13.48 1.08
CA GLN E 278 -28.69 12.44 0.13
C GLN E 278 -29.83 11.54 0.62
N PRO E 279 -30.77 11.17 -0.27
CA PRO E 279 -31.88 10.35 0.16
C PRO E 279 -31.58 8.87 0.31
N ILE E 280 -30.49 8.37 -0.29
CA ILE E 280 -30.27 6.93 -0.35
C ILE E 280 -28.80 6.57 -0.55
N ILE E 281 -28.37 5.48 0.07
CA ILE E 281 -27.05 4.89 -0.13
C ILE E 281 -27.19 3.38 -0.38
N MET E 282 -26.10 2.71 -0.74
CA MET E 282 -26.14 1.26 -0.94
C MET E 282 -25.01 0.57 -0.21
N HIS E 283 -25.12 -0.74 -0.10
CA HIS E 283 -24.19 -1.52 0.67
C HIS E 283 -24.26 -2.99 0.25
N ASP E 284 -23.09 -3.61 0.09
CA ASP E 284 -23.01 -5.01 -0.27
C ASP E 284 -22.98 -5.80 1.03
N TYR E 285 -24.13 -6.31 1.45
CA TYR E 285 -24.28 -6.88 2.79
C TYR E 285 -23.55 -8.19 3.03
N LEU E 286 -23.48 -9.05 2.02
CA LEU E 286 -22.77 -10.33 2.21
C LEU E 286 -21.26 -10.16 2.15
N THR E 287 -20.75 -9.29 1.29
CA THR E 287 -19.30 -9.15 1.12
C THR E 287 -18.68 -8.40 2.30
N ALA E 288 -19.37 -7.34 2.75
CA ALA E 288 -19.03 -6.62 3.98
C ALA E 288 -19.33 -7.43 5.23
N GLY E 289 -20.50 -8.06 5.25
CA GLY E 289 -20.95 -8.90 6.35
C GLY E 289 -21.99 -8.26 7.24
N PHE E 290 -22.64 -9.11 8.03
CA PHE E 290 -23.83 -8.69 8.76
C PHE E 290 -23.54 -7.73 9.90
N THR E 291 -22.45 -7.98 10.64
CA THR E 291 -22.05 -7.09 11.74
C THR E 291 -21.99 -5.67 11.23
N ALA E 292 -21.27 -5.49 10.13
CA ALA E 292 -21.10 -4.20 9.49
C ALA E 292 -22.42 -3.60 8.95
N ASN E 293 -23.26 -4.44 8.32
CA ASN E 293 -24.51 -3.95 7.69
C ASN E 293 -25.51 -3.48 8.74
N THR E 294 -25.62 -4.24 9.82
CA THR E 294 -26.45 -3.87 10.96
C THR E 294 -26.06 -2.50 11.52
N THR E 295 -24.76 -2.24 11.68
CA THR E 295 -24.29 -0.89 12.03
C THR E 295 -24.85 0.13 11.06
N LEU E 296 -24.67 -0.13 9.77
CA LEU E 296 -25.13 0.80 8.72
C LEU E 296 -26.63 1.02 8.72
N ALA E 297 -27.40 -0.04 8.92
CA ALA E 297 -28.85 0.08 8.88
C ALA E 297 -29.32 1.01 9.97
N ARG E 298 -28.76 0.86 11.15
CA ARG E 298 -29.16 1.67 12.31
C ARG E 298 -28.73 3.12 12.15
N TRP E 299 -27.50 3.30 11.71
CA TRP E 299 -27.03 4.60 11.28
C TRP E 299 -28.05 5.24 10.34
N CYS E 300 -28.58 4.44 9.40
CA CYS E 300 -29.55 4.93 8.40
C CYS E 300 -30.84 5.44 9.00
N ARG E 301 -31.41 4.71 9.95
CA ARG E 301 -32.59 5.21 10.67
C ARG E 301 -32.30 6.49 11.47
N ASP E 302 -31.12 6.56 12.10
CA ASP E 302 -30.72 7.75 12.88
C ASP E 302 -30.60 9.01 12.05
N ASN E 303 -30.16 8.85 10.80
CA ASN E 303 -29.92 9.96 9.90
C ASN E 303 -30.96 10.08 8.79
N GLY E 304 -31.92 9.16 8.77
CA GLY E 304 -33.03 9.24 7.80
C GLY E 304 -32.67 9.02 6.34
N VAL E 305 -31.61 8.25 6.11
CA VAL E 305 -31.11 7.95 4.79
C VAL E 305 -31.59 6.55 4.41
N LEU E 306 -32.10 6.39 3.19
CA LEU E 306 -32.59 5.09 2.72
C LEU E 306 -31.40 4.20 2.41
N LEU E 307 -31.58 2.90 2.58
CA LEU E 307 -30.51 1.91 2.37
C LEU E 307 -30.86 0.87 1.30
N HIS E 308 -30.18 0.95 0.16
CA HIS E 308 -30.37 0.02 -0.96
C HIS E 308 -29.37 -1.11 -0.82
N ILE E 309 -29.83 -2.34 -0.78
CA ILE E 309 -28.94 -3.45 -0.49
C ILE E 309 -28.69 -4.25 -1.75
N HIS E 310 -27.41 -4.44 -2.11
CA HIS E 310 -27.03 -5.35 -3.17
C HIS E 310 -26.62 -6.66 -2.54
N ARG E 311 -26.98 -7.77 -3.19
CA ARG E 311 -26.71 -9.11 -2.65
C ARG E 311 -25.48 -9.80 -3.28
N ALA E 312 -24.44 -9.01 -3.57
CA ALA E 312 -23.28 -9.54 -4.26
C ALA E 312 -22.68 -10.67 -3.44
N MET E 313 -22.32 -11.75 -4.16
CA MET E 313 -21.75 -12.98 -3.61
C MET E 313 -22.80 -13.99 -3.18
N HIS E 314 -24.05 -13.83 -3.61
CA HIS E 314 -25.12 -14.70 -3.06
C HIS E 314 -25.12 -16.09 -3.68
N ALA E 315 -24.77 -16.16 -4.96
CA ALA E 315 -24.79 -17.42 -5.70
C ALA E 315 -23.71 -18.42 -5.27
N VAL E 316 -22.69 -17.96 -4.54
CA VAL E 316 -21.68 -18.83 -3.92
C VAL E 316 -22.30 -19.71 -2.83
N ILE E 317 -23.36 -19.20 -2.22
CA ILE E 317 -24.04 -19.84 -1.09
C ILE E 317 -25.38 -20.46 -1.49
N ASP E 318 -26.12 -19.82 -2.39
CA ASP E 318 -27.55 -20.15 -2.55
C ASP E 318 -28.02 -20.81 -3.85
N ARG E 319 -27.10 -21.37 -4.63
CA ARG E 319 -27.45 -21.94 -5.92
C ARG E 319 -27.67 -23.45 -5.92
N GLN E 320 -26.71 -24.20 -5.40
CA GLN E 320 -26.77 -25.67 -5.43
C GLN E 320 -27.91 -26.17 -4.54
N LYS E 321 -28.90 -26.80 -5.17
CA LYS E 321 -30.10 -27.27 -4.48
C LYS E 321 -29.85 -28.30 -3.36
N ASN E 322 -28.67 -28.91 -3.33
CA ASN E 322 -28.34 -29.94 -2.32
C ASN E 322 -27.48 -29.44 -1.14
N HIS E 323 -26.74 -28.34 -1.34
CA HIS E 323 -25.78 -27.83 -0.34
C HIS E 323 -25.68 -26.31 -0.31
N GLY E 324 -25.70 -25.74 0.90
CA GLY E 324 -25.58 -24.27 1.12
C GLY E 324 -26.70 -23.65 1.94
N ILE E 325 -27.12 -22.43 1.58
CA ILE E 325 -28.26 -21.74 2.22
C ILE E 325 -29.13 -21.04 1.18
N HIS E 326 -30.43 -21.32 1.17
CA HIS E 326 -31.36 -20.71 0.22
C HIS E 326 -31.49 -19.20 0.47
N PHE E 327 -31.54 -18.43 -0.60
CA PHE E 327 -31.57 -16.96 -0.56
C PHE E 327 -32.73 -16.34 0.22
N ARG E 328 -33.78 -17.13 0.30
CA ARG E 328 -34.90 -16.99 1.23
C ARG E 328 -34.50 -16.72 2.70
N VAL E 329 -33.42 -17.35 3.14
CA VAL E 329 -32.90 -17.20 4.51
C VAL E 329 -32.07 -15.93 4.60
N LEU E 330 -31.30 -15.67 3.54
CA LEU E 330 -30.48 -14.48 3.43
C LEU E 330 -31.36 -13.22 3.28
N ALA E 331 -32.53 -13.38 2.67
CA ALA E 331 -33.54 -12.31 2.56
C ALA E 331 -34.15 -12.00 3.92
N LYS E 332 -34.43 -13.05 4.70
CA LYS E 332 -34.90 -12.89 6.07
C LYS E 332 -33.84 -12.18 6.92
N ALA E 333 -32.60 -12.64 6.83
CA ALA E 333 -31.48 -12.02 7.54
C ALA E 333 -31.33 -10.53 7.21
N LEU E 334 -31.57 -10.18 5.94
CA LEU E 334 -31.46 -8.78 5.52
C LEU E 334 -32.60 -7.96 6.01
N ARG E 335 -33.79 -8.50 6.08
CA ARG E 335 -34.85 -7.72 6.68
C ARG E 335 -34.53 -7.35 8.14
N LEU E 336 -34.05 -8.34 8.89
CA LEU E 336 -33.73 -8.20 10.30
C LEU E 336 -32.54 -7.25 10.56
N SER E 337 -31.34 -7.60 10.07
CA SER E 337 -30.25 -6.59 9.91
C SER E 337 -30.77 -5.70 8.80
N GLY E 338 -30.85 -4.40 8.99
CA GLY E 338 -31.70 -3.59 8.08
C GLY E 338 -31.40 -3.42 6.58
N GLY E 339 -32.47 -3.22 5.81
CA GLY E 339 -32.43 -2.75 4.41
C GLY E 339 -33.78 -2.22 3.88
N ASP E 340 -33.73 -1.20 3.03
CA ASP E 340 -34.93 -0.60 2.41
C ASP E 340 -35.24 -1.04 0.98
N HIS E 341 -34.21 -1.43 0.21
CA HIS E 341 -34.34 -2.18 -1.04
C HIS E 341 -33.51 -3.44 -0.89
N ILE E 342 -33.84 -4.49 -1.64
CA ILE E 342 -32.92 -5.62 -1.79
C ILE E 342 -33.08 -6.24 -3.18
N HIS E 343 -31.96 -6.49 -3.84
CA HIS E 343 -31.96 -7.19 -5.14
C HIS E 343 -32.56 -8.59 -4.95
N THR E 344 -33.61 -8.87 -5.72
CA THR E 344 -34.25 -10.19 -5.77
C THR E 344 -34.03 -10.88 -7.14
N GLY E 345 -33.09 -10.34 -7.92
CA GLY E 345 -32.89 -10.74 -9.32
C GLY E 345 -34.15 -10.61 -10.15
N THR E 346 -34.30 -11.50 -11.14
CA THR E 346 -35.42 -11.46 -12.08
C THR E 346 -36.07 -12.83 -12.17
N VAL E 347 -37.27 -12.85 -12.74
CA VAL E 347 -38.04 -14.11 -12.96
C VAL E 347 -38.43 -14.38 -14.42
N VAL E 348 -37.98 -13.52 -15.34
CA VAL E 348 -38.49 -13.51 -16.73
C VAL E 348 -37.98 -14.64 -17.61
N GLY E 349 -36.72 -15.04 -17.43
CA GLY E 349 -36.14 -16.18 -18.15
C GLY E 349 -36.11 -17.48 -17.34
N LYS E 350 -37.09 -17.66 -16.45
CA LYS E 350 -37.08 -18.77 -15.49
C LYS E 350 -38.46 -19.41 -15.43
N LEU E 351 -38.49 -20.74 -15.24
CA LEU E 351 -39.74 -21.50 -15.31
C LEU E 351 -40.61 -21.34 -14.07
N GLU E 352 -41.89 -21.69 -14.21
CA GLU E 352 -42.92 -21.55 -13.16
C GLU E 352 -42.47 -22.06 -11.78
N GLY E 353 -41.72 -23.18 -11.78
CA GLY E 353 -41.19 -23.77 -10.54
C GLY E 353 -40.33 -22.82 -9.71
N GLU E 354 -39.48 -22.07 -10.39
CA GLU E 354 -38.61 -21.07 -9.75
C GLU E 354 -39.27 -19.70 -9.60
N ARG E 355 -40.24 -19.41 -10.46
CA ARG E 355 -41.07 -18.19 -10.33
C ARG E 355 -41.79 -18.15 -8.99
N GLY E 356 -42.36 -19.30 -8.61
CA GLY E 356 -43.01 -19.45 -7.31
C GLY E 356 -42.10 -19.32 -6.10
N ILE E 357 -40.90 -19.88 -6.21
CA ILE E 357 -39.89 -19.79 -5.16
C ILE E 357 -39.38 -18.35 -4.99
N THR E 358 -39.21 -17.65 -6.11
CA THR E 358 -38.78 -16.25 -6.10
C THR E 358 -39.84 -15.36 -5.46
N MET E 359 -41.10 -15.56 -5.82
CA MET E 359 -42.18 -14.77 -5.25
C MET E 359 -42.50 -15.15 -3.81
N GLY E 360 -42.07 -16.35 -3.39
CA GLY E 360 -42.13 -16.77 -2.00
C GLY E 360 -41.26 -15.95 -1.07
N PHE E 361 -40.01 -15.71 -1.45
CA PHE E 361 -39.16 -14.88 -0.63
C PHE E 361 -39.42 -13.37 -0.82
N VAL E 362 -39.87 -12.95 -2.01
CA VAL E 362 -40.36 -11.56 -2.19
C VAL E 362 -41.51 -11.26 -1.21
N ASP E 363 -42.36 -12.25 -0.95
CA ASP E 363 -43.40 -12.11 0.09
C ASP E 363 -42.82 -12.01 1.50
N LEU E 364 -41.84 -12.85 1.81
CA LEU E 364 -41.14 -12.80 3.11
C LEU E 364 -40.44 -11.46 3.36
N LEU E 365 -40.01 -10.81 2.27
CA LEU E 365 -39.41 -9.48 2.33
C LEU E 365 -40.42 -8.34 2.53
N ARG E 366 -41.62 -8.47 1.96
CA ARG E 366 -42.57 -7.36 1.91
C ARG E 366 -43.76 -7.45 2.88
N GLU E 367 -44.40 -8.60 2.95
CA GLU E 367 -45.62 -8.75 3.72
C GLU E 367 -45.30 -8.83 5.22
N ASN E 368 -46.36 -8.81 6.02
CA ASN E 368 -46.25 -8.94 7.47
C ASN E 368 -46.57 -10.31 8.00
N TYR E 369 -47.32 -11.08 7.23
CA TYR E 369 -47.64 -12.46 7.54
C TYR E 369 -47.47 -13.23 6.26
N VAL E 370 -46.66 -14.26 6.31
CA VAL E 370 -46.48 -15.16 5.19
C VAL E 370 -46.73 -16.55 5.77
N GLU E 371 -47.78 -17.20 5.29
CA GLU E 371 -48.13 -18.53 5.76
C GLU E 371 -47.32 -19.60 5.08
N GLN E 372 -47.13 -20.71 5.79
CA GLN E 372 -46.45 -21.88 5.29
C GLN E 372 -47.02 -22.34 3.95
N ASP E 373 -46.11 -22.61 3.03
CA ASP E 373 -46.41 -23.12 1.70
C ASP E 373 -45.16 -23.84 1.27
N LYS E 374 -45.21 -25.16 1.17
CA LYS E 374 -44.01 -25.90 0.80
C LYS E 374 -43.82 -25.98 -0.72
N SER E 375 -44.91 -25.92 -1.47
CA SER E 375 -44.85 -25.69 -2.92
C SER E 375 -44.01 -24.47 -3.34
N ARG E 376 -44.08 -23.40 -2.54
CA ARG E 376 -43.29 -22.16 -2.75
C ARG E 376 -41.99 -22.07 -1.91
N GLY E 377 -41.64 -23.13 -1.21
CA GLY E 377 -40.40 -23.20 -0.44
C GLY E 377 -40.43 -22.47 0.88
N ILE E 378 -41.63 -22.21 1.39
CA ILE E 378 -41.83 -21.52 2.67
C ILE E 378 -42.17 -22.56 3.73
N TYR E 379 -41.13 -23.05 4.39
CA TYR E 379 -41.25 -24.19 5.30
C TYR E 379 -41.94 -23.85 6.63
N PHE E 380 -41.92 -22.57 7.00
CA PHE E 380 -42.65 -22.08 8.16
C PHE E 380 -43.46 -20.85 7.80
N THR E 381 -44.63 -20.76 8.42
CA THR E 381 -45.35 -19.51 8.54
C THR E 381 -44.46 -18.52 9.28
N GLN E 382 -44.26 -17.35 8.68
CA GLN E 382 -43.43 -16.31 9.25
C GLN E 382 -44.31 -15.09 9.51
N ASP E 383 -44.42 -14.74 10.79
CA ASP E 383 -45.22 -13.62 11.27
C ASP E 383 -44.20 -12.56 11.70
N TRP E 384 -44.25 -11.38 11.06
CA TRP E 384 -43.17 -10.36 11.14
C TRP E 384 -43.25 -9.29 12.28
N ALA E 385 -44.32 -9.31 13.07
CA ALA E 385 -44.50 -8.36 14.19
C ALA E 385 -44.30 -6.92 13.77
N SER E 386 -45.03 -6.52 12.72
CA SER E 386 -45.03 -5.15 12.21
C SER E 386 -43.65 -4.58 11.88
N LEU E 387 -42.69 -5.44 11.58
CA LEU E 387 -41.36 -4.99 11.16
C LEU E 387 -41.56 -4.45 9.74
N PRO E 388 -40.98 -3.31 9.39
CA PRO E 388 -41.19 -2.82 8.04
C PRO E 388 -40.71 -3.80 6.96
N GLY E 389 -41.42 -3.80 5.84
CA GLY E 389 -41.03 -4.55 4.66
C GLY E 389 -39.99 -3.77 3.88
N VAL E 390 -39.30 -4.49 3.00
CA VAL E 390 -38.26 -3.97 2.14
C VAL E 390 -38.73 -4.18 0.71
N MET E 391 -38.43 -3.21 -0.17
CA MET E 391 -38.84 -3.32 -1.57
C MET E 391 -37.94 -4.23 -2.37
N ALA E 392 -38.56 -5.08 -3.19
CA ALA E 392 -37.83 -5.97 -4.06
C ALA E 392 -37.31 -5.19 -5.25
N VAL E 393 -36.04 -5.37 -5.57
CA VAL E 393 -35.40 -4.78 -6.72
C VAL E 393 -35.23 -5.88 -7.76
N ALA E 394 -35.75 -5.65 -8.96
CA ALA E 394 -35.80 -6.66 -10.02
C ALA E 394 -35.03 -6.27 -11.30
N SER E 395 -33.84 -6.86 -11.43
CA SER E 395 -32.86 -6.38 -12.37
C SER E 395 -32.07 -7.48 -13.07
N GLY E 396 -32.36 -7.66 -14.33
CA GLY E 396 -31.66 -8.64 -15.14
C GLY E 396 -31.81 -8.01 -16.49
N GLY E 397 -31.67 -8.82 -17.53
CA GLY E 397 -31.67 -8.29 -18.88
C GLY E 397 -33.17 -8.08 -19.04
N ILE E 398 -33.57 -6.86 -18.64
CA ILE E 398 -34.91 -6.34 -18.87
C ILE E 398 -34.87 -5.02 -19.60
N HIS E 399 -35.90 -4.84 -20.42
CA HIS E 399 -36.06 -3.69 -21.27
C HIS E 399 -37.56 -3.40 -21.34
N VAL E 400 -37.95 -2.37 -22.08
CA VAL E 400 -39.36 -1.95 -22.17
C VAL E 400 -40.39 -3.06 -22.39
N TRP E 401 -40.07 -4.07 -23.21
CA TRP E 401 -41.03 -5.16 -23.44
C TRP E 401 -41.37 -5.98 -22.20
N HIS E 402 -40.45 -6.02 -21.23
CA HIS E 402 -40.70 -6.69 -19.94
C HIS E 402 -41.63 -5.94 -19.00
N MET E 403 -41.81 -4.65 -19.24
CA MET E 403 -42.55 -3.79 -18.32
C MET E 403 -43.93 -4.31 -17.88
N PRO E 404 -44.77 -4.79 -18.82
CA PRO E 404 -46.05 -5.34 -18.39
C PRO E 404 -45.95 -6.55 -17.44
N ALA E 405 -45.05 -7.50 -17.72
CA ALA E 405 -44.88 -8.69 -16.87
C ALA E 405 -44.33 -8.34 -15.48
N LEU E 406 -43.37 -7.42 -15.44
CA LEU E 406 -42.83 -6.90 -14.18
C LEU E 406 -43.90 -6.25 -13.29
N VAL E 407 -44.70 -5.36 -13.85
CA VAL E 407 -45.82 -4.71 -13.14
C VAL E 407 -46.90 -5.72 -12.69
N GLU E 408 -47.09 -6.77 -13.47
CA GLU E 408 -48.00 -7.85 -13.16
C GLU E 408 -47.52 -8.77 -12.05
N ILE E 409 -46.25 -9.17 -12.14
CA ILE E 409 -45.68 -10.16 -11.22
C ILE E 409 -45.33 -9.53 -9.87
N PHE E 410 -44.58 -8.45 -9.91
CA PHE E 410 -44.05 -7.81 -8.69
C PHE E 410 -45.01 -6.82 -8.07
N GLY E 411 -45.86 -6.20 -8.87
CA GLY E 411 -46.82 -5.22 -8.38
C GLY E 411 -46.12 -3.90 -8.14
N ASP E 412 -46.76 -3.02 -7.36
CA ASP E 412 -46.23 -1.69 -7.11
C ASP E 412 -45.00 -1.64 -6.21
N ASP E 413 -44.89 -2.54 -5.24
CA ASP E 413 -43.86 -2.41 -4.21
C ASP E 413 -42.54 -3.03 -4.62
N SER E 414 -41.92 -2.39 -5.60
CA SER E 414 -40.67 -2.85 -6.19
C SER E 414 -39.92 -1.71 -6.88
N VAL E 415 -38.64 -1.96 -7.15
CA VAL E 415 -37.82 -1.06 -7.94
C VAL E 415 -37.39 -1.83 -9.15
N LEU E 416 -37.67 -1.28 -10.33
CA LEU E 416 -37.30 -1.91 -11.58
C LEU E 416 -36.01 -1.27 -12.05
N GLN E 417 -34.96 -2.10 -12.21
CA GLN E 417 -33.60 -1.63 -12.50
C GLN E 417 -33.18 -1.94 -13.92
N PHE E 418 -33.18 -0.93 -14.77
CA PHE E 418 -32.81 -1.12 -16.19
C PHE E 418 -31.34 -0.85 -16.47
N GLY E 419 -30.91 -1.21 -17.68
CA GLY E 419 -29.56 -0.96 -18.18
C GLY E 419 -28.53 -2.05 -17.98
N GLY E 420 -28.95 -3.23 -17.53
CA GLY E 420 -28.04 -4.28 -17.04
C GLY E 420 -27.54 -5.35 -18.01
N GLY E 421 -28.36 -5.68 -19.01
CA GLY E 421 -28.01 -6.69 -20.03
C GLY E 421 -27.36 -6.09 -21.27
N THR E 422 -27.18 -6.91 -22.31
CA THR E 422 -26.64 -6.45 -23.61
C THR E 422 -27.70 -5.57 -24.27
N LEU E 423 -27.70 -4.31 -23.85
CA LEU E 423 -28.73 -3.39 -24.26
C LEU E 423 -28.17 -1.96 -24.05
N GLY E 424 -28.53 -1.10 -25.00
CA GLY E 424 -28.28 0.33 -24.93
C GLY E 424 -29.42 1.00 -25.66
N HIS E 425 -29.59 2.30 -25.50
CA HIS E 425 -30.57 3.06 -26.27
C HIS E 425 -29.79 4.03 -27.15
N PRO E 426 -30.01 4.00 -28.48
CA PRO E 426 -29.10 4.65 -29.43
C PRO E 426 -29.04 6.20 -29.39
N TRP E 427 -29.98 6.84 -28.72
CA TRP E 427 -30.02 8.30 -28.55
C TRP E 427 -29.32 8.85 -27.30
N GLY E 428 -28.94 7.96 -26.39
CA GLY E 428 -28.37 8.35 -25.09
C GLY E 428 -29.11 7.74 -23.92
N ASN E 429 -28.70 8.11 -22.71
CA ASN E 429 -29.27 7.55 -21.50
C ASN E 429 -30.61 8.17 -21.15
N ALA E 430 -30.72 9.49 -21.28
CA ALA E 430 -31.97 10.19 -20.95
C ALA E 430 -33.17 9.69 -21.80
N PRO E 431 -33.01 9.61 -23.14
CA PRO E 431 -34.04 8.98 -23.96
C PRO E 431 -34.39 7.55 -23.56
N GLY E 432 -33.37 6.76 -23.25
CA GLY E 432 -33.54 5.40 -22.71
C GLY E 432 -34.33 5.35 -21.42
N ALA E 433 -34.07 6.32 -20.55
CA ALA E 433 -34.86 6.54 -19.34
C ALA E 433 -36.31 6.88 -19.68
N THR E 434 -36.50 7.94 -20.49
CA THR E 434 -37.84 8.38 -20.96
C THR E 434 -38.67 7.23 -21.54
N ALA E 435 -38.00 6.35 -22.28
CA ALA E 435 -38.64 5.15 -22.82
C ALA E 435 -39.21 4.23 -21.73
N ASN E 436 -38.42 3.97 -20.68
CA ASN E 436 -38.87 3.10 -19.58
C ASN E 436 -39.93 3.76 -18.69
N ARG E 437 -39.79 5.06 -18.46
CA ARG E 437 -40.74 5.77 -17.60
C ARG E 437 -42.09 5.80 -18.27
N VAL E 438 -42.11 6.23 -19.54
CA VAL E 438 -43.35 6.22 -20.36
C VAL E 438 -44.00 4.84 -20.38
N ALA E 439 -43.19 3.81 -20.59
CA ALA E 439 -43.67 2.43 -20.58
C ALA E 439 -44.22 2.01 -19.20
N LEU E 440 -43.56 2.45 -18.13
CA LEU E 440 -44.04 2.09 -16.79
C LEU E 440 -45.36 2.79 -16.48
N GLU E 441 -45.41 4.10 -16.69
CA GLU E 441 -46.66 4.84 -16.52
C GLU E 441 -47.78 4.19 -17.34
N ALA E 442 -47.46 3.80 -18.57
CA ALA E 442 -48.43 3.15 -19.46
C ALA E 442 -49.01 1.86 -18.90
N CYS E 443 -48.15 0.97 -18.43
CA CYS E 443 -48.59 -0.32 -17.86
C CYS E 443 -49.31 -0.17 -16.52
N VAL E 444 -48.80 0.71 -15.66
CA VAL E 444 -49.46 1.04 -14.38
C VAL E 444 -50.82 1.71 -14.60
N GLN E 445 -50.90 2.61 -15.58
CA GLN E 445 -52.15 3.26 -15.92
C GLN E 445 -53.15 2.25 -16.47
N ALA E 446 -52.68 1.39 -17.36
CA ALA E 446 -53.52 0.36 -17.97
C ALA E 446 -54.08 -0.60 -16.91
N ARG E 447 -53.22 -1.09 -16.04
CA ARG E 447 -53.63 -2.00 -14.98
C ARG E 447 -54.71 -1.40 -14.08
N ASN E 448 -54.57 -0.12 -13.74
CA ASN E 448 -55.57 0.58 -12.94
C ASN E 448 -56.94 0.67 -13.61
N GLU E 449 -56.95 0.93 -14.92
CA GLU E 449 -58.19 0.89 -15.72
C GLU E 449 -58.89 -0.46 -15.64
N GLY E 450 -58.10 -1.52 -15.66
CA GLY E 450 -58.62 -2.89 -15.70
C GLY E 450 -58.11 -3.75 -16.84
N ARG E 451 -57.31 -3.17 -17.74
CA ARG E 451 -56.70 -3.90 -18.84
C ARG E 451 -55.92 -5.11 -18.34
N ASN E 452 -56.04 -6.22 -19.05
CA ASN E 452 -55.30 -7.42 -18.71
C ASN E 452 -53.87 -7.27 -19.25
N LEU E 453 -52.90 -7.21 -18.33
CA LEU E 453 -51.48 -7.07 -18.70
C LEU E 453 -50.85 -8.37 -19.22
N ALA E 454 -51.34 -9.51 -18.74
CA ALA E 454 -50.93 -10.81 -19.30
C ALA E 454 -51.19 -10.88 -20.80
N ARG E 455 -52.40 -10.48 -21.19
CA ARG E 455 -52.88 -10.61 -22.57
C ARG E 455 -52.66 -9.38 -23.45
N GLU E 456 -52.66 -8.20 -22.86
CA GLU E 456 -52.53 -6.94 -23.61
C GLU E 456 -51.34 -6.05 -23.15
N GLY E 457 -50.32 -6.64 -22.55
CA GLY E 457 -49.11 -5.90 -22.18
C GLY E 457 -48.42 -5.27 -23.37
N ASN E 458 -48.29 -6.06 -24.43
CA ASN E 458 -47.65 -5.63 -25.67
C ASN E 458 -48.45 -4.56 -26.38
N ASP E 459 -49.77 -4.70 -26.38
CA ASP E 459 -50.68 -3.67 -26.91
C ASP E 459 -50.43 -2.32 -26.26
N VAL E 460 -50.42 -2.30 -24.92
CA VAL E 460 -50.30 -1.08 -24.12
C VAL E 460 -49.06 -0.26 -24.45
N ILE E 461 -47.94 -0.95 -24.63
CA ILE E 461 -46.69 -0.31 -24.99
C ILE E 461 -46.72 0.28 -26.39
N ARG E 462 -47.20 -0.49 -27.38
CA ARG E 462 -47.33 -0.01 -28.77
C ARG E 462 -48.19 1.25 -28.84
N GLU E 463 -49.34 1.19 -28.19
CA GLU E 463 -50.25 2.34 -28.07
C GLU E 463 -49.52 3.56 -27.48
N ALA E 464 -48.76 3.31 -26.42
CA ALA E 464 -47.91 4.33 -25.78
C ALA E 464 -46.80 4.82 -26.70
N ALA E 465 -46.21 3.92 -27.46
CA ALA E 465 -45.12 4.25 -28.36
C ALA E 465 -45.49 5.25 -29.48
N LYS E 466 -46.77 5.29 -29.87
CA LYS E 466 -47.25 6.22 -30.89
C LYS E 466 -46.87 7.66 -30.58
N TRP E 467 -47.24 8.11 -29.38
CA TRP E 467 -46.98 9.49 -28.95
C TRP E 467 -45.62 9.71 -28.26
N SER E 468 -44.88 8.62 -27.97
CA SER E 468 -43.52 8.74 -27.41
C SER E 468 -42.43 8.28 -28.40
N PRO E 469 -41.73 9.23 -29.06
CA PRO E 469 -40.70 8.84 -30.02
C PRO E 469 -39.54 8.02 -29.42
N GLU E 470 -39.28 8.23 -28.13
CA GLU E 470 -38.22 7.49 -27.42
C GLU E 470 -38.64 6.05 -27.16
N LEU E 471 -39.89 5.83 -26.77
CA LEU E 471 -40.39 4.47 -26.60
C LEU E 471 -40.44 3.71 -27.92
N ALA E 472 -40.75 4.41 -29.00
CA ALA E 472 -40.86 3.79 -30.33
C ALA E 472 -39.51 3.27 -30.83
N VAL E 473 -38.44 4.01 -30.57
CA VAL E 473 -37.07 3.57 -30.88
C VAL E 473 -36.66 2.37 -30.01
N ALA E 474 -37.05 2.40 -28.74
CA ALA E 474 -36.78 1.32 -27.79
C ALA E 474 -37.52 0.03 -28.17
N CYS E 475 -38.81 0.15 -28.43
CA CYS E 475 -39.64 -0.98 -28.88
C CYS E 475 -39.08 -1.69 -30.11
N GLU E 476 -38.57 -0.91 -31.06
CA GLU E 476 -38.06 -1.44 -32.31
C GLU E 476 -36.70 -2.11 -32.11
N LEU E 477 -35.99 -1.68 -31.08
CA LEU E 477 -34.66 -2.20 -30.76
C LEU E 477 -34.61 -3.59 -30.10
N TRP E 478 -35.68 -3.99 -29.42
CA TRP E 478 -35.76 -5.30 -28.72
C TRP E 478 -36.98 -6.08 -29.20
N LYS E 479 -36.85 -7.39 -29.35
CA LYS E 479 -38.01 -8.21 -29.73
C LYS E 479 -38.97 -8.36 -28.55
N GLU E 480 -40.26 -8.23 -28.84
CA GLU E 480 -41.32 -8.30 -27.83
C GLU E 480 -41.62 -9.72 -27.36
N ILE E 481 -42.46 -9.85 -26.33
CA ILE E 481 -42.79 -11.13 -25.68
C ILE E 481 -44.28 -11.20 -25.26
N LYS E 482 -45.07 -12.09 -25.90
CA LYS E 482 -46.46 -12.39 -25.47
C LYS E 482 -46.95 -13.80 -25.80
N PHE E 483 -47.09 -14.68 -24.79
CA PHE E 483 -47.63 -16.07 -24.95
C PHE E 483 -47.89 -16.83 -23.59
N GLU E 484 -48.13 -18.15 -23.66
CA GLU E 484 -48.82 -19.03 -22.64
C GLU E 484 -48.57 -19.08 -21.08
N PHE E 485 -49.68 -19.34 -20.37
CA PHE E 485 -49.83 -19.43 -18.88
C PHE E 485 -49.10 -20.51 -18.04
N GLU E 486 -49.28 -20.35 -16.73
CA GLU E 486 -48.91 -21.31 -15.68
C GLU E 486 -49.70 -22.62 -15.63
N ALA E 487 -48.96 -23.73 -15.48
CA ALA E 487 -49.52 -25.06 -15.22
C ALA E 487 -49.75 -25.26 -13.72
N MET E 488 -50.24 -26.45 -13.33
CA MET E 488 -50.63 -26.81 -11.94
C MET E 488 -52.09 -26.42 -11.72
N ARG F 37 -18.70 -12.64 -25.86
CA ARG F 37 -17.35 -12.66 -25.21
C ARG F 37 -16.27 -12.98 -26.26
N LEU F 38 -15.29 -13.83 -25.94
CA LEU F 38 -14.10 -14.10 -26.77
C LEU F 38 -13.30 -12.83 -27.21
N THR F 39 -13.45 -11.79 -26.38
CA THR F 39 -12.51 -10.68 -26.26
C THR F 39 -11.96 -10.63 -24.82
N TYR F 40 -12.41 -11.58 -24.00
CA TYR F 40 -11.94 -11.82 -22.64
C TYR F 40 -11.11 -13.11 -22.54
N TYR F 41 -11.11 -13.92 -23.60
CA TYR F 41 -10.17 -15.03 -23.73
C TYR F 41 -8.98 -14.60 -24.60
N THR F 42 -7.86 -14.33 -23.95
CA THR F 42 -6.64 -13.91 -24.62
C THR F 42 -5.49 -14.77 -24.06
N PRO F 43 -5.23 -15.94 -24.67
CA PRO F 43 -4.17 -16.82 -24.15
C PRO F 43 -2.76 -16.36 -24.47
N ASP F 44 -2.63 -15.48 -25.46
CA ASP F 44 -1.36 -14.82 -25.79
C ASP F 44 -0.88 -13.87 -24.68
N TYR F 45 -1.81 -13.39 -23.85
CA TYR F 45 -1.51 -12.45 -22.75
C TYR F 45 -0.62 -13.02 -21.64
N THR F 46 0.45 -12.30 -21.33
CA THR F 46 1.37 -12.64 -20.27
C THR F 46 0.95 -11.89 -19.00
N PRO F 47 0.58 -12.62 -17.92
CA PRO F 47 0.19 -11.91 -16.70
C PRO F 47 1.34 -11.12 -16.07
N LYS F 48 1.00 -9.94 -15.53
CA LYS F 48 1.95 -9.06 -14.86
C LYS F 48 2.13 -9.42 -13.40
N ASP F 49 3.22 -8.96 -12.80
CA ASP F 49 3.48 -9.10 -11.36
C ASP F 49 2.57 -8.25 -10.44
N THR F 50 1.88 -7.27 -11.03
CA THR F 50 0.90 -6.45 -10.31
C THR F 50 -0.56 -6.92 -10.47
N ASP F 51 -0.81 -7.88 -11.36
CA ASP F 51 -2.16 -8.38 -11.62
C ASP F 51 -2.62 -9.24 -10.44
N ILE F 52 -3.93 -9.23 -10.20
CA ILE F 52 -4.58 -10.18 -9.30
C ILE F 52 -5.00 -11.29 -10.21
N LEU F 53 -4.67 -12.52 -9.83
CA LEU F 53 -4.96 -13.68 -10.64
C LEU F 53 -5.90 -14.57 -9.89
N ALA F 54 -6.83 -15.18 -10.61
CA ALA F 54 -7.79 -16.13 -10.05
C ALA F 54 -7.70 -17.46 -10.77
N ALA F 55 -7.96 -18.54 -10.04
CA ALA F 55 -8.04 -19.88 -10.57
C ALA F 55 -9.44 -20.44 -10.29
N PHE F 56 -10.29 -20.43 -11.31
CA PHE F 56 -11.65 -20.97 -11.23
C PHE F 56 -11.74 -22.39 -11.76
N ARG F 57 -12.33 -23.29 -10.98
CA ARG F 57 -12.73 -24.63 -11.46
C ARG F 57 -14.09 -24.53 -12.11
N VAL F 58 -14.08 -24.25 -13.42
CA VAL F 58 -15.31 -24.11 -14.20
C VAL F 58 -15.85 -25.49 -14.61
N THR F 59 -17.17 -25.64 -14.50
CA THR F 59 -17.86 -26.86 -14.91
C THR F 59 -19.04 -26.39 -15.79
N PRO F 60 -18.80 -26.21 -17.11
CA PRO F 60 -19.84 -25.68 -18.00
C PRO F 60 -20.98 -26.67 -18.27
N GLN F 61 -22.11 -26.17 -18.73
CA GLN F 61 -23.22 -27.04 -19.13
C GLN F 61 -22.81 -27.81 -20.40
N PRO F 62 -23.29 -29.07 -20.53
CA PRO F 62 -23.02 -29.89 -21.72
C PRO F 62 -23.25 -29.11 -23.00
N GLY F 63 -22.24 -29.09 -23.87
CA GLY F 63 -22.32 -28.37 -25.14
C GLY F 63 -22.18 -26.86 -25.01
N VAL F 64 -21.58 -26.39 -23.92
CA VAL F 64 -21.09 -25.01 -23.82
C VAL F 64 -19.58 -25.08 -23.98
N PRO F 65 -19.04 -24.44 -25.04
CA PRO F 65 -17.59 -24.55 -25.23
C PRO F 65 -16.83 -23.90 -24.09
N PHE F 66 -15.63 -24.43 -23.81
CA PHE F 66 -14.79 -23.93 -22.72
C PHE F 66 -14.39 -22.48 -22.94
N GLU F 67 -13.96 -22.18 -24.17
CA GLU F 67 -13.59 -20.82 -24.59
C GLU F 67 -14.64 -19.74 -24.22
N GLU F 68 -15.93 -20.05 -24.41
CA GLU F 68 -17.04 -19.13 -24.09
C GLU F 68 -17.26 -18.97 -22.58
N ALA F 69 -17.31 -20.10 -21.88
CA ALA F 69 -17.47 -20.15 -20.43
C ALA F 69 -16.39 -19.34 -19.73
N ALA F 70 -15.14 -19.69 -20.02
CA ALA F 70 -13.96 -18.99 -19.50
C ALA F 70 -14.03 -17.48 -19.71
N ALA F 71 -14.43 -17.10 -20.92
CA ALA F 71 -14.50 -15.69 -21.27
C ALA F 71 -15.63 -14.97 -20.53
N ALA F 72 -16.74 -15.68 -20.28
CA ALA F 72 -17.84 -15.15 -19.49
C ALA F 72 -17.46 -14.91 -18.03
N VAL F 73 -16.75 -15.88 -17.47
CA VAL F 73 -16.23 -15.78 -16.10
C VAL F 73 -15.35 -14.54 -15.97
N ALA F 74 -14.42 -14.36 -16.92
CA ALA F 74 -13.53 -13.20 -16.92
C ALA F 74 -14.25 -11.85 -17.05
N ALA F 75 -15.32 -11.82 -17.81
CA ALA F 75 -16.05 -10.59 -18.06
C ALA F 75 -16.99 -10.28 -16.93
N GLU F 76 -17.74 -11.29 -16.47
CA GLU F 76 -18.69 -11.07 -15.38
C GLU F 76 -18.02 -10.84 -14.03
N SER F 77 -16.78 -11.29 -13.84
CA SER F 77 -15.98 -10.86 -12.69
C SER F 77 -15.48 -9.41 -12.85
N SER F 78 -15.02 -9.03 -14.03
CA SER F 78 -14.31 -7.76 -14.20
C SER F 78 -15.11 -6.52 -14.65
N THR F 79 -15.67 -6.57 -15.86
CA THR F 79 -16.31 -5.39 -16.49
C THR F 79 -17.73 -5.65 -16.97
N GLY F 80 -18.32 -6.76 -16.53
CA GLY F 80 -19.66 -7.18 -16.95
C GLY F 80 -19.78 -7.64 -18.39
N THR F 81 -21.01 -8.03 -18.72
CA THR F 81 -21.47 -8.09 -20.09
C THR F 81 -21.16 -6.73 -20.67
N TRP F 82 -20.26 -6.71 -21.65
CA TRP F 82 -19.86 -5.46 -22.29
C TRP F 82 -21.07 -4.89 -23.00
N THR F 83 -21.29 -3.60 -22.81
CA THR F 83 -22.36 -2.89 -23.48
C THR F 83 -21.70 -1.89 -24.42
N THR F 84 -21.66 -2.24 -25.71
CA THR F 84 -21.31 -1.26 -26.73
C THR F 84 -22.43 -0.20 -26.74
N VAL F 85 -22.04 1.01 -26.38
CA VAL F 85 -22.91 2.18 -26.42
C VAL F 85 -22.28 3.18 -27.40
N TRP F 86 -22.92 4.31 -27.60
CA TRP F 86 -22.38 5.37 -28.47
C TRP F 86 -21.07 6.01 -27.98
N THR F 87 -20.86 6.02 -26.66
CA THR F 87 -19.63 6.53 -26.04
C THR F 87 -18.38 5.66 -26.32
N ASP F 88 -18.57 4.42 -26.76
CA ASP F 88 -17.45 3.59 -27.27
C ASP F 88 -16.78 4.16 -28.52
N LEU F 89 -17.52 4.95 -29.32
CA LEU F 89 -16.96 5.69 -30.45
C LEU F 89 -16.03 6.84 -30.01
N LEU F 90 -16.23 7.35 -28.79
CA LEU F 90 -15.40 8.42 -28.22
C LEU F 90 -14.12 7.94 -27.50
N THR F 91 -14.25 6.97 -26.59
CA THR F 91 -13.10 6.38 -25.87
C THR F 91 -13.24 4.88 -25.61
N ASP F 92 -12.10 4.21 -25.40
CA ASP F 92 -12.07 2.79 -25.03
C ASP F 92 -11.59 2.62 -23.59
N LEU F 93 -12.26 1.73 -22.88
CA LEU F 93 -11.86 1.29 -21.55
C LEU F 93 -11.64 -0.21 -21.72
N ASP F 94 -10.43 -0.50 -22.22
CA ASP F 94 -9.87 -1.85 -22.27
C ASP F 94 -8.68 -1.97 -21.32
N ARG F 95 -8.31 -0.88 -20.64
CA ARG F 95 -7.34 -0.92 -19.56
C ARG F 95 -7.81 -1.85 -18.44
N TYR F 96 -9.10 -1.77 -18.13
CA TYR F 96 -9.67 -2.40 -16.94
C TYR F 96 -10.41 -3.73 -17.19
N LYS F 97 -10.22 -4.33 -18.36
CA LYS F 97 -10.82 -5.63 -18.63
C LYS F 97 -9.98 -6.72 -17.99
N GLY F 98 -10.67 -7.67 -17.38
CA GLY F 98 -10.03 -8.86 -16.82
C GLY F 98 -10.10 -9.87 -17.93
N ARG F 99 -9.32 -10.93 -17.87
CA ARG F 99 -9.20 -11.83 -19.02
C ARG F 99 -8.65 -13.20 -18.70
N CYS F 100 -9.18 -14.20 -19.40
CA CYS F 100 -8.68 -15.56 -19.28
C CYS F 100 -7.44 -15.69 -20.16
N TYR F 101 -6.35 -16.15 -19.55
CA TYR F 101 -5.06 -16.28 -20.23
C TYR F 101 -4.52 -17.71 -20.33
N ASP F 102 -5.16 -18.65 -19.64
CA ASP F 102 -4.86 -20.08 -19.77
C ASP F 102 -6.14 -20.84 -19.42
N ILE F 103 -6.32 -21.99 -20.07
CA ILE F 103 -7.57 -22.74 -19.96
C ILE F 103 -7.23 -24.25 -19.91
N GLU F 104 -7.05 -24.76 -18.69
CA GLU F 104 -6.44 -26.06 -18.42
C GLU F 104 -7.48 -27.09 -17.96
N PRO F 105 -7.81 -28.09 -18.82
CA PRO F 105 -8.84 -29.06 -18.41
C PRO F 105 -8.37 -29.99 -17.30
N VAL F 106 -9.21 -30.21 -16.31
CA VAL F 106 -8.85 -31.01 -15.15
C VAL F 106 -8.83 -32.47 -15.61
N PRO F 107 -7.65 -33.12 -15.56
CA PRO F 107 -7.63 -34.54 -15.95
C PRO F 107 -8.34 -35.39 -14.91
N GLY F 108 -9.02 -36.44 -15.37
CA GLY F 108 -9.77 -37.34 -14.50
C GLY F 108 -11.13 -36.84 -14.03
N GLU F 109 -11.66 -35.80 -14.68
CA GLU F 109 -12.95 -35.18 -14.29
C GLU F 109 -13.87 -34.94 -15.48
N ASP F 110 -15.16 -34.97 -15.21
CA ASP F 110 -16.20 -34.84 -16.22
C ASP F 110 -16.39 -33.39 -16.69
N ASN F 111 -15.90 -33.09 -17.88
CA ASN F 111 -16.15 -31.81 -18.56
C ASN F 111 -15.85 -30.63 -17.63
N GLN F 112 -14.62 -30.56 -17.14
CA GLN F 112 -14.25 -29.65 -16.08
C GLN F 112 -12.87 -29.04 -16.36
N PHE F 113 -12.74 -27.72 -16.20
CA PHE F 113 -11.48 -27.02 -16.49
C PHE F 113 -11.17 -25.83 -15.57
N ILE F 114 -9.88 -25.56 -15.41
CA ILE F 114 -9.37 -24.42 -14.65
C ILE F 114 -9.20 -23.19 -15.56
N ALA F 115 -9.99 -22.15 -15.31
CA ALA F 115 -9.81 -20.86 -15.99
C ALA F 115 -8.84 -20.02 -15.19
N TYR F 116 -7.75 -19.57 -15.82
CA TYR F 116 -6.81 -18.67 -15.17
C TYR F 116 -7.10 -17.26 -15.66
N ILE F 117 -7.65 -16.44 -14.76
CA ILE F 117 -8.12 -15.10 -15.11
C ILE F 117 -7.24 -14.06 -14.44
N ALA F 118 -6.96 -12.99 -15.16
CA ALA F 118 -6.03 -11.95 -14.72
C ALA F 118 -6.75 -10.61 -14.69
N TYR F 119 -6.74 -10.00 -13.51
CA TYR F 119 -7.40 -8.71 -13.29
C TYR F 119 -6.33 -7.66 -13.02
N PRO F 120 -6.50 -6.44 -13.55
CA PRO F 120 -5.50 -5.41 -13.28
C PRO F 120 -5.55 -4.83 -11.88
N LEU F 121 -4.39 -4.34 -11.43
CA LEU F 121 -4.23 -3.77 -10.10
C LEU F 121 -5.25 -2.69 -9.76
N ASP F 122 -5.58 -1.83 -10.74
CA ASP F 122 -6.48 -0.68 -10.53
C ASP F 122 -7.98 -0.95 -10.28
N LEU F 123 -8.46 -2.19 -10.49
CA LEU F 123 -9.87 -2.52 -10.18
C LEU F 123 -10.18 -2.42 -8.69
N PHE F 124 -9.22 -2.85 -7.88
CA PHE F 124 -9.44 -3.19 -6.49
C PHE F 124 -9.04 -2.07 -5.53
N GLU F 125 -9.85 -1.92 -4.47
CA GLU F 125 -9.67 -0.85 -3.50
C GLU F 125 -8.59 -1.27 -2.53
N GLU F 126 -7.68 -0.35 -2.23
CA GLU F 126 -6.53 -0.64 -1.41
C GLU F 126 -6.93 -1.15 -0.01
N GLY F 127 -6.55 -2.38 0.29
CA GLY F 127 -6.72 -2.95 1.61
C GLY F 127 -8.11 -3.42 1.91
N SER F 128 -8.87 -3.79 0.89
CA SER F 128 -10.29 -4.13 1.04
C SER F 128 -10.62 -5.50 0.47
N ILE F 129 -10.54 -6.54 1.30
CA ILE F 129 -11.03 -7.88 0.94
C ILE F 129 -12.48 -7.81 0.50
N THR F 130 -13.25 -6.98 1.19
CA THR F 130 -14.65 -6.77 0.86
C THR F 130 -14.82 -6.49 -0.64
N ASN F 131 -13.99 -5.61 -1.20
CA ASN F 131 -14.01 -5.31 -2.65
C ASN F 131 -13.47 -6.46 -3.53
N VAL F 132 -12.41 -7.13 -3.08
CA VAL F 132 -11.81 -8.27 -3.80
C VAL F 132 -12.84 -9.38 -3.98
N LEU F 133 -13.55 -9.69 -2.89
CA LEU F 133 -14.67 -10.60 -2.97
C LEU F 133 -15.78 -10.07 -3.88
N THR F 134 -16.21 -8.83 -3.65
CA THR F 134 -17.30 -8.27 -4.48
C THR F 134 -16.96 -8.35 -5.98
N SER F 135 -15.72 -8.05 -6.32
CA SER F 135 -15.28 -8.08 -7.71
C SER F 135 -15.23 -9.48 -8.28
N ILE F 136 -14.50 -10.37 -7.60
CA ILE F 136 -14.14 -11.69 -8.17
C ILE F 136 -15.22 -12.76 -8.03
N VAL F 137 -15.89 -12.81 -6.87
CA VAL F 137 -16.95 -13.81 -6.61
C VAL F 137 -18.37 -13.21 -6.47
N GLY F 138 -18.58 -12.02 -7.01
CA GLY F 138 -19.81 -11.26 -6.79
C GLY F 138 -21.03 -11.72 -7.57
N ASN F 139 -20.91 -11.80 -8.89
CA ASN F 139 -22.02 -12.24 -9.77
C ASN F 139 -21.77 -13.54 -10.53
N VAL F 140 -20.50 -13.90 -10.70
CA VAL F 140 -20.10 -14.99 -11.61
C VAL F 140 -20.65 -16.38 -11.24
N PHE F 141 -21.07 -16.58 -10.00
CA PHE F 141 -21.52 -17.90 -9.56
C PHE F 141 -22.96 -18.26 -9.89
N GLY F 142 -23.69 -17.34 -10.51
CA GLY F 142 -25.09 -17.57 -10.83
C GLY F 142 -25.46 -17.80 -12.27
N PHE F 143 -24.49 -18.11 -13.16
CA PHE F 143 -24.81 -18.38 -14.58
C PHE F 143 -25.72 -19.58 -14.73
N LYS F 144 -26.53 -19.59 -15.79
CA LYS F 144 -27.20 -20.82 -16.21
C LYS F 144 -26.23 -21.66 -17.05
N ALA F 145 -25.43 -20.98 -17.88
CA ALA F 145 -24.46 -21.59 -18.80
C ALA F 145 -23.42 -22.51 -18.14
N LEU F 146 -23.14 -22.29 -16.85
CA LEU F 146 -22.30 -23.20 -16.08
C LEU F 146 -23.16 -24.11 -15.23
N ARG F 147 -22.78 -25.38 -15.13
CA ARG F 147 -23.39 -26.30 -14.17
C ARG F 147 -23.02 -25.86 -12.75
N ALA F 148 -21.73 -25.54 -12.57
CA ALA F 148 -21.18 -25.17 -11.28
C ALA F 148 -19.84 -24.46 -11.47
N LEU F 149 -19.29 -23.95 -10.36
CA LEU F 149 -18.12 -23.07 -10.37
C LEU F 149 -17.56 -22.94 -8.97
N ARG F 150 -16.24 -22.91 -8.85
CA ARG F 150 -15.56 -22.84 -7.55
C ARG F 150 -14.23 -22.10 -7.73
N LEU F 151 -14.01 -21.09 -6.91
CA LEU F 151 -12.77 -20.33 -6.94
C LEU F 151 -11.76 -21.08 -6.09
N GLU F 152 -10.69 -21.57 -6.71
CA GLU F 152 -9.70 -22.43 -6.05
C GLU F 152 -8.61 -21.62 -5.35
N ASP F 153 -8.13 -20.57 -6.01
CA ASP F 153 -7.03 -19.75 -5.48
C ASP F 153 -7.07 -18.31 -6.02
N ILE F 154 -6.43 -17.39 -5.30
CA ILE F 154 -6.15 -16.04 -5.79
C ILE F 154 -4.67 -15.72 -5.58
N ARG F 155 -4.01 -15.23 -6.62
CA ARG F 155 -2.65 -14.72 -6.52
C ARG F 155 -2.75 -13.25 -6.14
N PHE F 156 -2.38 -12.93 -4.91
CA PHE F 156 -2.32 -11.54 -4.50
C PHE F 156 -0.94 -11.01 -4.82
N PRO F 157 -0.85 -9.98 -5.67
CA PRO F 157 0.45 -9.43 -6.00
C PRO F 157 1.01 -8.66 -4.85
N VAL F 158 2.33 -8.58 -4.79
CA VAL F 158 3.06 -7.84 -3.77
C VAL F 158 2.51 -6.40 -3.63
N ALA F 159 2.37 -5.71 -4.75
CA ALA F 159 1.97 -4.30 -4.72
C ALA F 159 0.60 -4.05 -4.11
N TYR F 160 -0.32 -5.00 -4.28
CA TYR F 160 -1.61 -4.95 -3.60
C TYR F 160 -1.49 -5.38 -2.13
N ILE F 161 -0.74 -6.44 -1.84
CA ILE F 161 -0.50 -6.89 -0.44
C ILE F 161 0.01 -5.79 0.49
N LYS F 162 0.83 -4.88 -0.02
CA LYS F 162 1.37 -3.78 0.81
C LYS F 162 0.32 -2.81 1.32
N THR F 163 -0.86 -2.82 0.69
CA THR F 163 -1.98 -1.96 1.10
C THR F 163 -2.79 -2.52 2.27
N PHE F 164 -2.40 -3.69 2.78
CA PHE F 164 -3.02 -4.32 3.94
C PHE F 164 -2.08 -4.31 5.13
N GLN F 165 -2.65 -4.20 6.33
CA GLN F 165 -1.90 -4.36 7.57
C GLN F 165 -1.51 -5.83 7.73
N GLY F 166 -2.47 -6.73 7.51
CA GLY F 166 -2.27 -8.16 7.70
C GLY F 166 -2.39 -8.48 9.19
N PRO F 167 -1.85 -9.65 9.63
CA PRO F 167 -1.86 -9.99 11.06
C PRO F 167 -1.40 -8.84 11.95
N PRO F 168 -2.17 -8.50 12.98
CA PRO F 168 -1.81 -7.37 13.86
C PRO F 168 -0.41 -7.53 14.43
N HIS F 169 -0.12 -8.76 14.88
CA HIS F 169 1.21 -9.23 15.26
C HIS F 169 1.35 -10.59 14.61
N GLY F 170 2.55 -10.99 14.22
CA GLY F 170 2.67 -12.30 13.55
C GLY F 170 2.88 -13.47 14.50
N ILE F 171 3.14 -14.62 13.90
CA ILE F 171 3.70 -15.80 14.58
C ILE F 171 4.82 -15.42 15.54
N GLN F 172 5.72 -14.55 15.07
CA GLN F 172 6.93 -14.22 15.84
C GLN F 172 6.62 -13.29 17.00
N VAL F 173 6.08 -12.11 16.70
CA VAL F 173 5.81 -11.10 17.74
C VAL F 173 4.94 -11.67 18.88
N GLU F 174 4.02 -12.56 18.55
CA GLU F 174 3.20 -13.23 19.56
C GLU F 174 4.04 -14.05 20.54
N ARG F 175 4.90 -14.92 20.00
CA ARG F 175 5.86 -15.67 20.82
C ARG F 175 6.65 -14.73 21.70
N ASP F 176 7.13 -13.63 21.13
CA ASP F 176 7.87 -12.65 21.91
C ASP F 176 7.01 -12.01 22.98
N LYS F 177 5.74 -11.71 22.66
CA LYS F 177 4.82 -11.09 23.64
C LYS F 177 4.51 -12.00 24.83
N LEU F 178 4.27 -13.28 24.54
CA LEU F 178 3.98 -14.27 25.59
C LEU F 178 5.26 -14.90 26.18
N ASN F 179 6.39 -14.59 25.57
CA ASN F 179 7.67 -15.34 25.67
C ASN F 179 7.53 -16.88 25.79
N LYS F 180 6.70 -17.43 24.88
CA LYS F 180 6.58 -18.86 24.71
C LYS F 180 7.30 -19.22 23.42
N TYR F 181 8.38 -20.02 23.55
CA TYR F 181 9.23 -20.41 22.42
C TYR F 181 9.51 -21.90 22.29
N GLY F 182 9.80 -22.32 21.07
CA GLY F 182 10.27 -23.67 20.76
C GLY F 182 9.30 -24.81 20.99
N ARG F 183 8.01 -24.50 21.05
CA ARG F 183 6.97 -25.53 21.14
C ARG F 183 5.66 -25.02 20.56
N PRO F 184 4.74 -25.94 20.22
CA PRO F 184 3.36 -25.55 19.96
C PRO F 184 2.75 -24.88 21.18
N LEU F 185 1.79 -23.99 20.95
CA LEU F 185 0.99 -23.43 22.03
C LEU F 185 -0.22 -24.32 22.32
N LEU F 186 -0.70 -24.24 23.55
CA LEU F 186 -1.78 -25.10 24.03
C LEU F 186 -2.99 -24.28 24.45
N GLY F 187 -4.16 -24.71 23.98
CA GLY F 187 -5.43 -24.09 24.38
C GLY F 187 -6.47 -25.09 24.85
N CYS F 188 -7.53 -24.55 25.42
CA CYS F 188 -8.61 -25.32 26.03
C CYS F 188 -9.96 -24.89 25.53
N THR F 189 -10.85 -25.84 25.30
CA THR F 189 -12.24 -25.52 25.03
C THR F 189 -13.02 -25.78 26.31
N ILE F 190 -13.77 -24.77 26.75
CA ILE F 190 -14.64 -24.89 27.90
C ILE F 190 -15.87 -25.72 27.51
N LYS F 191 -16.24 -26.67 28.36
CA LYS F 191 -17.47 -27.47 28.18
C LYS F 191 -18.34 -27.49 29.46
N PRO F 192 -19.65 -27.46 29.33
CA PRO F 192 -20.40 -27.55 28.07
C PRO F 192 -20.45 -26.26 27.27
N LYS F 193 -20.69 -26.41 25.97
CA LYS F 193 -20.63 -25.32 25.00
C LYS F 193 -21.48 -24.12 25.43
N LEU F 194 -22.75 -24.42 25.74
CA LEU F 194 -23.73 -23.40 26.11
C LEU F 194 -24.37 -23.69 27.45
N GLY F 195 -24.82 -22.62 28.09
CA GLY F 195 -25.64 -22.68 29.29
C GLY F 195 -24.95 -22.22 30.54
N LEU F 196 -23.61 -22.23 30.54
CA LEU F 196 -22.84 -21.87 31.72
C LEU F 196 -22.96 -20.40 32.06
N SER F 197 -23.02 -20.10 33.35
CA SER F 197 -22.98 -18.75 33.87
C SER F 197 -21.62 -18.16 33.62
N ALA F 198 -21.53 -16.84 33.64
CA ALA F 198 -20.25 -16.15 33.51
C ALA F 198 -19.27 -16.60 34.58
N LYS F 199 -19.74 -16.68 35.83
CA LYS F 199 -18.87 -17.11 36.93
C LYS F 199 -18.38 -18.52 36.73
N ASN F 200 -19.27 -19.44 36.38
CA ASN F 200 -18.87 -20.82 36.03
C ASN F 200 -17.76 -20.79 35.00
N TYR F 201 -17.99 -20.02 33.95
CA TYR F 201 -17.09 -19.92 32.81
C TYR F 201 -15.69 -19.49 33.23
N GLY F 202 -15.63 -18.52 34.15
CA GLY F 202 -14.35 -18.02 34.65
C GLY F 202 -13.66 -19.02 35.55
N ARG F 203 -14.43 -19.68 36.40
CA ARG F 203 -13.93 -20.74 37.25
C ARG F 203 -13.36 -21.89 36.39
N ALA F 204 -14.07 -22.24 35.31
CA ALA F 204 -13.60 -23.26 34.38
C ALA F 204 -12.32 -22.86 33.67
N VAL F 205 -12.27 -21.60 33.25
CA VAL F 205 -11.09 -21.01 32.63
C VAL F 205 -9.91 -21.05 33.58
N TYR F 206 -10.14 -20.67 34.84
CA TYR F 206 -9.10 -20.69 35.86
C TYR F 206 -8.39 -22.05 35.90
N GLU F 207 -9.16 -23.11 36.06
CA GLU F 207 -8.61 -24.46 36.16
C GLU F 207 -7.75 -24.86 34.98
N CYS F 208 -8.35 -24.78 33.81
CA CYS F 208 -7.72 -25.24 32.58
C CYS F 208 -6.41 -24.46 32.26
N LEU F 209 -6.37 -23.20 32.64
CA LEU F 209 -5.13 -22.40 32.59
C LEU F 209 -4.17 -22.79 33.71
N ARG F 210 -4.68 -22.83 34.94
CA ARG F 210 -3.91 -23.25 36.12
C ARG F 210 -3.21 -24.58 35.97
N GLY F 211 -3.85 -25.53 35.30
CA GLY F 211 -3.30 -26.86 35.09
C GLY F 211 -2.29 -26.99 33.97
N GLY F 212 -1.87 -25.87 33.38
CA GLY F 212 -0.71 -25.83 32.50
C GLY F 212 -0.92 -25.55 31.03
N LEU F 213 -2.11 -25.12 30.63
CA LEU F 213 -2.33 -24.67 29.24
C LEU F 213 -2.16 -23.17 29.13
N ASP F 214 -1.91 -22.73 27.90
CA ASP F 214 -1.58 -21.34 27.58
C ASP F 214 -2.83 -20.50 27.40
N PHE F 215 -3.78 -21.04 26.66
CA PHE F 215 -5.01 -20.31 26.35
C PHE F 215 -6.26 -21.05 26.77
N THR F 216 -7.34 -20.30 26.94
CA THR F 216 -8.67 -20.87 27.01
C THR F 216 -9.53 -20.21 25.94
N LYS F 217 -10.50 -20.95 25.44
CA LYS F 217 -11.28 -20.54 24.28
C LYS F 217 -12.71 -20.18 24.69
N ASP F 218 -13.20 -19.09 24.11
CA ASP F 218 -14.57 -18.66 24.28
C ASP F 218 -15.25 -19.18 23.03
N ASP F 219 -16.20 -20.08 23.21
CA ASP F 219 -16.91 -20.68 22.09
C ASP F 219 -17.37 -19.68 21.03
N GLU F 220 -17.31 -20.07 19.76
CA GLU F 220 -17.76 -19.19 18.66
C GLU F 220 -19.20 -18.70 18.80
N ASN F 221 -20.08 -19.56 19.34
CA ASN F 221 -21.49 -19.21 19.60
C ASN F 221 -21.66 -18.18 20.71
N ILE F 222 -20.78 -18.23 21.71
CA ILE F 222 -20.84 -17.36 22.89
C ILE F 222 -20.45 -15.92 22.54
N ASN F 223 -21.49 -15.12 22.30
CA ASN F 223 -21.44 -13.67 22.36
C ASN F 223 -22.49 -13.43 23.45
N SER F 224 -22.75 -12.19 23.87
CA SER F 224 -23.78 -11.90 24.90
C SER F 224 -25.18 -12.57 24.70
N ALA F 225 -25.72 -13.21 25.74
CA ALA F 225 -27.04 -13.85 25.65
C ALA F 225 -27.75 -14.00 27.03
N PRO F 226 -29.05 -14.25 27.08
CA PRO F 226 -29.73 -14.36 28.37
C PRO F 226 -29.05 -15.19 29.48
N PHE F 227 -28.52 -16.34 29.12
CA PHE F 227 -27.93 -17.26 30.10
C PHE F 227 -26.57 -16.84 30.64
N GLN F 228 -25.93 -15.89 29.96
CA GLN F 228 -24.61 -15.38 30.31
C GLN F 228 -24.54 -14.04 29.53
N ARG F 229 -23.89 -13.02 30.12
CA ARG F 229 -23.78 -11.70 29.47
C ARG F 229 -22.31 -11.33 29.34
N TRP F 230 -21.97 -10.64 28.25
CA TRP F 230 -20.59 -10.52 27.83
C TRP F 230 -19.67 -9.87 28.90
N ARG F 231 -20.15 -8.80 29.50
CA ARG F 231 -19.42 -8.03 30.52
C ARG F 231 -19.09 -8.94 31.70
N ASP F 232 -20.09 -9.59 32.24
CA ASP F 232 -19.96 -10.53 33.34
C ASP F 232 -18.88 -11.55 32.99
N ARG F 233 -19.02 -12.21 31.84
CA ARG F 233 -18.03 -13.19 31.35
C ARG F 233 -16.63 -12.61 31.30
N PHE F 234 -16.47 -11.50 30.58
CA PHE F 234 -15.17 -10.84 30.43
C PHE F 234 -14.49 -10.60 31.78
N LEU F 235 -15.24 -10.10 32.74
CA LEU F 235 -14.71 -9.73 34.05
C LEU F 235 -14.22 -10.95 34.84
N PHE F 236 -15.06 -11.96 34.94
CA PHE F 236 -14.71 -13.16 35.70
C PHE F 236 -13.55 -13.92 35.04
N VAL F 237 -13.57 -13.97 33.70
CA VAL F 237 -12.47 -14.55 32.92
C VAL F 237 -11.15 -13.85 33.26
N ALA F 238 -11.19 -12.53 33.41
CA ALA F 238 -10.01 -11.75 33.75
C ALA F 238 -9.48 -12.06 35.16
N ASP F 239 -10.38 -12.18 36.13
CA ASP F 239 -9.99 -12.59 37.50
C ASP F 239 -9.22 -13.93 37.47
N ALA F 240 -9.69 -14.88 36.66
CA ALA F 240 -9.09 -16.21 36.50
C ALA F 240 -7.67 -16.16 35.93
N ILE F 241 -7.55 -15.50 34.78
CA ILE F 241 -6.27 -15.25 34.12
C ILE F 241 -5.24 -14.70 35.09
N THR F 242 -5.66 -13.75 35.92
CA THR F 242 -4.75 -13.07 36.85
C THR F 242 -4.19 -14.04 37.88
N LYS F 243 -5.06 -14.89 38.42
CA LYS F 243 -4.66 -15.93 39.38
C LYS F 243 -3.77 -16.99 38.76
N ALA F 244 -4.19 -17.53 37.61
CA ALA F 244 -3.45 -18.61 36.96
C ALA F 244 -2.06 -18.15 36.55
N GLN F 245 -1.98 -16.96 35.96
CA GLN F 245 -0.69 -16.39 35.57
C GLN F 245 0.19 -16.18 36.79
N ALA F 246 -0.36 -15.52 37.80
CA ALA F 246 0.34 -15.29 39.07
C ALA F 246 0.81 -16.57 39.77
N GLU F 247 -0.04 -17.59 39.81
CA GLU F 247 0.27 -18.84 40.48
C GLU F 247 1.23 -19.74 39.72
N THR F 248 1.28 -19.62 38.39
CA THR F 248 2.14 -20.48 37.56
C THR F 248 3.45 -19.85 37.10
N GLY F 249 3.51 -18.52 37.13
CA GLY F 249 4.60 -17.77 36.52
C GLY F 249 4.68 -17.88 35.00
N GLU F 250 3.58 -18.23 34.35
CA GLU F 250 3.53 -18.30 32.88
C GLU F 250 2.43 -17.37 32.42
N ILE F 251 2.67 -16.64 31.33
CA ILE F 251 1.67 -15.74 30.75
C ILE F 251 0.49 -16.58 30.27
N LYS F 252 -0.72 -16.16 30.66
CA LYS F 252 -1.94 -16.84 30.26
C LYS F 252 -2.87 -15.87 29.53
N GLY F 253 -3.80 -16.45 28.76
CA GLY F 253 -4.80 -15.69 28.04
C GLY F 253 -6.07 -16.47 27.74
N HIS F 254 -7.15 -15.73 27.48
CA HIS F 254 -8.44 -16.29 27.05
C HIS F 254 -8.91 -15.57 25.78
N TYR F 255 -9.31 -16.33 24.76
CA TYR F 255 -9.90 -15.73 23.55
C TYR F 255 -11.31 -15.22 23.82
N LEU F 256 -11.42 -14.01 24.34
CA LEU F 256 -12.71 -13.38 24.62
C LEU F 256 -13.41 -12.99 23.33
N ASN F 257 -14.63 -13.50 23.12
CA ASN F 257 -15.27 -13.39 21.81
C ASN F 257 -15.97 -12.07 21.70
N VAL F 258 -15.35 -11.16 20.97
CA VAL F 258 -15.95 -9.86 20.70
C VAL F 258 -16.95 -9.88 19.53
N THR F 259 -17.21 -11.05 18.94
CA THR F 259 -18.18 -11.14 17.84
C THR F 259 -19.47 -10.54 18.31
N ALA F 260 -20.08 -9.71 17.46
CA ALA F 260 -21.20 -8.87 17.89
C ALA F 260 -22.15 -8.51 16.77
N PRO F 261 -23.32 -7.95 17.12
CA PRO F 261 -24.28 -7.51 16.11
C PRO F 261 -23.87 -6.31 15.29
N THR F 262 -23.04 -5.44 15.87
CA THR F 262 -22.66 -4.18 15.24
C THR F 262 -21.18 -3.92 15.43
N CYS F 263 -20.62 -3.00 14.65
CA CYS F 263 -19.24 -2.57 14.84
C CYS F 263 -19.10 -1.85 16.18
N GLU F 264 -20.15 -1.11 16.58
CA GLU F 264 -20.14 -0.34 17.84
C GLU F 264 -19.93 -1.26 19.01
N GLU F 265 -20.74 -2.32 19.07
CA GLU F 265 -20.68 -3.29 20.13
C GLU F 265 -19.35 -4.03 20.06
N MET F 266 -19.06 -4.62 18.91
CA MET F 266 -17.77 -5.30 18.69
C MET F 266 -16.59 -4.52 19.29
N LEU F 267 -16.46 -3.25 18.91
CA LEU F 267 -15.36 -2.43 19.42
C LEU F 267 -15.51 -2.13 20.90
N LYS F 268 -16.75 -1.94 21.35
CA LYS F 268 -17.05 -1.71 22.78
C LYS F 268 -16.54 -2.86 23.67
N ARG F 269 -16.66 -4.08 23.16
CA ARG F 269 -16.23 -5.27 23.87
C ARG F 269 -14.73 -5.48 23.76
N ALA F 270 -14.17 -5.26 22.57
CA ALA F 270 -12.73 -5.19 22.42
C ALA F 270 -12.14 -4.24 23.45
N GLU F 271 -12.77 -3.08 23.58
CA GLU F 271 -12.23 -2.00 24.39
C GLU F 271 -12.32 -2.31 25.88
N TYR F 272 -13.32 -3.09 26.30
CA TYR F 272 -13.38 -3.58 27.69
C TYR F 272 -12.34 -4.65 27.97
N ALA F 273 -12.12 -5.56 27.01
CA ALA F 273 -11.01 -6.52 27.11
C ALA F 273 -9.71 -5.76 27.31
N LYS F 274 -9.50 -4.75 26.47
CA LYS F 274 -8.37 -3.83 26.59
C LYS F 274 -8.28 -3.18 27.99
N GLU F 275 -9.41 -2.76 28.54
CA GLU F 275 -9.48 -2.16 29.87
C GLU F 275 -9.11 -3.13 31.01
N LEU F 276 -9.42 -4.42 30.83
CA LEU F 276 -8.97 -5.51 31.72
C LEU F 276 -7.57 -6.06 31.35
N LYS F 277 -6.81 -5.34 30.51
CA LYS F 277 -5.43 -5.65 30.16
C LYS F 277 -5.25 -7.05 29.61
N GLN F 278 -6.15 -7.45 28.73
CA GLN F 278 -6.20 -8.80 28.22
C GLN F 278 -5.28 -8.99 27.02
N PRO F 279 -4.53 -10.11 26.97
CA PRO F 279 -3.58 -10.33 25.86
C PRO F 279 -4.18 -10.73 24.52
N ILE F 280 -5.44 -11.20 24.51
CA ILE F 280 -6.01 -11.78 23.29
C ILE F 280 -7.55 -11.72 23.26
N ILE F 281 -8.12 -11.60 22.07
CA ILE F 281 -9.57 -11.71 21.84
C ILE F 281 -9.80 -12.58 20.61
N MET F 282 -11.04 -13.00 20.38
CA MET F 282 -11.40 -13.72 19.15
C MET F 282 -12.53 -13.06 18.38
N HIS F 283 -12.72 -13.53 17.15
CA HIS F 283 -13.72 -12.99 16.26
C HIS F 283 -14.12 -14.03 15.21
N ASP F 284 -15.43 -14.19 15.00
CA ASP F 284 -15.97 -15.10 13.99
C ASP F 284 -16.00 -14.37 12.64
N TYR F 285 -14.89 -14.41 11.91
CA TYR F 285 -14.65 -13.47 10.80
C TYR F 285 -15.60 -13.55 9.60
N LEU F 286 -16.11 -14.74 9.32
CA LEU F 286 -17.07 -14.94 8.22
C LEU F 286 -18.44 -14.43 8.60
N THR F 287 -18.97 -14.89 9.73
CA THR F 287 -20.35 -14.57 10.12
C THR F 287 -20.52 -13.09 10.45
N ALA F 288 -19.50 -12.52 11.09
CA ALA F 288 -19.39 -11.08 11.26
C ALA F 288 -19.11 -10.37 9.94
N GLY F 289 -18.10 -10.87 9.22
CA GLY F 289 -17.74 -10.32 7.90
C GLY F 289 -16.42 -9.57 7.86
N PHE F 290 -15.92 -9.39 6.64
CA PHE F 290 -14.56 -8.87 6.43
C PHE F 290 -14.41 -7.40 6.78
N THR F 291 -15.45 -6.59 6.52
CA THR F 291 -15.43 -5.16 6.86
C THR F 291 -15.17 -5.01 8.35
N ALA F 292 -15.97 -5.71 9.12
CA ALA F 292 -15.91 -5.69 10.58
C ALA F 292 -14.60 -6.26 11.12
N ASN F 293 -14.18 -7.40 10.57
CA ASN F 293 -12.93 -8.06 11.00
C ASN F 293 -11.73 -7.16 10.75
N THR F 294 -11.67 -6.57 9.56
CA THR F 294 -10.63 -5.59 9.20
C THR F 294 -10.54 -4.45 10.23
N THR F 295 -11.68 -3.95 10.68
CA THR F 295 -11.71 -2.92 11.75
C THR F 295 -11.06 -3.44 13.03
N LEU F 296 -11.51 -4.62 13.46
CA LEU F 296 -10.97 -5.26 14.66
C LEU F 296 -9.46 -5.54 14.57
N ALA F 297 -8.99 -5.96 13.41
CA ALA F 297 -7.59 -6.30 13.23
C ALA F 297 -6.68 -5.10 13.45
N ARG F 298 -7.14 -3.95 12.97
CA ARG F 298 -6.35 -2.73 13.02
C ARG F 298 -6.41 -2.17 14.42
N TRP F 299 -7.61 -2.19 15.00
CA TRP F 299 -7.77 -1.96 16.42
C TRP F 299 -6.80 -2.82 17.23
N CYS F 300 -6.70 -4.09 16.87
CA CYS F 300 -5.79 -5.03 17.54
C CYS F 300 -4.33 -4.60 17.48
N ARG F 301 -3.86 -4.15 16.31
CA ARG F 301 -2.52 -3.58 16.23
C ARG F 301 -2.42 -2.29 17.04
N ASP F 302 -3.41 -1.41 16.88
CA ASP F 302 -3.43 -0.12 17.59
C ASP F 302 -3.36 -0.27 19.10
N ASN F 303 -3.91 -1.37 19.63
CA ASN F 303 -3.93 -1.66 21.09
C ASN F 303 -3.06 -2.86 21.51
N GLY F 304 -2.25 -3.39 20.59
CA GLY F 304 -1.35 -4.50 20.89
C GLY F 304 -2.00 -5.75 21.48
N VAL F 305 -3.25 -5.99 21.11
CA VAL F 305 -4.00 -7.15 21.55
C VAL F 305 -3.90 -8.21 20.45
N LEU F 306 -3.77 -9.47 20.83
CA LEU F 306 -3.71 -10.57 19.86
C LEU F 306 -5.11 -10.89 19.39
N LEU F 307 -5.22 -11.48 18.20
CA LEU F 307 -6.51 -11.71 17.56
C LEU F 307 -6.67 -13.17 17.11
N HIS F 308 -7.56 -13.90 17.78
CA HIS F 308 -7.78 -15.33 17.53
C HIS F 308 -8.95 -15.52 16.59
N ILE F 309 -8.70 -16.01 15.39
CA ILE F 309 -9.79 -16.05 14.41
C ILE F 309 -10.44 -17.42 14.39
N HIS F 310 -11.78 -17.42 14.35
CA HIS F 310 -12.56 -18.64 14.21
C HIS F 310 -13.27 -18.63 12.88
N ARG F 311 -13.28 -19.78 12.20
CA ARG F 311 -13.76 -19.84 10.81
C ARG F 311 -15.15 -20.46 10.70
N ALA F 312 -16.02 -20.15 11.67
CA ALA F 312 -17.37 -20.68 11.68
C ALA F 312 -18.04 -20.26 10.38
N MET F 313 -18.87 -21.16 9.84
CA MET F 313 -19.59 -20.95 8.59
C MET F 313 -18.62 -20.99 7.40
N HIS F 314 -17.65 -21.89 7.43
CA HIS F 314 -16.72 -22.04 6.29
C HIS F 314 -17.12 -23.22 5.42
N ALA F 315 -17.63 -24.28 6.03
CA ALA F 315 -18.17 -25.42 5.29
C ALA F 315 -19.41 -25.12 4.43
N VAL F 316 -20.04 -23.96 4.60
CA VAL F 316 -21.15 -23.55 3.74
C VAL F 316 -20.61 -23.24 2.35
N ILE F 317 -19.44 -22.62 2.32
CA ILE F 317 -18.83 -22.10 1.10
C ILE F 317 -17.81 -23.05 0.49
N ASP F 318 -17.13 -23.85 1.30
CA ASP F 318 -15.89 -24.49 0.85
C ASP F 318 -15.84 -26.01 0.87
N ARG F 319 -16.95 -26.68 1.14
CA ARG F 319 -16.90 -28.13 1.19
C ARG F 319 -16.98 -28.79 -0.19
N GLN F 320 -18.06 -28.49 -0.92
CA GLN F 320 -18.33 -29.15 -2.22
C GLN F 320 -17.27 -28.82 -3.27
N LYS F 321 -16.61 -29.86 -3.79
CA LYS F 321 -15.48 -29.74 -4.73
C LYS F 321 -15.83 -29.11 -6.07
N ASN F 322 -17.11 -29.10 -6.44
CA ASN F 322 -17.57 -28.54 -7.74
C ASN F 322 -17.99 -27.06 -7.65
N HIS F 323 -18.41 -26.62 -6.47
CA HIS F 323 -18.99 -25.28 -6.31
C HIS F 323 -18.62 -24.63 -4.97
N GLY F 324 -18.29 -23.33 -5.00
CA GLY F 324 -17.97 -22.56 -3.81
C GLY F 324 -16.72 -21.71 -3.87
N ILE F 325 -15.98 -21.66 -2.76
CA ILE F 325 -14.66 -21.02 -2.72
C ILE F 325 -13.81 -21.87 -1.79
N HIS F 326 -12.63 -22.33 -2.24
CA HIS F 326 -11.80 -23.23 -1.42
C HIS F 326 -11.25 -22.46 -0.22
N PHE F 327 -11.09 -23.16 0.90
CA PHE F 327 -10.71 -22.53 2.17
C PHE F 327 -9.48 -21.64 2.15
N ARG F 328 -8.50 -21.99 1.33
CA ARG F 328 -7.26 -21.24 1.27
C ARG F 328 -7.44 -19.86 0.65
N VAL F 329 -8.47 -19.69 -0.16
CA VAL F 329 -8.86 -18.33 -0.58
C VAL F 329 -9.25 -17.55 0.69
N LEU F 330 -10.13 -18.15 1.49
CA LEU F 330 -10.60 -17.56 2.76
C LEU F 330 -9.48 -17.42 3.81
N ALA F 331 -8.49 -18.31 3.75
CA ALA F 331 -7.30 -18.24 4.62
C ALA F 331 -6.37 -17.13 4.18
N LYS F 332 -6.13 -17.06 2.88
CA LYS F 332 -5.39 -15.92 2.30
C LYS F 332 -6.14 -14.62 2.63
N ALA F 333 -7.46 -14.63 2.48
CA ALA F 333 -8.30 -13.46 2.71
C ALA F 333 -8.20 -13.03 4.16
N LEU F 334 -8.14 -13.99 5.07
CA LEU F 334 -7.97 -13.67 6.48
C LEU F 334 -6.62 -13.11 6.78
N ARG F 335 -5.57 -13.62 6.13
CA ARG F 335 -4.24 -13.12 6.42
C ARG F 335 -4.12 -11.66 6.07
N LEU F 336 -4.78 -11.23 5.00
CA LEU F 336 -4.74 -9.83 4.55
C LEU F 336 -5.57 -8.89 5.44
N SER F 337 -6.87 -9.18 5.60
CA SER F 337 -7.62 -8.64 6.75
C SER F 337 -6.95 -9.26 7.95
N GLY F 338 -6.84 -8.60 9.08
CA GLY F 338 -6.06 -9.24 10.17
C GLY F 338 -6.56 -10.53 10.84
N GLY F 339 -5.59 -11.38 11.19
CA GLY F 339 -5.77 -12.47 12.16
C GLY F 339 -4.40 -12.90 12.67
N ASP F 340 -4.33 -13.32 13.93
CA ASP F 340 -3.09 -13.88 14.52
C ASP F 340 -3.11 -15.40 14.69
N HIS F 341 -4.27 -15.92 15.07
CA HIS F 341 -4.58 -17.34 14.98
C HIS F 341 -5.59 -17.50 13.87
N ILE F 342 -5.60 -18.66 13.24
CA ILE F 342 -6.77 -19.10 12.48
C ILE F 342 -6.95 -20.62 12.65
N HIS F 343 -8.20 -21.03 12.86
CA HIS F 343 -8.56 -22.44 12.90
C HIS F 343 -8.38 -23.04 11.50
N THR F 344 -7.60 -24.11 11.44
CA THR F 344 -7.32 -24.85 10.20
C THR F 344 -7.83 -26.28 10.26
N GLY F 345 -8.69 -26.56 11.24
CA GLY F 345 -9.17 -27.92 11.50
C GLY F 345 -8.01 -28.83 11.90
N THR F 346 -8.18 -30.12 11.61
CA THR F 346 -7.14 -31.11 11.90
C THR F 346 -6.84 -31.89 10.62
N VAL F 347 -5.82 -32.76 10.68
CA VAL F 347 -5.49 -33.68 9.56
C VAL F 347 -5.34 -35.14 9.97
N VAL F 348 -5.75 -35.46 11.19
CA VAL F 348 -5.53 -36.79 11.76
C VAL F 348 -6.43 -37.85 11.12
N GLY F 349 -7.72 -37.51 10.95
CA GLY F 349 -8.72 -38.45 10.41
C GLY F 349 -9.01 -38.42 8.92
N LYS F 350 -8.13 -37.81 8.12
CA LYS F 350 -8.36 -37.63 6.68
C LYS F 350 -7.20 -38.22 5.86
N LEU F 351 -7.54 -38.67 4.65
CA LEU F 351 -6.62 -39.45 3.81
C LEU F 351 -5.44 -38.64 3.27
N GLU F 352 -4.49 -39.35 2.64
CA GLU F 352 -3.21 -38.76 2.16
C GLU F 352 -3.38 -37.60 1.16
N GLY F 353 -4.48 -37.58 0.41
CA GLY F 353 -4.77 -36.52 -0.54
C GLY F 353 -5.04 -35.17 0.12
N GLU F 354 -6.03 -35.15 1.02
CA GLU F 354 -6.45 -33.93 1.72
C GLU F 354 -5.54 -33.52 2.88
N ARG F 355 -4.58 -34.37 3.24
CA ARG F 355 -3.50 -33.98 4.15
C ARG F 355 -2.58 -32.95 3.50
N GLY F 356 -2.18 -33.25 2.27
CA GLY F 356 -1.39 -32.33 1.43
C GLY F 356 -2.07 -31.01 1.14
N ILE F 357 -3.38 -31.05 0.90
CA ILE F 357 -4.18 -29.83 0.65
C ILE F 357 -4.23 -28.97 1.92
N THR F 358 -4.41 -29.60 3.07
CA THR F 358 -4.49 -28.89 4.36
C THR F 358 -3.16 -28.22 4.69
N MET F 359 -2.08 -28.97 4.57
CA MET F 359 -0.74 -28.44 4.81
C MET F 359 -0.34 -27.41 3.77
N GLY F 360 -0.97 -27.48 2.59
CA GLY F 360 -0.86 -26.43 1.58
C GLY F 360 -1.32 -25.07 2.05
N PHE F 361 -2.57 -24.97 2.51
CA PHE F 361 -3.09 -23.69 2.98
C PHE F 361 -2.53 -23.26 4.34
N VAL F 362 -2.16 -24.23 5.17
CA VAL F 362 -1.38 -23.93 6.38
C VAL F 362 -0.07 -23.22 6.02
N ASP F 363 0.63 -23.72 5.00
CA ASP F 363 1.86 -23.06 4.50
C ASP F 363 1.60 -21.65 3.97
N LEU F 364 0.47 -21.45 3.29
CA LEU F 364 0.07 -20.12 2.81
C LEU F 364 -0.14 -19.16 3.97
N LEU F 365 -0.70 -19.66 5.06
CA LEU F 365 -0.96 -18.84 6.24
C LEU F 365 0.31 -18.49 7.01
N ARG F 366 1.32 -19.37 6.96
CA ARG F 366 2.52 -19.25 7.82
C ARG F 366 3.83 -18.81 7.16
N GLU F 367 4.03 -19.11 5.88
CA GLU F 367 5.33 -18.87 5.25
C GLU F 367 5.32 -17.57 4.47
N ASN F 368 6.49 -17.11 4.05
CA ASN F 368 6.61 -15.85 3.34
C ASN F 368 6.55 -16.00 1.84
N TYR F 369 7.11 -17.10 1.36
CA TYR F 369 7.06 -17.45 -0.05
C TYR F 369 6.55 -18.86 -0.08
N VAL F 370 5.51 -19.09 -0.86
CA VAL F 370 4.96 -20.42 -1.10
C VAL F 370 5.03 -20.64 -2.60
N GLU F 371 5.53 -21.82 -2.96
CA GLU F 371 5.85 -22.16 -4.34
C GLU F 371 4.61 -22.81 -4.94
N GLN F 372 4.27 -22.43 -6.18
CA GLN F 372 3.20 -23.12 -6.93
C GLN F 372 3.40 -24.62 -6.90
N ASP F 373 2.31 -25.32 -6.61
CA ASP F 373 2.31 -26.76 -6.41
C ASP F 373 0.84 -27.07 -6.68
N LYS F 374 0.56 -27.94 -7.63
CA LYS F 374 -0.83 -28.26 -7.96
C LYS F 374 -1.28 -29.60 -7.40
N SER F 375 -0.32 -30.46 -7.03
CA SER F 375 -0.59 -31.64 -6.22
C SER F 375 -1.23 -31.27 -4.87
N ARG F 376 -0.76 -30.17 -4.28
CA ARG F 376 -1.25 -29.67 -2.98
C ARG F 376 -2.31 -28.55 -3.06
N GLY F 377 -2.72 -28.18 -4.27
CA GLY F 377 -3.78 -27.18 -4.49
C GLY F 377 -3.33 -25.74 -4.62
N ILE F 378 -2.03 -25.47 -4.58
CA ILE F 378 -1.52 -24.08 -4.73
C ILE F 378 -1.41 -23.70 -6.21
N TYR F 379 -2.43 -23.05 -6.77
CA TYR F 379 -2.43 -22.75 -8.21
C TYR F 379 -1.51 -21.59 -8.63
N PHE F 380 -1.04 -20.82 -7.65
CA PHE F 380 -0.11 -19.71 -7.89
C PHE F 380 0.92 -19.62 -6.79
N THR F 381 2.16 -19.37 -7.18
CA THR F 381 3.21 -18.96 -6.26
C THR F 381 2.77 -17.66 -5.59
N GLN F 382 2.82 -17.66 -4.25
CA GLN F 382 2.40 -16.54 -3.43
C GLN F 382 3.58 -15.96 -2.64
N ASP F 383 3.93 -14.71 -2.94
CA ASP F 383 4.96 -13.96 -2.22
C ASP F 383 4.25 -12.95 -1.30
N TRP F 384 4.40 -13.15 0.01
CA TRP F 384 3.70 -12.34 1.01
C TRP F 384 4.36 -10.99 1.36
N ALA F 385 5.48 -10.66 0.73
CA ALA F 385 6.10 -9.32 0.88
C ALA F 385 6.35 -8.93 2.35
N SER F 386 6.83 -9.91 3.11
CA SER F 386 7.11 -9.77 4.56
C SER F 386 5.87 -9.54 5.44
N LEU F 387 4.68 -9.83 4.92
CA LEU F 387 3.45 -9.75 5.72
C LEU F 387 3.55 -10.87 6.74
N PRO F 388 3.35 -10.57 8.04
CA PRO F 388 3.53 -11.60 9.07
C PRO F 388 2.69 -12.83 8.84
N GLY F 389 3.15 -13.95 9.36
CA GLY F 389 2.42 -15.22 9.28
C GLY F 389 1.39 -15.35 10.38
N VAL F 390 0.31 -16.08 10.09
CA VAL F 390 -0.73 -16.44 11.06
C VAL F 390 -0.41 -17.84 11.58
N MET F 391 -0.65 -18.07 12.87
CA MET F 391 -0.44 -19.40 13.45
C MET F 391 -1.61 -20.28 13.16
N ALA F 392 -1.33 -21.52 12.75
CA ALA F 392 -2.37 -22.52 12.55
C ALA F 392 -2.90 -23.01 13.90
N VAL F 393 -4.21 -23.19 13.97
CA VAL F 393 -4.87 -23.68 15.17
C VAL F 393 -5.51 -25.00 14.82
N ALA F 394 -5.11 -26.04 15.54
CA ALA F 394 -5.63 -27.41 15.35
C ALA F 394 -6.67 -27.73 16.41
N SER F 395 -7.85 -28.15 15.96
CA SER F 395 -8.95 -28.62 16.83
C SER F 395 -9.81 -29.63 16.08
N GLY F 396 -10.56 -30.41 16.85
CA GLY F 396 -11.27 -31.58 16.34
C GLY F 396 -11.45 -32.58 17.47
N GLY F 397 -11.34 -33.87 17.18
CA GLY F 397 -11.54 -34.91 18.20
C GLY F 397 -10.26 -35.31 18.91
N ILE F 398 -9.37 -34.36 19.10
CA ILE F 398 -7.98 -34.66 19.45
C ILE F 398 -7.82 -34.79 20.97
N HIS F 399 -6.97 -35.72 21.37
CA HIS F 399 -6.66 -36.03 22.78
C HIS F 399 -5.17 -36.37 22.91
N VAL F 400 -4.70 -36.72 24.11
CA VAL F 400 -3.25 -36.98 24.37
C VAL F 400 -2.54 -37.86 23.34
N TRP F 401 -3.20 -38.92 22.88
CA TRP F 401 -2.60 -39.87 21.91
C TRP F 401 -2.32 -39.26 20.53
N HIS F 402 -2.99 -38.14 20.21
CA HIS F 402 -2.75 -37.39 18.98
C HIS F 402 -1.52 -36.46 19.02
N MET F 403 -1.01 -36.19 20.21
CA MET F 403 0.08 -35.23 20.39
C MET F 403 1.30 -35.43 19.48
N PRO F 404 1.88 -36.66 19.44
CA PRO F 404 3.04 -36.90 18.56
C PRO F 404 2.77 -36.55 17.10
N ALA F 405 1.62 -36.97 16.59
CA ALA F 405 1.22 -36.65 15.22
C ALA F 405 1.16 -35.13 15.02
N LEU F 406 0.50 -34.44 15.93
CA LEU F 406 0.27 -32.99 15.81
C LEU F 406 1.55 -32.17 15.88
N VAL F 407 2.49 -32.61 16.71
CA VAL F 407 3.84 -32.02 16.79
C VAL F 407 4.65 -32.28 15.49
N GLU F 408 4.47 -33.46 14.91
CA GLU F 408 5.15 -33.84 13.67
C GLU F 408 4.58 -33.14 12.43
N ILE F 409 3.26 -33.06 12.33
CA ILE F 409 2.60 -32.61 11.09
C ILE F 409 2.60 -31.09 10.99
N PHE F 410 1.98 -30.41 11.96
CA PHE F 410 2.21 -28.97 12.17
C PHE F 410 3.46 -28.89 13.03
N GLY F 411 4.31 -27.92 12.77
CA GLY F 411 5.48 -27.74 13.61
C GLY F 411 5.19 -27.01 14.91
N ASP F 412 6.25 -26.46 15.48
CA ASP F 412 6.19 -25.57 16.65
C ASP F 412 5.20 -24.42 16.47
N ASP F 413 5.18 -23.83 15.28
CA ASP F 413 4.27 -22.73 14.97
C ASP F 413 2.82 -23.19 14.74
N SER F 414 2.13 -23.47 15.85
CA SER F 414 0.74 -23.89 15.84
C SER F 414 0.13 -23.78 17.23
N VAL F 415 -1.20 -23.88 17.29
CA VAL F 415 -1.95 -23.93 18.55
C VAL F 415 -2.77 -25.18 18.53
N LEU F 416 -2.58 -26.01 19.54
CA LEU F 416 -3.33 -27.26 19.67
C LEU F 416 -4.46 -27.01 20.67
N GLN F 417 -5.69 -27.38 20.30
CA GLN F 417 -6.91 -27.07 21.08
C GLN F 417 -7.68 -28.33 21.40
N PHE F 418 -7.73 -28.69 22.69
CA PHE F 418 -8.08 -30.05 23.12
C PHE F 418 -9.51 -30.34 23.59
N GLY F 419 -10.19 -29.36 24.15
CA GLY F 419 -11.51 -29.59 24.80
C GLY F 419 -12.60 -30.33 24.01
N GLY F 420 -12.58 -30.20 22.68
CA GLY F 420 -13.51 -30.92 21.81
C GLY F 420 -13.28 -32.42 21.83
N GLY F 421 -14.36 -33.18 21.70
CA GLY F 421 -14.35 -34.64 21.86
C GLY F 421 -15.64 -35.06 22.53
N THR F 422 -15.89 -36.36 22.58
CA THR F 422 -17.10 -36.89 23.22
C THR F 422 -16.88 -37.17 24.72
N LEU F 423 -15.62 -37.21 25.16
CA LEU F 423 -15.26 -37.42 26.58
C LEU F 423 -14.27 -36.35 27.08
N GLY F 424 -14.40 -36.02 28.36
CA GLY F 424 -13.49 -35.10 29.06
C GLY F 424 -12.75 -35.85 30.16
N HIS F 425 -11.74 -35.21 30.73
CA HIS F 425 -10.91 -35.81 31.76
C HIS F 425 -11.77 -35.93 33.04
N PRO F 426 -11.84 -37.14 33.64
CA PRO F 426 -12.82 -37.40 34.72
C PRO F 426 -12.54 -36.73 36.08
N TRP F 427 -11.30 -36.27 36.27
CA TRP F 427 -10.90 -35.48 37.46
C TRP F 427 -11.17 -33.97 37.37
N GLY F 428 -11.47 -33.47 36.17
CA GLY F 428 -11.75 -32.04 35.94
C GLY F 428 -10.87 -31.42 34.88
N ASN F 429 -10.85 -30.09 34.82
CA ASN F 429 -10.15 -29.36 33.76
C ASN F 429 -8.65 -29.23 34.02
N ALA F 430 -8.26 -28.87 35.23
CA ALA F 430 -6.84 -28.70 35.56
C ALA F 430 -6.01 -29.98 35.38
N PRO F 431 -6.51 -31.14 35.87
CA PRO F 431 -5.85 -32.40 35.54
C PRO F 431 -5.77 -32.64 34.04
N GLY F 432 -6.88 -32.43 33.33
CA GLY F 432 -6.92 -32.54 31.87
C GLY F 432 -5.91 -31.68 31.14
N ALA F 433 -5.66 -30.47 31.65
CA ALA F 433 -4.63 -29.59 31.13
C ALA F 433 -3.25 -30.22 31.31
N THR F 434 -2.94 -30.53 32.58
CA THR F 434 -1.68 -31.17 32.97
C THR F 434 -1.35 -32.40 32.14
N ALA F 435 -2.36 -33.23 31.89
CA ALA F 435 -2.24 -34.38 30.98
C ALA F 435 -1.75 -33.95 29.59
N ASN F 436 -2.33 -32.90 29.03
CA ASN F 436 -1.93 -32.38 27.72
C ASN F 436 -0.59 -31.64 27.73
N ARG F 437 -0.31 -30.92 28.80
CA ARG F 437 0.95 -30.19 28.92
C ARG F 437 2.12 -31.16 28.98
N VAL F 438 2.06 -32.06 29.97
CA VAL F 438 3.07 -33.12 30.15
C VAL F 438 3.23 -33.93 28.87
N ALA F 439 2.12 -34.22 28.21
CA ALA F 439 2.13 -34.89 26.92
C ALA F 439 2.86 -34.07 25.85
N LEU F 440 2.57 -32.77 25.77
CA LEU F 440 3.20 -31.92 24.76
C LEU F 440 4.69 -31.79 25.04
N GLU F 441 5.03 -31.52 26.29
CA GLU F 441 6.43 -31.38 26.67
C GLU F 441 7.21 -32.64 26.34
N ALA F 442 6.63 -33.80 26.64
CA ALA F 442 7.25 -35.09 26.33
C ALA F 442 7.61 -35.23 24.85
N CYS F 443 6.69 -34.88 23.96
CA CYS F 443 6.92 -35.02 22.51
C CYS F 443 7.88 -33.97 21.96
N VAL F 444 7.78 -32.73 22.46
CA VAL F 444 8.68 -31.65 22.04
C VAL F 444 10.12 -31.91 22.52
N GLN F 445 10.26 -32.41 23.75
CA GLN F 445 11.53 -32.88 24.29
C GLN F 445 12.12 -34.03 23.46
N ALA F 446 11.30 -35.05 23.24
CA ALA F 446 11.66 -36.23 22.44
C ALA F 446 12.12 -35.88 21.03
N ARG F 447 11.35 -35.02 20.36
CA ARG F 447 11.70 -34.57 19.01
C ARG F 447 13.07 -33.90 18.96
N ASN F 448 13.36 -33.10 19.98
CA ASN F 448 14.63 -32.39 20.08
C ASN F 448 15.83 -33.30 20.37
N GLU F 449 15.61 -34.41 21.08
CA GLU F 449 16.64 -35.44 21.23
C GLU F 449 17.00 -36.07 19.89
N GLY F 450 16.00 -36.25 19.04
CA GLY F 450 16.14 -36.94 17.75
C GLY F 450 15.26 -38.16 17.60
N ARG F 451 14.49 -38.51 18.64
CA ARG F 451 13.52 -39.62 18.60
C ARG F 451 12.59 -39.49 17.41
N ASN F 452 12.27 -40.62 16.78
CA ASN F 452 11.29 -40.62 15.71
C ASN F 452 9.91 -40.66 16.34
N LEU F 453 9.20 -39.54 16.27
CA LEU F 453 7.82 -39.45 16.75
C LEU F 453 6.86 -40.26 15.86
N ALA F 454 7.17 -40.34 14.56
CA ALA F 454 6.35 -41.11 13.62
C ALA F 454 6.17 -42.58 14.04
N ARG F 455 7.23 -43.20 14.54
CA ARG F 455 7.16 -44.61 14.99
C ARG F 455 7.04 -44.75 16.51
N GLU F 456 7.89 -44.05 17.27
CA GLU F 456 7.92 -44.17 18.74
C GLU F 456 6.93 -43.26 19.49
N GLY F 457 6.08 -42.52 18.77
CA GLY F 457 5.17 -41.53 19.37
C GLY F 457 4.42 -42.02 20.60
N ASN F 458 3.76 -43.16 20.44
CA ASN F 458 3.02 -43.79 21.53
C ASN F 458 3.91 -44.09 22.73
N ASP F 459 5.10 -44.62 22.48
CA ASP F 459 6.06 -44.96 23.55
C ASP F 459 6.44 -43.72 24.38
N VAL F 460 6.62 -42.58 23.69
CA VAL F 460 7.00 -41.31 24.34
C VAL F 460 5.98 -40.92 25.41
N ILE F 461 4.70 -41.08 25.07
CA ILE F 461 3.60 -40.77 25.99
C ILE F 461 3.48 -41.79 27.11
N ARG F 462 3.53 -43.08 26.78
CA ARG F 462 3.48 -44.15 27.78
C ARG F 462 4.54 -43.91 28.85
N GLU F 463 5.77 -43.67 28.39
CA GLU F 463 6.91 -43.31 29.26
C GLU F 463 6.57 -42.11 30.14
N ALA F 464 6.03 -41.07 29.52
CA ALA F 464 5.58 -39.87 30.23
C ALA F 464 4.51 -40.14 31.31
N ALA F 465 3.61 -41.08 31.02
CA ALA F 465 2.51 -41.44 31.92
C ALA F 465 2.94 -42.15 33.21
N LYS F 466 4.12 -42.78 33.19
CA LYS F 466 4.69 -43.44 34.38
C LYS F 466 4.91 -42.49 35.56
N TRP F 467 5.31 -41.25 35.26
CA TRP F 467 5.56 -40.24 36.30
C TRP F 467 4.42 -39.25 36.53
N SER F 468 3.56 -39.02 35.52
CA SER F 468 2.41 -38.12 35.68
C SER F 468 1.09 -38.88 35.85
N PRO F 469 0.52 -38.89 37.08
CA PRO F 469 -0.74 -39.61 37.30
C PRO F 469 -1.94 -39.07 36.50
N GLU F 470 -1.87 -37.81 36.10
CA GLU F 470 -2.92 -37.19 35.28
C GLU F 470 -2.89 -37.69 33.83
N LEU F 471 -1.68 -37.83 33.25
CA LEU F 471 -1.53 -38.41 31.91
C LEU F 471 -1.87 -39.90 31.89
N ALA F 472 -1.60 -40.58 33.00
CA ALA F 472 -1.92 -42.00 33.14
C ALA F 472 -3.42 -42.29 33.03
N VAL F 473 -4.24 -41.43 33.67
CA VAL F 473 -5.70 -41.52 33.57
C VAL F 473 -6.20 -41.21 32.16
N ALA F 474 -5.61 -40.18 31.55
CA ALA F 474 -5.93 -39.77 30.18
C ALA F 474 -5.59 -40.87 29.16
N CYS F 475 -4.35 -41.37 29.23
CA CYS F 475 -3.91 -42.47 28.37
C CYS F 475 -4.83 -43.69 28.43
N GLU F 476 -5.27 -44.03 29.64
CA GLU F 476 -6.18 -45.15 29.84
C GLU F 476 -7.62 -44.89 29.37
N LEU F 477 -8.01 -43.62 29.31
CA LEU F 477 -9.35 -43.21 28.86
C LEU F 477 -9.59 -43.30 27.35
N TRP F 478 -8.55 -43.06 26.57
CA TRP F 478 -8.63 -43.11 25.12
C TRP F 478 -7.63 -44.14 24.72
N LYS F 479 -8.05 -45.22 24.06
CA LYS F 479 -7.08 -46.19 23.60
C LYS F 479 -6.37 -45.63 22.36
N GLU F 480 -5.24 -46.25 22.07
CA GLU F 480 -4.22 -45.68 21.23
C GLU F 480 -4.65 -45.52 19.78
N ILE F 481 -3.86 -44.75 19.06
CA ILE F 481 -3.88 -44.69 17.59
C ILE F 481 -3.00 -45.81 17.01
N ARG G 37 32.60 -1.45 3.13
CA ARG G 37 33.63 -2.51 3.32
C ARG G 37 33.50 -3.61 2.25
N LEU G 38 33.21 -3.20 1.01
CA LEU G 38 33.28 -4.07 -0.18
C LEU G 38 32.54 -5.45 -0.15
N THR G 39 31.49 -5.52 0.66
CA THR G 39 30.48 -6.60 0.58
C THR G 39 29.21 -5.91 0.05
N TYR G 40 29.31 -4.58 -0.11
CA TYR G 40 28.24 -3.71 -0.56
C TYR G 40 28.39 -3.32 -2.05
N TYR G 41 29.54 -3.64 -2.65
CA TYR G 41 29.70 -3.59 -4.10
C TYR G 41 29.52 -5.01 -4.67
N THR G 42 28.34 -5.25 -5.26
CA THR G 42 28.05 -6.51 -5.98
C THR G 42 27.44 -6.18 -7.35
N PRO G 43 28.29 -6.01 -8.38
CA PRO G 43 27.79 -5.68 -9.72
C PRO G 43 27.10 -6.84 -10.45
N ASP G 44 27.36 -8.07 -10.02
CA ASP G 44 26.68 -9.24 -10.58
C ASP G 44 25.20 -9.37 -10.14
N TYR G 45 24.82 -8.70 -9.04
CA TYR G 45 23.43 -8.65 -8.54
C TYR G 45 22.46 -7.82 -9.42
N THR G 46 21.41 -8.46 -9.93
CA THR G 46 20.35 -7.77 -10.68
C THR G 46 19.31 -7.20 -9.70
N PRO G 47 18.96 -5.90 -9.84
CA PRO G 47 17.99 -5.30 -8.90
C PRO G 47 16.58 -5.81 -9.13
N LYS G 48 15.82 -5.88 -8.03
CA LYS G 48 14.43 -6.39 -8.03
C LYS G 48 13.42 -5.30 -8.36
N ASP G 49 12.25 -5.71 -8.85
CA ASP G 49 11.14 -4.78 -9.14
C ASP G 49 10.55 -4.11 -7.88
N THR G 50 10.84 -4.71 -6.72
CA THR G 50 10.47 -4.18 -5.40
C THR G 50 11.57 -3.39 -4.66
N ASP G 51 12.75 -3.23 -5.26
CA ASP G 51 13.85 -2.50 -4.62
C ASP G 51 13.70 -1.01 -4.82
N ILE G 52 14.10 -0.24 -3.80
CA ILE G 52 14.24 1.20 -3.96
C ILE G 52 15.67 1.37 -4.46
N LEU G 53 15.82 2.07 -5.58
CA LEU G 53 17.12 2.29 -6.20
C LEU G 53 17.47 3.75 -6.05
N ALA G 54 18.73 4.04 -5.77
CA ALA G 54 19.24 5.41 -5.75
C ALA G 54 20.30 5.63 -6.83
N ALA G 55 20.37 6.85 -7.34
CA ALA G 55 21.44 7.31 -8.25
C ALA G 55 22.19 8.48 -7.62
N PHE G 56 23.24 8.15 -6.87
CA PHE G 56 24.15 9.13 -6.29
C PHE G 56 25.26 9.50 -7.26
N ARG G 57 25.53 10.81 -7.39
CA ARG G 57 26.72 11.34 -8.08
C ARG G 57 27.85 11.46 -7.06
N VAL G 58 28.74 10.45 -7.07
CA VAL G 58 29.85 10.38 -6.13
C VAL G 58 31.06 11.12 -6.71
N THR G 59 31.70 11.92 -5.85
CA THR G 59 32.92 12.66 -6.17
C THR G 59 33.93 12.32 -5.05
N PRO G 60 34.65 11.19 -5.17
CA PRO G 60 35.56 10.75 -4.10
C PRO G 60 36.75 11.66 -3.96
N GLN G 61 37.41 11.60 -2.80
CA GLN G 61 38.66 12.34 -2.61
C GLN G 61 39.72 11.72 -3.50
N PRO G 62 40.61 12.56 -4.09
CA PRO G 62 41.70 12.05 -4.90
C PRO G 62 42.49 10.99 -4.15
N GLY G 63 42.71 9.86 -4.80
CA GLY G 63 43.36 8.71 -4.17
C GLY G 63 42.38 7.60 -3.78
N VAL G 64 41.14 7.98 -3.48
CA VAL G 64 40.12 7.04 -3.04
C VAL G 64 39.54 6.28 -4.25
N PRO G 65 39.73 4.93 -4.29
CA PRO G 65 39.18 4.19 -5.44
C PRO G 65 37.66 4.20 -5.48
N PHE G 66 37.11 4.27 -6.69
CA PHE G 66 35.66 4.28 -6.93
C PHE G 66 34.93 3.15 -6.20
N GLU G 67 35.52 1.95 -6.24
CA GLU G 67 34.93 0.73 -5.65
C GLU G 67 34.66 0.86 -4.15
N GLU G 68 35.64 1.38 -3.42
CA GLU G 68 35.46 1.66 -1.98
C GLU G 68 34.39 2.73 -1.76
N ALA G 69 34.49 3.83 -2.51
CA ALA G 69 33.58 4.98 -2.38
C ALA G 69 32.13 4.62 -2.68
N ALA G 70 31.93 3.87 -3.77
CA ALA G 70 30.62 3.27 -4.09
C ALA G 70 30.05 2.46 -2.91
N ALA G 71 30.87 1.57 -2.36
CA ALA G 71 30.48 0.70 -1.24
C ALA G 71 30.42 1.39 0.13
N ALA G 72 30.82 2.66 0.20
CA ALA G 72 30.68 3.46 1.41
C ALA G 72 29.26 3.99 1.54
N VAL G 73 28.75 4.51 0.43
CA VAL G 73 27.38 5.03 0.36
C VAL G 73 26.34 3.92 0.55
N ALA G 74 26.61 2.74 -0.02
CA ALA G 74 25.74 1.58 0.14
C ALA G 74 25.59 1.23 1.60
N ALA G 75 26.71 1.10 2.31
CA ALA G 75 26.69 0.75 3.73
C ALA G 75 26.23 1.89 4.64
N GLU G 76 26.56 3.14 4.33
CA GLU G 76 26.23 4.25 5.25
C GLU G 76 24.86 4.91 5.00
N SER G 77 24.15 4.42 3.99
CA SER G 77 22.76 4.82 3.73
C SER G 77 21.76 3.69 4.02
N SER G 78 22.21 2.44 3.93
CA SER G 78 21.31 1.29 4.02
C SER G 78 21.20 0.64 5.41
N THR G 79 22.36 0.19 5.89
CA THR G 79 22.52 -0.41 7.23
C THR G 79 23.80 0.21 7.75
N GLY G 80 24.19 -0.16 8.98
CA GLY G 80 25.40 0.40 9.56
C GLY G 80 26.62 -0.05 8.79
N THR G 81 27.67 0.76 8.76
CA THR G 81 28.99 0.25 8.36
C THR G 81 29.21 -0.85 9.34
N TRP G 82 29.22 -2.07 8.83
CA TRP G 82 29.00 -3.24 9.65
C TRP G 82 29.92 -3.23 10.87
N THR G 83 29.31 -3.40 12.03
CA THR G 83 30.02 -3.50 13.28
C THR G 83 29.94 -4.95 13.68
N THR G 84 31.00 -5.69 13.34
CA THR G 84 31.08 -7.10 13.67
C THR G 84 31.10 -7.26 15.20
N VAL G 85 30.28 -8.18 15.68
CA VAL G 85 30.14 -8.48 17.10
C VAL G 85 30.17 -10.00 17.27
N TRP G 86 30.17 -10.45 18.53
CA TRP G 86 30.11 -11.88 18.86
C TRP G 86 28.89 -12.57 18.23
N THR G 87 27.77 -11.86 18.15
CA THR G 87 26.57 -12.36 17.48
C THR G 87 26.76 -12.30 15.96
N ASP G 88 27.52 -13.25 15.46
CA ASP G 88 27.53 -13.63 14.05
C ASP G 88 26.83 -14.99 13.89
N LEU G 89 26.45 -15.61 15.01
CA LEU G 89 25.69 -16.87 15.02
C LEU G 89 24.21 -16.63 14.74
N LEU G 90 23.61 -15.70 15.48
CA LEU G 90 22.20 -15.33 15.32
C LEU G 90 22.04 -14.48 14.07
N THR G 91 23.07 -13.68 13.79
CA THR G 91 22.97 -12.53 12.89
C THR G 91 23.56 -12.82 11.50
N ASP G 92 22.74 -13.47 10.67
CA ASP G 92 22.86 -13.36 9.23
C ASP G 92 21.74 -12.38 8.92
N LEU G 93 22.12 -11.10 9.02
CA LEU G 93 21.34 -9.99 8.49
C LEU G 93 22.16 -9.48 7.31
N ASP G 94 21.99 -10.24 6.21
CA ASP G 94 22.43 -9.83 4.88
C ASP G 94 21.24 -9.31 4.07
N ARG G 95 20.04 -9.80 4.40
CA ARG G 95 18.80 -9.41 3.71
C ARG G 95 18.56 -7.89 3.65
N TYR G 96 18.89 -7.17 4.71
CA TYR G 96 18.65 -5.71 4.79
C TYR G 96 19.81 -4.88 4.26
N LYS G 97 20.72 -5.53 3.52
CA LYS G 97 21.90 -4.88 2.99
C LYS G 97 21.55 -4.17 1.71
N GLY G 98 21.65 -2.85 1.74
CA GLY G 98 21.61 -2.04 0.52
C GLY G 98 22.96 -2.21 -0.14
N ARG G 99 23.04 -2.07 -1.45
CA ARG G 99 24.26 -2.39 -2.18
C ARG G 99 24.37 -1.68 -3.53
N CYS G 100 25.61 -1.39 -3.91
CA CYS G 100 25.93 -0.83 -5.22
C CYS G 100 26.05 -1.97 -6.23
N TYR G 101 25.22 -1.89 -7.27
CA TYR G 101 25.14 -2.90 -8.33
C TYR G 101 25.67 -2.42 -9.70
N ASP G 102 25.91 -1.13 -9.83
CA ASP G 102 26.55 -0.58 -11.02
C ASP G 102 27.31 0.68 -10.65
N ILE G 103 28.46 0.85 -11.30
CA ILE G 103 29.37 1.97 -11.07
C ILE G 103 29.69 2.53 -12.46
N GLU G 104 29.33 3.79 -12.69
CA GLU G 104 29.32 4.37 -14.05
C GLU G 104 30.01 5.75 -14.06
N PRO G 105 31.26 5.83 -14.56
CA PRO G 105 31.98 7.12 -14.50
C PRO G 105 31.36 8.18 -15.42
N VAL G 106 31.16 9.37 -14.87
CA VAL G 106 30.53 10.47 -15.62
C VAL G 106 31.51 10.99 -16.68
N PRO G 107 31.16 10.86 -17.97
CA PRO G 107 32.06 11.41 -19.00
C PRO G 107 32.03 12.93 -19.01
N GLY G 108 33.16 13.53 -19.35
CA GLY G 108 33.32 14.98 -19.34
C GLY G 108 33.62 15.56 -17.98
N GLU G 109 33.98 14.71 -17.01
CA GLU G 109 34.12 15.16 -15.61
C GLU G 109 35.39 14.72 -14.92
N ASP G 110 35.71 15.46 -13.86
CA ASP G 110 36.92 15.28 -13.06
C ASP G 110 36.73 14.21 -11.97
N ASN G 111 37.14 12.97 -12.29
CA ASN G 111 37.18 11.84 -11.35
C ASN G 111 35.86 11.67 -10.57
N GLN G 112 34.78 11.43 -11.32
CA GLN G 112 33.41 11.42 -10.79
C GLN G 112 32.61 10.25 -11.37
N PHE G 113 31.74 9.67 -10.56
CA PHE G 113 30.88 8.57 -11.01
C PHE G 113 29.49 8.54 -10.37
N ILE G 114 28.61 7.79 -11.03
CA ILE G 114 27.26 7.52 -10.55
C ILE G 114 27.31 6.16 -9.86
N ALA G 115 26.97 6.14 -8.58
CA ALA G 115 26.74 4.88 -7.87
C ALA G 115 25.26 4.53 -7.94
N TYR G 116 24.94 3.42 -8.60
CA TYR G 116 23.59 2.90 -8.60
C TYR G 116 23.45 1.93 -7.44
N ILE G 117 22.76 2.38 -6.39
CA ILE G 117 22.57 1.60 -5.17
C ILE G 117 21.13 1.11 -5.06
N ALA G 118 20.97 -0.13 -4.60
CA ALA G 118 19.67 -0.80 -4.44
C ALA G 118 19.41 -1.17 -2.98
N TYR G 119 18.30 -0.66 -2.43
CA TYR G 119 17.85 -0.98 -1.08
C TYR G 119 16.61 -1.86 -1.16
N PRO G 120 16.52 -2.88 -0.29
CA PRO G 120 15.31 -3.72 -0.32
C PRO G 120 14.05 -3.01 0.25
N LEU G 121 12.89 -3.49 -0.18
CA LEU G 121 11.58 -2.88 0.18
C LEU G 121 11.34 -2.75 1.69
N ASP G 122 11.76 -3.75 2.46
CA ASP G 122 11.49 -3.81 3.90
C ASP G 122 12.18 -2.75 4.77
N LEU G 123 13.20 -2.07 4.25
CA LEU G 123 13.90 -1.06 5.04
C LEU G 123 13.03 0.13 5.45
N PHE G 124 12.04 0.44 4.63
CA PHE G 124 11.31 1.69 4.74
C PHE G 124 9.94 1.53 5.37
N GLU G 125 9.51 2.58 6.06
CA GLU G 125 8.19 2.63 6.65
C GLU G 125 7.29 2.97 5.51
N GLU G 126 6.09 2.39 5.56
CA GLU G 126 5.14 2.55 4.50
C GLU G 126 4.59 3.98 4.51
N GLY G 127 4.52 4.59 3.34
CA GLY G 127 3.95 5.92 3.19
C GLY G 127 4.74 7.05 3.82
N SER G 128 6.03 6.84 4.03
CA SER G 128 6.88 7.78 4.77
C SER G 128 8.07 8.28 3.95
N ILE G 129 7.89 9.43 3.28
CA ILE G 129 9.02 10.14 2.65
C ILE G 129 10.04 10.51 3.71
N THR G 130 9.57 10.96 4.86
CA THR G 130 10.43 11.35 5.98
C THR G 130 11.43 10.23 6.30
N ASN G 131 10.98 8.98 6.28
CA ASN G 131 11.87 7.84 6.50
C ASN G 131 12.79 7.62 5.30
N VAL G 132 12.23 7.71 4.09
CA VAL G 132 13.01 7.59 2.84
C VAL G 132 14.21 8.55 2.83
N LEU G 133 13.98 9.80 3.20
CA LEU G 133 15.07 10.75 3.33
C LEU G 133 16.01 10.41 4.48
N THR G 134 15.44 10.08 5.63
CA THR G 134 16.28 9.74 6.78
C THR G 134 17.22 8.59 6.42
N SER G 135 16.69 7.56 5.77
CA SER G 135 17.48 6.37 5.45
C SER G 135 18.53 6.64 4.39
N ILE G 136 18.13 7.23 3.27
CA ILE G 136 18.99 7.35 2.08
C ILE G 136 19.98 8.52 2.23
N VAL G 137 19.46 9.74 2.40
CA VAL G 137 20.30 10.95 2.47
C VAL G 137 20.65 11.39 3.90
N GLY G 138 20.70 10.42 4.81
CA GLY G 138 20.69 10.73 6.24
C GLY G 138 22.01 11.21 6.77
N ASN G 139 23.01 10.35 6.68
CA ASN G 139 24.37 10.63 7.17
C ASN G 139 25.50 10.57 6.14
N VAL G 140 25.22 9.99 4.98
CA VAL G 140 26.24 9.68 3.98
C VAL G 140 26.88 10.92 3.32
N PHE G 141 26.15 12.03 3.33
CA PHE G 141 26.66 13.30 2.80
C PHE G 141 27.75 13.94 3.69
N GLY G 142 27.95 13.40 4.89
CA GLY G 142 28.97 13.90 5.83
C GLY G 142 30.21 13.02 6.01
N PHE G 143 30.58 12.28 4.96
CA PHE G 143 31.89 11.64 4.90
C PHE G 143 32.99 12.71 4.85
N LYS G 144 34.23 12.28 5.07
CA LYS G 144 35.41 13.05 4.65
C LYS G 144 36.03 12.45 3.39
N ALA G 145 35.98 11.13 3.27
CA ALA G 145 36.57 10.40 2.13
C ALA G 145 35.98 10.74 0.76
N LEU G 146 34.81 11.40 0.73
CA LEU G 146 34.25 11.99 -0.47
C LEU G 146 34.41 13.51 -0.44
N ARG G 147 34.74 14.11 -1.58
CA ARG G 147 34.75 15.57 -1.68
C ARG G 147 33.32 16.11 -1.63
N ALA G 148 32.43 15.45 -2.36
CA ALA G 148 31.06 15.89 -2.52
C ALA G 148 30.17 14.74 -2.98
N LEU G 149 28.87 14.97 -2.91
CA LEU G 149 27.88 13.92 -3.11
C LEU G 149 26.51 14.54 -3.39
N ARG G 150 25.85 14.06 -4.44
CA ARG G 150 24.52 14.54 -4.86
C ARG G 150 23.65 13.36 -5.26
N LEU G 151 22.44 13.28 -4.70
CA LEU G 151 21.47 12.27 -5.08
C LEU G 151 20.70 12.79 -6.28
N GLU G 152 20.90 12.14 -7.43
CA GLU G 152 20.29 12.58 -8.69
C GLU G 152 18.85 12.06 -8.85
N ASP G 153 18.63 10.78 -8.53
CA ASP G 153 17.31 10.15 -8.72
C ASP G 153 17.05 9.01 -7.70
N ILE G 154 15.77 8.72 -7.48
CA ILE G 154 15.33 7.50 -6.77
C ILE G 154 14.26 6.76 -7.61
N ARG G 155 14.49 5.48 -7.83
CA ARG G 155 13.46 4.59 -8.35
C ARG G 155 12.63 4.12 -7.16
N PHE G 156 11.41 4.68 -7.04
CA PHE G 156 10.42 4.17 -6.09
C PHE G 156 9.68 3.05 -6.79
N PRO G 157 9.73 1.82 -6.23
CA PRO G 157 9.03 0.71 -6.86
C PRO G 157 7.52 0.81 -6.68
N VAL G 158 6.78 0.12 -7.54
CA VAL G 158 5.32 0.13 -7.56
C VAL G 158 4.77 -0.25 -6.19
N ALA G 159 5.21 -1.41 -5.69
CA ALA G 159 4.78 -1.91 -4.38
C ALA G 159 4.99 -0.93 -3.23
N TYR G 160 6.04 -0.14 -3.28
CA TYR G 160 6.20 0.92 -2.28
C TYR G 160 5.24 2.10 -2.54
N ILE G 161 5.05 2.49 -3.81
CA ILE G 161 4.18 3.63 -4.19
C ILE G 161 2.71 3.43 -3.74
N LYS G 162 2.23 2.20 -3.82
CA LYS G 162 0.86 1.84 -3.39
C LYS G 162 0.54 2.15 -1.91
N THR G 163 1.59 2.37 -1.11
CA THR G 163 1.46 2.78 0.29
C THR G 163 1.41 4.30 0.52
N PHE G 164 1.22 5.09 -0.55
CA PHE G 164 1.09 6.55 -0.43
C PHE G 164 -0.21 7.02 -1.08
N GLN G 165 -0.89 7.95 -0.43
CA GLN G 165 -2.08 8.58 -1.03
C GLN G 165 -1.70 9.31 -2.30
N GLY G 166 -0.56 10.01 -2.26
CA GLY G 166 -0.15 10.86 -3.36
C GLY G 166 -1.02 12.09 -3.38
N PRO G 167 -1.05 12.82 -4.52
CA PRO G 167 -1.88 14.02 -4.64
C PRO G 167 -3.30 13.82 -4.13
N PRO G 168 -3.82 14.78 -3.35
CA PRO G 168 -5.21 14.74 -2.91
C PRO G 168 -6.21 14.51 -4.06
N HIS G 169 -5.90 15.11 -5.21
CA HIS G 169 -6.66 14.95 -6.45
C HIS G 169 -5.70 14.91 -7.64
N GLY G 170 -6.09 14.23 -8.73
CA GLY G 170 -5.31 14.29 -9.96
C GLY G 170 -5.24 15.65 -10.65
N ILE G 171 -4.59 15.67 -11.81
CA ILE G 171 -4.80 16.72 -12.80
C ILE G 171 -6.26 16.65 -13.28
N GLN G 172 -6.69 15.47 -13.72
CA GLN G 172 -8.05 15.31 -14.24
C GLN G 172 -9.08 15.68 -13.17
N VAL G 173 -8.91 15.13 -11.97
CA VAL G 173 -9.88 15.37 -10.89
C VAL G 173 -10.01 16.85 -10.55
N GLU G 174 -8.88 17.56 -10.54
CA GLU G 174 -8.89 19.00 -10.32
C GLU G 174 -9.69 19.76 -11.40
N ARG G 175 -9.48 19.38 -12.65
CA ARG G 175 -10.17 20.02 -13.78
C ARG G 175 -11.67 19.73 -13.79
N ASP G 176 -12.07 18.59 -13.23
CA ASP G 176 -13.49 18.28 -13.05
C ASP G 176 -14.10 19.04 -11.86
N LYS G 177 -13.33 19.25 -10.80
CA LYS G 177 -13.81 19.99 -9.63
C LYS G 177 -14.06 21.45 -10.00
N LEU G 178 -13.04 22.04 -10.60
CA LEU G 178 -13.18 23.29 -11.33
C LEU G 178 -13.78 22.79 -12.63
N ASN G 179 -14.48 23.62 -13.38
CA ASN G 179 -14.94 23.19 -14.70
C ASN G 179 -14.07 23.95 -15.67
N LYS G 180 -12.88 23.42 -15.91
CA LYS G 180 -11.86 24.10 -16.71
C LYS G 180 -11.09 23.06 -17.51
N TYR G 181 -11.34 23.04 -18.82
CA TYR G 181 -10.74 22.04 -19.69
C TYR G 181 -10.00 22.68 -20.86
N GLY G 182 -9.07 21.92 -21.42
CA GLY G 182 -8.45 22.27 -22.70
C GLY G 182 -7.48 23.43 -22.74
N ARG G 183 -7.02 23.88 -21.58
CA ARG G 183 -6.07 25.00 -21.50
C ARG G 183 -5.28 25.03 -20.21
N PRO G 184 -4.12 25.71 -20.21
CA PRO G 184 -3.48 26.06 -18.94
C PRO G 184 -4.38 26.89 -18.05
N LEU G 185 -4.23 26.73 -16.76
CA LEU G 185 -4.89 27.56 -15.78
C LEU G 185 -4.02 28.78 -15.47
N LEU G 186 -4.65 29.89 -15.11
CA LEU G 186 -3.94 31.17 -14.92
C LEU G 186 -4.01 31.65 -13.47
N GLY G 187 -2.84 31.92 -12.91
CA GLY G 187 -2.71 32.42 -11.54
C GLY G 187 -2.14 33.83 -11.49
N CYS G 188 -2.29 34.47 -10.33
CA CYS G 188 -1.91 35.87 -10.11
C CYS G 188 -1.10 36.05 -8.84
N THR G 189 0.00 36.79 -8.93
CA THR G 189 0.82 37.09 -7.76
C THR G 189 0.44 38.48 -7.23
N ILE G 190 0.01 38.52 -5.97
CA ILE G 190 -0.30 39.78 -5.30
C ILE G 190 1.00 40.54 -4.98
N LYS G 191 0.97 41.85 -5.17
CA LYS G 191 2.09 42.74 -4.88
C LYS G 191 1.59 44.04 -4.22
N PRO G 192 2.37 44.64 -3.32
CA PRO G 192 3.70 44.17 -2.92
C PRO G 192 3.68 42.94 -2.01
N LYS G 193 4.73 42.13 -2.15
CA LYS G 193 4.93 40.87 -1.41
C LYS G 193 4.46 40.90 0.04
N LEU G 194 4.88 41.95 0.76
CA LEU G 194 4.71 42.07 2.20
C LEU G 194 4.20 43.45 2.59
N GLY G 195 3.36 43.49 3.63
CA GLY G 195 2.96 44.73 4.29
C GLY G 195 1.50 45.11 4.17
N LEU G 196 0.77 44.46 3.28
CA LEU G 196 -0.62 44.83 3.02
C LEU G 196 -1.54 44.38 4.14
N SER G 197 -2.54 45.21 4.44
CA SER G 197 -3.60 44.83 5.34
C SER G 197 -4.34 43.64 4.76
N ALA G 198 -5.02 42.90 5.62
CA ALA G 198 -5.83 41.78 5.20
C ALA G 198 -6.86 42.21 4.16
N LYS G 199 -7.57 43.31 4.47
CA LYS G 199 -8.57 43.88 3.57
C LYS G 199 -8.00 44.31 2.23
N ASN G 200 -6.83 44.94 2.25
CA ASN G 200 -6.11 45.32 1.03
C ASN G 200 -5.85 44.09 0.16
N TYR G 201 -5.28 43.07 0.77
CA TYR G 201 -4.97 41.80 0.10
C TYR G 201 -6.23 41.24 -0.60
N GLY G 202 -7.37 41.34 0.09
CA GLY G 202 -8.66 40.89 -0.42
C GLY G 202 -9.20 41.71 -1.58
N ARG G 203 -9.04 43.03 -1.50
CA ARG G 203 -9.39 43.92 -2.62
C ARG G 203 -8.48 43.66 -3.82
N ALA G 204 -7.19 43.51 -3.55
CA ALA G 204 -6.23 43.11 -4.57
C ALA G 204 -6.63 41.78 -5.25
N VAL G 205 -6.97 40.78 -4.43
CA VAL G 205 -7.38 39.45 -4.93
C VAL G 205 -8.68 39.52 -5.74
N TYR G 206 -9.64 40.31 -5.27
CA TYR G 206 -10.94 40.47 -5.95
C TYR G 206 -10.75 40.82 -7.41
N GLU G 207 -9.89 41.81 -7.67
CA GLU G 207 -9.70 42.32 -9.02
C GLU G 207 -9.03 41.30 -9.90
N CYS G 208 -7.86 40.85 -9.47
CA CYS G 208 -7.06 39.93 -10.25
C CYS G 208 -7.84 38.67 -10.70
N LEU G 209 -8.78 38.23 -9.86
CA LEU G 209 -9.74 37.18 -10.23
C LEU G 209 -10.83 37.68 -11.16
N ARG G 210 -11.44 38.81 -10.78
CA ARG G 210 -12.47 39.49 -11.57
C ARG G 210 -12.06 39.77 -13.02
N GLY G 211 -10.78 40.07 -13.22
CA GLY G 211 -10.23 40.37 -14.54
C GLY G 211 -9.92 39.18 -15.44
N GLY G 212 -10.23 37.96 -15.00
CA GLY G 212 -10.17 36.78 -15.86
C GLY G 212 -9.18 35.68 -15.53
N LEU G 213 -8.48 35.79 -14.40
CA LEU G 213 -7.62 34.70 -13.96
C LEU G 213 -8.37 33.72 -13.07
N ASP G 214 -7.82 32.50 -13.02
CA ASP G 214 -8.46 31.38 -12.32
C ASP G 214 -8.09 31.41 -10.84
N PHE G 215 -6.79 31.51 -10.56
CA PHE G 215 -6.28 31.52 -9.19
C PHE G 215 -5.59 32.84 -8.82
N THR G 216 -5.41 33.04 -7.52
CA THR G 216 -4.56 34.10 -6.98
C THR G 216 -3.74 33.52 -5.84
N LYS G 217 -2.45 33.79 -5.84
CA LYS G 217 -1.55 33.22 -4.86
C LYS G 217 -1.45 34.09 -3.61
N ASP G 218 -1.39 33.40 -2.48
CA ASP G 218 -0.93 34.00 -1.25
C ASP G 218 0.57 33.76 -1.21
N ASP G 219 1.34 34.81 -0.97
CA ASP G 219 2.79 34.74 -0.97
C ASP G 219 3.32 33.69 0.03
N GLU G 220 4.43 33.02 -0.30
CA GLU G 220 4.96 31.94 0.55
C GLU G 220 5.32 32.42 1.97
N ASN G 221 5.88 33.63 2.05
CA ASN G 221 6.27 34.24 3.32
C ASN G 221 5.07 34.68 4.14
N ILE G 222 3.93 34.92 3.48
CA ILE G 222 2.69 35.32 4.15
C ILE G 222 2.02 34.12 4.85
N ASN G 223 2.44 33.92 6.08
CA ASN G 223 1.70 33.17 7.10
C ASN G 223 1.32 34.28 8.06
N SER G 224 0.49 34.02 9.06
CA SER G 224 0.13 35.06 10.07
C SER G 224 1.31 35.94 10.54
N ALA G 225 1.13 37.25 10.54
CA ALA G 225 2.21 38.18 10.91
C ALA G 225 1.64 39.48 11.47
N PRO G 226 2.43 40.23 12.26
CA PRO G 226 1.90 41.46 12.91
C PRO G 226 1.24 42.51 12.00
N PHE G 227 1.76 42.66 10.77
CA PHE G 227 1.16 43.55 9.77
C PHE G 227 -0.15 43.00 9.17
N GLN G 228 -0.29 41.67 9.18
CA GLN G 228 -1.45 40.97 8.59
C GLN G 228 -1.66 39.61 9.26
N ARG G 229 -2.81 39.43 9.93
CA ARG G 229 -3.11 38.17 10.62
C ARG G 229 -3.96 37.22 9.79
N TRP G 230 -3.71 35.92 9.94
CA TRP G 230 -4.20 34.91 9.01
C TRP G 230 -5.73 34.83 8.91
N ARG G 231 -6.41 34.86 10.05
CA ARG G 231 -7.87 34.74 10.04
C ARG G 231 -8.54 35.92 9.33
N ASP G 232 -7.98 37.11 9.48
CA ASP G 232 -8.42 38.30 8.74
C ASP G 232 -8.19 38.17 7.23
N ARG G 233 -6.98 37.77 6.84
CA ARG G 233 -6.67 37.53 5.44
C ARG G 233 -7.62 36.52 4.77
N PHE G 234 -7.76 35.37 5.42
CA PHE G 234 -8.62 34.27 4.95
C PHE G 234 -10.06 34.75 4.76
N LEU G 235 -10.56 35.49 5.76
CA LEU G 235 -11.92 36.02 5.73
C LEU G 235 -12.16 36.92 4.52
N PHE G 236 -11.34 37.96 4.38
CA PHE G 236 -11.51 38.93 3.29
C PHE G 236 -11.22 38.37 1.90
N VAL G 237 -10.24 37.46 1.80
CA VAL G 237 -10.02 36.73 0.55
C VAL G 237 -11.29 35.96 0.14
N ALA G 238 -11.97 35.38 1.13
CA ALA G 238 -13.21 34.65 0.86
C ALA G 238 -14.30 35.58 0.34
N ASP G 239 -14.43 36.76 0.95
CA ASP G 239 -15.40 37.77 0.47
C ASP G 239 -15.17 38.09 -1.02
N ALA G 240 -13.90 38.12 -1.42
CA ALA G 240 -13.51 38.43 -2.78
C ALA G 240 -13.85 37.32 -3.76
N ILE G 241 -13.38 36.10 -3.49
CA ILE G 241 -13.66 34.94 -4.33
C ILE G 241 -15.15 34.78 -4.56
N THR G 242 -15.95 34.93 -3.50
CA THR G 242 -17.40 34.85 -3.60
C THR G 242 -17.91 35.80 -4.67
N LYS G 243 -17.56 37.07 -4.52
CA LYS G 243 -18.01 38.13 -5.41
C LYS G 243 -17.53 37.94 -6.85
N ALA G 244 -16.21 37.82 -7.02
CA ALA G 244 -15.60 37.69 -8.35
C ALA G 244 -16.16 36.51 -9.15
N GLN G 245 -16.42 35.41 -8.46
CA GLN G 245 -16.99 34.20 -9.07
C GLN G 245 -18.42 34.42 -9.52
N ALA G 246 -19.21 35.02 -8.64
CA ALA G 246 -20.60 35.34 -8.93
C ALA G 246 -20.73 36.21 -10.18
N GLU G 247 -19.94 37.27 -10.23
CA GLU G 247 -19.92 38.23 -11.35
C GLU G 247 -19.44 37.64 -12.68
N THR G 248 -18.44 36.77 -12.61
CA THR G 248 -17.84 36.16 -13.81
C THR G 248 -18.51 34.88 -14.28
N GLY G 249 -19.00 34.08 -13.33
CA GLY G 249 -19.54 32.75 -13.65
C GLY G 249 -18.46 31.72 -13.98
N GLU G 250 -17.26 31.90 -13.40
CA GLU G 250 -16.20 30.88 -13.44
C GLU G 250 -15.80 30.59 -12.02
N ILE G 251 -15.46 29.33 -11.73
CA ILE G 251 -15.02 28.95 -10.39
C ILE G 251 -13.67 29.62 -10.16
N LYS G 252 -13.63 30.48 -9.14
CA LYS G 252 -12.41 31.16 -8.71
C LYS G 252 -11.89 30.54 -7.40
N GLY G 253 -10.59 30.67 -7.18
CA GLY G 253 -9.96 30.12 -5.99
C GLY G 253 -8.67 30.83 -5.67
N HIS G 254 -8.34 30.90 -4.38
CA HIS G 254 -7.10 31.52 -3.91
C HIS G 254 -6.29 30.52 -3.09
N TYR G 255 -4.99 30.42 -3.38
CA TYR G 255 -4.08 29.56 -2.62
C TYR G 255 -3.87 30.17 -1.24
N LEU G 256 -4.72 29.85 -0.27
CA LEU G 256 -4.55 30.36 1.10
C LEU G 256 -3.41 29.63 1.81
N ASN G 257 -2.50 30.37 2.42
CA ASN G 257 -1.29 29.76 2.98
C ASN G 257 -1.50 29.27 4.42
N VAL G 258 -1.70 27.96 4.54
CA VAL G 258 -1.81 27.31 5.83
C VAL G 258 -0.46 26.96 6.45
N THR G 259 0.67 27.29 5.78
CA THR G 259 2.00 27.05 6.36
C THR G 259 2.08 27.78 7.70
N ALA G 260 2.64 27.08 8.68
CA ALA G 260 2.47 27.45 10.09
C ALA G 260 3.48 26.76 11.00
N PRO G 261 3.71 27.31 12.22
CA PRO G 261 4.75 26.81 13.14
C PRO G 261 4.56 25.39 13.64
N THR G 262 3.31 24.93 13.72
CA THR G 262 2.95 23.66 14.33
C THR G 262 1.87 22.97 13.49
N CYS G 263 1.76 21.64 13.58
CA CYS G 263 0.66 20.90 12.91
C CYS G 263 -0.68 21.38 13.43
N GLU G 264 -0.73 21.66 14.73
CA GLU G 264 -1.93 22.14 15.41
C GLU G 264 -2.48 23.33 14.64
N GLU G 265 -1.60 24.28 14.39
CA GLU G 265 -1.91 25.54 13.74
C GLU G 265 -2.18 25.36 12.24
N MET G 266 -1.32 24.63 11.56
CA MET G 266 -1.50 24.34 10.14
C MET G 266 -2.91 23.82 9.87
N LEU G 267 -3.30 22.78 10.60
CA LEU G 267 -4.64 22.18 10.46
C LEU G 267 -5.75 23.14 10.86
N LYS G 268 -5.52 23.94 11.90
CA LYS G 268 -6.48 24.99 12.27
C LYS G 268 -6.83 25.92 11.11
N ARG G 269 -5.82 26.25 10.30
CA ARG G 269 -5.99 27.16 9.16
C ARG G 269 -6.58 26.45 7.97
N ALA G 270 -6.19 25.21 7.77
CA ALA G 270 -6.83 24.37 6.77
C ALA G 270 -8.33 24.29 7.09
N GLU G 271 -8.63 24.12 8.37
CA GLU G 271 -10.02 23.95 8.78
C GLU G 271 -10.83 25.22 8.54
N TYR G 272 -10.23 26.39 8.78
CA TYR G 272 -10.93 27.66 8.54
C TYR G 272 -11.14 27.94 7.06
N ALA G 273 -10.14 27.62 6.25
CA ALA G 273 -10.29 27.62 4.80
C ALA G 273 -11.50 26.75 4.43
N LYS G 274 -11.48 25.51 4.91
CA LYS G 274 -12.56 24.52 4.67
C LYS G 274 -13.92 25.01 5.15
N GLU G 275 -13.91 25.69 6.29
CA GLU G 275 -15.11 26.28 6.87
C GLU G 275 -15.66 27.41 6.00
N LEU G 276 -14.76 28.11 5.32
CA LEU G 276 -15.14 29.13 4.34
C LEU G 276 -15.34 28.56 2.92
N LYS G 277 -15.59 27.26 2.83
CA LYS G 277 -15.92 26.57 1.57
C LYS G 277 -14.90 26.89 0.47
N GLN G 278 -13.64 26.88 0.86
CA GLN G 278 -12.56 27.27 -0.03
C GLN G 278 -12.08 26.11 -0.93
N PRO G 279 -11.85 26.39 -2.23
CA PRO G 279 -11.51 25.33 -3.16
C PRO G 279 -10.09 24.81 -3.08
N ILE G 280 -9.20 25.63 -2.53
CA ILE G 280 -7.78 25.38 -2.62
C ILE G 280 -7.02 26.09 -1.50
N ILE G 281 -5.91 25.47 -1.09
CA ILE G 281 -4.98 26.06 -0.13
C ILE G 281 -3.56 25.83 -0.63
N MET G 282 -2.59 26.41 0.09
CA MET G 282 -1.18 26.21 -0.21
C MET G 282 -0.31 25.97 1.00
N HIS G 283 0.89 25.45 0.75
CA HIS G 283 1.77 24.95 1.79
C HIS G 283 3.25 24.85 1.38
N ASP G 284 4.13 25.42 2.19
CA ASP G 284 5.56 25.44 1.93
C ASP G 284 6.16 24.14 2.44
N TYR G 285 6.16 23.12 1.59
CA TYR G 285 6.47 21.77 2.04
C TYR G 285 7.85 21.52 2.60
N LEU G 286 8.88 22.10 2.01
CA LEU G 286 10.26 21.80 2.44
C LEU G 286 10.59 22.44 3.78
N THR G 287 10.21 23.72 3.90
CA THR G 287 10.44 24.48 5.13
C THR G 287 9.64 23.91 6.29
N ALA G 288 8.37 23.61 6.02
CA ALA G 288 7.46 23.03 7.01
C ALA G 288 7.80 21.59 7.31
N GLY G 289 8.08 20.84 6.26
CA GLY G 289 8.65 19.50 6.37
C GLY G 289 7.68 18.44 5.92
N PHE G 290 8.22 17.29 5.56
CA PHE G 290 7.43 16.23 4.96
C PHE G 290 6.41 15.63 5.94
N THR G 291 6.77 15.48 7.21
CA THR G 291 5.81 14.97 8.20
C THR G 291 4.54 15.81 8.21
N ALA G 292 4.73 17.11 8.22
CA ALA G 292 3.64 18.06 8.29
C ALA G 292 2.89 18.19 6.97
N ASN G 293 3.57 17.97 5.85
CA ASN G 293 2.92 18.03 4.53
C ASN G 293 2.05 16.82 4.29
N THR G 294 2.58 15.62 4.51
CA THR G 294 1.81 14.38 4.32
C THR G 294 0.50 14.40 5.13
N THR G 295 0.56 14.91 6.35
CA THR G 295 -0.64 15.19 7.14
C THR G 295 -1.60 16.08 6.37
N LEU G 296 -1.10 17.21 5.87
CA LEU G 296 -1.94 18.18 5.14
C LEU G 296 -2.52 17.63 3.82
N ALA G 297 -1.73 16.85 3.08
CA ALA G 297 -2.21 16.26 1.84
C ALA G 297 -3.37 15.30 2.06
N ARG G 298 -3.28 14.53 3.14
CA ARG G 298 -4.32 13.57 3.48
C ARG G 298 -5.57 14.26 3.94
N TRP G 299 -5.37 15.22 4.84
CA TRP G 299 -6.44 16.14 5.23
C TRP G 299 -7.11 16.74 4.02
N CYS G 300 -6.30 17.13 3.03
CA CYS G 300 -6.82 17.68 1.77
C CYS G 300 -7.68 16.69 0.98
N ARG G 301 -7.30 15.42 0.88
CA ARG G 301 -8.21 14.42 0.29
C ARG G 301 -9.44 14.21 1.14
N ASP G 302 -9.29 14.16 2.47
CA ASP G 302 -10.44 13.93 3.36
C ASP G 302 -11.51 15.01 3.28
N ASN G 303 -11.08 16.26 3.06
CA ASN G 303 -12.01 17.40 2.92
C ASN G 303 -12.19 17.90 1.48
N GLY G 304 -11.52 17.26 0.54
CA GLY G 304 -11.66 17.57 -0.89
C GLY G 304 -11.26 18.98 -1.27
N VAL G 305 -10.24 19.50 -0.57
CA VAL G 305 -9.63 20.79 -0.86
C VAL G 305 -8.37 20.57 -1.69
N LEU G 306 -8.16 21.41 -2.71
CA LEU G 306 -6.97 21.32 -3.57
C LEU G 306 -5.75 21.83 -2.82
N LEU G 307 -4.60 21.23 -3.12
CA LEU G 307 -3.35 21.59 -2.44
C LEU G 307 -2.28 22.13 -3.39
N HIS G 308 -1.99 23.43 -3.25
CA HIS G 308 -0.98 24.14 -4.06
C HIS G 308 0.37 24.19 -3.34
N ILE G 309 1.37 23.48 -3.86
CA ILE G 309 2.63 23.37 -3.14
C ILE G 309 3.64 24.38 -3.64
N HIS G 310 4.37 24.97 -2.69
CA HIS G 310 5.43 25.92 -2.95
C HIS G 310 6.76 25.31 -2.51
N ARG G 311 7.80 25.49 -3.31
CA ARG G 311 9.09 24.79 -3.08
C ARG G 311 10.19 25.67 -2.48
N ALA G 312 9.82 26.64 -1.66
CA ALA G 312 10.79 27.54 -1.05
C ALA G 312 11.87 26.73 -0.32
N MET G 313 13.10 27.21 -0.42
CA MET G 313 14.29 26.53 0.10
C MET G 313 14.67 25.26 -0.70
N HIS G 314 14.28 25.20 -1.99
CA HIS G 314 14.78 24.14 -2.88
C HIS G 314 16.21 24.45 -3.25
N ALA G 315 16.45 25.69 -3.68
CA ALA G 315 17.76 26.11 -4.20
C ALA G 315 18.96 25.92 -3.23
N VAL G 316 18.67 25.80 -1.93
CA VAL G 316 19.66 25.42 -0.92
C VAL G 316 20.19 24.00 -1.16
N ILE G 317 19.32 23.10 -1.59
CA ILE G 317 19.62 21.66 -1.70
C ILE G 317 19.92 21.23 -3.14
N ASP G 318 19.27 21.88 -4.10
CA ASP G 318 19.19 21.35 -5.47
C ASP G 318 19.90 22.16 -6.55
N ARG G 319 20.84 23.02 -6.16
CA ARG G 319 21.50 23.92 -7.12
C ARG G 319 22.91 23.49 -7.53
N GLN G 320 23.76 23.18 -6.56
CA GLN G 320 25.16 22.83 -6.85
C GLN G 320 25.24 21.42 -7.46
N LYS G 321 25.77 21.33 -8.68
CA LYS G 321 25.81 20.09 -9.47
C LYS G 321 26.65 18.97 -8.85
N ASN G 322 27.53 19.31 -7.91
CA ASN G 322 28.43 18.35 -7.25
C ASN G 322 27.91 17.80 -5.92
N HIS G 323 27.10 18.59 -5.21
CA HIS G 323 26.60 18.25 -3.85
C HIS G 323 25.18 18.74 -3.53
N GLY G 324 24.35 17.84 -2.97
CA GLY G 324 22.96 18.13 -2.58
C GLY G 324 21.97 17.05 -3.00
N ILE G 325 20.76 17.45 -3.38
CA ILE G 325 19.73 16.52 -3.92
C ILE G 325 19.03 17.18 -5.11
N HIS G 326 18.97 16.51 -6.26
CA HIS G 326 18.32 17.11 -7.43
C HIS G 326 16.83 17.27 -7.18
N PHE G 327 16.28 18.41 -7.62
CA PHE G 327 14.88 18.75 -7.46
C PHE G 327 13.95 17.66 -7.97
N ARG G 328 14.36 17.05 -9.06
CA ARG G 328 13.84 15.78 -9.54
C ARG G 328 13.38 14.84 -8.40
N VAL G 329 14.26 14.62 -7.42
CA VAL G 329 13.92 13.80 -6.24
C VAL G 329 12.89 14.48 -5.35
N LEU G 330 13.06 15.78 -5.11
CA LEU G 330 12.11 16.57 -4.30
C LEU G 330 10.71 16.72 -4.96
N ALA G 331 10.69 16.64 -6.30
CA ALA G 331 9.45 16.60 -7.07
C ALA G 331 8.76 15.25 -6.89
N LYS G 332 9.52 14.17 -7.03
CA LYS G 332 9.04 12.78 -6.78
C LYS G 332 8.53 12.60 -5.35
N ALA G 333 9.23 13.23 -4.41
CA ALA G 333 8.87 13.19 -2.99
C ALA G 333 7.54 13.86 -2.74
N LEU G 334 7.36 15.04 -3.32
CA LEU G 334 6.08 15.75 -3.22
C LEU G 334 4.90 15.04 -3.88
N ARG G 335 5.16 14.27 -4.92
CA ARG G 335 4.10 13.48 -5.50
C ARG G 335 3.66 12.35 -4.54
N LEU G 336 4.51 11.93 -3.60
CA LEU G 336 4.20 10.80 -2.70
C LEU G 336 3.60 11.26 -1.37
N SER G 337 4.29 12.14 -0.66
CA SER G 337 3.65 13.00 0.36
C SER G 337 2.92 13.96 -0.52
N GLY G 338 1.60 14.11 -0.37
CA GLY G 338 0.82 14.70 -1.48
C GLY G 338 0.96 16.18 -1.90
N GLY G 339 0.53 16.44 -3.14
CA GLY G 339 0.25 17.80 -3.64
C GLY G 339 -0.49 17.81 -4.99
N ASP G 340 -1.23 18.89 -5.25
CA ASP G 340 -1.98 19.06 -6.54
C ASP G 340 -1.31 20.02 -7.54
N HIS G 341 -0.72 21.09 -7.03
CA HIS G 341 0.18 21.95 -7.82
C HIS G 341 1.58 21.82 -7.25
N ILE G 342 2.59 22.05 -8.08
CA ILE G 342 3.95 22.30 -7.59
C ILE G 342 4.67 23.26 -8.55
N HIS G 343 5.33 24.26 -7.97
CA HIS G 343 6.20 25.19 -8.72
C HIS G 343 7.39 24.41 -9.32
N THR G 344 7.59 24.58 -10.63
CA THR G 344 8.72 24.03 -11.37
C THR G 344 9.64 25.15 -11.87
N GLY G 345 9.41 26.38 -11.41
CA GLY G 345 10.10 27.56 -11.92
C GLY G 345 9.73 27.79 -13.37
N THR G 346 10.68 28.33 -14.14
CA THR G 346 10.46 28.61 -15.57
C THR G 346 11.58 28.02 -16.44
N VAL G 347 11.29 27.84 -17.73
CA VAL G 347 12.20 27.22 -18.72
C VAL G 347 12.50 28.14 -19.92
N VAL G 348 12.37 29.44 -19.69
CA VAL G 348 12.31 30.44 -20.77
C VAL G 348 13.67 31.13 -21.02
N GLY G 349 14.36 31.47 -19.95
CA GLY G 349 15.72 32.04 -20.02
C GLY G 349 16.78 31.03 -19.60
N LYS G 350 16.56 29.76 -19.98
CA LYS G 350 17.44 28.66 -19.63
C LYS G 350 17.72 27.82 -20.88
N LEU G 351 18.97 27.39 -21.02
CA LEU G 351 19.45 26.71 -22.24
C LEU G 351 18.90 25.28 -22.39
N GLU G 352 19.08 24.71 -23.58
CA GLU G 352 18.47 23.43 -23.96
C GLU G 352 19.01 22.18 -23.26
N GLY G 353 20.15 22.32 -22.59
CA GLY G 353 20.59 21.32 -21.62
C GLY G 353 19.64 21.31 -20.43
N GLU G 354 19.47 22.49 -19.84
CA GLU G 354 18.63 22.67 -18.63
C GLU G 354 17.12 22.57 -18.87
N ARG G 355 16.66 22.92 -20.07
CA ARG G 355 15.26 22.71 -20.48
C ARG G 355 14.90 21.23 -20.41
N GLY G 356 15.73 20.39 -21.02
CA GLY G 356 15.56 18.93 -20.99
C GLY G 356 15.51 18.33 -19.59
N ILE G 357 16.27 18.92 -18.67
CA ILE G 357 16.26 18.52 -17.25
C ILE G 357 14.97 18.97 -16.56
N THR G 358 14.52 20.19 -16.85
CA THR G 358 13.27 20.72 -16.29
C THR G 358 12.04 19.99 -16.82
N MET G 359 12.02 19.69 -18.12
CA MET G 359 10.93 18.91 -18.71
C MET G 359 11.06 17.40 -18.49
N GLY G 360 12.11 16.97 -17.79
CA GLY G 360 12.26 15.59 -17.35
C GLY G 360 11.52 15.34 -16.05
N PHE G 361 11.63 16.30 -15.12
CA PHE G 361 10.89 16.21 -13.86
C PHE G 361 9.43 16.72 -13.92
N VAL G 362 9.11 17.61 -14.86
CA VAL G 362 7.71 17.90 -15.22
C VAL G 362 7.05 16.66 -15.81
N ASP G 363 7.81 15.83 -16.52
CA ASP G 363 7.30 14.53 -16.96
C ASP G 363 7.10 13.56 -15.79
N LEU G 364 8.01 13.59 -14.81
CA LEU G 364 7.88 12.76 -13.61
C LEU G 364 6.71 13.16 -12.71
N LEU G 365 6.44 14.46 -12.60
CA LEU G 365 5.30 14.94 -11.83
C LEU G 365 3.93 14.61 -12.47
N ARG G 366 3.83 14.71 -13.80
CA ARG G 366 2.54 14.61 -14.52
C ARG G 366 2.18 13.26 -15.17
N GLU G 367 3.18 12.48 -15.58
CA GLU G 367 2.92 11.27 -16.37
C GLU G 367 2.85 10.04 -15.49
N ASN G 368 2.33 8.96 -16.05
CA ASN G 368 2.18 7.72 -15.32
C ASN G 368 3.38 6.83 -15.47
N TYR G 369 3.97 6.83 -16.66
CA TYR G 369 5.17 6.06 -16.96
C TYR G 369 6.17 7.01 -17.60
N VAL G 370 7.40 6.99 -17.10
CA VAL G 370 8.47 7.85 -17.59
C VAL G 370 9.70 6.99 -17.83
N GLU G 371 10.04 6.84 -19.11
CA GLU G 371 11.09 5.92 -19.56
C GLU G 371 12.45 6.47 -19.15
N GLN G 372 13.40 5.57 -18.90
CA GLN G 372 14.76 5.98 -18.59
C GLN G 372 15.36 6.76 -19.78
N ASP G 373 15.73 8.00 -19.48
CA ASP G 373 16.38 8.92 -20.42
C ASP G 373 17.44 9.68 -19.63
N LYS G 374 18.72 9.35 -19.83
CA LYS G 374 19.82 9.94 -19.02
C LYS G 374 20.28 11.29 -19.54
N SER G 375 20.13 11.53 -20.85
CA SER G 375 20.30 12.86 -21.40
C SER G 375 19.48 13.93 -20.66
N ARG G 376 18.24 13.58 -20.30
CA ARG G 376 17.33 14.48 -19.56
C ARG G 376 17.53 14.49 -18.04
N GLY G 377 18.34 13.57 -17.52
CA GLY G 377 18.63 13.46 -16.08
C GLY G 377 17.74 12.47 -15.36
N ILE G 378 17.00 11.66 -16.12
CA ILE G 378 16.13 10.62 -15.59
C ILE G 378 16.92 9.30 -15.56
N TYR G 379 17.39 8.93 -14.37
CA TYR G 379 18.32 7.80 -14.24
C TYR G 379 17.63 6.43 -14.19
N PHE G 380 16.35 6.42 -13.86
CA PHE G 380 15.55 5.20 -13.78
C PHE G 380 14.23 5.33 -14.51
N THR G 381 13.75 4.22 -15.06
CA THR G 381 12.36 4.13 -15.50
C THR G 381 11.47 4.20 -14.26
N GLN G 382 10.48 5.11 -14.29
CA GLN G 382 9.55 5.32 -13.17
C GLN G 382 8.09 5.08 -13.58
N ASP G 383 7.55 3.98 -13.07
CA ASP G 383 6.15 3.59 -13.25
C ASP G 383 5.41 4.06 -11.98
N TRP G 384 4.46 4.97 -12.13
CA TRP G 384 3.74 5.56 -10.98
C TRP G 384 2.53 4.74 -10.44
N ALA G 385 2.17 3.64 -11.10
CA ALA G 385 1.11 2.74 -10.63
C ALA G 385 -0.22 3.46 -10.42
N SER G 386 -0.57 4.26 -11.43
CA SER G 386 -1.81 5.05 -11.48
C SER G 386 -1.94 6.12 -10.40
N LEU G 387 -0.83 6.50 -9.77
CA LEU G 387 -0.86 7.59 -8.78
C LEU G 387 -1.22 8.85 -9.53
N PRO G 388 -2.08 9.71 -8.95
CA PRO G 388 -2.43 10.93 -9.66
C PRO G 388 -1.24 11.83 -9.97
N GLY G 389 -1.29 12.49 -11.12
CA GLY G 389 -0.26 13.44 -11.52
C GLY G 389 -0.47 14.81 -10.90
N VAL G 390 0.64 15.51 -10.64
CA VAL G 390 0.65 16.88 -10.11
C VAL G 390 0.74 17.84 -11.28
N MET G 391 -0.02 18.94 -11.24
CA MET G 391 0.12 19.99 -12.25
C MET G 391 1.38 20.81 -11.99
N ALA G 392 2.20 20.93 -13.03
CA ALA G 392 3.41 21.77 -12.99
C ALA G 392 3.02 23.24 -12.99
N VAL G 393 3.65 24.03 -12.13
CA VAL G 393 3.40 25.48 -12.07
C VAL G 393 4.61 26.24 -12.57
N ALA G 394 4.39 27.08 -13.57
CA ALA G 394 5.41 27.97 -14.11
C ALA G 394 5.25 29.34 -13.48
N SER G 395 6.34 29.83 -12.91
CA SER G 395 6.43 31.20 -12.40
C SER G 395 7.83 31.74 -12.66
N GLY G 396 7.93 33.06 -12.75
CA GLY G 396 9.20 33.73 -13.03
C GLY G 396 8.98 35.19 -13.39
N GLY G 397 9.81 35.71 -14.28
CA GLY G 397 9.64 37.07 -14.81
C GLY G 397 8.62 37.18 -15.95
N ILE G 398 7.72 36.20 -16.03
CA ILE G 398 6.88 36.01 -17.21
C ILE G 398 5.78 37.07 -17.32
N HIS G 399 5.50 37.47 -18.56
CA HIS G 399 4.48 38.47 -18.91
C HIS G 399 3.81 38.03 -20.24
N VAL G 400 2.82 38.80 -20.71
CA VAL G 400 2.03 38.43 -21.89
C VAL G 400 2.79 37.86 -23.10
N TRP G 401 3.98 38.37 -23.37
CA TRP G 401 4.78 37.91 -24.53
C TRP G 401 5.36 36.50 -24.38
N HIS G 402 5.48 36.01 -23.14
CA HIS G 402 5.92 34.62 -22.89
C HIS G 402 4.87 33.55 -23.18
N MET G 403 3.60 33.97 -23.28
CA MET G 403 2.46 33.05 -23.45
C MET G 403 2.64 31.95 -24.51
N PRO G 404 2.98 32.32 -25.77
CA PRO G 404 3.14 31.33 -26.84
C PRO G 404 4.16 30.23 -26.55
N ALA G 405 5.28 30.62 -25.94
CA ALA G 405 6.31 29.65 -25.59
C ALA G 405 5.80 28.72 -24.49
N LEU G 406 5.24 29.30 -23.42
CA LEU G 406 4.70 28.53 -22.27
C LEU G 406 3.65 27.49 -22.65
N VAL G 407 2.70 27.90 -23.47
CA VAL G 407 1.67 27.02 -24.03
C VAL G 407 2.29 25.90 -24.88
N GLU G 408 3.34 26.22 -25.62
CA GLU G 408 4.04 25.27 -26.47
C GLU G 408 4.88 24.29 -25.65
N ILE G 409 5.60 24.81 -24.68
CA ILE G 409 6.58 24.00 -23.94
C ILE G 409 5.92 23.03 -22.97
N PHE G 410 5.10 23.57 -22.07
CA PHE G 410 4.43 22.80 -21.02
C PHE G 410 3.23 22.03 -21.55
N GLY G 411 2.30 22.77 -22.12
CA GLY G 411 1.06 22.20 -22.65
C GLY G 411 -0.11 22.67 -21.82
N ASP G 412 -1.22 21.95 -21.92
CA ASP G 412 -2.45 22.31 -21.21
C ASP G 412 -2.34 22.11 -19.71
N ASP G 413 -1.79 20.97 -19.30
CA ASP G 413 -1.63 20.65 -17.89
C ASP G 413 -0.48 21.49 -17.33
N SER G 414 -0.84 22.70 -16.88
CA SER G 414 0.08 23.60 -16.20
C SER G 414 -0.66 24.80 -15.61
N VAL G 415 -0.03 25.47 -14.66
CA VAL G 415 -0.56 26.71 -14.12
C VAL G 415 0.48 27.81 -14.34
N LEU G 416 0.03 28.88 -15.02
CA LEU G 416 0.88 29.98 -15.42
C LEU G 416 0.64 31.12 -14.42
N GLN G 417 1.69 31.44 -13.66
CA GLN G 417 1.62 32.38 -12.54
C GLN G 417 2.28 33.68 -12.93
N PHE G 418 1.47 34.71 -13.13
CA PHE G 418 1.94 36.02 -13.57
C PHE G 418 2.06 37.01 -12.43
N GLY G 419 2.70 38.15 -12.72
CA GLY G 419 2.91 39.25 -11.76
C GLY G 419 4.14 39.12 -10.87
N GLY G 420 5.13 38.37 -11.34
CA GLY G 420 6.20 37.82 -10.50
C GLY G 420 7.57 38.47 -10.60
N GLY G 421 7.91 38.99 -11.78
CA GLY G 421 9.17 39.75 -11.96
C GLY G 421 8.91 41.24 -11.85
N THR G 422 9.91 42.04 -12.25
CA THR G 422 9.74 43.50 -12.33
C THR G 422 8.77 43.82 -13.47
N LEU G 423 7.50 43.78 -13.11
CA LEU G 423 6.44 43.96 -14.06
C LEU G 423 5.22 44.44 -13.22
N GLY G 424 4.55 45.46 -13.76
CA GLY G 424 3.27 45.94 -13.23
C GLY G 424 2.37 46.11 -14.42
N HIS G 425 1.06 46.22 -14.19
CA HIS G 425 0.16 46.71 -15.24
C HIS G 425 -0.39 48.04 -14.73
N PRO G 426 -0.21 49.13 -15.51
CA PRO G 426 -0.43 50.48 -15.00
C PRO G 426 -1.90 50.93 -14.84
N TRP G 427 -2.85 50.04 -15.14
CA TRP G 427 -4.29 50.29 -14.97
C TRP G 427 -4.89 49.62 -13.71
N GLY G 428 -4.15 48.68 -13.12
CA GLY G 428 -4.65 47.86 -12.01
C GLY G 428 -4.39 46.39 -12.24
N ASN G 429 -4.93 45.55 -11.35
CA ASN G 429 -4.71 44.09 -11.41
C ASN G 429 -5.67 43.39 -12.35
N ALA G 430 -6.96 43.77 -12.30
CA ALA G 430 -7.96 43.19 -13.19
C ALA G 430 -7.59 43.43 -14.67
N PRO G 431 -7.24 44.69 -15.04
CA PRO G 431 -6.68 44.93 -16.38
C PRO G 431 -5.50 44.01 -16.71
N GLY G 432 -4.56 43.89 -15.77
CA GLY G 432 -3.41 42.99 -15.91
C GLY G 432 -3.79 41.52 -16.09
N ALA G 433 -4.87 41.11 -15.44
CA ALA G 433 -5.44 39.78 -15.61
C ALA G 433 -6.01 39.61 -17.02
N THR G 434 -6.94 40.50 -17.37
CA THR G 434 -7.59 40.51 -18.68
C THR G 434 -6.59 40.35 -19.83
N ALA G 435 -5.49 41.08 -19.74
CA ALA G 435 -4.40 40.99 -20.69
C ALA G 435 -3.90 39.56 -20.88
N ASN G 436 -3.61 38.86 -19.77
CA ASN G 436 -3.09 37.48 -19.79
C ASN G 436 -4.14 36.46 -20.27
N ARG G 437 -5.39 36.66 -19.85
CA ARG G 437 -6.46 35.73 -20.22
C ARG G 437 -6.73 35.79 -21.71
N VAL G 438 -6.94 37.01 -22.19
CA VAL G 438 -7.06 37.30 -23.63
C VAL G 438 -5.86 36.73 -24.40
N ALA G 439 -4.66 36.97 -23.86
CA ALA G 439 -3.45 36.40 -24.41
C ALA G 439 -3.46 34.86 -24.45
N LEU G 440 -3.84 34.22 -23.35
CA LEU G 440 -3.86 32.74 -23.29
C LEU G 440 -4.94 32.12 -24.19
N GLU G 441 -6.15 32.68 -24.17
CA GLU G 441 -7.21 32.20 -25.06
C GLU G 441 -6.75 32.26 -26.51
N ALA G 442 -6.12 33.37 -26.89
CA ALA G 442 -5.56 33.57 -28.23
C ALA G 442 -4.62 32.44 -28.67
N CYS G 443 -3.66 32.07 -27.83
CA CYS G 443 -2.65 31.05 -28.19
C CYS G 443 -3.22 29.64 -28.23
N VAL G 444 -4.06 29.33 -27.25
CA VAL G 444 -4.73 28.04 -27.15
C VAL G 444 -5.66 27.85 -28.34
N GLN G 445 -6.39 28.92 -28.67
CA GLN G 445 -7.23 28.97 -29.86
C GLN G 445 -6.39 28.73 -31.13
N ALA G 446 -5.31 29.52 -31.24
CA ALA G 446 -4.39 29.46 -32.38
C ALA G 446 -3.77 28.07 -32.59
N ARG G 447 -3.19 27.50 -31.53
CA ARG G 447 -2.66 26.14 -31.60
C ARG G 447 -3.68 25.10 -32.07
N ASN G 448 -4.92 25.24 -31.60
CA ASN G 448 -5.99 24.31 -31.96
C ASN G 448 -6.40 24.38 -33.44
N GLU G 449 -6.33 25.57 -34.04
CA GLU G 449 -6.48 25.72 -35.51
C GLU G 449 -5.44 24.89 -36.26
N GLY G 450 -4.20 24.96 -35.79
CA GLY G 450 -3.03 24.43 -36.52
C GLY G 450 -1.86 25.41 -36.64
N ARG G 451 -2.08 26.68 -36.27
CA ARG G 451 -1.02 27.71 -36.26
C ARG G 451 0.18 27.25 -35.47
N ASN G 452 1.36 27.62 -35.95
CA ASN G 452 2.60 27.32 -35.25
C ASN G 452 2.89 28.47 -34.31
N LEU G 453 2.81 28.21 -33.01
CA LEU G 453 3.17 29.19 -31.98
C LEU G 453 4.68 29.49 -31.94
N ALA G 454 5.48 28.53 -32.40
CA ALA G 454 6.94 28.72 -32.51
C ALA G 454 7.29 29.99 -33.31
N ARG G 455 6.73 30.12 -34.52
CA ARG G 455 6.98 31.30 -35.38
C ARG G 455 5.92 32.39 -35.27
N GLU G 456 4.65 32.01 -35.35
CA GLU G 456 3.56 32.98 -35.39
C GLU G 456 3.06 33.38 -34.00
N GLY G 457 3.78 32.96 -32.95
CA GLY G 457 3.36 33.21 -31.57
C GLY G 457 3.15 34.68 -31.23
N ASN G 458 4.05 35.52 -31.74
CA ASN G 458 3.98 36.95 -31.47
C ASN G 458 2.89 37.65 -32.29
N ASP G 459 2.66 37.16 -33.51
CA ASP G 459 1.55 37.65 -34.36
C ASP G 459 0.18 37.41 -33.69
N VAL G 460 0.03 36.23 -33.08
CA VAL G 460 -1.22 35.81 -32.43
C VAL G 460 -1.64 36.79 -31.33
N ILE G 461 -0.67 37.27 -30.56
CA ILE G 461 -0.93 38.25 -29.49
C ILE G 461 -1.17 39.66 -30.07
N ARG G 462 -0.39 40.03 -31.09
CA ARG G 462 -0.60 41.31 -31.80
C ARG G 462 -2.01 41.40 -32.35
N GLU G 463 -2.42 40.34 -33.06
CA GLU G 463 -3.79 40.20 -33.56
C GLU G 463 -4.79 40.39 -32.41
N ALA G 464 -4.54 39.69 -31.30
CA ALA G 464 -5.36 39.77 -30.09
C ALA G 464 -5.49 41.17 -29.49
N ALA G 465 -4.39 41.92 -29.52
CA ALA G 465 -4.33 43.27 -28.94
C ALA G 465 -5.15 44.32 -29.69
N LYS G 466 -5.43 44.08 -30.97
CA LYS G 466 -6.25 44.97 -31.79
C LYS G 466 -7.64 45.24 -31.18
N TRP G 467 -8.30 44.19 -30.71
CA TRP G 467 -9.65 44.27 -30.12
C TRP G 467 -9.68 44.48 -28.59
N SER G 468 -8.66 43.98 -27.89
CA SER G 468 -8.57 44.11 -26.42
C SER G 468 -7.64 45.25 -25.97
N PRO G 469 -8.21 46.40 -25.52
CA PRO G 469 -7.34 47.53 -25.10
C PRO G 469 -6.43 47.24 -23.91
N GLU G 470 -6.78 46.24 -23.10
CA GLU G 470 -5.99 45.83 -21.95
C GLU G 470 -4.73 45.08 -22.39
N LEU G 471 -4.85 44.20 -23.37
CA LEU G 471 -3.70 43.51 -23.95
C LEU G 471 -2.79 44.47 -24.72
N ALA G 472 -3.39 45.49 -25.33
CA ALA G 472 -2.66 46.52 -26.09
C ALA G 472 -1.64 47.27 -25.23
N VAL G 473 -2.11 47.76 -24.07
CA VAL G 473 -1.25 48.47 -23.10
C VAL G 473 -0.15 47.55 -22.58
N ALA G 474 -0.49 46.30 -22.35
CA ALA G 474 0.46 45.27 -21.89
C ALA G 474 1.53 44.95 -22.93
N CYS G 475 1.09 44.60 -24.14
CA CYS G 475 2.00 44.30 -25.27
C CYS G 475 3.09 45.36 -25.46
N GLU G 476 2.70 46.62 -25.35
CA GLU G 476 3.62 47.76 -25.53
C GLU G 476 4.50 48.05 -24.29
N LEU G 477 4.12 47.50 -23.13
CA LEU G 477 4.88 47.63 -21.89
C LEU G 477 6.10 46.71 -21.79
N TRP G 478 6.11 45.61 -22.54
CA TRP G 478 7.22 44.65 -22.53
C TRP G 478 7.67 44.41 -23.96
N LYS G 479 8.99 44.30 -24.16
CA LYS G 479 9.51 43.93 -25.47
C LYS G 479 9.17 42.46 -25.73
N GLU G 480 8.76 42.20 -26.97
CA GLU G 480 8.48 40.85 -27.43
C GLU G 480 9.78 40.13 -27.81
N ILE G 481 9.63 38.86 -28.15
CA ILE G 481 10.75 38.00 -28.58
C ILE G 481 10.06 37.11 -29.63
N LYS G 482 10.85 36.70 -30.64
CA LYS G 482 10.55 35.62 -31.66
C LYS G 482 10.99 34.21 -31.83
N PHE G 483 12.19 33.91 -32.36
CA PHE G 483 12.58 32.48 -32.41
C PHE G 483 14.12 32.33 -32.58
N GLU G 484 14.69 31.56 -31.64
CA GLU G 484 16.15 31.25 -31.47
C GLU G 484 16.11 29.76 -31.06
N PHE G 485 15.93 28.94 -32.09
CA PHE G 485 15.69 27.47 -32.21
C PHE G 485 16.80 26.70 -31.49
N GLU G 486 16.72 25.37 -31.49
CA GLU G 486 17.70 24.56 -30.73
C GLU G 486 18.47 23.61 -31.64
N ALA G 487 19.38 22.81 -31.07
CA ALA G 487 20.21 21.88 -31.86
C ALA G 487 20.85 20.84 -30.96
N MET G 488 20.70 19.56 -31.31
CA MET G 488 21.25 18.45 -30.50
C MET G 488 21.16 17.15 -31.30
N ARG H 37 17.82 46.24 -6.24
CA ARG H 37 18.02 47.48 -7.08
C ARG H 37 18.66 48.61 -6.26
N LEU H 38 19.62 48.26 -5.40
CA LEU H 38 20.41 49.23 -4.60
C LEU H 38 19.59 50.31 -3.84
N THR H 39 18.41 49.93 -3.36
CA THR H 39 17.68 50.66 -2.30
C THR H 39 17.87 49.79 -1.04
N TYR H 40 18.41 48.59 -1.23
CA TYR H 40 18.57 47.58 -0.19
C TYR H 40 19.99 47.54 0.40
N TYR H 41 20.92 48.30 -0.19
CA TYR H 41 22.23 48.53 0.40
C TYR H 41 22.24 49.92 1.05
N THR H 42 22.15 49.95 2.37
CA THR H 42 22.20 51.19 3.15
C THR H 42 23.18 51.01 4.31
N PRO H 43 24.48 51.27 4.07
CA PRO H 43 25.50 51.01 5.09
C PRO H 43 25.50 51.98 6.27
N ASP H 44 24.87 53.14 6.08
CA ASP H 44 24.58 54.10 7.17
C ASP H 44 23.72 53.51 8.29
N TYR H 45 22.79 52.61 7.93
CA TYR H 45 21.79 52.06 8.85
C TYR H 45 22.39 51.27 10.03
N THR H 46 21.94 51.62 11.23
CA THR H 46 22.28 50.90 12.46
C THR H 46 21.16 49.92 12.80
N PRO H 47 21.48 48.61 12.89
CA PRO H 47 20.44 47.64 13.19
C PRO H 47 19.89 47.77 14.61
N LYS H 48 18.57 47.56 14.75
CA LYS H 48 17.86 47.67 16.02
C LYS H 48 17.97 46.39 16.85
N ASP H 49 17.73 46.53 18.15
CA ASP H 49 17.71 45.39 19.07
C ASP H 49 16.59 44.38 18.77
N THR H 50 15.54 44.83 18.09
CA THR H 50 14.42 43.99 17.63
C THR H 50 14.56 43.35 16.23
N ASP H 51 15.56 43.74 15.46
CA ASP H 51 15.74 43.21 14.10
C ASP H 51 16.29 41.80 14.10
N ILE H 52 15.93 41.05 13.06
CA ILE H 52 16.59 39.78 12.79
C ILE H 52 17.72 40.15 11.84
N LEU H 53 18.91 39.62 12.10
CA LEU H 53 20.08 39.91 11.29
C LEU H 53 20.60 38.61 10.70
N ALA H 54 20.91 38.61 9.40
CA ALA H 54 21.49 37.44 8.73
C ALA H 54 22.89 37.77 8.23
N ALA H 55 23.76 36.77 8.29
CA ALA H 55 25.10 36.85 7.71
C ALA H 55 25.22 35.81 6.60
N PHE H 56 25.14 36.27 5.35
CA PHE H 56 25.39 35.41 4.19
C PHE H 56 26.83 35.56 3.69
N ARG H 57 27.44 34.43 3.33
CA ARG H 57 28.70 34.42 2.61
C ARG H 57 28.41 34.39 1.12
N VAL H 58 28.44 35.59 0.53
CA VAL H 58 28.12 35.80 -0.89
C VAL H 58 29.36 35.58 -1.78
N THR H 59 29.18 34.75 -2.82
CA THR H 59 30.19 34.46 -3.84
C THR H 59 29.59 34.87 -5.20
N PRO H 60 29.69 36.16 -5.57
CA PRO H 60 29.01 36.64 -6.78
C PRO H 60 29.71 36.21 -8.05
N GLN H 61 29.01 36.28 -9.18
CA GLN H 61 29.61 35.98 -10.47
C GLN H 61 30.69 37.02 -10.79
N PRO H 62 31.72 36.61 -11.55
CA PRO H 62 32.71 37.54 -12.12
C PRO H 62 32.03 38.73 -12.81
N GLY H 63 32.43 39.94 -12.42
CA GLY H 63 31.89 41.16 -13.00
C GLY H 63 30.70 41.75 -12.25
N VAL H 64 30.15 41.00 -11.30
CA VAL H 64 29.03 41.48 -10.50
C VAL H 64 29.62 42.27 -9.34
N PRO H 65 29.28 43.56 -9.24
CA PRO H 65 29.79 44.35 -8.12
C PRO H 65 29.16 43.88 -6.81
N PHE H 66 29.94 43.91 -5.74
CA PHE H 66 29.51 43.47 -4.40
C PHE H 66 28.28 44.22 -3.87
N GLU H 67 28.23 45.53 -4.14
CA GLU H 67 27.11 46.38 -3.72
C GLU H 67 25.76 45.93 -4.29
N GLU H 68 25.75 45.48 -5.55
CA GLU H 68 24.52 44.98 -6.18
C GLU H 68 24.12 43.62 -5.59
N ALA H 69 25.06 42.67 -5.60
CA ALA H 69 24.85 41.33 -5.04
C ALA H 69 24.25 41.37 -3.63
N ALA H 70 24.85 42.17 -2.77
CA ALA H 70 24.34 42.39 -1.40
C ALA H 70 22.89 42.89 -1.39
N ALA H 71 22.60 43.89 -2.22
CA ALA H 71 21.25 44.48 -2.32
C ALA H 71 20.23 43.54 -2.93
N ALA H 72 20.71 42.62 -3.77
CA ALA H 72 19.87 41.56 -4.32
C ALA H 72 19.47 40.57 -3.24
N VAL H 73 20.43 40.20 -2.38
CA VAL H 73 20.17 39.23 -1.31
C VAL H 73 19.14 39.75 -0.32
N ALA H 74 19.23 41.04 0.01
CA ALA H 74 18.25 41.68 0.90
C ALA H 74 16.87 41.80 0.25
N ALA H 75 16.84 42.13 -1.04
CA ALA H 75 15.58 42.26 -1.75
C ALA H 75 14.92 40.92 -2.02
N GLU H 76 15.69 39.84 -2.20
CA GLU H 76 15.09 38.53 -2.47
C GLU H 76 14.71 37.75 -1.22
N SER H 77 15.41 37.99 -0.11
CA SER H 77 15.00 37.43 1.17
C SER H 77 13.74 38.14 1.75
N SER H 78 13.69 39.49 1.70
CA SER H 78 12.78 40.27 2.63
C SER H 78 11.33 40.75 2.22
N THR H 79 11.26 41.14 0.91
CA THR H 79 10.27 41.88 0.00
C THR H 79 11.14 40.88 -0.93
N GLY H 80 11.11 41.16 -2.27
CA GLY H 80 11.40 40.24 -3.48
C GLY H 80 12.08 41.27 -4.38
N THR H 81 12.13 40.93 -5.66
CA THR H 81 12.29 41.91 -6.70
C THR H 81 11.04 42.78 -6.50
N TRP H 82 11.24 44.10 -6.32
CA TRP H 82 10.09 44.99 -6.07
C TRP H 82 9.34 45.29 -7.35
N THR H 83 8.05 44.99 -7.31
CA THR H 83 7.14 45.16 -8.42
C THR H 83 6.44 46.50 -8.19
N THR H 84 6.88 47.53 -8.93
CA THR H 84 6.26 48.84 -8.85
C THR H 84 4.85 48.75 -9.42
N VAL H 85 3.90 49.31 -8.68
CA VAL H 85 2.50 49.31 -9.07
C VAL H 85 1.92 50.65 -8.71
N TRP H 86 0.76 50.95 -9.29
CA TRP H 86 0.05 52.22 -9.07
C TRP H 86 -0.22 52.54 -7.60
N THR H 87 -0.33 51.49 -6.79
CA THR H 87 -0.49 51.59 -5.32
C THR H 87 0.66 52.34 -4.61
N ASP H 88 1.88 52.26 -5.13
CA ASP H 88 3.07 52.93 -4.53
C ASP H 88 2.95 54.46 -4.40
N LEU H 89 2.16 55.09 -5.26
CA LEU H 89 1.92 56.53 -5.23
C LEU H 89 1.14 56.98 -3.97
N LEU H 90 0.21 56.13 -3.52
CA LEU H 90 -0.70 56.45 -2.40
C LEU H 90 -0.06 56.20 -1.03
N THR H 91 0.44 54.99 -0.83
CA THR H 91 1.06 54.59 0.42
C THR H 91 2.33 53.80 0.14
N ASP H 92 3.34 54.02 0.99
CA ASP H 92 4.63 53.35 0.83
C ASP H 92 4.86 52.35 1.95
N LEU H 93 5.29 51.16 1.56
CA LEU H 93 5.61 50.08 2.46
C LEU H 93 7.08 49.80 2.22
N ASP H 94 7.91 50.64 2.83
CA ASP H 94 9.37 50.47 2.78
C ASP H 94 9.95 50.04 4.12
N ARG H 95 9.20 50.23 5.21
CA ARG H 95 9.61 49.79 6.56
C ARG H 95 9.83 48.27 6.66
N TYR H 96 9.12 47.50 5.83
CA TYR H 96 9.27 46.04 5.76
C TYR H 96 10.38 45.56 4.82
N LYS H 97 11.17 46.48 4.26
CA LYS H 97 12.33 46.09 3.44
C LYS H 97 13.44 45.59 4.34
N GLY H 98 14.01 44.47 3.94
CA GLY H 98 15.25 43.97 4.53
C GLY H 98 16.33 44.78 3.87
N ARG H 99 17.51 44.81 4.46
CA ARG H 99 18.58 45.62 3.91
C ARG H 99 19.98 45.25 4.37
N CYS H 100 20.91 45.35 3.43
CA CYS H 100 22.33 45.16 3.71
C CYS H 100 22.86 46.44 4.35
N TYR H 101 23.39 46.31 5.56
CA TYR H 101 23.93 47.43 6.33
C TYR H 101 25.45 47.38 6.48
N ASP H 102 26.08 46.35 5.93
CA ASP H 102 27.52 46.19 6.03
C ASP H 102 27.94 45.12 5.03
N ILE H 103 29.16 45.27 4.52
CA ILE H 103 29.66 44.45 3.42
C ILE H 103 31.17 44.25 3.62
N GLU H 104 31.56 43.05 4.01
CA GLU H 104 32.88 42.78 4.58
C GLU H 104 33.54 41.65 3.78
N PRO H 105 34.60 41.97 2.99
CA PRO H 105 35.18 40.89 2.18
C PRO H 105 35.94 39.85 2.99
N VAL H 106 35.80 38.59 2.61
CA VAL H 106 36.43 37.47 3.31
C VAL H 106 37.91 37.39 2.91
N PRO H 107 38.83 37.63 3.87
CA PRO H 107 40.26 37.50 3.57
C PRO H 107 40.70 36.05 3.44
N GLY H 108 41.67 35.81 2.57
CA GLY H 108 42.10 34.45 2.19
C GLY H 108 41.35 33.85 1.01
N GLU H 109 40.27 34.49 0.56
CA GLU H 109 39.25 33.85 -0.30
C GLU H 109 39.02 34.52 -1.64
N ASP H 110 38.44 33.74 -2.56
CA ASP H 110 38.26 34.09 -3.96
C ASP H 110 36.97 34.90 -4.20
N ASN H 111 37.13 36.22 -4.32
CA ASN H 111 36.06 37.16 -4.68
C ASN H 111 34.81 36.96 -3.83
N GLN H 112 35.02 36.98 -2.52
CA GLN H 112 34.01 36.55 -1.56
C GLN H 112 33.74 37.63 -0.52
N PHE H 113 32.48 37.75 -0.11
CA PHE H 113 32.12 38.71 0.94
C PHE H 113 30.93 38.28 1.81
N ILE H 114 30.92 38.82 3.03
CA ILE H 114 29.87 38.60 4.01
C ILE H 114 28.87 39.76 3.93
N ALA H 115 27.67 39.48 3.44
CA ALA H 115 26.56 40.45 3.42
C ALA H 115 25.83 40.39 4.75
N TYR H 116 25.83 41.49 5.50
CA TYR H 116 25.12 41.58 6.78
C TYR H 116 23.76 42.25 6.57
N ILE H 117 22.71 41.45 6.62
CA ILE H 117 21.34 41.91 6.30
C ILE H 117 20.49 42.04 7.57
N ALA H 118 19.60 43.03 7.58
CA ALA H 118 18.75 43.34 8.73
C ALA H 118 17.27 43.46 8.36
N TYR H 119 16.46 42.54 8.90
CA TYR H 119 15.03 42.48 8.67
C TYR H 119 14.31 42.89 9.94
N PRO H 120 13.22 43.67 9.82
CA PRO H 120 12.47 44.04 11.01
C PRO H 120 11.61 42.91 11.58
N LEU H 121 11.27 43.08 12.86
CA LEU H 121 10.53 42.09 13.64
C LEU H 121 9.16 41.72 13.08
N ASP H 122 8.48 42.70 12.50
CA ASP H 122 7.14 42.50 11.94
C ASP H 122 7.02 41.55 10.73
N LEU H 123 8.13 41.21 10.08
CA LEU H 123 8.11 40.27 8.95
C LEU H 123 7.74 38.86 9.31
N PHE H 124 8.05 38.48 10.54
CA PHE H 124 8.07 37.10 10.94
C PHE H 124 6.88 36.73 11.82
N GLU H 125 6.44 35.48 11.67
CA GLU H 125 5.37 34.91 12.46
C GLU H 125 6.01 34.47 13.76
N GLU H 126 5.34 34.80 14.85
CA GLU H 126 5.81 34.50 16.17
C GLU H 126 5.93 32.99 16.30
N GLY H 127 7.09 32.52 16.76
CA GLY H 127 7.29 31.12 17.09
C GLY H 127 7.46 30.15 15.94
N SER H 128 7.53 30.66 14.70
CA SER H 128 7.67 29.82 13.51
C SER H 128 9.07 29.89 12.89
N ILE H 129 9.90 28.89 13.19
CA ILE H 129 11.15 28.69 12.43
C ILE H 129 10.84 28.44 10.95
N THR H 130 9.71 27.78 10.70
CA THR H 130 9.25 27.50 9.34
C THR H 130 9.19 28.80 8.53
N ASN H 131 8.64 29.85 9.12
CA ASN H 131 8.55 31.15 8.44
C ASN H 131 9.92 31.81 8.28
N VAL H 132 10.66 31.91 9.38
CA VAL H 132 12.04 32.44 9.38
C VAL H 132 12.83 31.86 8.20
N LEU H 133 12.86 30.53 8.11
CA LEU H 133 13.52 29.87 6.98
C LEU H 133 12.91 30.25 5.64
N THR H 134 11.58 30.15 5.54
CA THR H 134 10.85 30.53 4.31
C THR H 134 11.23 31.96 3.81
N SER H 135 11.28 32.93 4.72
CA SER H 135 11.67 34.30 4.35
C SER H 135 13.16 34.45 4.04
N ILE H 136 14.03 33.96 4.93
CA ILE H 136 15.47 34.23 4.82
C ILE H 136 16.18 33.34 3.81
N VAL H 137 15.99 32.03 3.90
CA VAL H 137 16.60 31.07 2.95
C VAL H 137 15.66 30.60 1.82
N GLY H 138 14.51 31.26 1.67
CA GLY H 138 13.46 30.81 0.74
C GLY H 138 13.76 30.80 -0.75
N ASN H 139 14.08 31.96 -1.32
CA ASN H 139 14.35 32.09 -2.76
C ASN H 139 15.76 32.50 -3.15
N VAL H 140 16.48 33.09 -2.21
CA VAL H 140 17.68 33.88 -2.52
C VAL H 140 18.88 33.03 -2.99
N PHE H 141 18.84 31.75 -2.65
CA PHE H 141 19.83 30.78 -3.08
C PHE H 141 19.72 30.38 -4.55
N GLY H 142 18.63 30.77 -5.22
CA GLY H 142 18.39 30.41 -6.63
C GLY H 142 18.67 31.46 -7.70
N PHE H 143 19.58 32.40 -7.46
CA PHE H 143 20.01 33.37 -8.49
C PHE H 143 20.83 32.68 -9.58
N LYS H 144 21.08 33.41 -10.66
CA LYS H 144 22.18 33.11 -11.59
C LYS H 144 23.36 34.08 -11.34
N ALA H 145 23.04 35.31 -10.94
CA ALA H 145 24.01 36.37 -10.66
C ALA H 145 25.00 36.06 -9.53
N LEU H 146 24.67 35.11 -8.67
CA LEU H 146 25.62 34.52 -7.72
C LEU H 146 26.11 33.16 -8.20
N ARG H 147 27.39 32.88 -8.03
CA ARG H 147 27.95 31.53 -8.25
C ARG H 147 27.46 30.62 -7.14
N ALA H 148 27.52 31.14 -5.91
CA ALA H 148 27.14 30.41 -4.70
C ALA H 148 26.67 31.39 -3.62
N LEU H 149 26.18 30.82 -2.52
CA LEU H 149 25.64 31.58 -1.37
C LEU H 149 25.44 30.66 -0.18
N ARG H 150 25.79 31.15 1.01
CA ARG H 150 25.72 30.34 2.24
C ARG H 150 25.30 31.22 3.41
N LEU H 151 24.30 30.76 4.17
CA LEU H 151 23.86 31.48 5.37
C LEU H 151 24.68 30.97 6.53
N GLU H 152 25.46 31.87 7.12
CA GLU H 152 26.43 31.51 8.16
C GLU H 152 25.85 31.69 9.56
N ASP H 153 25.09 32.75 9.78
CA ASP H 153 24.50 33.00 11.10
C ASP H 153 23.27 33.91 11.05
N ILE H 154 22.40 33.73 12.04
CA ILE H 154 21.24 34.60 12.26
C ILE H 154 21.29 35.14 13.69
N ARG H 155 21.13 36.44 13.83
CA ARG H 155 20.92 37.07 15.13
C ARG H 155 19.43 37.06 15.40
N PHE H 156 19.00 36.21 16.31
CA PHE H 156 17.63 36.24 16.79
C PHE H 156 17.56 37.24 17.92
N PRO H 157 16.74 38.29 17.75
CA PRO H 157 16.59 39.29 18.80
C PRO H 157 15.79 38.73 19.97
N VAL H 158 16.03 39.27 21.16
CA VAL H 158 15.40 38.80 22.39
C VAL H 158 13.87 38.82 22.27
N ALA H 159 13.31 39.92 21.78
CA ALA H 159 11.86 40.05 21.63
C ALA H 159 11.22 39.09 20.61
N TYR H 160 12.00 38.54 19.68
CA TYR H 160 11.52 37.40 18.87
C TYR H 160 11.68 36.08 19.64
N ILE H 161 12.81 35.90 20.33
CA ILE H 161 13.09 34.63 21.05
C ILE H 161 12.05 34.32 22.12
N LYS H 162 11.58 35.36 22.81
CA LYS H 162 10.60 35.22 23.88
C LYS H 162 9.23 34.67 23.38
N THR H 163 8.98 34.72 22.06
CA THR H 163 7.84 34.02 21.41
C THR H 163 8.00 32.49 21.17
N PHE H 164 9.13 31.90 21.54
CA PHE H 164 9.34 30.45 21.45
C PHE H 164 9.39 29.82 22.83
N GLN H 165 8.85 28.60 22.93
CA GLN H 165 9.03 27.76 24.13
C GLN H 165 10.50 27.42 24.30
N GLY H 166 11.15 27.06 23.21
CA GLY H 166 12.51 26.54 23.27
C GLY H 166 12.45 25.11 23.72
N PRO H 167 13.56 24.57 24.25
CA PRO H 167 13.57 23.19 24.74
C PRO H 167 12.43 22.89 25.69
N PRO H 168 11.82 21.68 25.57
CA PRO H 168 10.75 21.30 26.49
C PRO H 168 11.21 21.44 27.94
N HIS H 169 12.43 20.95 28.19
CA HIS H 169 13.10 21.06 29.48
C HIS H 169 14.52 21.53 29.24
N GLY H 170 15.11 22.17 30.22
CA GLY H 170 16.50 22.57 30.08
C GLY H 170 17.49 21.46 30.38
N ILE H 171 18.76 21.78 30.19
CA ILE H 171 19.89 21.11 30.84
C ILE H 171 19.66 20.93 32.34
N GLN H 172 19.31 22.02 33.01
CA GLN H 172 19.13 22.01 34.48
C GLN H 172 17.98 21.06 34.85
N VAL H 173 16.83 21.30 34.25
CA VAL H 173 15.60 20.55 34.57
C VAL H 173 15.80 19.06 34.27
N GLU H 174 16.48 18.75 33.17
CA GLU H 174 16.75 17.36 32.83
C GLU H 174 17.57 16.62 33.89
N ARG H 175 18.57 17.30 34.44
CA ARG H 175 19.38 16.74 35.51
C ARG H 175 18.54 16.54 36.77
N ASP H 176 17.69 17.52 37.07
CA ASP H 176 16.72 17.39 38.16
C ASP H 176 15.79 16.19 37.98
N LYS H 177 15.22 16.03 36.79
CA LYS H 177 14.33 14.91 36.49
C LYS H 177 15.01 13.55 36.59
N LEU H 178 16.22 13.45 36.05
CA LEU H 178 16.98 12.20 36.06
C LEU H 178 17.83 11.94 37.32
N ASN H 179 17.98 12.93 38.20
CA ASN H 179 18.86 12.85 39.39
C ASN H 179 20.32 12.51 39.06
N LYS H 180 20.79 13.08 37.95
CA LYS H 180 22.15 12.88 37.47
C LYS H 180 22.84 14.24 37.40
N TYR H 181 23.79 14.46 38.32
CA TYR H 181 24.53 15.72 38.43
C TYR H 181 26.06 15.51 38.30
N GLY H 182 26.75 16.60 37.96
CA GLY H 182 28.21 16.67 38.01
C GLY H 182 29.05 15.88 37.02
N ARG H 183 28.44 15.39 35.94
CA ARG H 183 29.14 14.56 34.96
C ARG H 183 28.39 14.52 33.63
N PRO H 184 29.09 14.14 32.53
CA PRO H 184 28.37 13.81 31.31
C PRO H 184 27.44 12.59 31.47
N LEU H 185 26.39 12.56 30.67
CA LEU H 185 25.50 11.40 30.61
C LEU H 185 26.00 10.49 29.51
N LEU H 186 25.71 9.19 29.66
CA LEU H 186 26.24 8.17 28.77
C LEU H 186 25.12 7.43 28.08
N GLY H 187 25.21 7.38 26.74
CA GLY H 187 24.25 6.67 25.91
C GLY H 187 24.90 5.56 25.11
N CYS H 188 24.05 4.68 24.59
CA CYS H 188 24.45 3.48 23.87
C CYS H 188 23.79 3.44 22.51
N THR H 189 24.52 2.96 21.51
CA THR H 189 23.97 2.68 20.19
C THR H 189 23.78 1.17 20.08
N ILE H 190 22.56 0.75 19.78
CA ILE H 190 22.24 -0.66 19.57
C ILE H 190 22.77 -1.08 18.21
N LYS H 191 23.29 -2.31 18.14
CA LYS H 191 23.72 -2.91 16.87
C LYS H 191 23.13 -4.32 16.69
N PRO H 192 22.93 -4.76 15.45
CA PRO H 192 23.12 -3.95 14.25
C PRO H 192 22.00 -2.93 14.07
N LYS H 193 22.33 -1.88 13.32
CA LYS H 193 21.40 -0.79 12.95
C LYS H 193 19.95 -1.17 12.63
N LEU H 194 19.81 -2.25 11.88
CA LEU H 194 18.55 -2.66 11.26
C LEU H 194 18.45 -4.18 11.27
N GLY H 195 17.22 -4.67 11.23
CA GLY H 195 16.94 -6.10 11.01
C GLY H 195 16.54 -6.86 12.25
N LEU H 196 16.68 -6.23 13.41
CA LEU H 196 16.38 -6.91 14.68
C LEU H 196 14.89 -6.87 14.99
N SER H 197 14.42 -7.96 15.59
CA SER H 197 13.06 -8.02 16.11
C SER H 197 12.92 -6.99 17.21
N ALA H 198 11.69 -6.62 17.52
CA ALA H 198 11.42 -5.67 18.62
C ALA H 198 11.95 -6.21 19.95
N LYS H 199 11.66 -7.49 20.21
CA LYS H 199 12.09 -8.15 21.45
C LYS H 199 13.62 -8.21 21.56
N ASN H 200 14.31 -8.50 20.44
CA ASN H 200 15.79 -8.45 20.38
C ASN H 200 16.32 -7.07 20.69
N TYR H 201 15.78 -6.06 20.02
CA TYR H 201 16.16 -4.66 20.26
C TYR H 201 16.08 -4.34 21.75
N GLY H 202 14.96 -4.72 22.37
CA GLY H 202 14.74 -4.53 23.80
C GLY H 202 15.67 -5.27 24.73
N ARG H 203 16.10 -6.47 24.33
CA ARG H 203 17.08 -7.24 25.10
C ARG H 203 18.46 -6.60 25.00
N ALA H 204 18.87 -6.27 23.77
CA ALA H 204 20.08 -5.46 23.52
C ALA H 204 20.12 -4.15 24.32
N VAL H 205 18.97 -3.48 24.43
CA VAL H 205 18.82 -2.27 25.24
C VAL H 205 18.99 -2.55 26.73
N TYR H 206 18.41 -3.65 27.21
CA TYR H 206 18.45 -4.00 28.64
C TYR H 206 19.86 -4.06 29.17
N GLU H 207 20.73 -4.77 28.44
CA GLU H 207 22.10 -5.01 28.87
C GLU H 207 22.87 -3.71 28.95
N CYS H 208 22.88 -2.97 27.86
CA CYS H 208 23.62 -1.72 27.78
C CYS H 208 23.17 -0.70 28.84
N LEU H 209 21.91 -0.74 29.25
CA LEU H 209 21.43 0.06 30.39
C LEU H 209 21.85 -0.55 31.73
N ARG H 210 21.70 -1.86 31.85
CA ARG H 210 22.07 -2.63 33.04
C ARG H 210 23.54 -2.47 33.40
N GLY H 211 24.40 -2.40 32.38
CA GLY H 211 25.84 -2.29 32.56
C GLY H 211 26.38 -0.90 32.86
N GLY H 212 25.51 0.05 33.17
CA GLY H 212 25.95 1.36 33.67
C GLY H 212 25.75 2.60 32.81
N LEU H 213 25.22 2.47 31.60
CA LEU H 213 24.89 3.66 30.79
C LEU H 213 23.50 4.20 31.14
N ASP H 214 23.31 5.49 30.87
CA ASP H 214 22.08 6.21 31.24
C ASP H 214 20.97 6.13 30.20
N PHE H 215 21.37 6.12 28.94
CA PHE H 215 20.46 6.06 27.82
C PHE H 215 20.83 4.95 26.85
N THR H 216 19.87 4.63 25.99
CA THR H 216 20.08 3.84 24.79
C THR H 216 19.35 4.57 23.66
N LYS H 217 19.75 4.30 22.42
CA LYS H 217 19.27 5.05 21.25
C LYS H 217 18.48 4.18 20.27
N ASP H 218 17.32 4.67 19.84
CA ASP H 218 16.70 4.17 18.61
C ASP H 218 17.42 4.80 17.42
N ASP H 219 17.98 3.93 16.60
CA ASP H 219 18.63 4.34 15.38
C ASP H 219 17.70 5.26 14.55
N GLU H 220 18.25 6.35 14.03
CA GLU H 220 17.52 7.35 13.22
C GLU H 220 16.61 6.77 12.13
N ASN H 221 17.07 5.73 11.44
CA ASN H 221 16.28 5.02 10.41
C ASN H 221 15.03 4.34 10.97
N ILE H 222 15.12 3.91 12.23
CA ILE H 222 14.08 3.10 12.88
C ILE H 222 12.84 3.93 13.23
N ASN H 223 11.87 3.87 12.33
CA ASN H 223 10.48 4.15 12.59
C ASN H 223 9.80 2.83 12.24
N SER H 224 8.47 2.71 12.35
CA SER H 224 7.79 1.42 12.06
C SER H 224 8.16 0.79 10.67
N ALA H 225 8.51 -0.49 10.65
CA ALA H 225 8.86 -1.20 9.40
C ALA H 225 8.52 -2.70 9.44
N PRO H 226 8.43 -3.36 8.27
CA PRO H 226 8.09 -4.79 8.26
C PRO H 226 8.90 -5.73 9.19
N PHE H 227 10.20 -5.48 9.31
CA PHE H 227 11.06 -6.28 10.21
C PHE H 227 10.83 -5.98 11.69
N GLN H 228 10.27 -4.80 11.97
CA GLN H 228 10.06 -4.33 13.34
C GLN H 228 9.07 -3.18 13.37
N ARG H 229 8.05 -3.30 14.21
CA ARG H 229 6.94 -2.33 14.24
C ARG H 229 7.01 -1.48 15.48
N TRP H 230 6.57 -0.24 15.35
CA TRP H 230 6.84 0.78 16.35
C TRP H 230 6.25 0.51 17.75
N ARG H 231 5.11 -0.17 17.86
CA ARG H 231 4.53 -0.41 19.19
C ARG H 231 5.22 -1.53 19.95
N ASP H 232 5.66 -2.55 19.21
CA ASP H 232 6.31 -3.71 19.80
C ASP H 232 7.65 -3.32 20.39
N ARG H 233 8.39 -2.50 19.64
CA ARG H 233 9.64 -1.92 20.10
C ARG H 233 9.46 -1.01 21.31
N PHE H 234 8.40 -0.20 21.33
CA PHE H 234 8.15 0.69 22.47
C PHE H 234 7.84 -0.12 23.74
N LEU H 235 7.08 -1.19 23.60
CA LEU H 235 6.67 -2.03 24.73
C LEU H 235 7.85 -2.77 25.35
N PHE H 236 8.65 -3.41 24.49
CA PHE H 236 9.78 -4.23 24.95
C PHE H 236 10.95 -3.40 25.47
N VAL H 237 11.20 -2.25 24.84
CA VAL H 237 12.15 -1.28 25.36
C VAL H 237 11.72 -0.79 26.76
N ALA H 238 10.43 -0.55 26.95
CA ALA H 238 9.92 -0.13 28.27
C ALA H 238 10.03 -1.25 29.33
N ASP H 239 9.81 -2.50 28.93
CA ASP H 239 10.12 -3.66 29.77
C ASP H 239 11.58 -3.59 30.23
N ALA H 240 12.48 -3.54 29.25
CA ALA H 240 13.93 -3.50 29.48
C ALA H 240 14.33 -2.41 30.44
N ILE H 241 13.87 -1.18 30.16
CA ILE H 241 14.13 -0.04 31.03
C ILE H 241 13.74 -0.31 32.47
N THR H 242 12.51 -0.78 32.66
CA THR H 242 11.98 -1.02 33.99
C THR H 242 12.90 -1.95 34.76
N LYS H 243 13.18 -3.11 34.19
CA LYS H 243 14.00 -4.10 34.84
C LYS H 243 15.41 -3.58 35.13
N ALA H 244 16.04 -2.98 34.14
CA ALA H 244 17.39 -2.42 34.28
C ALA H 244 17.48 -1.29 35.32
N GLN H 245 16.44 -0.48 35.42
CA GLN H 245 16.37 0.63 36.41
C GLN H 245 16.08 0.10 37.80
N ALA H 246 15.40 -1.04 37.87
CA ALA H 246 15.09 -1.69 39.15
C ALA H 246 16.34 -2.30 39.75
N GLU H 247 17.04 -3.10 38.94
CA GLU H 247 18.26 -3.79 39.37
C GLU H 247 19.43 -2.86 39.71
N THR H 248 19.50 -1.68 39.10
CA THR H 248 20.66 -0.78 39.25
C THR H 248 20.46 0.45 40.16
N GLY H 249 19.22 0.78 40.48
CA GLY H 249 18.94 1.97 41.30
C GLY H 249 19.17 3.31 40.64
N GLU H 250 19.28 3.33 39.31
CA GLU H 250 19.48 4.57 38.56
C GLU H 250 18.37 4.74 37.53
N ILE H 251 17.87 5.97 37.37
CA ILE H 251 16.90 6.28 36.33
C ILE H 251 17.53 5.96 34.97
N LYS H 252 16.84 5.13 34.20
CA LYS H 252 17.24 4.81 32.84
C LYS H 252 16.22 5.38 31.86
N GLY H 253 16.62 5.48 30.61
CA GLY H 253 15.75 5.94 29.54
C GLY H 253 16.22 5.41 28.21
N HIS H 254 15.32 5.43 27.23
CA HIS H 254 15.68 5.10 25.85
C HIS H 254 15.06 6.14 24.95
N TYR H 255 15.82 6.62 23.95
CA TYR H 255 15.29 7.59 22.99
C TYR H 255 14.43 6.84 21.98
N LEU H 256 13.14 6.73 22.28
CA LEU H 256 12.19 6.08 21.39
C LEU H 256 11.86 7.00 20.21
N ASN H 257 12.05 6.49 19.01
CA ASN H 257 11.98 7.33 17.81
C ASN H 257 10.52 7.45 17.38
N VAL H 258 9.91 8.57 17.75
CA VAL H 258 8.55 8.91 17.31
C VAL H 258 8.48 9.56 15.91
N THR H 259 9.63 9.72 15.24
CA THR H 259 9.65 10.18 13.84
C THR H 259 8.71 9.29 13.03
N ALA H 260 7.98 9.92 12.11
CA ALA H 260 6.79 9.31 11.51
C ALA H 260 6.32 10.02 10.25
N PRO H 261 5.56 9.32 9.38
CA PRO H 261 5.07 9.90 8.12
C PRO H 261 4.12 11.07 8.27
N THR H 262 3.36 11.11 9.36
CA THR H 262 2.37 12.15 9.59
C THR H 262 2.48 12.72 11.00
N CYS H 263 1.94 13.92 11.21
CA CYS H 263 1.78 14.48 12.57
C CYS H 263 0.90 13.60 13.45
N GLU H 264 -0.18 13.09 12.87
CA GLU H 264 -1.09 12.16 13.55
C GLU H 264 -0.31 11.01 14.16
N GLU H 265 0.50 10.36 13.32
CA GLU H 265 1.26 9.18 13.72
C GLU H 265 2.40 9.53 14.69
N MET H 266 3.15 10.60 14.40
CA MET H 266 4.17 11.09 15.33
C MET H 266 3.58 11.18 16.75
N LEU H 267 2.47 11.91 16.89
CA LEU H 267 1.83 12.10 18.21
C LEU H 267 1.22 10.84 18.79
N LYS H 268 0.69 9.98 17.93
CA LYS H 268 0.23 8.65 18.36
C LYS H 268 1.34 7.91 19.12
N ARG H 269 2.56 8.00 18.59
CA ARG H 269 3.70 7.28 19.14
C ARG H 269 4.22 7.98 20.38
N ALA H 270 4.24 9.30 20.35
CA ALA H 270 4.54 10.09 21.56
C ALA H 270 3.63 9.65 22.70
N GLU H 271 2.34 9.51 22.39
CA GLU H 271 1.34 9.23 23.38
C GLU H 271 1.50 7.85 24.01
N TYR H 272 1.88 6.85 23.23
CA TYR H 272 2.14 5.53 23.79
C TYR H 272 3.36 5.50 24.71
N ALA H 273 4.41 6.26 24.36
CA ALA H 273 5.58 6.41 25.23
C ALA H 273 5.17 7.07 26.55
N LYS H 274 4.37 8.14 26.45
CA LYS H 274 3.76 8.78 27.61
C LYS H 274 2.89 7.82 28.45
N GLU H 275 2.14 6.95 27.79
CA GLU H 275 1.33 5.92 28.45
C GLU H 275 2.20 4.85 29.14
N LEU H 276 3.36 4.54 28.54
CA LEU H 276 4.39 3.69 29.17
C LEU H 276 5.29 4.47 30.15
N LYS H 277 4.89 5.69 30.49
CA LYS H 277 5.56 6.54 31.47
C LYS H 277 7.06 6.63 31.24
N GLN H 278 7.40 6.89 29.98
CA GLN H 278 8.78 6.95 29.55
C GLN H 278 9.40 8.31 29.80
N PRO H 279 10.72 8.36 30.08
CA PRO H 279 11.36 9.65 30.37
C PRO H 279 11.76 10.47 29.15
N ILE H 280 12.02 9.82 28.01
CA ILE H 280 12.65 10.47 26.86
C ILE H 280 12.25 9.80 25.54
N ILE H 281 12.05 10.61 24.49
CA ILE H 281 11.82 10.15 23.11
C ILE H 281 12.76 10.88 22.16
N MET H 282 12.76 10.50 20.89
CA MET H 282 13.58 11.18 19.89
C MET H 282 12.87 11.48 18.58
N HIS H 283 13.49 12.35 17.79
CA HIS H 283 12.86 12.90 16.61
C HIS H 283 13.90 13.45 15.64
N ASP H 284 13.88 12.95 14.40
CA ASP H 284 14.77 13.43 13.33
C ASP H 284 14.18 14.72 12.77
N TYR H 285 14.53 15.84 13.38
CA TYR H 285 13.87 17.10 13.06
C TYR H 285 14.02 17.63 11.65
N LEU H 286 15.11 17.28 10.95
CA LEU H 286 15.31 17.81 9.58
C LEU H 286 14.47 17.10 8.53
N THR H 287 14.41 15.78 8.63
CA THR H 287 13.66 14.96 7.70
C THR H 287 12.14 15.12 7.91
N ALA H 288 11.73 15.10 9.17
CA ALA H 288 10.36 15.38 9.57
C ALA H 288 9.98 16.86 9.41
N GLY H 289 10.94 17.73 9.70
CA GLY H 289 10.76 19.16 9.51
C GLY H 289 10.32 19.93 10.74
N PHE H 290 10.33 21.24 10.56
CA PHE H 290 10.22 22.18 11.68
C PHE H 290 8.80 22.37 12.17
N THR H 291 7.82 22.35 11.27
CA THR H 291 6.42 22.45 11.70
C THR H 291 6.08 21.26 12.59
N ALA H 292 6.52 20.08 12.18
CA ALA H 292 6.30 18.84 12.89
C ALA H 292 7.04 18.79 14.25
N ASN H 293 8.30 19.19 14.24
CA ASN H 293 9.17 19.19 15.43
C ASN H 293 8.69 20.20 16.49
N THR H 294 8.30 21.40 16.08
CA THR H 294 7.75 22.39 17.02
C THR H 294 6.49 21.89 17.72
N THR H 295 5.63 21.17 16.99
CA THR H 295 4.49 20.48 17.58
C THR H 295 4.96 19.55 18.70
N LEU H 296 5.92 18.69 18.38
CA LEU H 296 6.44 17.66 19.32
C LEU H 296 7.14 18.23 20.55
N ALA H 297 7.86 19.32 20.37
CA ALA H 297 8.56 19.96 21.47
C ALA H 297 7.61 20.47 22.53
N ARG H 298 6.50 21.04 22.09
CA ARG H 298 5.52 21.61 23.00
C ARG H 298 4.73 20.50 23.66
N TRP H 299 4.38 19.47 22.87
CA TRP H 299 3.84 18.24 23.42
C TRP H 299 4.78 17.69 24.48
N CYS H 300 6.09 17.74 24.22
CA CYS H 300 7.09 17.27 25.18
C CYS H 300 7.09 18.03 26.52
N ARG H 301 6.92 19.35 26.47
CA ARG H 301 6.78 20.11 27.72
C ARG H 301 5.45 19.81 28.39
N ASP H 302 4.38 19.74 27.61
CA ASP H 302 3.04 19.46 28.17
C ASP H 302 2.99 18.15 28.93
N ASN H 303 3.66 17.11 28.42
CA ASN H 303 3.61 15.80 29.04
C ASN H 303 4.86 15.43 29.82
N GLY H 304 5.79 16.38 29.91
CA GLY H 304 7.02 16.22 30.72
C GLY H 304 7.95 15.11 30.26
N VAL H 305 7.98 14.84 28.95
CA VAL H 305 8.88 13.86 28.34
C VAL H 305 10.08 14.60 27.73
N LEU H 306 11.28 14.03 27.86
CA LEU H 306 12.48 14.62 27.30
C LEU H 306 12.53 14.36 25.80
N LEU H 307 13.17 15.27 25.08
CA LEU H 307 13.26 15.21 23.62
C LEU H 307 14.71 15.19 23.10
N HIS H 308 15.12 14.01 22.61
CA HIS H 308 16.46 13.82 22.05
C HIS H 308 16.39 14.09 20.56
N ILE H 309 17.13 15.07 20.09
CA ILE H 309 17.07 15.44 18.67
C ILE H 309 18.24 14.85 17.86
N HIS H 310 17.90 14.14 16.79
CA HIS H 310 18.85 13.68 15.80
C HIS H 310 18.82 14.63 14.63
N ARG H 311 19.96 14.82 13.96
CA ARG H 311 20.08 15.85 12.90
C ARG H 311 20.30 15.24 11.51
N ALA H 312 19.65 14.12 11.25
CA ALA H 312 19.82 13.38 10.00
C ALA H 312 19.61 14.31 8.84
N MET H 313 20.42 14.15 7.79
CA MET H 313 20.32 14.97 6.58
C MET H 313 20.65 16.44 6.93
N HIS H 314 21.67 16.62 7.77
CA HIS H 314 22.27 17.97 7.97
C HIS H 314 23.37 18.18 6.95
N ALA H 315 24.13 17.11 6.67
CA ALA H 315 25.29 17.15 5.79
C ALA H 315 24.96 17.50 4.34
N VAL H 316 23.71 17.27 3.93
CA VAL H 316 23.19 17.75 2.64
C VAL H 316 23.24 19.28 2.53
N ILE H 317 22.99 19.96 3.65
CA ILE H 317 22.82 21.42 3.68
C ILE H 317 24.02 22.19 4.25
N ASP H 318 24.81 21.57 5.14
CA ASP H 318 25.86 22.28 5.90
C ASP H 318 27.32 21.85 5.71
N ARG H 319 27.64 21.13 4.64
CA ARG H 319 29.02 20.68 4.43
C ARG H 319 29.83 21.64 3.57
N GLN H 320 29.31 21.97 2.39
CA GLN H 320 30.04 22.80 1.41
C GLN H 320 30.21 24.24 1.89
N LYS H 321 31.47 24.67 1.99
CA LYS H 321 31.83 25.99 2.52
C LYS H 321 31.39 27.18 1.64
N ASN H 322 31.10 26.92 0.36
CA ASN H 322 30.66 27.98 -0.56
C ASN H 322 29.14 28.21 -0.58
N HIS H 323 28.37 27.13 -0.37
CA HIS H 323 26.90 27.15 -0.55
C HIS H 323 26.15 26.24 0.45
N GLY H 324 25.07 26.78 1.01
CA GLY H 324 24.21 26.06 1.97
C GLY H 324 23.80 26.85 3.21
N ILE H 325 23.63 26.17 4.33
CA ILE H 325 23.37 26.82 5.62
C ILE H 325 24.25 26.14 6.66
N HIS H 326 25.02 26.94 7.42
CA HIS H 326 25.93 26.37 8.42
C HIS H 326 25.12 25.78 9.56
N PHE H 327 25.58 24.62 10.04
CA PHE H 327 24.88 23.89 11.09
C PHE H 327 24.54 24.76 12.31
N ARG H 328 25.44 25.69 12.61
CA ARG H 328 25.24 26.83 13.51
C ARG H 328 23.83 27.44 13.52
N VAL H 329 23.29 27.69 12.33
CA VAL H 329 21.91 28.18 12.17
C VAL H 329 20.91 27.07 12.52
N LEU H 330 21.15 25.87 11.99
CA LEU H 330 20.25 24.75 12.21
C LEU H 330 20.14 24.36 13.70
N ALA H 331 21.26 24.54 14.41
CA ALA H 331 21.33 24.35 15.86
C ALA H 331 20.55 25.43 16.62
N LYS H 332 20.64 26.68 16.16
CA LYS H 332 19.84 27.77 16.74
C LYS H 332 18.35 27.50 16.52
N ALA H 333 18.02 27.04 15.30
CA ALA H 333 16.65 26.75 14.93
C ALA H 333 16.07 25.62 15.77
N LEU H 334 16.88 24.59 16.04
CA LEU H 334 16.48 23.52 16.95
C LEU H 334 16.37 23.95 18.40
N ARG H 335 17.12 24.97 18.80
CA ARG H 335 16.93 25.49 20.13
C ARG H 335 15.59 26.21 20.28
N LEU H 336 15.06 26.76 19.19
CA LEU H 336 13.81 27.54 19.21
C LEU H 336 12.57 26.67 18.98
N SER H 337 12.61 25.88 17.90
CA SER H 337 11.71 24.73 17.73
C SER H 337 12.34 23.68 18.63
N GLY H 338 11.69 23.28 19.71
CA GLY H 338 12.41 22.66 20.85
C GLY H 338 13.22 21.36 20.72
N GLY H 339 14.22 21.24 21.59
CA GLY H 339 14.99 20.00 21.83
C GLY H 339 15.72 19.99 23.17
N ASP H 340 15.91 18.80 23.75
CA ASP H 340 16.64 18.64 25.02
C ASP H 340 18.05 18.07 24.83
N HIS H 341 18.21 17.21 23.83
CA HIS H 341 19.52 16.79 23.33
C HIS H 341 19.63 17.24 21.88
N ILE H 342 20.87 17.36 21.39
CA ILE H 342 21.12 17.42 19.96
C ILE H 342 22.48 16.84 19.64
N HIS H 343 22.52 16.01 18.61
CA HIS H 343 23.76 15.53 18.04
C HIS H 343 24.56 16.71 17.50
N THR H 344 25.78 16.88 18.01
CA THR H 344 26.72 17.92 17.54
C THR H 344 27.94 17.32 16.81
N GLY H 345 27.93 16.00 16.60
CA GLY H 345 29.08 15.28 16.06
C GLY H 345 30.22 15.26 17.07
N THR H 346 31.41 14.99 16.58
CA THR H 346 32.59 14.89 17.44
C THR H 346 33.70 15.82 16.96
N VAL H 347 34.67 16.05 17.84
CA VAL H 347 35.84 16.90 17.56
C VAL H 347 37.16 16.18 17.85
N VAL H 348 37.13 14.85 17.79
CA VAL H 348 38.33 14.04 18.08
C VAL H 348 39.20 13.85 16.83
N GLY H 349 38.57 13.60 15.69
CA GLY H 349 39.28 13.40 14.42
C GLY H 349 39.41 14.63 13.53
N LYS H 350 39.10 15.81 14.06
CA LYS H 350 39.01 17.05 13.29
C LYS H 350 40.00 18.08 13.81
N LEU H 351 40.55 18.87 12.90
CA LEU H 351 41.67 19.79 13.20
C LEU H 351 41.24 21.02 14.00
N GLU H 352 42.23 21.69 14.59
CA GLU H 352 42.07 22.88 15.46
C GLU H 352 41.07 23.94 14.94
N GLY H 353 41.03 24.13 13.62
CA GLY H 353 40.12 25.09 12.98
C GLY H 353 38.65 24.74 13.10
N GLU H 354 38.29 23.50 12.77
CA GLU H 354 36.91 23.03 12.88
C GLU H 354 36.48 22.84 14.34
N ARG H 355 37.40 22.37 15.17
CA ARG H 355 37.21 22.26 16.62
C ARG H 355 36.63 23.54 17.24
N GLY H 356 37.19 24.68 16.87
CA GLY H 356 36.70 25.98 17.36
C GLY H 356 35.34 26.38 16.81
N ILE H 357 35.03 25.93 15.59
CA ILE H 357 33.73 26.17 14.96
C ILE H 357 32.65 25.29 15.59
N THR H 358 33.02 24.02 15.85
CA THR H 358 32.15 23.08 16.53
C THR H 358 31.80 23.58 17.94
N MET H 359 32.82 24.00 18.68
CA MET H 359 32.61 24.50 20.05
C MET H 359 32.01 25.91 20.12
N GLY H 360 31.77 26.53 18.97
CA GLY H 360 31.04 27.80 18.92
C GLY H 360 29.54 27.58 18.96
N PHE H 361 29.05 26.68 18.11
CA PHE H 361 27.63 26.36 18.09
C PHE H 361 27.19 25.51 19.30
N VAL H 362 28.09 24.70 19.84
CA VAL H 362 27.85 24.03 21.13
C VAL H 362 27.56 25.05 22.23
N ASP H 363 28.28 26.17 22.21
CA ASP H 363 28.03 27.29 23.15
C ASP H 363 26.73 28.03 22.84
N LEU H 364 26.37 28.14 21.55
CA LEU H 364 25.09 28.71 21.15
C LEU H 364 23.90 27.86 21.60
N LEU H 365 24.09 26.54 21.61
CA LEU H 365 23.08 25.60 22.11
C LEU H 365 22.91 25.64 23.64
N ARG H 366 24.02 25.74 24.37
CA ARG H 366 24.05 25.57 25.84
C ARG H 366 24.11 26.82 26.73
N GLU H 367 24.63 27.93 26.22
CA GLU H 367 24.84 29.12 27.06
C GLU H 367 23.77 30.16 26.78
N ASN H 368 23.64 31.11 27.70
CA ASN H 368 22.59 32.14 27.62
C ASN H 368 23.00 33.38 26.86
N TYR H 369 24.29 33.71 26.95
CA TYR H 369 24.90 34.83 26.25
C TYR H 369 26.14 34.29 25.56
N VAL H 370 26.23 34.49 24.25
CA VAL H 370 27.40 34.07 23.49
C VAL H 370 27.92 35.30 22.77
N GLU H 371 29.18 35.64 23.08
CA GLU H 371 29.83 36.82 22.51
C GLU H 371 30.23 36.56 21.06
N GLN H 372 30.05 37.59 20.23
CA GLN H 372 30.50 37.58 18.85
C GLN H 372 32.00 37.26 18.80
N ASP H 373 32.35 36.26 18.00
CA ASP H 373 33.71 35.80 17.84
C ASP H 373 33.78 35.21 16.44
N LYS H 374 34.41 35.93 15.51
CA LYS H 374 34.42 35.50 14.10
C LYS H 374 35.47 34.43 13.74
N SER H 375 36.49 34.30 14.59
CA SER H 375 37.46 33.21 14.47
C SER H 375 36.84 31.84 14.73
N ARG H 376 35.81 31.80 15.58
CA ARG H 376 35.03 30.59 15.86
C ARG H 376 33.79 30.43 14.95
N GLY H 377 33.54 31.42 14.10
CA GLY H 377 32.44 31.39 13.12
C GLY H 377 31.15 32.00 13.61
N ILE H 378 31.17 32.67 14.76
CA ILE H 378 29.98 33.31 15.31
C ILE H 378 29.92 34.75 14.83
N TYR H 379 28.95 35.08 13.99
CA TYR H 379 28.91 36.40 13.34
C TYR H 379 28.17 37.49 14.12
N PHE H 380 27.32 37.07 15.05
CA PHE H 380 26.59 37.99 15.93
C PHE H 380 26.66 37.52 17.37
N THR H 381 26.59 38.47 18.29
CA THR H 381 26.35 38.18 19.69
C THR H 381 24.90 37.72 19.83
N GLN H 382 24.73 36.49 20.32
CA GLN H 382 23.43 35.88 20.56
C GLN H 382 23.12 35.89 22.05
N ASP H 383 22.11 36.67 22.40
CA ASP H 383 21.57 36.76 23.74
C ASP H 383 20.26 35.93 23.75
N TRP H 384 20.20 34.87 24.54
CA TRP H 384 19.08 33.90 24.49
C TRP H 384 17.85 34.21 25.36
N ALA H 385 17.89 35.25 26.18
CA ALA H 385 16.73 35.69 26.97
C ALA H 385 16.18 34.61 27.90
N SER H 386 17.10 34.02 28.66
CA SER H 386 16.81 32.91 29.59
C SER H 386 16.04 31.73 28.97
N LEU H 387 16.27 31.47 27.68
CA LEU H 387 15.70 30.28 27.05
C LEU H 387 16.56 29.11 27.50
N PRO H 388 15.94 27.97 27.84
CA PRO H 388 16.76 26.84 28.28
C PRO H 388 17.74 26.37 27.20
N GLY H 389 18.83 25.75 27.65
CA GLY H 389 19.86 25.24 26.75
C GLY H 389 19.71 23.76 26.44
N VAL H 390 20.22 23.37 25.28
CA VAL H 390 20.20 21.99 24.80
C VAL H 390 21.50 21.30 25.15
N MET H 391 21.46 20.03 25.56
CA MET H 391 22.70 19.26 25.80
C MET H 391 23.29 18.78 24.50
N ALA H 392 24.60 18.90 24.37
CA ALA H 392 25.30 18.52 23.15
C ALA H 392 25.61 17.02 23.17
N VAL H 393 25.30 16.33 22.09
CA VAL H 393 25.56 14.89 22.01
C VAL H 393 26.76 14.63 21.10
N ALA H 394 27.76 13.96 21.68
CA ALA H 394 28.97 13.58 20.96
C ALA H 394 28.90 12.12 20.51
N SER H 395 29.22 11.89 19.24
CA SER H 395 29.10 10.58 18.63
C SER H 395 30.04 10.46 17.45
N GLY H 396 30.28 9.22 17.05
CA GLY H 396 31.30 8.89 16.07
C GLY H 396 31.89 7.53 16.42
N GLY H 397 33.15 7.32 16.07
CA GLY H 397 33.85 6.06 16.37
C GLY H 397 34.53 6.06 17.74
N ILE H 398 33.92 6.75 18.70
CA ILE H 398 34.51 6.96 20.02
C ILE H 398 34.43 5.68 20.85
N HIS H 399 35.43 5.48 21.71
CA HIS H 399 35.55 4.33 22.60
C HIS H 399 36.28 4.79 23.85
N VAL H 400 36.42 3.91 24.84
CA VAL H 400 36.97 4.26 26.17
C VAL H 400 38.16 5.22 26.17
N TRP H 401 39.08 5.04 25.22
CA TRP H 401 40.29 5.87 25.11
C TRP H 401 40.03 7.35 24.78
N HIS H 402 38.90 7.64 24.12
CA HIS H 402 38.50 9.03 23.83
C HIS H 402 37.98 9.82 25.03
N MET H 403 37.61 9.11 26.10
CA MET H 403 36.94 9.73 27.27
C MET H 403 37.61 10.98 27.82
N PRO H 404 38.93 10.93 28.11
CA PRO H 404 39.60 12.11 28.66
C PRO H 404 39.46 13.37 27.80
N ALA H 405 39.54 13.19 26.48
CA ALA H 405 39.41 14.31 25.54
C ALA H 405 37.98 14.87 25.58
N LEU H 406 36.99 14.00 25.50
CA LEU H 406 35.57 14.40 25.48
C LEU H 406 35.14 15.18 26.75
N VAL H 407 35.54 14.66 27.92
CA VAL H 407 35.29 15.33 29.21
C VAL H 407 35.98 16.69 29.26
N GLU H 408 37.17 16.77 28.66
CA GLU H 408 37.97 18.00 28.61
C GLU H 408 37.33 19.08 27.74
N ILE H 409 36.95 18.70 26.52
CA ILE H 409 36.50 19.64 25.51
C ILE H 409 35.08 20.13 25.79
N PHE H 410 34.15 19.19 25.90
CA PHE H 410 32.72 19.51 26.02
C PHE H 410 32.35 19.97 27.43
N GLY H 411 32.70 19.15 28.41
CA GLY H 411 32.40 19.45 29.81
C GLY H 411 31.33 18.52 30.30
N ASP H 412 30.69 18.87 31.40
CA ASP H 412 29.67 18.03 32.04
C ASP H 412 28.35 17.98 31.27
N ASP H 413 27.88 19.13 30.79
CA ASP H 413 26.62 19.21 30.04
C ASP H 413 26.73 18.65 28.61
N SER H 414 26.73 17.33 28.51
CA SER H 414 26.84 16.63 27.25
C SER H 414 26.38 15.18 27.37
N VAL H 415 26.26 14.49 26.23
CA VAL H 415 25.89 13.08 26.19
C VAL H 415 26.83 12.36 25.25
N LEU H 416 27.38 11.24 25.70
CA LEU H 416 28.43 10.54 24.98
C LEU H 416 27.90 9.23 24.44
N GLN H 417 27.85 9.13 23.12
CA GLN H 417 27.20 8.01 22.44
C GLN H 417 28.23 7.03 21.91
N PHE H 418 28.37 5.90 22.59
CA PHE H 418 29.27 4.84 22.16
C PHE H 418 28.59 3.78 21.32
N GLY H 419 29.42 2.94 20.69
CA GLY H 419 28.95 1.88 19.79
C GLY H 419 28.62 2.37 18.39
N GLY H 420 29.30 3.43 17.95
CA GLY H 420 28.98 4.15 16.71
C GLY H 420 29.82 3.79 15.49
N GLY H 421 31.12 3.54 15.71
CA GLY H 421 32.04 3.10 14.64
C GLY H 421 32.23 1.60 14.63
N THR H 422 33.21 1.13 13.85
CA THR H 422 33.57 -0.31 13.80
C THR H 422 34.24 -0.69 15.12
N LEU H 423 33.39 -0.94 16.11
CA LEU H 423 33.82 -1.21 17.46
C LEU H 423 32.79 -2.08 18.18
N GLY H 424 33.24 -3.23 18.68
CA GLY H 424 32.45 -4.10 19.54
C GLY H 424 33.19 -4.32 20.84
N HIS H 425 32.49 -4.85 21.84
CA HIS H 425 33.11 -5.39 23.06
C HIS H 425 32.79 -6.88 23.09
N PRO H 426 33.82 -7.76 23.14
CA PRO H 426 33.62 -9.19 22.86
C PRO H 426 32.88 -10.01 23.93
N TRP H 427 32.63 -9.42 25.09
CA TRP H 427 31.89 -10.03 26.20
C TRP H 427 30.37 -9.75 26.19
N GLY H 428 29.95 -8.65 25.57
CA GLY H 428 28.53 -8.29 25.45
C GLY H 428 28.34 -6.79 25.45
N ASN H 429 27.09 -6.36 25.61
CA ASN H 429 26.77 -4.92 25.68
C ASN H 429 26.97 -4.38 27.10
N ALA H 430 26.57 -5.18 28.11
CA ALA H 430 26.66 -4.77 29.53
C ALA H 430 28.10 -4.62 30.04
N PRO H 431 29.00 -5.57 29.69
CA PRO H 431 30.43 -5.35 29.93
C PRO H 431 30.99 -4.11 29.20
N GLY H 432 30.56 -3.94 27.94
CA GLY H 432 30.91 -2.76 27.14
C GLY H 432 30.48 -1.45 27.77
N ALA H 433 29.28 -1.44 28.35
CA ALA H 433 28.76 -0.28 29.10
C ALA H 433 29.58 0.03 30.35
N THR H 434 29.81 -1.00 31.17
CA THR H 434 30.64 -0.93 32.39
C THR H 434 31.99 -0.28 32.11
N ALA H 435 32.64 -0.73 31.04
CA ALA H 435 33.90 -0.15 30.57
C ALA H 435 33.87 1.38 30.41
N ASN H 436 32.76 1.93 29.91
CA ASN H 436 32.64 3.38 29.62
C ASN H 436 32.11 4.24 30.78
N ARG H 437 31.33 3.64 31.68
CA ARG H 437 30.92 4.32 32.90
C ARG H 437 32.11 4.41 33.84
N VAL H 438 32.77 3.28 34.07
CA VAL H 438 34.00 3.23 34.89
C VAL H 438 35.03 4.23 34.37
N ALA H 439 35.22 4.23 33.04
CA ALA H 439 36.11 5.18 32.38
C ALA H 439 35.68 6.63 32.60
N LEU H 440 34.39 6.93 32.40
CA LEU H 440 33.88 8.29 32.59
C LEU H 440 33.95 8.74 34.05
N GLU H 441 33.55 7.87 34.98
CA GLU H 441 33.64 8.17 36.42
C GLU H 441 35.08 8.47 36.82
N ALA H 442 36.03 7.69 36.28
CA ALA H 442 37.46 7.88 36.48
C ALA H 442 37.96 9.26 36.02
N CYS H 443 37.64 9.64 34.78
CA CYS H 443 38.03 10.96 34.24
C CYS H 443 37.38 12.14 34.98
N VAL H 444 36.09 11.99 35.31
CA VAL H 444 35.34 13.02 36.05
C VAL H 444 35.87 13.19 37.48
N GLN H 445 36.15 12.06 38.13
CA GLN H 445 36.80 12.06 39.45
C GLN H 445 38.15 12.75 39.34
N ALA H 446 38.96 12.30 38.38
CA ALA H 446 40.29 12.85 38.13
C ALA H 446 40.26 14.36 37.91
N ARG H 447 39.42 14.82 36.99
CA ARG H 447 39.24 16.26 36.70
C ARG H 447 38.91 17.09 37.94
N ASN H 448 38.05 16.56 38.80
CA ASN H 448 37.60 17.28 39.99
C ASN H 448 38.70 17.40 41.05
N GLU H 449 39.56 16.37 41.16
CA GLU H 449 40.78 16.43 42.00
C GLU H 449 41.74 17.56 41.62
N GLY H 450 41.82 17.86 40.33
CA GLY H 450 42.81 18.79 39.77
C GLY H 450 43.79 18.17 38.77
N ARG H 451 43.71 16.85 38.57
CA ARG H 451 44.50 16.18 37.52
C ARG H 451 44.28 16.82 36.15
N ASN H 452 45.33 16.79 35.32
CA ASN H 452 45.23 17.27 33.95
C ASN H 452 44.89 16.12 33.00
N LEU H 453 43.66 16.13 32.50
CA LEU H 453 43.21 15.17 31.51
C LEU H 453 43.94 15.33 30.19
N ALA H 454 44.32 16.57 29.86
CA ALA H 454 45.07 16.84 28.63
C ALA H 454 46.36 16.01 28.55
N ARG H 455 47.04 15.85 29.69
CA ARG H 455 48.32 15.10 29.75
C ARG H 455 48.31 13.75 30.49
N GLU H 456 47.57 13.63 31.58
CA GLU H 456 47.40 12.33 32.28
C GLU H 456 46.18 11.51 31.80
N GLY H 457 45.44 12.04 30.82
CA GLY H 457 44.23 11.37 30.30
C GLY H 457 44.33 9.88 30.09
N ASN H 458 45.40 9.44 29.43
CA ASN H 458 45.63 8.01 29.16
C ASN H 458 45.99 7.25 30.44
N ASP H 459 46.74 7.90 31.33
CA ASP H 459 47.16 7.30 32.60
C ASP H 459 45.96 6.97 33.49
N VAL H 460 45.01 7.91 33.55
CA VAL H 460 43.78 7.78 34.36
C VAL H 460 43.00 6.48 34.05
N ILE H 461 42.95 6.13 32.76
CA ILE H 461 42.20 4.95 32.31
C ILE H 461 42.94 3.64 32.64
N ARG H 462 44.25 3.61 32.39
CA ARG H 462 45.05 2.42 32.72
C ARG H 462 45.02 2.10 34.21
N GLU H 463 45.07 3.16 35.03
CA GLU H 463 44.88 3.07 36.49
C GLU H 463 43.50 2.48 36.85
N ALA H 464 42.47 3.02 36.21
CA ALA H 464 41.11 2.51 36.35
C ALA H 464 40.95 1.05 35.92
N ALA H 465 41.66 0.66 34.85
CA ALA H 465 41.60 -0.70 34.30
C ALA H 465 42.21 -1.78 35.19
N LYS H 466 43.08 -1.39 36.12
CA LYS H 466 43.69 -2.32 37.06
C LYS H 466 42.67 -3.05 37.93
N TRP H 467 41.64 -2.34 38.39
CA TRP H 467 40.57 -2.93 39.21
C TRP H 467 39.30 -3.36 38.45
N SER H 468 39.03 -2.76 37.30
CA SER H 468 37.86 -3.12 36.48
C SER H 468 38.26 -4.00 35.27
N PRO H 469 38.04 -5.32 35.36
CA PRO H 469 38.41 -6.21 34.24
C PRO H 469 37.61 -5.99 32.95
N GLU H 470 36.46 -5.33 33.05
CA GLU H 470 35.66 -4.93 31.89
C GLU H 470 36.36 -3.83 31.09
N LEU H 471 36.94 -2.85 31.81
CA LEU H 471 37.76 -1.81 31.18
C LEU H 471 39.10 -2.34 30.67
N ALA H 472 39.64 -3.36 31.35
CA ALA H 472 40.91 -3.99 30.97
C ALA H 472 40.86 -4.67 29.59
N VAL H 473 39.81 -5.43 29.32
CA VAL H 473 39.59 -6.04 28.00
C VAL H 473 39.35 -4.95 26.93
N ALA H 474 38.68 -3.87 27.33
CA ALA H 474 38.39 -2.74 26.45
C ALA H 474 39.65 -1.98 26.05
N CYS H 475 40.47 -1.63 27.05
CA CYS H 475 41.74 -0.93 26.86
C CYS H 475 42.68 -1.63 25.87
N GLU H 476 42.71 -2.96 25.95
CA GLU H 476 43.55 -3.79 25.08
C GLU H 476 43.02 -3.93 23.64
N LEU H 477 41.73 -3.64 23.44
CA LEU H 477 41.05 -3.82 22.16
C LEU H 477 41.19 -2.64 21.20
N TRP H 478 41.35 -1.43 21.75
CA TRP H 478 41.54 -0.20 20.97
C TRP H 478 42.85 0.47 21.38
N LYS H 479 43.60 0.96 20.40
CA LYS H 479 44.83 1.68 20.69
C LYS H 479 44.49 3.06 21.29
N GLU H 480 45.25 3.45 22.32
CA GLU H 480 45.10 4.75 22.96
C GLU H 480 45.65 5.88 22.08
N ILE H 481 45.38 7.11 22.48
CA ILE H 481 45.82 8.30 21.73
C ILE H 481 46.30 9.44 22.64
#